data_3TTS
#
_entry.id   3TTS
#
_cell.length_a   226.000
_cell.length_b   226.000
_cell.length_c   246.400
_cell.angle_alpha   90.00
_cell.angle_beta   90.00
_cell.angle_gamma   120.00
#
_symmetry.space_group_name_H-M   'H 3'
#
loop_
_entity.id
_entity.type
_entity.pdbx_description
1 polymer Beta-galactosidase
2 non-polymer 'ZINC ION'
3 water water
#
_entity_poly.entity_id   1
_entity_poly.type   'polypeptide(L)'
_entity_poly.pdbx_seq_one_letter_code
;MINEKFPKIWYGGDYNPEQWDKATMEEDMRMFNLAGIDVATVNVFSWAKIQRDEVSYDFTWLDDIIERLTKENIYLCLAT
STGAHPAWMAKKYPDVLRVDYEGRKRKFGGRHNSCPNSPTYRKYAKILAGKLAERYKDHPQIVMWHVSNEYGGYCYCDNC
EKQFRVWLKERYGTLEALNKAWNTSFWSHTFYDWDEIVAPNALSEEWSGNRTNFQGISLDYRRFQSDSLLECFKMERDEL
KRWTPDIPVTTNLMGFYPELDYFKWAKEMDVVSWDNYPSMDTPFSFTAMAHNLMRGLKSGQPFMLMEQTPGVQNWQPYNS
AKRPGVMRLWSYQAVAHGADTVMFFQLRRSVGACEKYHGAVIEHVGHEHTRVFRECAELGKELQQLGDTILDARSEAKVA
VMYDWENRWALELSSGPSIALNYVNEVHKYYDALYKQNIQTDMISVEEDLSKYKVVIAPVMYMVKPGFAERVERFVAQGG
TFVTTFFSGIVNENDLVTLGGYPGELRNVMGIWAEEIDALLPGHQNEIVLRQDWGGLRGSYSCGILCDVIHAETAEVLAE
YGADYYKGTPVLTRNKFGNGQSYYVASSPDADFLQGLIANLCEEQGVKPLLNTPDGVEVAERVKNGTSYLFVMNHNAEEM
TFDAGASRQRDLLTGKTISGQATIPARGVMILERA
;
_entity_poly.pdbx_strand_id   A,B,C,D,E,F
#
loop_
_chem_comp.id
_chem_comp.type
_chem_comp.name
_chem_comp.formula
ZN non-polymer 'ZINC ION' 'Zn 2'
#
# COMPACT_ATOMS: atom_id res chain seq x y z
N MET A 1 -41.56 30.93 -24.24
CA MET A 1 -41.78 30.40 -22.90
C MET A 1 -40.77 29.30 -22.62
N ILE A 2 -40.61 28.98 -21.34
CA ILE A 2 -39.71 27.91 -20.95
C ILE A 2 -40.08 26.63 -21.67
N ASN A 3 -41.38 26.33 -21.67
CA ASN A 3 -41.94 25.28 -22.49
C ASN A 3 -43.36 25.63 -22.90
N GLU A 4 -43.57 25.71 -24.21
CA GLU A 4 -44.81 26.20 -24.80
C GLU A 4 -46.06 25.40 -24.39
N LYS A 5 -45.91 24.11 -24.09
CA LYS A 5 -47.10 23.29 -23.76
C LYS A 5 -47.62 23.54 -22.33
N PHE A 6 -46.89 24.36 -21.59
CA PHE A 6 -47.21 24.65 -20.21
C PHE A 6 -47.17 26.17 -19.99
N PRO A 7 -48.21 26.90 -20.49
CA PRO A 7 -48.20 28.37 -20.57
C PRO A 7 -48.69 29.10 -19.32
N LYS A 8 -47.97 28.91 -18.22
CA LYS A 8 -48.16 29.73 -17.04
C LYS A 8 -46.85 29.66 -16.25
N ILE A 9 -46.79 30.37 -15.12
CA ILE A 9 -45.67 30.24 -14.20
C ILE A 9 -45.81 28.92 -13.44
N TRP A 10 -44.94 27.96 -13.74
CA TRP A 10 -44.99 26.65 -13.11
C TRP A 10 -45.03 26.70 -11.57
N TYR A 11 -45.90 25.91 -10.98
CA TYR A 11 -46.00 25.84 -9.53
C TYR A 11 -45.86 24.39 -9.05
N GLY A 12 -44.93 24.17 -8.13
CA GLY A 12 -44.68 22.84 -7.62
C GLY A 12 -43.29 22.73 -7.04
N GLY A 13 -42.59 21.64 -7.37
CA GLY A 13 -41.24 21.44 -6.88
C GLY A 13 -40.84 19.98 -6.74
N ASP A 14 -39.74 19.76 -6.02
CA ASP A 14 -39.21 18.42 -5.76
C ASP A 14 -40.25 17.55 -5.08
N TYR A 15 -40.45 16.37 -5.65
CA TYR A 15 -41.46 15.43 -5.18
C TYR A 15 -40.86 14.03 -5.09
N ASN A 16 -40.97 13.40 -3.92
CA ASN A 16 -40.27 12.12 -3.67
C ASN A 16 -41.15 11.03 -3.09
N PRO A 17 -42.19 10.64 -3.82
CA PRO A 17 -43.13 9.61 -3.38
C PRO A 17 -42.44 8.27 -3.11
N GLU A 18 -41.28 8.00 -3.73
CA GLU A 18 -40.54 6.77 -3.45
C GLU A 18 -40.04 6.65 -1.99
N GLN A 19 -40.02 7.77 -1.27
CA GLN A 19 -39.79 7.75 0.17
C GLN A 19 -41.05 7.32 0.94
N TRP A 20 -42.14 7.07 0.21
CA TRP A 20 -43.46 6.86 0.83
C TRP A 20 -44.18 5.61 0.25
N ASP A 21 -45.47 5.71 -0.02
CA ASP A 21 -46.20 4.60 -0.62
C ASP A 21 -47.38 5.07 -1.47
N LYS A 22 -47.97 4.15 -2.25
CA LYS A 22 -49.07 4.49 -3.15
C LYS A 22 -50.22 5.23 -2.45
N ALA A 23 -50.53 4.82 -1.23
CA ALA A 23 -51.59 5.47 -0.49
C ALA A 23 -51.26 6.94 -0.19
N THR A 24 -50.09 7.22 0.36
CA THR A 24 -49.71 8.60 0.66
C THR A 24 -49.72 9.43 -0.63
N MET A 25 -49.49 8.77 -1.75
CA MET A 25 -49.59 9.45 -3.04
C MET A 25 -51.00 10.00 -3.30
N GLU A 26 -52.01 9.20 -2.98
CA GLU A 26 -53.39 9.65 -3.15
C GLU A 26 -53.62 10.94 -2.37
N GLU A 27 -53.08 11.01 -1.16
CA GLU A 27 -53.17 12.24 -0.37
C GLU A 27 -52.35 13.41 -0.97
N ASP A 28 -51.18 13.09 -1.54
CA ASP A 28 -50.42 14.12 -2.25
C ASP A 28 -51.26 14.74 -3.36
N MET A 29 -51.94 13.91 -4.15
CA MET A 29 -52.72 14.40 -5.28
C MET A 29 -53.86 15.32 -4.85
N ARG A 30 -54.58 14.93 -3.80
CA ARG A 30 -55.67 15.76 -3.28
C ARG A 30 -55.19 17.13 -2.87
N MET A 31 -54.12 17.16 -2.07
CA MET A 31 -53.56 18.40 -1.55
C MET A 31 -52.90 19.29 -2.63
N PHE A 32 -52.31 18.67 -3.65
CA PHE A 32 -51.69 19.39 -4.75
C PHE A 32 -52.72 20.17 -5.56
N ASN A 33 -53.90 19.57 -5.75
CA ASN A 33 -55.01 20.27 -6.37
C ASN A 33 -55.47 21.42 -5.51
N LEU A 34 -55.54 21.21 -4.20
CA LEU A 34 -55.85 22.29 -3.26
C LEU A 34 -54.84 23.43 -3.34
N ALA A 35 -53.56 23.08 -3.50
CA ALA A 35 -52.50 24.09 -3.48
C ALA A 35 -52.32 24.76 -4.84
N GLY A 36 -52.88 24.13 -5.88
CA GLY A 36 -52.77 24.64 -7.23
C GLY A 36 -51.45 24.27 -7.86
N ILE A 37 -50.92 23.12 -7.42
CA ILE A 37 -49.62 22.63 -7.86
C ILE A 37 -49.72 21.84 -9.17
N ASP A 38 -48.92 22.24 -10.17
CA ASP A 38 -49.07 21.66 -11.50
C ASP A 38 -47.76 21.17 -12.10
N VAL A 39 -46.68 21.22 -11.31
CA VAL A 39 -45.43 20.60 -11.74
C VAL A 39 -44.69 19.87 -10.62
N ALA A 40 -44.18 18.69 -10.93
CA ALA A 40 -43.39 17.94 -9.97
C ALA A 40 -42.03 17.57 -10.55
N THR A 41 -40.96 17.85 -9.79
CA THR A 41 -39.62 17.43 -10.15
C THR A 41 -39.33 16.08 -9.51
N VAL A 42 -39.32 15.03 -10.33
CA VAL A 42 -39.18 13.68 -9.80
C VAL A 42 -37.84 13.03 -10.17
N ASN A 43 -37.46 12.01 -9.39
CA ASN A 43 -36.34 11.14 -9.70
C ASN A 43 -34.97 11.80 -9.48
N VAL A 44 -34.89 12.73 -8.54
CA VAL A 44 -33.62 13.39 -8.28
C VAL A 44 -32.62 12.45 -7.61
N PHE A 45 -33.05 11.72 -6.59
CA PHE A 45 -32.11 10.91 -5.84
C PHE A 45 -32.47 9.45 -5.73
N SER A 46 -32.73 8.80 -6.85
CA SER A 46 -33.08 7.39 -6.83
C SER A 46 -32.21 6.49 -7.70
N TRP A 47 -30.97 6.88 -7.94
CA TRP A 47 -30.03 6.02 -8.66
C TRP A 47 -30.05 4.59 -8.10
N ALA A 48 -29.83 4.44 -6.79
CA ALA A 48 -29.69 3.11 -6.21
C ALA A 48 -30.99 2.31 -6.32
N LYS A 49 -32.12 2.99 -6.28
CA LYS A 49 -33.41 2.33 -6.44
C LYS A 49 -33.60 1.83 -7.88
N ILE A 50 -33.13 2.59 -8.85
CA ILE A 50 -33.25 2.14 -10.24
C ILE A 50 -32.26 1.02 -10.56
N GLN A 51 -31.04 1.17 -10.05
CA GLN A 51 -29.93 0.32 -10.45
C GLN A 51 -29.23 -0.34 -9.26
N ARG A 52 -29.55 -1.60 -9.01
CA ARG A 52 -29.01 -2.37 -7.87
C ARG A 52 -27.62 -2.96 -8.13
N ASP A 53 -27.23 -3.04 -9.39
CA ASP A 53 -25.89 -3.47 -9.74
C ASP A 53 -25.56 -2.99 -11.14
N GLU A 54 -24.41 -3.36 -11.65
CA GLU A 54 -23.98 -2.75 -12.90
C GLU A 54 -24.77 -3.23 -14.12
N VAL A 55 -25.73 -4.10 -13.91
CA VAL A 55 -26.47 -4.66 -15.03
C VAL A 55 -28.00 -4.58 -14.90
N SER A 56 -28.51 -4.26 -13.71
CA SER A 56 -29.95 -4.27 -13.44
C SER A 56 -30.57 -2.88 -13.37
N TYR A 57 -31.67 -2.67 -14.12
CA TYR A 57 -32.42 -1.40 -14.11
C TYR A 57 -33.90 -1.64 -13.89
N ASP A 58 -34.45 -1.03 -12.84
CA ASP A 58 -35.86 -1.15 -12.57
C ASP A 58 -36.56 0.21 -12.66
N PHE A 59 -37.42 0.37 -13.65
CA PHE A 59 -38.10 1.65 -13.86
C PHE A 59 -39.59 1.62 -13.50
N THR A 60 -40.08 0.48 -13.04
CA THR A 60 -41.52 0.31 -12.85
C THR A 60 -42.11 1.27 -11.82
N TRP A 61 -41.37 1.52 -10.75
CA TRP A 61 -41.84 2.41 -9.68
C TRP A 61 -42.01 3.80 -10.24
N LEU A 62 -41.10 4.17 -11.15
CA LEU A 62 -41.09 5.50 -11.74
C LEU A 62 -42.23 5.64 -12.76
N ASP A 63 -42.41 4.61 -13.58
CA ASP A 63 -43.59 4.51 -14.44
C ASP A 63 -44.83 4.85 -13.62
N ASP A 64 -45.00 4.15 -12.49
CA ASP A 64 -46.16 4.34 -11.62
C ASP A 64 -46.34 5.81 -11.21
N ILE A 65 -45.26 6.45 -10.77
CA ILE A 65 -45.32 7.84 -10.38
C ILE A 65 -45.74 8.70 -11.57
N ILE A 66 -45.08 8.50 -12.70
CA ILE A 66 -45.36 9.30 -13.87
C ILE A 66 -46.81 9.12 -14.35
N GLU A 67 -47.30 7.90 -14.33
CA GLU A 67 -48.67 7.65 -14.74
C GLU A 67 -49.69 8.36 -13.83
N ARG A 68 -49.48 8.30 -12.53
CA ARG A 68 -50.44 8.89 -11.62
C ARG A 68 -50.50 10.40 -11.77
N LEU A 69 -49.35 11.01 -12.05
CA LEU A 69 -49.28 12.47 -12.16
C LEU A 69 -49.96 12.92 -13.45
N THR A 70 -49.87 12.08 -14.48
CA THR A 70 -50.51 12.37 -15.75
C THR A 70 -52.04 12.39 -15.60
N LYS A 71 -52.57 11.44 -14.83
CA LYS A 71 -54.00 11.40 -14.56
C LYS A 71 -54.47 12.72 -13.97
N GLU A 72 -53.68 13.25 -13.05
CA GLU A 72 -54.00 14.50 -12.38
C GLU A 72 -53.59 15.68 -13.27
N ASN A 73 -53.20 15.39 -14.50
CA ASN A 73 -52.65 16.39 -15.41
C ASN A 73 -51.53 17.28 -14.81
N ILE A 74 -50.64 16.67 -14.05
CA ILE A 74 -49.48 17.39 -13.50
C ILE A 74 -48.27 17.15 -14.39
N TYR A 75 -47.57 18.22 -14.76
CA TYR A 75 -46.39 18.10 -15.61
C TYR A 75 -45.11 17.67 -14.87
N LEU A 76 -44.17 17.12 -15.62
CA LEU A 76 -42.96 16.53 -15.03
C LEU A 76 -41.68 17.19 -15.49
N CYS A 77 -40.89 17.61 -14.49
CA CYS A 77 -39.49 17.94 -14.64
C CYS A 77 -38.71 16.68 -14.20
N LEU A 78 -38.32 15.87 -15.18
CA LEU A 78 -37.69 14.56 -14.92
C LEU A 78 -36.17 14.65 -14.69
N ALA A 79 -35.70 14.21 -13.53
CA ALA A 79 -34.26 14.27 -13.23
C ALA A 79 -33.62 12.96 -13.68
N THR A 80 -32.32 12.99 -13.90
CA THR A 80 -31.57 11.80 -14.32
C THR A 80 -31.08 10.91 -13.16
N SER A 81 -31.23 11.39 -11.93
CA SER A 81 -30.84 10.64 -10.75
C SER A 81 -29.33 10.52 -10.54
N THR A 82 -28.55 11.30 -11.28
CA THR A 82 -27.10 11.15 -11.19
C THR A 82 -26.46 12.06 -10.13
N GLY A 83 -27.28 12.75 -9.35
CA GLY A 83 -26.77 13.62 -8.31
C GLY A 83 -26.13 12.88 -7.15
N ALA A 84 -26.38 11.58 -7.06
CA ALA A 84 -25.81 10.77 -5.99
C ALA A 84 -25.66 9.33 -6.46
N HIS A 85 -24.43 8.83 -6.44
CA HIS A 85 -24.16 7.48 -6.92
C HIS A 85 -24.56 6.46 -5.86
N PRO A 86 -24.81 5.20 -6.29
CA PRO A 86 -25.19 4.15 -5.33
C PRO A 86 -24.01 3.72 -4.44
N ALA A 87 -24.35 3.22 -3.26
CA ALA A 87 -23.35 2.72 -2.34
C ALA A 87 -22.61 1.47 -2.89
N TRP A 88 -23.30 0.64 -3.67
CA TRP A 88 -22.61 -0.48 -4.30
C TRP A 88 -21.59 0.03 -5.32
N MET A 89 -21.88 1.16 -5.95
CA MET A 89 -20.96 1.67 -6.95
C MET A 89 -19.69 2.20 -6.25
N ALA A 90 -19.89 2.91 -5.14
CA ALA A 90 -18.76 3.40 -4.36
C ALA A 90 -17.92 2.22 -3.88
N LYS A 91 -18.59 1.16 -3.48
CA LYS A 91 -17.91 0.01 -2.94
C LYS A 91 -17.11 -0.73 -4.01
N LYS A 92 -17.74 -1.01 -5.15
CA LYS A 92 -17.08 -1.81 -6.19
C LYS A 92 -16.14 -1.02 -7.09
N TYR A 93 -16.45 0.25 -7.30
CA TYR A 93 -15.68 1.10 -8.20
C TYR A 93 -15.26 2.37 -7.48
N PRO A 94 -14.26 2.26 -6.60
CA PRO A 94 -13.91 3.43 -5.78
C PRO A 94 -13.44 4.64 -6.58
N ASP A 95 -13.14 4.47 -7.88
CA ASP A 95 -12.69 5.55 -8.73
C ASP A 95 -13.81 6.58 -8.87
N VAL A 96 -14.97 6.22 -8.35
CA VAL A 96 -16.14 7.08 -8.34
C VAL A 96 -16.08 8.09 -7.17
N LEU A 97 -15.35 7.74 -6.13
CA LEU A 97 -15.24 8.60 -4.93
C LEU A 97 -14.16 9.64 -5.14
N ARG A 98 -14.32 10.80 -4.49
CA ARG A 98 -13.37 11.88 -4.63
C ARG A 98 -12.22 11.82 -3.64
N VAL A 99 -11.11 12.47 -4.00
CA VAL A 99 -10.08 12.79 -3.03
C VAL A 99 -10.24 14.27 -2.64
N ASP A 100 -10.29 14.55 -1.34
CA ASP A 100 -10.60 15.92 -0.93
C ASP A 100 -9.37 16.83 -0.89
N TYR A 101 -9.63 18.06 -0.48
CA TYR A 101 -8.64 19.11 -0.36
C TYR A 101 -7.54 18.77 0.64
N GLU A 102 -7.85 17.98 1.67
CA GLU A 102 -6.82 17.58 2.61
C GLU A 102 -6.07 16.36 2.10
N GLY A 103 -6.50 15.85 0.94
CA GLY A 103 -5.76 14.79 0.29
C GLY A 103 -6.26 13.40 0.63
N ARG A 104 -7.41 13.34 1.29
CA ARG A 104 -7.99 12.07 1.71
C ARG A 104 -8.93 11.49 0.65
N LYS A 105 -8.83 10.18 0.44
CA LYS A 105 -9.82 9.45 -0.35
C LYS A 105 -11.10 9.32 0.47
N ARG A 106 -12.19 9.87 -0.04
CA ARG A 106 -13.49 9.78 0.63
C ARG A 106 -14.03 8.34 0.60
N LYS A 107 -14.98 8.04 1.49
CA LYS A 107 -15.74 6.81 1.43
C LYS A 107 -17.19 7.14 1.06
N PHE A 108 -18.05 6.13 0.92
CA PHE A 108 -19.41 6.40 0.52
C PHE A 108 -20.08 7.33 1.52
N GLY A 109 -20.77 8.35 1.02
CA GLY A 109 -21.54 9.26 1.86
C GLY A 109 -21.90 10.55 1.16
N GLY A 110 -22.88 11.26 1.70
CA GLY A 110 -23.32 12.54 1.15
C GLY A 110 -23.85 12.42 -0.27
N ARG A 111 -23.57 13.41 -1.09
CA ARG A 111 -24.10 13.49 -2.45
C ARG A 111 -23.27 14.52 -3.20
N HIS A 112 -23.56 14.68 -4.49
CA HIS A 112 -22.90 15.72 -5.30
C HIS A 112 -21.39 15.54 -5.27
N ASN A 113 -20.92 14.32 -5.11
CA ASN A 113 -19.52 14.12 -4.83
C ASN A 113 -18.87 12.98 -5.63
N SER A 114 -19.41 12.73 -6.82
CA SER A 114 -18.74 11.86 -7.77
C SER A 114 -17.56 12.57 -8.41
N CYS A 115 -16.48 11.84 -8.59
CA CYS A 115 -15.32 12.38 -9.30
C CYS A 115 -15.71 12.61 -10.76
N PRO A 116 -15.51 13.84 -11.25
CA PRO A 116 -16.02 14.12 -12.60
C PRO A 116 -15.13 13.51 -13.68
N ASN A 117 -13.95 13.03 -13.30
CA ASN A 117 -13.10 12.33 -14.27
C ASN A 117 -13.05 10.83 -14.02
N SER A 118 -14.11 10.31 -13.40
CA SER A 118 -14.24 8.89 -13.13
C SER A 118 -14.75 8.15 -14.36
N PRO A 119 -14.00 7.14 -14.80
CA PRO A 119 -14.44 6.29 -15.92
C PRO A 119 -15.76 5.60 -15.60
N THR A 120 -15.91 5.16 -14.36
CA THR A 120 -17.11 4.43 -13.96
C THR A 120 -18.32 5.34 -13.88
N TYR A 121 -18.14 6.46 -13.20
CA TYR A 121 -19.23 7.42 -13.07
C TYR A 121 -19.75 7.83 -14.44
N ARG A 122 -18.83 8.24 -15.32
CA ARG A 122 -19.22 8.65 -16.66
C ARG A 122 -19.89 7.54 -17.46
N LYS A 123 -19.34 6.33 -17.36
CA LYS A 123 -19.94 5.20 -18.04
C LYS A 123 -21.38 4.95 -17.59
N TYR A 124 -21.62 4.97 -16.28
CA TYR A 124 -22.97 4.64 -15.80
C TYR A 124 -23.93 5.82 -15.79
N ALA A 125 -23.43 7.03 -15.61
CA ALA A 125 -24.30 8.20 -15.66
C ALA A 125 -24.86 8.36 -17.07
N LYS A 126 -24.03 8.12 -18.07
CA LYS A 126 -24.47 8.24 -19.46
C LYS A 126 -25.54 7.22 -19.79
N ILE A 127 -25.27 5.95 -19.49
CA ILE A 127 -26.22 4.88 -19.71
C ILE A 127 -27.57 5.16 -19.04
N LEU A 128 -27.55 5.62 -17.80
CA LEU A 128 -28.77 5.91 -17.05
C LEU A 128 -29.57 7.04 -17.71
N ALA A 129 -28.91 8.16 -17.98
CA ALA A 129 -29.56 9.24 -18.72
C ALA A 129 -30.23 8.70 -19.99
N GLY A 130 -29.44 7.99 -20.80
CA GLY A 130 -29.91 7.43 -22.06
C GLY A 130 -31.12 6.52 -21.91
N LYS A 131 -31.12 5.67 -20.88
CA LYS A 131 -32.20 4.72 -20.70
C LYS A 131 -33.47 5.43 -20.27
N LEU A 132 -33.32 6.44 -19.44
CA LEU A 132 -34.45 7.25 -19.01
C LEU A 132 -35.08 7.94 -20.23
N ALA A 133 -34.23 8.55 -21.07
CA ALA A 133 -34.71 9.29 -22.23
C ALA A 133 -35.36 8.37 -23.26
N GLU A 134 -34.72 7.24 -23.56
CA GLU A 134 -35.28 6.29 -24.52
C GLU A 134 -36.61 5.72 -24.02
N ARG A 135 -36.71 5.49 -22.72
CA ARG A 135 -37.95 4.94 -22.16
C ARG A 135 -39.11 5.94 -22.21
N TYR A 136 -38.84 7.18 -21.85
CA TYR A 136 -39.92 8.15 -21.74
C TYR A 136 -40.01 9.11 -22.92
N LYS A 137 -39.35 8.79 -24.03
CA LYS A 137 -39.18 9.76 -25.12
C LYS A 137 -40.51 10.26 -25.71
N ASP A 138 -41.53 9.41 -25.70
CA ASP A 138 -42.80 9.76 -26.29
C ASP A 138 -43.81 10.28 -25.28
N HIS A 139 -43.41 10.41 -24.02
CA HIS A 139 -44.36 10.82 -22.98
C HIS A 139 -44.72 12.31 -23.00
N PRO A 140 -46.04 12.59 -23.03
CA PRO A 140 -46.55 13.96 -23.21
C PRO A 140 -46.41 14.88 -22.00
N GLN A 141 -46.14 14.36 -20.80
CA GLN A 141 -46.12 15.21 -19.61
C GLN A 141 -44.74 15.73 -19.23
N ILE A 142 -43.69 15.24 -19.92
CA ILE A 142 -42.33 15.67 -19.56
C ILE A 142 -42.05 17.03 -20.17
N VAL A 143 -41.75 17.99 -19.30
CA VAL A 143 -41.66 19.36 -19.74
C VAL A 143 -40.23 19.93 -19.59
N MET A 144 -39.36 19.17 -18.93
CA MET A 144 -38.00 19.62 -18.66
C MET A 144 -37.17 18.45 -18.15
N TRP A 145 -35.92 18.33 -18.63
CA TRP A 145 -34.94 17.42 -18.03
C TRP A 145 -34.08 18.14 -16.99
N HIS A 146 -33.84 17.47 -15.87
CA HIS A 146 -33.16 18.07 -14.73
C HIS A 146 -31.89 17.24 -14.50
N VAL A 147 -30.81 17.59 -15.21
CA VAL A 147 -29.57 16.79 -15.16
C VAL A 147 -28.88 16.85 -13.81
N SER A 148 -28.66 15.69 -13.22
CA SER A 148 -27.94 15.56 -11.96
C SER A 148 -28.63 16.37 -10.87
N ASN A 149 -27.83 17.00 -10.02
CA ASN A 149 -28.33 17.93 -9.02
C ASN A 149 -27.19 18.71 -8.38
N GLU A 150 -27.32 20.03 -8.37
CA GLU A 150 -26.31 20.93 -7.81
C GLU A 150 -24.85 20.47 -7.91
N TYR A 151 -24.36 20.33 -9.13
CA TYR A 151 -22.94 20.11 -9.36
C TYR A 151 -22.08 21.07 -8.52
N GLY A 152 -21.00 20.56 -7.96
CA GLY A 152 -20.06 21.41 -7.24
C GLY A 152 -18.97 20.63 -6.50
N GLY A 153 -18.07 21.36 -5.86
CA GLY A 153 -17.01 20.72 -5.10
C GLY A 153 -15.89 20.24 -5.98
N TYR A 154 -14.68 20.28 -5.45
CA TYR A 154 -13.50 19.94 -6.21
C TYR A 154 -12.97 18.55 -5.86
N CYS A 155 -12.37 17.89 -6.83
CA CYS A 155 -11.70 16.62 -6.60
C CYS A 155 -10.21 16.77 -6.85
N TYR A 156 -9.42 16.06 -6.05
CA TYR A 156 -7.97 16.12 -6.18
C TYR A 156 -7.40 14.73 -6.36
N CYS A 157 -8.21 13.82 -6.87
CA CYS A 157 -7.75 12.43 -7.06
C CYS A 157 -6.73 12.29 -8.19
N ASP A 158 -6.15 11.10 -8.26
CA ASP A 158 -5.19 10.70 -9.27
C ASP A 158 -5.71 10.91 -10.70
N ASN A 159 -6.93 10.45 -10.96
CA ASN A 159 -7.53 10.62 -12.28
C ASN A 159 -7.68 12.09 -12.68
N CYS A 160 -8.14 12.93 -11.74
CA CYS A 160 -8.26 14.36 -12.02
C CYS A 160 -6.88 14.96 -12.25
N GLU A 161 -5.89 14.45 -11.52
CA GLU A 161 -4.53 14.93 -11.60
C GLU A 161 -3.93 14.61 -12.97
N LYS A 162 -4.15 13.38 -13.46
CA LYS A 162 -3.66 13.00 -14.78
C LYS A 162 -4.39 13.73 -15.91
N GLN A 163 -5.67 14.02 -15.71
CA GLN A 163 -6.46 14.71 -16.72
C GLN A 163 -6.21 16.22 -16.72
N PHE A 164 -5.88 16.78 -15.56
CA PHE A 164 -5.45 18.17 -15.45
C PHE A 164 -4.23 18.40 -16.37
N ARG A 165 -3.32 17.43 -16.38
CA ARG A 165 -2.13 17.53 -17.21
C ARG A 165 -2.50 17.57 -18.68
N VAL A 166 -3.45 16.73 -19.06
CA VAL A 166 -3.97 16.74 -20.43
C VAL A 166 -4.65 18.04 -20.80
N TRP A 167 -5.42 18.59 -19.87
CA TRP A 167 -6.15 19.83 -20.10
C TRP A 167 -5.15 20.98 -20.30
N LEU A 168 -4.05 20.93 -19.53
CA LEU A 168 -2.94 21.87 -19.67
C LEU A 168 -2.23 21.70 -21.02
N LYS A 169 -2.03 20.46 -21.46
CA LYS A 169 -1.48 20.19 -22.78
C LYS A 169 -2.32 20.87 -23.85
N GLU A 170 -3.64 20.74 -23.77
CA GLU A 170 -4.51 21.33 -24.78
C GLU A 170 -4.54 22.85 -24.73
N ARG A 171 -4.36 23.40 -23.53
CA ARG A 171 -4.52 24.83 -23.33
C ARG A 171 -3.23 25.60 -23.66
N TYR A 172 -2.10 25.02 -23.30
CA TYR A 172 -0.81 25.69 -23.49
C TYR A 172 0.04 25.13 -24.62
N GLY A 173 -0.17 23.86 -24.95
CA GLY A 173 0.57 23.24 -26.05
C GLY A 173 1.98 22.81 -25.69
N THR A 174 2.74 23.69 -25.03
CA THR A 174 4.13 23.39 -24.69
C THR A 174 4.45 23.76 -23.27
N LEU A 175 5.41 23.04 -22.70
CA LEU A 175 5.92 23.35 -21.38
C LEU A 175 6.50 24.76 -21.33
N GLU A 176 7.05 25.21 -22.46
CA GLU A 176 7.54 26.57 -22.58
C GLU A 176 6.41 27.56 -22.32
N ALA A 177 5.27 27.34 -22.96
CA ALA A 177 4.11 28.23 -22.78
C ALA A 177 3.47 28.10 -21.39
N LEU A 178 3.51 26.90 -20.81
CA LEU A 178 2.99 26.71 -19.47
C LEU A 178 3.87 27.36 -18.40
N ASN A 179 5.18 27.13 -18.47
CA ASN A 179 6.10 27.74 -17.53
C ASN A 179 6.02 29.26 -17.51
N LYS A 180 5.89 29.84 -18.71
CA LYS A 180 5.68 31.27 -18.83
C LYS A 180 4.33 31.68 -18.23
N ALA A 181 3.26 31.00 -18.62
CA ALA A 181 1.93 31.39 -18.13
C ALA A 181 1.87 31.32 -16.60
N TRP A 182 2.57 30.37 -16.01
CA TRP A 182 2.55 30.19 -14.56
C TRP A 182 3.67 30.95 -13.84
N ASN A 183 4.53 31.60 -14.62
CA ASN A 183 5.66 32.32 -14.06
C ASN A 183 6.53 31.42 -13.17
N THR A 184 6.82 30.22 -13.65
CA THR A 184 7.46 29.18 -12.86
C THR A 184 8.94 29.39 -12.52
N SER A 185 9.54 30.44 -13.05
CA SER A 185 10.92 30.73 -12.70
C SER A 185 10.97 31.19 -11.24
N PHE A 186 9.82 31.61 -10.72
CA PHE A 186 9.66 31.93 -9.31
C PHE A 186 9.76 30.67 -8.43
N TRP A 187 10.55 30.75 -7.36
CA TRP A 187 10.67 29.64 -6.42
C TRP A 187 11.06 28.31 -7.09
N SER A 188 11.94 28.39 -8.08
CA SER A 188 12.48 27.18 -8.72
C SER A 188 11.36 26.23 -9.20
N HIS A 189 10.27 26.77 -9.74
CA HIS A 189 9.13 25.93 -10.12
C HIS A 189 9.15 25.37 -11.55
N THR A 190 10.26 25.57 -12.26
CA THR A 190 10.36 25.14 -13.66
C THR A 190 9.98 23.67 -13.87
N PHE A 191 8.94 23.46 -14.67
CA PHE A 191 8.54 22.10 -15.02
C PHE A 191 9.21 21.65 -16.31
N TYR A 192 9.86 20.49 -16.25
CA TYR A 192 10.51 19.89 -17.42
C TYR A 192 9.68 18.74 -17.99
N ASP A 193 8.65 18.33 -17.27
CA ASP A 193 7.73 17.30 -17.75
C ASP A 193 6.34 17.49 -17.15
N TRP A 194 5.32 17.20 -17.96
CA TRP A 194 3.95 17.37 -17.53
C TRP A 194 3.63 16.56 -16.27
N ASP A 195 4.28 15.41 -16.10
CA ASP A 195 3.96 14.58 -14.96
C ASP A 195 4.50 15.12 -13.63
N GLU A 196 5.31 16.16 -13.72
CA GLU A 196 5.86 16.84 -12.53
C GLU A 196 4.82 17.81 -11.94
N ILE A 197 3.81 18.15 -12.73
CA ILE A 197 2.74 19.05 -12.30
C ILE A 197 1.74 18.27 -11.47
N VAL A 198 1.43 18.74 -10.25
CA VAL A 198 0.48 18.07 -9.37
C VAL A 198 -0.69 19.01 -9.04
N ALA A 199 -1.82 18.47 -8.56
CA ALA A 199 -2.96 19.32 -8.23
C ALA A 199 -2.68 20.17 -6.98
N PRO A 200 -3.22 21.39 -6.94
CA PRO A 200 -2.96 22.31 -5.84
C PRO A 200 -3.98 22.18 -4.71
N ASN A 201 -3.56 21.53 -3.63
CA ASN A 201 -4.38 21.43 -2.44
C ASN A 201 -3.49 21.49 -1.19
N ALA A 202 -4.00 21.04 -0.05
CA ALA A 202 -3.23 21.11 1.21
C ALA A 202 -1.88 20.38 1.18
N LEU A 203 -1.69 19.47 0.24
CA LEU A 203 -0.47 18.66 0.19
C LEU A 203 0.61 19.36 -0.60
N SER A 204 0.24 20.44 -1.30
CA SER A 204 1.18 21.03 -2.25
C SER A 204 1.27 22.55 -2.17
N GLU A 205 0.31 23.23 -2.78
CA GLU A 205 0.48 24.64 -3.10
C GLU A 205 -0.47 25.53 -2.29
N GLU A 206 -1.45 24.91 -1.62
CA GLU A 206 -2.52 25.68 -0.98
C GLU A 206 -2.70 25.39 0.52
N TRP A 207 -3.45 26.27 1.20
CA TRP A 207 -3.84 26.02 2.57
C TRP A 207 -5.08 26.83 2.96
N SER A 208 -5.81 26.29 3.94
CA SER A 208 -7.03 26.88 4.50
C SER A 208 -7.97 27.53 3.51
N GLY A 209 -8.37 26.78 2.50
CA GLY A 209 -9.40 27.23 1.57
C GLY A 209 -8.99 28.10 0.39
N ASN A 210 -8.32 29.22 0.66
CA ASN A 210 -8.10 30.21 -0.40
C ASN A 210 -6.69 30.78 -0.49
N ARG A 211 -5.77 30.24 0.29
CA ARG A 211 -4.39 30.69 0.26
C ARG A 211 -3.58 29.79 -0.68
N THR A 212 -2.69 30.41 -1.46
CA THR A 212 -1.86 29.67 -2.40
C THR A 212 -0.50 30.35 -2.70
N ASN A 213 0.52 29.54 -2.93
CA ASN A 213 1.81 30.03 -3.38
C ASN A 213 1.82 30.38 -4.86
N PHE A 214 0.95 29.72 -5.63
CA PHE A 214 1.02 29.81 -7.09
C PHE A 214 -0.37 29.99 -7.70
N GLN A 215 -0.82 31.24 -7.73
CA GLN A 215 -2.16 31.57 -8.18
C GLN A 215 -2.44 31.06 -9.59
N GLY A 216 -1.41 31.04 -10.44
CA GLY A 216 -1.57 30.51 -11.79
C GLY A 216 -2.08 29.08 -11.80
N ILE A 217 -1.43 28.23 -11.00
CA ILE A 217 -1.78 26.83 -10.89
C ILE A 217 -3.17 26.70 -10.27
N SER A 218 -3.41 27.48 -9.24
CA SER A 218 -4.66 27.38 -8.50
C SER A 218 -5.82 27.83 -9.36
N LEU A 219 -5.57 28.88 -10.13
CA LEU A 219 -6.57 29.43 -11.03
C LEU A 219 -6.94 28.43 -12.12
N ASP A 220 -5.93 27.84 -12.78
CA ASP A 220 -6.22 26.88 -13.86
C ASP A 220 -6.89 25.62 -13.34
N TYR A 221 -6.50 25.16 -12.17
CA TYR A 221 -7.14 23.99 -11.59
C TYR A 221 -8.65 24.20 -11.35
N ARG A 222 -9.04 25.39 -10.91
CA ARG A 222 -10.48 25.66 -10.78
C ARG A 222 -11.19 25.74 -12.14
N ARG A 223 -10.49 26.27 -13.15
CA ARG A 223 -11.04 26.23 -14.51
C ARG A 223 -11.24 24.78 -14.94
N PHE A 224 -10.23 23.97 -14.69
CA PHE A 224 -10.23 22.58 -15.10
C PHE A 224 -11.34 21.81 -14.40
N GLN A 225 -11.51 22.06 -13.12
CA GLN A 225 -12.55 21.40 -12.34
C GLN A 225 -13.97 21.83 -12.76
N SER A 226 -14.13 23.12 -13.01
CA SER A 226 -15.38 23.63 -13.54
C SER A 226 -15.68 22.99 -14.92
N ASP A 227 -14.67 22.95 -15.81
CA ASP A 227 -14.81 22.28 -17.11
C ASP A 227 -15.14 20.81 -17.00
N SER A 228 -14.50 20.11 -16.06
CA SER A 228 -14.72 18.67 -15.87
C SER A 228 -16.16 18.35 -15.51
N LEU A 229 -16.66 19.05 -14.51
CA LEU A 229 -18.06 18.92 -14.13
C LEU A 229 -18.97 19.27 -15.30
N LEU A 230 -18.61 20.34 -16.03
CA LEU A 230 -19.40 20.76 -17.18
C LEU A 230 -19.46 19.66 -18.24
N GLU A 231 -18.36 18.92 -18.41
CA GLU A 231 -18.35 17.81 -19.35
C GLU A 231 -19.37 16.76 -18.90
N CYS A 232 -19.49 16.55 -17.60
CA CYS A 232 -20.45 15.54 -17.12
C CYS A 232 -21.86 15.98 -17.46
N PHE A 233 -22.17 17.26 -17.25
CA PHE A 233 -23.46 17.76 -17.67
C PHE A 233 -23.70 17.58 -19.19
N LYS A 234 -22.74 18.03 -19.99
CA LYS A 234 -22.84 17.93 -21.44
C LYS A 234 -23.04 16.48 -21.94
N MET A 235 -22.29 15.56 -21.33
CA MET A 235 -22.41 14.14 -21.62
C MET A 235 -23.84 13.61 -21.42
N GLU A 236 -24.50 14.02 -20.33
CA GLU A 236 -25.87 13.60 -20.10
C GLU A 236 -26.84 14.34 -21.04
N ARG A 237 -26.66 15.65 -21.12
CA ARG A 237 -27.44 16.45 -22.05
C ARG A 237 -27.48 15.82 -23.43
N ASP A 238 -26.30 15.55 -23.99
CA ASP A 238 -26.20 14.98 -25.33
C ASP A 238 -26.92 13.62 -25.45
N GLU A 239 -26.85 12.81 -24.39
CA GLU A 239 -27.54 11.54 -24.39
C GLU A 239 -29.07 11.73 -24.34
N LEU A 240 -29.52 12.65 -23.50
CA LEU A 240 -30.94 12.95 -23.43
C LEU A 240 -31.44 13.46 -24.80
N LYS A 241 -30.69 14.37 -25.39
CA LYS A 241 -31.09 14.99 -26.65
C LYS A 241 -31.07 14.06 -27.88
N ARG A 242 -30.32 12.96 -27.77
CA ARG A 242 -30.37 11.90 -28.77
C ARG A 242 -31.77 11.29 -28.91
N TRP A 243 -32.50 11.20 -27.79
CA TRP A 243 -33.82 10.57 -27.76
C TRP A 243 -34.96 11.58 -27.75
N THR A 244 -34.75 12.73 -27.13
CA THR A 244 -35.79 13.73 -27.03
C THR A 244 -35.21 15.08 -27.41
N PRO A 245 -34.89 15.26 -28.69
CA PRO A 245 -34.19 16.45 -29.16
C PRO A 245 -34.91 17.76 -28.88
N ASP A 246 -36.20 17.72 -28.55
CA ASP A 246 -36.98 18.94 -28.36
C ASP A 246 -37.58 19.07 -26.96
N ILE A 247 -37.06 18.32 -26.00
CA ILE A 247 -37.35 18.58 -24.60
C ILE A 247 -36.18 19.35 -24.00
N PRO A 248 -36.44 20.52 -23.41
CA PRO A 248 -35.35 21.36 -22.85
C PRO A 248 -34.51 20.61 -21.80
N VAL A 249 -33.24 20.95 -21.71
CA VAL A 249 -32.38 20.40 -20.66
C VAL A 249 -31.77 21.48 -19.79
N THR A 250 -31.86 21.28 -18.48
CA THR A 250 -31.30 22.23 -17.54
C THR A 250 -30.57 21.48 -16.40
N THR A 251 -29.97 22.23 -15.48
CA THR A 251 -29.42 21.70 -14.23
C THR A 251 -29.47 22.82 -13.22
N ASN A 252 -29.71 22.48 -11.95
CA ASN A 252 -29.98 23.51 -10.95
C ASN A 252 -28.73 24.18 -10.40
N LEU A 253 -28.54 25.45 -10.76
CA LEU A 253 -27.36 26.19 -10.32
C LEU A 253 -27.60 26.76 -8.94
N MET A 254 -26.57 27.40 -8.37
CA MET A 254 -26.66 27.93 -7.02
C MET A 254 -26.27 29.41 -6.91
N GLY A 255 -26.51 30.17 -7.98
CA GLY A 255 -26.37 31.62 -7.93
C GLY A 255 -24.92 32.10 -7.86
N PHE A 256 -24.58 32.82 -6.81
CA PHE A 256 -23.21 33.32 -6.62
C PHE A 256 -22.27 32.26 -6.05
N TYR A 257 -22.65 31.00 -6.20
CA TYR A 257 -21.78 29.88 -5.85
C TYR A 257 -20.40 30.09 -6.45
N PRO A 258 -19.38 30.12 -5.60
CA PRO A 258 -18.06 30.55 -6.09
C PRO A 258 -17.26 29.52 -6.91
N GLU A 259 -17.63 28.24 -6.89
CA GLU A 259 -16.70 27.23 -7.40
C GLU A 259 -16.78 26.90 -8.89
N LEU A 260 -17.82 27.38 -9.57
CA LEU A 260 -18.10 27.02 -10.96
C LEU A 260 -18.37 28.27 -11.81
N ASP A 261 -17.78 28.33 -13.01
CA ASP A 261 -18.01 29.46 -13.92
C ASP A 261 -19.36 29.34 -14.61
N TYR A 262 -20.41 29.78 -13.92
CA TYR A 262 -21.75 29.62 -14.48
C TYR A 262 -21.98 30.30 -15.84
N PHE A 263 -21.19 31.33 -16.17
CA PHE A 263 -21.32 31.92 -17.51
C PHE A 263 -20.91 30.92 -18.60
N LYS A 264 -19.88 30.13 -18.34
CA LYS A 264 -19.48 29.07 -19.26
C LYS A 264 -20.53 27.95 -19.30
N TRP A 265 -21.04 27.58 -18.13
CA TRP A 265 -22.08 26.55 -18.02
C TRP A 265 -23.36 26.89 -18.79
N ALA A 266 -23.80 28.13 -18.67
CA ALA A 266 -25.09 28.56 -19.22
C ALA A 266 -25.17 28.43 -20.76
N LYS A 267 -24.07 28.67 -21.45
CA LYS A 267 -24.04 28.50 -22.91
C LYS A 267 -24.40 27.08 -23.30
N GLU A 268 -24.24 26.14 -22.36
CA GLU A 268 -24.47 24.73 -22.63
C GLU A 268 -25.85 24.26 -22.21
N MET A 269 -26.58 25.12 -21.49
CA MET A 269 -27.92 24.76 -21.02
C MET A 269 -29.00 25.46 -21.85
N ASP A 270 -30.14 24.78 -22.04
CA ASP A 270 -31.26 25.34 -22.79
C ASP A 270 -31.94 26.45 -21.99
N VAL A 271 -31.94 26.31 -20.67
CA VAL A 271 -32.53 27.30 -19.80
C VAL A 271 -31.83 27.21 -18.46
N VAL A 272 -31.67 28.34 -17.79
CA VAL A 272 -31.02 28.38 -16.50
C VAL A 272 -32.05 28.12 -15.41
N SER A 273 -31.69 27.31 -14.42
CA SER A 273 -32.54 27.15 -13.24
C SER A 273 -31.67 27.28 -12.02
N TRP A 274 -32.23 27.74 -10.91
CA TRP A 274 -31.41 27.84 -9.73
C TRP A 274 -32.18 27.67 -8.43
N ASP A 275 -31.41 27.60 -7.34
CA ASP A 275 -31.92 27.27 -6.02
C ASP A 275 -31.61 28.39 -5.06
N ASN A 276 -32.64 29.16 -4.74
CA ASN A 276 -32.50 30.33 -3.91
C ASN A 276 -32.61 30.01 -2.42
N TYR A 277 -31.48 30.11 -1.71
CA TYR A 277 -31.42 29.87 -0.26
C TYR A 277 -30.66 30.96 0.48
N PRO A 278 -31.38 31.96 0.98
CA PRO A 278 -30.71 33.06 1.70
C PRO A 278 -30.19 32.68 3.09
N SER A 279 -29.11 33.31 3.52
CA SER A 279 -28.75 33.34 4.94
C SER A 279 -29.68 34.32 5.65
N MET A 280 -29.74 34.22 6.98
CA MET A 280 -30.63 35.07 7.76
C MET A 280 -30.22 36.54 7.72
N ASP A 281 -28.95 36.79 7.42
CA ASP A 281 -28.44 38.15 7.21
C ASP A 281 -28.17 38.44 5.73
N THR A 282 -28.86 37.75 4.84
CA THR A 282 -28.78 38.11 3.42
C THR A 282 -29.71 39.30 3.14
N PRO A 283 -29.14 40.39 2.63
CA PRO A 283 -29.92 41.59 2.28
C PRO A 283 -30.87 41.31 1.12
N PHE A 284 -32.09 41.82 1.19
CA PHE A 284 -33.06 41.57 0.12
C PHE A 284 -32.52 41.97 -1.26
N SER A 285 -31.68 43.02 -1.29
CA SER A 285 -31.11 43.45 -2.56
C SER A 285 -30.08 42.44 -3.04
N PHE A 286 -29.51 41.68 -2.12
CA PHE A 286 -28.58 40.66 -2.55
C PHE A 286 -29.28 39.51 -3.26
N THR A 287 -30.41 39.05 -2.70
CA THR A 287 -31.05 37.92 -3.35
C THR A 287 -31.61 38.38 -4.71
N ALA A 288 -32.09 39.63 -4.76
CA ALA A 288 -32.48 40.26 -6.01
C ALA A 288 -31.35 40.18 -7.05
N MET A 289 -30.16 40.63 -6.66
CA MET A 289 -28.98 40.59 -7.52
C MET A 289 -28.67 39.16 -8.03
N ALA A 290 -28.90 38.16 -7.18
CA ALA A 290 -28.70 36.75 -7.53
C ALA A 290 -29.67 36.29 -8.62
N HIS A 291 -30.96 36.54 -8.42
CA HIS A 291 -31.93 36.29 -9.46
C HIS A 291 -31.50 36.99 -10.75
N ASN A 292 -31.17 38.28 -10.63
CA ASN A 292 -30.68 39.08 -11.74
C ASN A 292 -29.49 38.42 -12.48
N LEU A 293 -28.50 37.96 -11.72
CA LEU A 293 -27.38 37.26 -12.32
C LEU A 293 -27.85 36.04 -13.09
N MET A 294 -28.78 35.28 -12.49
CA MET A 294 -29.26 34.07 -13.15
C MET A 294 -29.90 34.41 -14.50
N ARG A 295 -30.54 35.58 -14.56
CA ARG A 295 -31.09 36.10 -15.80
C ARG A 295 -29.96 36.49 -16.75
N GLY A 296 -28.94 37.15 -16.20
CA GLY A 296 -27.79 37.58 -16.98
C GLY A 296 -27.02 36.45 -17.67
N LEU A 297 -27.01 35.26 -17.05
CA LEU A 297 -26.27 34.10 -17.56
C LEU A 297 -26.57 33.77 -19.01
N LYS A 298 -27.83 33.93 -19.42
CA LYS A 298 -28.17 33.81 -20.84
C LYS A 298 -28.74 35.13 -21.39
N SER A 299 -28.06 36.23 -21.07
CA SER A 299 -28.37 37.56 -21.63
C SER A 299 -29.83 37.98 -21.57
N GLY A 300 -30.46 37.83 -20.42
CA GLY A 300 -31.84 38.25 -20.29
C GLY A 300 -32.90 37.17 -20.45
N GLN A 301 -32.51 35.96 -20.85
CA GLN A 301 -33.49 34.89 -20.95
C GLN A 301 -34.07 34.50 -19.57
N PRO A 302 -35.41 34.43 -19.47
CA PRO A 302 -36.05 33.99 -18.23
C PRO A 302 -35.57 32.60 -17.78
N PHE A 303 -35.50 32.40 -16.46
CA PHE A 303 -35.00 31.19 -15.86
C PHE A 303 -36.06 30.50 -15.01
N MET A 304 -35.70 29.33 -14.49
CA MET A 304 -36.56 28.58 -13.59
C MET A 304 -36.10 28.79 -12.16
N LEU A 305 -37.00 29.22 -11.28
CA LEU A 305 -36.76 29.09 -9.86
C LEU A 305 -37.03 27.62 -9.57
N MET A 306 -35.95 26.86 -9.36
CA MET A 306 -36.08 25.41 -9.21
C MET A 306 -36.35 25.02 -7.76
N GLU A 307 -35.72 25.73 -6.82
CA GLU A 307 -35.94 25.39 -5.42
C GLU A 307 -35.93 26.62 -4.56
N GLN A 308 -36.74 26.56 -3.51
CA GLN A 308 -36.73 27.52 -2.41
C GLN A 308 -37.54 26.81 -1.34
N THR A 309 -37.27 27.08 -0.07
CA THR A 309 -38.09 26.48 0.97
C THR A 309 -39.40 27.24 1.07
N PRO A 310 -40.50 26.53 1.32
CA PRO A 310 -41.80 27.18 1.55
C PRO A 310 -41.92 27.65 3.01
N GLY A 311 -40.95 27.25 3.83
CA GLY A 311 -40.95 27.59 5.23
C GLY A 311 -39.54 27.73 5.75
N VAL A 312 -39.12 26.81 6.61
CA VAL A 312 -37.81 26.92 7.23
C VAL A 312 -36.75 26.23 6.42
N GLN A 313 -35.49 26.54 6.75
CA GLN A 313 -34.35 25.84 6.19
C GLN A 313 -33.87 24.86 7.24
N ASN A 314 -32.83 24.09 6.91
CA ASN A 314 -32.28 23.14 7.87
C ASN A 314 -30.79 23.37 8.12
N TRP A 315 -30.08 24.00 7.19
CA TRP A 315 -28.63 24.13 7.34
C TRP A 315 -28.14 25.51 7.77
N GLN A 316 -29.06 26.45 7.96
CA GLN A 316 -28.69 27.74 8.53
C GLN A 316 -28.47 27.56 10.03
N PRO A 317 -27.56 28.34 10.62
CA PRO A 317 -27.33 28.25 12.08
C PRO A 317 -28.63 28.36 12.88
N TYR A 318 -29.46 29.35 12.56
CA TYR A 318 -30.75 29.55 13.22
C TYR A 318 -31.83 29.56 12.16
N ASN A 319 -32.56 28.47 12.06
CA ASN A 319 -33.56 28.32 11.01
C ASN A 319 -34.91 28.91 11.40
N SER A 320 -35.07 30.21 11.16
CA SER A 320 -36.27 30.94 11.55
C SER A 320 -37.42 30.63 10.62
N ALA A 321 -38.63 30.61 11.16
CA ALA A 321 -39.79 30.49 10.29
C ALA A 321 -39.87 31.72 9.40
N LYS A 322 -40.33 31.51 8.18
CA LYS A 322 -40.64 32.60 7.27
C LYS A 322 -41.91 33.26 7.80
N ARG A 323 -41.91 34.57 8.05
CA ARG A 323 -43.09 35.22 8.63
C ARG A 323 -44.25 35.26 7.63
N PRO A 324 -45.48 35.40 8.14
CA PRO A 324 -46.65 35.40 7.24
C PRO A 324 -46.44 36.36 6.08
N GLY A 325 -46.75 35.89 4.88
CA GLY A 325 -46.63 36.71 3.69
C GLY A 325 -45.26 36.65 3.01
N VAL A 326 -44.24 36.32 3.78
CA VAL A 326 -42.87 36.31 3.27
C VAL A 326 -42.61 35.30 2.16
N MET A 327 -43.14 34.09 2.29
CA MET A 327 -42.97 33.11 1.23
C MET A 327 -43.42 33.70 -0.13
N ARG A 328 -44.63 34.26 -0.16
CA ARG A 328 -45.19 34.87 -1.36
C ARG A 328 -44.33 36.04 -1.85
N LEU A 329 -43.99 36.95 -0.94
CA LEU A 329 -43.14 38.09 -1.24
C LEU A 329 -41.87 37.69 -1.98
N TRP A 330 -41.15 36.69 -1.45
CA TRP A 330 -39.89 36.24 -2.05
C TRP A 330 -40.12 35.47 -3.35
N SER A 331 -41.28 34.84 -3.48
CA SER A 331 -41.63 34.19 -4.73
C SER A 331 -41.80 35.20 -5.86
N TYR A 332 -42.53 36.28 -5.58
CA TYR A 332 -42.76 37.30 -6.61
C TYR A 332 -41.48 38.05 -6.93
N GLN A 333 -40.58 38.15 -5.94
CA GLN A 333 -39.29 38.81 -6.17
C GLN A 333 -38.49 38.04 -7.23
N ALA A 334 -38.58 36.72 -7.19
CA ALA A 334 -37.97 35.86 -8.19
C ALA A 334 -38.57 36.10 -9.57
N VAL A 335 -39.89 36.23 -9.60
CA VAL A 335 -40.57 36.49 -10.86
C VAL A 335 -40.22 37.87 -11.41
N ALA A 336 -40.23 38.87 -10.54
CA ALA A 336 -39.88 40.23 -10.94
C ALA A 336 -38.57 40.28 -11.73
N HIS A 337 -37.57 39.50 -11.28
CA HIS A 337 -36.24 39.52 -11.87
C HIS A 337 -35.99 38.45 -12.96
N GLY A 338 -37.06 37.76 -13.38
CA GLY A 338 -36.96 36.86 -14.52
C GLY A 338 -37.38 35.40 -14.35
N ALA A 339 -37.78 35.00 -13.14
CA ALA A 339 -38.27 33.63 -12.96
C ALA A 339 -39.62 33.42 -13.66
N ASP A 340 -39.70 32.37 -14.48
CA ASP A 340 -40.95 32.01 -15.15
C ASP A 340 -41.47 30.73 -14.54
N THR A 341 -40.91 30.36 -13.39
CA THR A 341 -41.41 29.28 -12.56
C THR A 341 -41.21 29.65 -11.11
N VAL A 342 -42.04 29.11 -10.23
CA VAL A 342 -41.70 29.14 -8.82
C VAL A 342 -41.91 27.74 -8.26
N MET A 343 -40.80 27.11 -7.91
CA MET A 343 -40.85 25.74 -7.42
C MET A 343 -40.12 25.62 -6.10
N PHE A 344 -40.54 24.66 -5.31
CA PHE A 344 -40.02 24.50 -3.97
C PHE A 344 -39.09 23.29 -3.84
N PHE A 345 -38.29 23.32 -2.79
CA PHE A 345 -37.91 22.08 -2.16
C PHE A 345 -38.50 22.14 -0.75
N GLN A 346 -39.44 21.26 -0.44
CA GLN A 346 -39.96 20.24 -1.36
C GLN A 346 -41.45 20.12 -1.10
N LEU A 347 -42.10 19.19 -1.77
CA LEU A 347 -43.56 19.11 -1.66
C LEU A 347 -44.04 18.38 -0.39
N ARG A 348 -43.30 17.39 0.07
CA ARG A 348 -43.65 16.70 1.32
C ARG A 348 -42.39 16.38 2.17
N ARG A 349 -42.40 16.80 3.43
CA ARG A 349 -41.19 16.70 4.26
C ARG A 349 -40.68 15.27 4.31
N SER A 350 -39.36 15.12 4.31
CA SER A 350 -38.77 13.80 4.48
C SER A 350 -38.82 13.50 5.97
N VAL A 351 -38.37 12.31 6.37
CA VAL A 351 -38.86 11.75 7.64
C VAL A 351 -37.87 11.27 8.74
N GLY A 352 -36.59 11.05 8.47
CA GLY A 352 -35.91 11.31 7.21
C GLY A 352 -34.48 11.18 7.67
N ALA A 353 -33.56 11.91 7.06
CA ALA A 353 -32.22 12.05 7.60
C ALA A 353 -31.99 13.55 7.82
N CYS A 354 -31.04 14.13 7.10
CA CYS A 354 -30.63 15.50 7.43
C CYS A 354 -31.62 16.56 6.94
N GLU A 355 -32.61 16.17 6.16
CA GLU A 355 -33.54 17.15 5.64
C GLU A 355 -34.95 17.10 6.26
N LYS A 356 -35.09 16.33 7.34
CA LYS A 356 -36.41 16.16 8.00
C LYS A 356 -36.94 17.43 8.65
N TYR A 357 -36.04 18.36 9.01
CA TYR A 357 -36.49 19.66 9.51
C TYR A 357 -36.28 20.77 8.49
N HIS A 358 -36.28 20.39 7.22
CA HIS A 358 -36.39 21.35 6.11
C HIS A 358 -37.88 21.47 5.74
N GLY A 359 -38.32 22.70 5.47
CA GLY A 359 -39.70 22.95 5.16
C GLY A 359 -40.23 22.19 3.95
N ALA A 360 -41.55 22.08 3.89
CA ALA A 360 -42.25 21.49 2.74
C ALA A 360 -43.67 22.03 2.73
N VAL A 361 -44.35 21.86 1.61
CA VAL A 361 -45.74 22.28 1.47
C VAL A 361 -46.58 21.40 2.39
N ILE A 362 -46.38 20.09 2.29
CA ILE A 362 -47.02 19.12 3.18
C ILE A 362 -46.01 18.69 4.21
N GLU A 363 -46.36 18.86 5.48
CA GLU A 363 -45.38 18.64 6.54
C GLU A 363 -45.76 17.47 7.42
N HIS A 364 -45.09 17.34 8.56
CA HIS A 364 -45.23 16.13 9.37
C HIS A 364 -46.65 15.78 9.86
N VAL A 365 -47.54 16.75 10.09
CA VAL A 365 -48.91 16.40 10.45
C VAL A 365 -49.61 15.66 9.32
N GLY A 366 -49.22 15.98 8.09
CA GLY A 366 -49.77 15.29 6.93
C GLY A 366 -51.11 15.81 6.41
N HIS A 367 -51.47 17.03 6.76
CA HIS A 367 -52.70 17.64 6.21
C HIS A 367 -52.51 19.11 5.82
N GLU A 368 -53.56 19.70 5.26
CA GLU A 368 -53.49 21.03 4.66
C GLU A 368 -53.89 22.16 5.63
N HIS A 369 -54.29 21.82 6.85
CA HIS A 369 -54.76 22.85 7.79
C HIS A 369 -53.64 23.43 8.60
N THR A 370 -52.81 24.19 7.91
CA THR A 370 -51.52 24.58 8.39
C THR A 370 -51.24 25.97 7.82
N ARG A 371 -50.58 26.80 8.61
CA ARG A 371 -50.22 28.13 8.16
C ARG A 371 -49.39 28.09 6.87
N VAL A 372 -48.36 27.26 6.86
CA VAL A 372 -47.49 27.16 5.69
C VAL A 372 -48.30 26.74 4.45
N PHE A 373 -49.10 25.70 4.60
CA PHE A 373 -49.90 25.22 3.48
C PHE A 373 -50.85 26.29 2.96
N ARG A 374 -51.55 26.98 3.86
CA ARG A 374 -52.51 28.00 3.43
C ARG A 374 -51.81 29.04 2.55
N GLU A 375 -50.64 29.49 3.00
CA GLU A 375 -49.86 30.46 2.26
C GLU A 375 -49.47 29.93 0.88
N CYS A 376 -49.11 28.65 0.79
CA CYS A 376 -48.80 28.02 -0.50
C CYS A 376 -50.03 27.91 -1.40
N ALA A 377 -51.16 27.52 -0.82
CA ALA A 377 -52.39 27.43 -1.61
C ALA A 377 -52.74 28.80 -2.18
N GLU A 378 -52.58 29.83 -1.34
CA GLU A 378 -52.89 31.20 -1.74
C GLU A 378 -52.05 31.65 -2.93
N LEU A 379 -50.74 31.39 -2.89
CA LEU A 379 -49.85 31.73 -4.01
C LEU A 379 -50.26 30.97 -5.27
N GLY A 380 -50.49 29.67 -5.13
CA GLY A 380 -50.87 28.83 -6.26
C GLY A 380 -52.11 29.32 -7.01
N LYS A 381 -53.13 29.75 -6.27
CA LYS A 381 -54.32 30.30 -6.90
C LYS A 381 -53.97 31.55 -7.71
N GLU A 382 -53.25 32.49 -7.10
CA GLU A 382 -52.76 33.66 -7.84
C GLU A 382 -52.08 33.27 -9.16
N LEU A 383 -51.17 32.30 -9.11
CA LEU A 383 -50.43 31.89 -10.31
C LEU A 383 -51.33 31.30 -11.41
N GLN A 384 -52.38 30.59 -10.99
CA GLN A 384 -53.33 30.06 -11.98
C GLN A 384 -54.08 31.19 -12.66
N GLN A 385 -54.45 32.20 -11.87
CA GLN A 385 -55.12 33.39 -12.37
C GLN A 385 -54.23 34.26 -13.25
N LEU A 386 -52.94 34.35 -12.95
CA LEU A 386 -52.03 35.10 -13.81
C LEU A 386 -51.93 34.51 -15.22
N GLY A 387 -52.04 33.20 -15.34
CA GLY A 387 -51.91 32.54 -16.63
C GLY A 387 -50.58 32.84 -17.31
N ASP A 388 -50.62 33.13 -18.61
CA ASP A 388 -49.40 33.33 -19.36
C ASP A 388 -49.02 34.79 -19.45
N THR A 389 -49.80 35.64 -18.79
CA THR A 389 -49.60 37.08 -18.88
C THR A 389 -48.12 37.52 -18.92
N ILE A 390 -47.36 37.10 -17.92
CA ILE A 390 -46.02 37.62 -17.68
C ILE A 390 -44.90 36.83 -18.37
N LEU A 391 -45.20 35.61 -18.82
CA LEU A 391 -44.20 34.77 -19.45
C LEU A 391 -43.42 35.50 -20.54
N ASP A 392 -42.11 35.23 -20.62
CA ASP A 392 -41.28 35.76 -21.69
C ASP A 392 -40.95 37.23 -21.56
N ALA A 393 -41.55 37.91 -20.58
CA ALA A 393 -41.27 39.33 -20.40
C ALA A 393 -39.81 39.51 -20.02
N ARG A 394 -39.22 40.60 -20.48
CA ARG A 394 -37.80 40.79 -20.32
C ARG A 394 -37.42 42.12 -19.70
N SER A 395 -36.18 42.21 -19.23
CA SER A 395 -35.65 43.44 -18.70
C SER A 395 -35.10 44.37 -19.79
N GLU A 396 -35.46 45.64 -19.70
CA GLU A 396 -34.99 46.66 -20.63
C GLU A 396 -34.12 47.68 -19.89
N ALA A 397 -33.30 47.19 -18.97
CA ALA A 397 -32.41 48.05 -18.18
C ALA A 397 -31.44 48.83 -19.08
N LYS A 398 -31.00 49.98 -18.60
CA LYS A 398 -30.03 50.78 -19.32
C LYS A 398 -28.76 50.90 -18.48
N VAL A 399 -28.79 50.22 -17.34
CA VAL A 399 -27.65 50.14 -16.45
C VAL A 399 -27.25 48.68 -16.28
N ALA A 400 -25.96 48.41 -16.37
CA ALA A 400 -25.46 47.07 -16.19
C ALA A 400 -24.32 47.06 -15.20
N VAL A 401 -24.22 46.00 -14.40
CA VAL A 401 -23.02 45.75 -13.64
C VAL A 401 -22.46 44.35 -13.88
N MET A 402 -21.15 44.34 -14.12
CA MET A 402 -20.45 43.15 -14.58
C MET A 402 -19.97 42.33 -13.41
N TYR A 403 -19.96 41.01 -13.60
CA TYR A 403 -19.48 40.09 -12.59
C TYR A 403 -18.76 38.99 -13.34
N ASP A 404 -17.70 38.44 -12.77
CA ASP A 404 -16.95 37.39 -13.47
C ASP A 404 -16.33 36.35 -12.55
N TRP A 405 -16.53 35.07 -12.85
CA TRP A 405 -15.98 34.02 -11.99
C TRP A 405 -14.43 33.93 -12.01
N GLU A 406 -13.81 34.06 -13.16
CA GLU A 406 -12.35 33.96 -13.24
C GLU A 406 -11.72 35.14 -12.50
N ASN A 407 -12.28 36.32 -12.71
CA ASN A 407 -11.91 37.49 -11.94
C ASN A 407 -12.03 37.20 -10.44
N ARG A 408 -13.14 36.56 -10.07
CA ARG A 408 -13.40 36.26 -8.67
C ARG A 408 -12.39 35.26 -8.11
N TRP A 409 -12.11 34.19 -8.87
CA TRP A 409 -11.10 33.23 -8.44
C TRP A 409 -9.75 33.91 -8.19
N ALA A 410 -9.33 34.77 -9.12
CA ALA A 410 -8.03 35.41 -9.03
C ALA A 410 -7.95 36.35 -7.84
N LEU A 411 -9.03 37.08 -7.61
CA LEU A 411 -9.09 37.95 -6.44
C LEU A 411 -9.08 37.19 -5.11
N GLU A 412 -9.80 36.08 -5.05
CA GLU A 412 -9.89 35.30 -3.80
C GLU A 412 -8.61 34.51 -3.49
N LEU A 413 -7.87 34.15 -4.53
CA LEU A 413 -6.60 33.45 -4.38
C LEU A 413 -5.41 34.38 -4.09
N SER A 414 -5.55 35.64 -4.47
CA SER A 414 -4.47 36.62 -4.36
C SER A 414 -3.93 36.82 -2.94
N SER A 415 -2.65 37.11 -2.81
CA SER A 415 -2.13 37.56 -1.53
C SER A 415 -1.24 38.80 -1.68
N GLY A 416 -1.67 39.95 -1.16
CA GLY A 416 -3.00 40.24 -0.72
C GLY A 416 -3.63 41.02 -1.86
N PRO A 417 -3.84 42.33 -1.70
CA PRO A 417 -3.36 43.27 -0.67
C PRO A 417 -4.18 43.35 0.62
N SER A 418 -5.40 42.81 0.62
CA SER A 418 -6.24 42.86 1.82
C SER A 418 -7.31 41.77 1.90
N ILE A 419 -7.38 41.10 3.04
CA ILE A 419 -8.43 40.10 3.24
C ILE A 419 -9.79 40.74 3.49
N ALA A 420 -9.81 42.07 3.62
CA ALA A 420 -11.05 42.81 3.82
C ALA A 420 -11.65 43.17 2.47
N LEU A 421 -10.88 42.95 1.40
CA LEU A 421 -11.45 43.04 0.08
C LEU A 421 -12.26 41.78 -0.23
N ASN A 422 -13.55 41.98 -0.48
CA ASN A 422 -14.46 40.90 -0.79
C ASN A 422 -15.15 41.31 -2.07
N TYR A 423 -14.78 40.66 -3.17
CA TYR A 423 -15.26 41.03 -4.49
C TYR A 423 -16.79 41.13 -4.58
N VAL A 424 -17.48 40.06 -4.24
CA VAL A 424 -18.91 40.06 -4.37
C VAL A 424 -19.55 41.17 -3.54
N ASN A 425 -18.93 41.50 -2.42
CA ASN A 425 -19.42 42.59 -1.59
C ASN A 425 -19.32 43.93 -2.30
N GLU A 426 -18.17 44.16 -2.94
CA GLU A 426 -17.95 45.40 -3.68
C GLU A 426 -18.94 45.49 -4.81
N VAL A 427 -19.14 44.38 -5.50
CA VAL A 427 -20.13 44.32 -6.57
C VAL A 427 -21.51 44.69 -6.03
N HIS A 428 -21.91 44.06 -4.91
CA HIS A 428 -23.21 44.34 -4.31
C HIS A 428 -23.41 45.79 -3.87
N LYS A 429 -22.35 46.44 -3.41
CA LYS A 429 -22.40 47.85 -3.05
C LYS A 429 -22.90 48.73 -4.20
N TYR A 430 -22.45 48.45 -5.42
CA TYR A 430 -22.95 49.20 -6.56
C TYR A 430 -24.38 48.79 -6.87
N TYR A 431 -24.61 47.49 -7.03
CA TYR A 431 -25.95 47.02 -7.32
C TYR A 431 -26.96 47.57 -6.33
N ASP A 432 -26.60 47.62 -5.05
CA ASP A 432 -27.53 48.05 -4.01
C ASP A 432 -27.91 49.52 -4.16
N ALA A 433 -26.93 50.34 -4.51
CA ALA A 433 -27.17 51.75 -4.81
C ALA A 433 -28.25 51.92 -5.87
N LEU A 434 -28.23 51.04 -6.87
CA LEU A 434 -29.22 51.09 -7.94
C LEU A 434 -30.58 50.57 -7.47
N TYR A 435 -30.55 49.44 -6.77
CA TYR A 435 -31.75 48.84 -6.23
C TYR A 435 -32.52 49.78 -5.31
N LYS A 436 -31.81 50.55 -4.48
CA LYS A 436 -32.47 51.53 -3.58
C LYS A 436 -33.20 52.66 -4.30
N GLN A 437 -32.80 52.96 -5.53
CA GLN A 437 -33.39 54.05 -6.29
C GLN A 437 -34.33 53.53 -7.36
N ASN A 438 -34.51 52.21 -7.36
CA ASN A 438 -35.35 51.53 -8.35
C ASN A 438 -34.89 51.76 -9.79
N ILE A 439 -33.57 51.77 -9.98
CA ILE A 439 -33.00 51.82 -11.32
C ILE A 439 -32.91 50.41 -11.88
N GLN A 440 -33.71 50.14 -12.91
CA GLN A 440 -33.68 48.85 -13.58
C GLN A 440 -32.25 48.53 -14.02
N THR A 441 -31.71 47.41 -13.53
CA THR A 441 -30.38 47.01 -13.97
C THR A 441 -30.26 45.53 -14.30
N ASP A 442 -29.26 45.20 -15.12
CA ASP A 442 -28.91 43.85 -15.48
C ASP A 442 -27.53 43.49 -14.94
N MET A 443 -27.42 42.34 -14.30
CA MET A 443 -26.12 41.77 -14.00
C MET A 443 -25.64 41.08 -15.29
N ILE A 444 -24.42 41.36 -15.72
CA ILE A 444 -23.96 40.86 -17.01
C ILE A 444 -22.55 40.26 -17.00
N SER A 445 -22.29 39.45 -18.01
CA SER A 445 -20.97 38.90 -18.27
C SER A 445 -20.06 40.04 -18.67
N VAL A 446 -18.74 39.83 -18.57
CA VAL A 446 -17.78 40.83 -19.05
C VAL A 446 -17.75 40.76 -20.56
N GLU A 447 -18.47 39.80 -21.10
CA GLU A 447 -18.44 39.46 -22.52
C GLU A 447 -19.76 39.86 -23.20
N GLU A 448 -20.68 40.40 -22.42
CA GLU A 448 -21.99 40.82 -22.94
C GLU A 448 -21.86 41.95 -23.97
N ASP A 449 -22.89 42.09 -24.81
CA ASP A 449 -22.98 43.19 -25.76
C ASP A 449 -23.37 44.49 -25.06
N LEU A 450 -22.47 45.46 -25.11
CA LEU A 450 -22.64 46.67 -24.32
C LEU A 450 -23.59 47.68 -24.99
N SER A 451 -23.92 47.44 -26.25
CA SER A 451 -24.77 48.34 -27.04
C SER A 451 -26.06 48.79 -26.33
N LYS A 452 -26.69 47.87 -25.62
CA LYS A 452 -28.02 48.11 -25.07
C LYS A 452 -28.01 48.99 -23.83
N TYR A 453 -26.84 49.46 -23.45
CA TYR A 453 -26.74 50.09 -22.14
C TYR A 453 -26.26 51.51 -22.24
N LYS A 454 -26.57 52.29 -21.21
CA LYS A 454 -26.06 53.63 -21.11
C LYS A 454 -24.98 53.76 -20.04
N VAL A 455 -25.14 53.00 -18.98
CA VAL A 455 -24.16 52.98 -17.89
C VAL A 455 -23.72 51.55 -17.69
N VAL A 456 -22.41 51.33 -17.70
CA VAL A 456 -21.84 50.01 -17.41
C VAL A 456 -20.90 50.14 -16.23
N ILE A 457 -21.14 49.32 -15.21
CA ILE A 457 -20.35 49.37 -13.97
C ILE A 457 -19.58 48.09 -13.77
N ALA A 458 -18.27 48.21 -13.58
CA ALA A 458 -17.40 47.05 -13.43
C ALA A 458 -16.59 47.15 -12.16
N PRO A 459 -17.21 46.85 -11.01
CA PRO A 459 -16.47 46.99 -9.74
C PRO A 459 -15.30 46.01 -9.69
N VAL A 460 -14.14 46.49 -9.26
CA VAL A 460 -12.94 45.67 -9.13
C VAL A 460 -12.72 44.72 -10.30
N MET A 461 -12.53 45.28 -11.50
CA MET A 461 -12.26 44.47 -12.70
C MET A 461 -10.78 44.17 -12.73
N TYR A 462 -10.36 43.41 -11.72
CA TYR A 462 -8.97 43.08 -11.45
C TYR A 462 -8.33 42.32 -12.61
N MET A 463 -9.06 41.37 -13.17
CA MET A 463 -8.56 40.64 -14.32
C MET A 463 -9.21 41.19 -15.57
N VAL A 464 -8.40 41.44 -16.58
CA VAL A 464 -8.91 41.99 -17.83
C VAL A 464 -8.55 41.03 -18.95
N LYS A 465 -9.58 40.56 -19.65
CA LYS A 465 -9.47 39.48 -20.61
C LYS A 465 -9.36 40.02 -22.03
N PRO A 466 -8.86 39.19 -22.96
CA PRO A 466 -8.74 39.62 -24.36
C PRO A 466 -10.03 40.23 -24.92
N GLY A 467 -9.91 41.38 -25.55
CA GLY A 467 -11.03 42.03 -26.19
C GLY A 467 -11.82 42.94 -25.28
N PHE A 468 -11.63 42.80 -23.97
CA PHE A 468 -12.39 43.60 -23.01
C PHE A 468 -12.12 45.10 -23.14
N ALA A 469 -10.86 45.49 -22.95
CA ALA A 469 -10.47 46.89 -23.09
C ALA A 469 -11.02 47.53 -24.38
N GLU A 470 -10.86 46.83 -25.50
CA GLU A 470 -11.32 47.38 -26.76
C GLU A 470 -12.86 47.53 -26.77
N ARG A 471 -13.55 46.57 -26.15
CA ARG A 471 -15.00 46.57 -26.17
C ARG A 471 -15.54 47.73 -25.33
N VAL A 472 -14.87 48.08 -24.25
CA VAL A 472 -15.37 49.17 -23.42
C VAL A 472 -14.93 50.53 -23.96
N GLU A 473 -13.79 50.56 -24.65
CA GLU A 473 -13.40 51.78 -25.35
C GLU A 473 -14.45 52.15 -26.39
N ARG A 474 -14.90 51.16 -27.14
CA ARG A 474 -15.91 51.43 -28.15
C ARG A 474 -17.20 51.87 -27.45
N PHE A 475 -17.52 51.21 -26.35
CA PHE A 475 -18.76 51.54 -25.64
C PHE A 475 -18.81 52.99 -25.14
N VAL A 476 -17.73 53.41 -24.48
CA VAL A 476 -17.62 54.79 -23.99
C VAL A 476 -17.60 55.79 -25.15
N ALA A 477 -16.72 55.57 -26.11
CA ALA A 477 -16.58 56.53 -27.20
C ALA A 477 -17.91 56.77 -27.93
N GLN A 478 -18.73 55.72 -28.03
CA GLN A 478 -20.00 55.85 -28.72
C GLN A 478 -21.07 56.55 -27.87
N GLY A 479 -20.74 56.81 -26.60
CA GLY A 479 -21.63 57.60 -25.77
C GLY A 479 -21.99 57.01 -24.41
N GLY A 480 -21.41 55.85 -24.08
CA GLY A 480 -21.71 55.21 -22.81
C GLY A 480 -20.93 55.78 -21.65
N THR A 481 -21.42 55.59 -20.43
CA THR A 481 -20.54 55.83 -19.29
C THR A 481 -20.07 54.50 -18.66
N PHE A 482 -18.81 54.49 -18.28
CA PHE A 482 -18.18 53.29 -17.76
C PHE A 482 -17.53 53.60 -16.44
N VAL A 483 -17.79 52.75 -15.45
CA VAL A 483 -17.25 52.93 -14.13
C VAL A 483 -16.47 51.70 -13.73
N THR A 484 -15.22 51.90 -13.34
CA THR A 484 -14.48 50.85 -12.66
C THR A 484 -13.80 51.42 -11.42
N THR A 485 -12.97 50.64 -10.75
CA THR A 485 -12.55 51.04 -9.41
C THR A 485 -11.10 50.72 -9.08
N PHE A 486 -10.76 50.98 -7.83
CA PHE A 486 -9.46 50.61 -7.29
C PHE A 486 -9.18 49.15 -7.63
N PHE A 487 -7.92 48.85 -7.90
CA PHE A 487 -7.46 47.47 -8.09
C PHE A 487 -8.02 46.79 -9.33
N SER A 488 -8.25 47.56 -10.38
CA SER A 488 -8.75 47.01 -11.64
C SER A 488 -7.68 47.12 -12.70
N GLY A 489 -7.80 46.32 -13.77
CA GLY A 489 -6.85 46.34 -14.86
C GLY A 489 -5.45 45.91 -14.45
N ILE A 490 -5.37 45.10 -13.39
CA ILE A 490 -4.10 44.65 -12.84
C ILE A 490 -3.47 43.45 -13.58
N VAL A 491 -4.28 42.44 -13.91
CA VAL A 491 -3.72 41.23 -14.52
C VAL A 491 -4.43 40.81 -15.78
N ASN A 492 -3.83 39.84 -16.47
CA ASN A 492 -4.48 39.17 -17.60
C ASN A 492 -5.11 37.86 -17.15
N GLU A 493 -5.54 37.06 -18.13
CA GLU A 493 -6.27 35.83 -17.88
C GLU A 493 -5.44 34.77 -17.13
N ASN A 494 -4.12 34.96 -17.07
CA ASN A 494 -3.27 34.01 -16.39
C ASN A 494 -2.82 34.48 -15.02
N ASP A 495 -3.42 35.58 -14.58
CA ASP A 495 -3.07 36.22 -13.33
C ASP A 495 -1.63 36.73 -13.34
N LEU A 496 -1.14 37.07 -14.54
CA LEU A 496 0.14 37.77 -14.69
C LEU A 496 -0.07 39.29 -14.81
N VAL A 497 0.71 40.04 -14.04
CA VAL A 497 0.57 41.49 -14.03
C VAL A 497 0.87 42.15 -15.39
N THR A 498 -0.08 42.96 -15.85
CA THR A 498 0.10 43.81 -17.02
C THR A 498 1.00 44.98 -16.63
N LEU A 499 2.23 44.98 -17.12
CA LEU A 499 3.24 45.98 -16.72
C LEU A 499 3.03 47.36 -17.39
N GLY A 500 3.66 48.39 -16.84
CA GLY A 500 3.58 49.72 -17.45
C GLY A 500 2.80 50.73 -16.63
N GLY A 501 2.04 50.25 -15.65
CA GLY A 501 1.25 51.10 -14.78
C GLY A 501 -0.21 50.66 -14.73
N TYR A 502 -0.75 50.53 -13.53
CA TYR A 502 -2.16 50.23 -13.38
C TYR A 502 -2.91 51.44 -13.88
N PRO A 503 -4.09 51.25 -14.48
CA PRO A 503 -4.80 49.98 -14.69
C PRO A 503 -4.59 49.44 -16.10
N GLY A 504 -3.33 49.41 -16.53
CA GLY A 504 -2.94 48.69 -17.72
C GLY A 504 -3.80 48.96 -18.93
N GLU A 505 -4.41 47.91 -19.46
CA GLU A 505 -5.22 48.03 -20.66
C GLU A 505 -6.36 49.06 -20.50
N LEU A 506 -6.73 49.38 -19.27
CA LEU A 506 -7.79 50.34 -19.02
C LEU A 506 -7.27 51.77 -18.82
N ARG A 507 -5.95 51.90 -18.71
CA ARG A 507 -5.26 53.19 -18.47
C ARG A 507 -5.69 54.29 -19.44
N ASN A 508 -5.84 53.96 -20.71
CA ASN A 508 -6.23 54.94 -21.71
C ASN A 508 -7.65 55.47 -21.47
N VAL A 509 -8.62 54.56 -21.37
CA VAL A 509 -10.01 54.95 -21.28
C VAL A 509 -10.35 55.57 -19.91
N MET A 510 -9.63 55.20 -18.86
CA MET A 510 -9.85 55.81 -17.54
C MET A 510 -9.12 57.15 -17.36
N GLY A 511 -8.05 57.37 -18.12
CA GLY A 511 -7.29 58.61 -18.04
C GLY A 511 -6.61 58.85 -16.70
N ILE A 512 -6.19 57.78 -16.05
CA ILE A 512 -5.48 57.90 -14.78
C ILE A 512 -4.39 56.85 -14.67
N TRP A 513 -3.45 57.08 -13.77
CA TRP A 513 -2.39 56.13 -13.44
C TRP A 513 -2.42 55.85 -11.95
N ALA A 514 -2.74 54.62 -11.55
CA ALA A 514 -2.72 54.29 -10.12
C ALA A 514 -1.34 53.82 -9.69
N GLU A 515 -0.63 54.65 -8.93
CA GLU A 515 0.76 54.40 -8.58
C GLU A 515 0.87 53.25 -7.58
N GLU A 516 0.05 53.32 -6.53
CA GLU A 516 0.13 52.38 -5.43
C GLU A 516 -1.22 52.24 -4.74
N ILE A 517 -1.43 51.10 -4.10
CA ILE A 517 -2.67 50.89 -3.37
C ILE A 517 -2.37 50.72 -1.88
N ASP A 518 -3.23 51.29 -1.04
CA ASP A 518 -3.07 51.23 0.41
C ASP A 518 -4.21 50.49 1.10
N ALA A 519 -3.86 49.41 1.81
CA ALA A 519 -4.86 48.62 2.53
C ALA A 519 -5.09 49.21 3.92
N LEU A 520 -6.34 49.49 4.25
CA LEU A 520 -6.65 50.06 5.56
C LEU A 520 -6.93 48.96 6.59
N LEU A 521 -6.43 49.14 7.81
CA LEU A 521 -6.82 48.29 8.91
C LEU A 521 -8.32 48.42 9.09
N PRO A 522 -8.99 47.33 9.49
CA PRO A 522 -10.44 47.39 9.69
C PRO A 522 -10.80 48.50 10.66
N GLY A 523 -11.94 49.15 10.43
CA GLY A 523 -12.33 50.27 11.27
C GLY A 523 -11.76 51.60 10.83
N HIS A 524 -10.64 51.54 10.11
CA HIS A 524 -10.01 52.74 9.60
C HIS A 524 -10.68 53.21 8.33
N GLN A 525 -10.73 54.53 8.16
CA GLN A 525 -11.41 55.14 7.02
C GLN A 525 -10.62 56.32 6.46
N ASN A 526 -10.91 56.67 5.23
CA ASN A 526 -10.50 57.96 4.72
C ASN A 526 -11.76 58.77 4.42
N GLU A 527 -11.60 59.92 3.81
CA GLU A 527 -12.76 60.69 3.39
C GLU A 527 -12.66 61.15 1.95
N ILE A 528 -13.78 61.03 1.24
CA ILE A 528 -13.94 61.58 -0.09
C ILE A 528 -14.45 63.01 0.01
N VAL A 529 -13.67 63.95 -0.52
CA VAL A 529 -14.03 65.35 -0.46
C VAL A 529 -14.25 65.91 -1.86
N LEU A 530 -15.47 66.35 -2.14
CA LEU A 530 -15.77 66.91 -3.44
C LEU A 530 -15.09 68.26 -3.73
N ARG A 531 -14.60 68.41 -4.95
CA ARG A 531 -13.98 69.66 -5.40
C ARG A 531 -14.98 70.80 -5.39
N GLN A 532 -16.16 70.53 -5.94
CA GLN A 532 -17.28 71.45 -5.91
C GLN A 532 -18.50 70.58 -5.70
N ASP A 533 -19.66 71.21 -5.55
CA ASP A 533 -20.90 70.46 -5.55
C ASP A 533 -21.07 69.88 -6.95
N TRP A 534 -21.62 68.67 -7.01
CA TRP A 534 -21.85 68.01 -8.28
C TRP A 534 -23.10 67.14 -8.18
N GLY A 535 -24.19 67.59 -8.79
CA GLY A 535 -25.48 66.93 -8.67
C GLY A 535 -25.80 66.61 -7.23
N GLY A 536 -26.11 65.35 -6.96
CA GLY A 536 -26.42 64.90 -5.61
C GLY A 536 -25.20 64.67 -4.73
N LEU A 537 -24.03 64.96 -5.27
CA LEU A 537 -22.79 64.81 -4.50
C LEU A 537 -22.30 66.15 -3.91
N ARG A 538 -22.26 66.23 -2.59
CA ARG A 538 -21.94 67.47 -1.91
C ARG A 538 -21.07 67.23 -0.69
N GLY A 539 -20.00 68.00 -0.55
CA GLY A 539 -19.18 67.97 0.64
C GLY A 539 -18.30 66.74 0.79
N SER A 540 -18.53 66.01 1.87
CA SER A 540 -17.59 64.97 2.28
C SER A 540 -18.27 63.62 2.58
N TYR A 541 -17.67 62.54 2.09
CA TYR A 541 -18.17 61.19 2.37
C TYR A 541 -17.03 60.33 2.90
N SER A 542 -17.35 59.23 3.57
CA SER A 542 -16.31 58.36 4.08
C SER A 542 -16.02 57.18 3.14
N CYS A 543 -14.77 56.70 3.13
CA CYS A 543 -14.38 55.55 2.32
C CYS A 543 -13.40 54.62 3.04
N GLY A 544 -13.31 53.36 2.61
CA GLY A 544 -12.47 52.40 3.30
C GLY A 544 -11.97 51.19 2.52
N ILE A 545 -11.35 50.26 3.24
CA ILE A 545 -10.81 49.01 2.68
C ILE A 545 -9.50 49.19 1.92
N LEU A 546 -9.56 49.83 0.75
CA LEU A 546 -8.39 50.05 -0.07
C LEU A 546 -8.46 51.47 -0.61
N CYS A 547 -7.34 52.16 -0.61
CA CYS A 547 -7.28 53.48 -1.22
C CYS A 547 -6.22 53.47 -2.27
N ASP A 548 -6.65 53.59 -3.52
CA ASP A 548 -5.74 53.72 -4.63
C ASP A 548 -5.19 55.15 -4.67
N VAL A 549 -3.88 55.26 -4.80
CA VAL A 549 -3.20 56.54 -4.95
C VAL A 549 -2.92 56.75 -6.43
N ILE A 550 -3.65 57.68 -7.06
CA ILE A 550 -3.58 57.84 -8.50
C ILE A 550 -3.18 59.24 -8.96
N HIS A 551 -2.89 59.35 -10.26
CA HIS A 551 -2.58 60.61 -10.92
C HIS A 551 -3.52 60.81 -12.11
N ALA A 552 -4.23 61.93 -12.15
CA ALA A 552 -5.03 62.25 -13.34
C ALA A 552 -4.09 62.55 -14.50
N GLU A 553 -4.33 61.91 -15.64
CA GLU A 553 -3.54 62.20 -16.82
C GLU A 553 -4.38 62.98 -17.82
N THR A 554 -5.49 62.39 -18.25
CA THR A 554 -6.40 63.04 -19.15
C THR A 554 -7.70 63.39 -18.43
N ALA A 555 -7.97 62.69 -17.34
CA ALA A 555 -9.23 62.83 -16.62
C ALA A 555 -9.22 64.01 -15.65
N GLU A 556 -10.40 64.57 -15.39
CA GLU A 556 -10.50 65.66 -14.43
C GLU A 556 -10.89 65.11 -13.07
N VAL A 557 -10.51 65.81 -12.01
CA VAL A 557 -10.72 65.35 -10.65
C VAL A 557 -11.99 65.95 -10.03
N LEU A 558 -12.95 65.11 -9.72
CA LEU A 558 -14.19 65.56 -9.10
C LEU A 558 -14.09 65.51 -7.58
N ALA A 559 -13.15 64.72 -7.07
CA ALA A 559 -13.10 64.47 -5.64
C ALA A 559 -11.73 64.00 -5.22
N GLU A 560 -11.33 64.37 -4.02
CA GLU A 560 -10.00 64.02 -3.55
C GLU A 560 -10.01 63.52 -2.12
N TYR A 561 -8.96 62.78 -1.75
CA TYR A 561 -8.85 62.26 -0.39
C TYR A 561 -8.69 63.39 0.61
N GLY A 562 -9.30 63.22 1.78
CA GLY A 562 -9.24 64.26 2.80
C GLY A 562 -8.32 63.98 3.98
N ALA A 563 -7.56 62.90 3.90
CA ALA A 563 -6.72 62.48 5.03
C ALA A 563 -5.53 61.62 4.63
N ASP A 564 -4.60 61.44 5.56
CA ASP A 564 -3.42 60.58 5.39
C ASP A 564 -2.44 61.20 4.41
N TYR A 565 -1.36 60.47 4.12
CA TYR A 565 -0.29 61.03 3.31
C TYR A 565 -0.69 61.29 1.85
N TYR A 566 -1.77 60.66 1.37
CA TYR A 566 -2.25 60.93 0.01
C TYR A 566 -3.41 61.94 -0.04
N LYS A 567 -3.62 62.64 1.07
CA LYS A 567 -4.59 63.74 1.11
C LYS A 567 -4.35 64.70 -0.05
N GLY A 568 -5.43 65.10 -0.72
CA GLY A 568 -5.34 66.04 -1.83
C GLY A 568 -5.20 65.38 -3.19
N THR A 569 -4.85 64.10 -3.21
CA THR A 569 -4.80 63.35 -4.46
C THR A 569 -6.20 62.88 -4.85
N PRO A 570 -6.39 62.57 -6.14
CA PRO A 570 -7.73 62.22 -6.64
C PRO A 570 -8.28 60.90 -6.09
N VAL A 571 -9.58 60.87 -5.83
CA VAL A 571 -10.26 59.67 -5.38
C VAL A 571 -11.43 59.39 -6.31
N LEU A 572 -11.87 60.42 -7.03
CA LEU A 572 -12.95 60.26 -8.00
C LEU A 572 -12.66 61.13 -9.20
N THR A 573 -12.48 60.50 -10.36
CA THR A 573 -12.14 61.20 -11.59
C THR A 573 -13.19 60.96 -12.67
N ARG A 574 -13.23 61.85 -13.65
CA ARG A 574 -14.10 61.67 -14.81
C ARG A 574 -13.30 61.91 -16.07
N ASN A 575 -13.34 60.94 -16.96
CA ASN A 575 -12.61 61.04 -18.21
C ASN A 575 -13.57 61.16 -19.38
N LYS A 576 -13.52 62.28 -20.10
CA LYS A 576 -14.32 62.46 -21.30
C LYS A 576 -13.60 61.72 -22.44
N PHE A 577 -14.31 60.82 -23.12
CA PHE A 577 -13.69 59.90 -24.07
C PHE A 577 -14.67 59.66 -25.20
N GLY A 578 -14.39 60.23 -26.38
CA GLY A 578 -15.38 60.25 -27.44
C GLY A 578 -16.62 60.99 -26.92
N ASN A 579 -17.79 60.43 -27.16
CA ASN A 579 -19.04 61.03 -26.68
C ASN A 579 -19.41 60.60 -25.27
N GLY A 580 -18.63 59.68 -24.72
CA GLY A 580 -18.93 59.13 -23.41
C GLY A 580 -17.99 59.63 -22.34
N GLN A 581 -18.08 58.97 -21.19
CA GLN A 581 -17.34 59.34 -19.99
C GLN A 581 -17.00 58.09 -19.19
N SER A 582 -15.83 58.06 -18.59
CA SER A 582 -15.47 56.96 -17.71
C SER A 582 -15.17 57.53 -16.33
N TYR A 583 -15.67 56.87 -15.29
CA TYR A 583 -15.39 57.29 -13.93
C TYR A 583 -14.51 56.27 -13.21
N TYR A 584 -13.45 56.74 -12.57
CA TYR A 584 -12.63 55.85 -11.75
C TYR A 584 -12.93 56.16 -10.29
N VAL A 585 -13.18 55.12 -9.50
CA VAL A 585 -13.47 55.28 -8.08
C VAL A 585 -12.37 54.62 -7.28
N ALA A 586 -11.48 55.45 -6.71
CA ALA A 586 -10.21 54.97 -6.16
C ALA A 586 -10.31 54.33 -4.78
N SER A 587 -11.50 54.32 -4.20
CA SER A 587 -11.66 53.69 -2.90
C SER A 587 -13.05 53.09 -2.80
N SER A 588 -13.35 52.44 -1.69
CA SER A 588 -14.66 51.84 -1.49
C SER A 588 -15.49 52.80 -0.64
N PRO A 589 -16.46 53.48 -1.29
CA PRO A 589 -17.24 54.56 -0.68
C PRO A 589 -18.38 54.02 0.16
N ASP A 590 -18.88 54.85 1.07
CA ASP A 590 -20.06 54.50 1.84
C ASP A 590 -21.30 54.62 0.95
N ALA A 591 -22.45 54.22 1.47
CA ALA A 591 -23.63 54.07 0.63
C ALA A 591 -24.20 55.41 0.19
N ASP A 592 -23.98 56.45 1.00
CA ASP A 592 -24.43 57.79 0.64
C ASP A 592 -23.76 58.27 -0.64
N PHE A 593 -22.42 58.21 -0.67
CA PHE A 593 -21.68 58.56 -1.86
C PHE A 593 -22.21 57.79 -3.06
N LEU A 594 -22.38 56.48 -2.90
CA LEU A 594 -22.81 55.65 -4.02
C LEU A 594 -24.24 55.99 -4.47
N GLN A 595 -25.11 56.31 -3.51
CA GLN A 595 -26.42 56.84 -3.87
C GLN A 595 -26.24 58.08 -4.75
N GLY A 596 -25.45 59.03 -4.26
CA GLY A 596 -25.15 60.24 -5.01
C GLY A 596 -24.55 60.01 -6.38
N LEU A 597 -23.53 59.17 -6.46
CA LEU A 597 -22.85 58.93 -7.72
C LEU A 597 -23.80 58.27 -8.73
N ILE A 598 -24.54 57.27 -8.26
CA ILE A 598 -25.47 56.57 -9.13
C ILE A 598 -26.51 57.53 -9.71
N ALA A 599 -27.13 58.32 -8.84
CA ALA A 599 -28.10 59.31 -9.28
C ALA A 599 -27.47 60.25 -10.31
N ASN A 600 -26.27 60.74 -10.01
CA ASN A 600 -25.57 61.59 -10.96
C ASN A 600 -25.41 60.92 -12.31
N LEU A 601 -24.89 59.70 -12.30
CA LEU A 601 -24.60 58.98 -13.54
C LEU A 601 -25.84 58.66 -14.38
N CYS A 602 -26.94 58.31 -13.70
CA CYS A 602 -28.18 57.98 -14.40
C CYS A 602 -28.76 59.25 -15.02
N GLU A 603 -28.81 60.30 -14.22
CA GLU A 603 -29.27 61.60 -14.72
C GLU A 603 -28.48 61.99 -15.98
N GLU A 604 -27.15 61.90 -15.90
CA GLU A 604 -26.29 62.26 -17.02
C GLU A 604 -26.65 61.52 -18.32
N GLN A 605 -27.31 60.38 -18.20
CA GLN A 605 -27.64 59.59 -19.38
C GLN A 605 -29.16 59.46 -19.64
N GLY A 606 -29.96 60.23 -18.93
CA GLY A 606 -31.40 60.19 -19.16
C GLY A 606 -32.12 58.97 -18.59
N VAL A 607 -31.46 58.21 -17.71
CA VAL A 607 -32.15 57.08 -17.10
C VAL A 607 -32.70 57.45 -15.73
N LYS A 608 -33.98 57.14 -15.52
CA LYS A 608 -34.68 57.54 -14.30
C LYS A 608 -35.24 56.34 -13.56
N PRO A 609 -35.44 56.49 -12.24
CA PRO A 609 -36.10 55.46 -11.44
C PRO A 609 -37.39 55.00 -12.12
N LEU A 610 -37.77 53.74 -11.91
CA LEU A 610 -39.04 53.24 -12.40
C LEU A 610 -40.16 53.95 -11.64
N LEU A 611 -39.88 54.26 -10.39
CA LEU A 611 -40.89 54.74 -9.46
C LEU A 611 -40.11 55.17 -8.24
N ASN A 612 -40.54 56.25 -7.59
CA ASN A 612 -39.99 56.58 -6.27
C ASN A 612 -40.83 55.93 -5.19
N THR A 613 -40.18 55.19 -4.30
CA THR A 613 -40.87 54.49 -3.22
C THR A 613 -40.10 54.64 -1.94
N PRO A 614 -40.79 54.47 -0.80
CA PRO A 614 -40.16 54.51 0.53
C PRO A 614 -39.14 53.37 0.63
N ASP A 615 -38.23 53.49 1.58
CA ASP A 615 -37.18 52.48 1.76
C ASP A 615 -37.78 51.09 1.96
N GLY A 616 -37.12 50.08 1.41
CA GLY A 616 -37.57 48.71 1.59
C GLY A 616 -38.72 48.36 0.68
N VAL A 617 -39.17 49.34 -0.10
CA VAL A 617 -40.14 49.07 -1.17
C VAL A 617 -39.41 48.93 -2.50
N GLU A 618 -39.29 47.70 -2.98
CA GLU A 618 -38.52 47.40 -4.19
C GLU A 618 -39.37 47.43 -5.47
N VAL A 619 -38.81 47.98 -6.54
CA VAL A 619 -39.51 48.01 -7.82
C VAL A 619 -38.63 47.48 -8.95
N ALA A 620 -39.20 46.60 -9.78
CA ALA A 620 -38.50 46.06 -10.94
C ALA A 620 -39.51 45.87 -12.05
N GLU A 621 -39.04 45.94 -13.29
CA GLU A 621 -39.94 45.89 -14.43
C GLU A 621 -39.52 44.83 -15.42
N ARG A 622 -40.50 44.09 -15.94
CA ARG A 622 -40.29 43.22 -17.10
C ARG A 622 -41.24 43.68 -18.20
N VAL A 623 -40.74 43.68 -19.43
CA VAL A 623 -41.47 44.23 -20.56
C VAL A 623 -41.78 43.14 -21.58
N LYS A 624 -43.03 43.10 -22.03
CA LYS A 624 -43.50 42.09 -22.97
C LYS A 624 -44.30 42.76 -24.06
N ASN A 625 -43.83 42.67 -25.30
CA ASN A 625 -44.46 43.42 -26.40
C ASN A 625 -44.40 44.93 -26.16
N GLY A 626 -45.56 45.58 -26.07
CA GLY A 626 -45.59 47.00 -25.76
C GLY A 626 -45.93 47.30 -24.31
N THR A 627 -46.06 46.23 -23.53
CA THR A 627 -46.60 46.33 -22.18
C THR A 627 -45.53 46.14 -21.10
N SER A 628 -45.57 47.01 -20.11
CA SER A 628 -44.60 46.99 -19.03
C SER A 628 -45.26 46.52 -17.74
N TYR A 629 -44.60 45.62 -17.02
CA TYR A 629 -45.12 45.11 -15.77
C TYR A 629 -44.21 45.54 -14.63
N LEU A 630 -44.74 46.36 -13.71
CA LEU A 630 -43.95 46.82 -12.58
C LEU A 630 -44.23 45.99 -11.33
N PHE A 631 -43.24 45.22 -10.92
CA PHE A 631 -43.35 44.47 -9.68
C PHE A 631 -43.03 45.39 -8.51
N VAL A 632 -44.01 45.59 -7.63
CA VAL A 632 -43.79 46.39 -6.45
C VAL A 632 -43.89 45.53 -5.22
N MET A 633 -42.84 45.54 -4.41
CA MET A 633 -42.70 44.59 -3.34
C MET A 633 -42.29 45.24 -2.04
N ASN A 634 -43.16 45.15 -1.04
CA ASN A 634 -42.96 45.84 0.22
C ASN A 634 -42.29 44.95 1.25
N HIS A 635 -40.98 45.10 1.36
CA HIS A 635 -40.22 44.30 2.30
C HIS A 635 -40.46 44.70 3.76
N ASN A 636 -41.13 45.82 3.97
CA ASN A 636 -41.39 46.28 5.34
C ASN A 636 -42.51 45.55 6.07
N ALA A 637 -42.37 45.47 7.38
CA ALA A 637 -43.36 44.87 8.25
C ALA A 637 -44.60 45.74 8.37
N GLU A 638 -44.58 46.90 7.71
CA GLU A 638 -45.70 47.85 7.79
C GLU A 638 -46.25 48.26 6.41
N GLU A 639 -47.52 48.65 6.39
CA GLU A 639 -48.13 49.23 5.19
C GLU A 639 -47.27 50.38 4.66
N MET A 640 -47.34 50.64 3.37
CA MET A 640 -46.53 51.70 2.78
C MET A 640 -47.36 52.36 1.68
N THR A 641 -47.10 53.63 1.40
CA THR A 641 -47.82 54.31 0.32
C THR A 641 -46.83 55.02 -0.60
N PHE A 642 -47.12 55.02 -1.90
CA PHE A 642 -46.22 55.62 -2.87
C PHE A 642 -47.01 56.18 -4.03
N ASP A 643 -46.33 56.91 -4.90
CA ASP A 643 -46.95 57.45 -6.09
C ASP A 643 -46.74 56.49 -7.25
N ALA A 644 -47.83 55.87 -7.71
CA ALA A 644 -47.76 54.82 -8.71
C ALA A 644 -47.72 55.36 -10.13
N GLY A 645 -47.73 56.68 -10.25
CA GLY A 645 -47.78 57.32 -11.55
C GLY A 645 -49.19 57.68 -11.95
N ALA A 646 -49.31 58.54 -12.95
CA ALA A 646 -50.61 59.02 -13.41
C ALA A 646 -51.23 58.11 -14.46
N SER A 647 -50.41 57.35 -15.18
CA SER A 647 -50.91 56.56 -16.29
C SER A 647 -51.95 55.55 -15.82
N ARG A 648 -52.89 55.24 -16.72
CA ARG A 648 -53.94 54.30 -16.37
C ARG A 648 -53.38 52.88 -16.38
N GLN A 649 -53.55 52.20 -15.24
CA GLN A 649 -52.92 50.91 -15.02
C GLN A 649 -53.67 50.12 -13.94
N ARG A 650 -53.51 48.80 -13.94
CA ARG A 650 -54.16 47.98 -12.92
C ARG A 650 -53.19 47.03 -12.23
N ASP A 651 -53.50 46.67 -11.01
CA ASP A 651 -52.75 45.63 -10.32
C ASP A 651 -53.27 44.29 -10.81
N LEU A 652 -52.37 43.46 -11.37
CA LEU A 652 -52.76 42.13 -11.84
C LEU A 652 -53.24 41.22 -10.71
N LEU A 653 -52.80 41.49 -9.49
CA LEU A 653 -53.11 40.62 -8.36
C LEU A 653 -54.44 40.95 -7.68
N THR A 654 -54.96 42.16 -7.90
CA THR A 654 -56.23 42.56 -7.29
C THR A 654 -57.30 42.90 -8.32
N GLY A 655 -56.87 43.10 -9.57
CA GLY A 655 -57.78 43.54 -10.61
C GLY A 655 -58.09 45.03 -10.58
N LYS A 656 -57.69 45.71 -9.51
CA LYS A 656 -58.04 47.12 -9.34
C LYS A 656 -57.20 48.06 -10.19
N THR A 657 -57.80 49.19 -10.54
CA THR A 657 -57.13 50.25 -11.28
C THR A 657 -56.33 51.09 -10.29
N ILE A 658 -55.05 51.31 -10.58
CA ILE A 658 -54.20 52.09 -9.68
C ILE A 658 -53.74 53.41 -10.33
N SER A 659 -53.90 54.51 -9.60
CA SER A 659 -53.51 55.82 -10.11
C SER A 659 -53.06 56.69 -8.94
N GLY A 660 -52.01 57.47 -9.17
CA GLY A 660 -51.53 58.38 -8.15
C GLY A 660 -51.08 57.65 -6.90
N GLN A 661 -51.43 58.17 -5.74
CA GLN A 661 -51.04 57.54 -4.48
C GLN A 661 -51.70 56.18 -4.35
N ALA A 662 -50.90 55.19 -3.95
CA ALA A 662 -51.39 53.85 -3.71
C ALA A 662 -50.71 53.36 -2.45
N THR A 663 -51.40 52.49 -1.70
CA THR A 663 -50.82 51.91 -0.50
C THR A 663 -50.57 50.44 -0.75
N ILE A 664 -49.43 49.95 -0.29
CA ILE A 664 -49.12 48.54 -0.39
C ILE A 664 -49.08 47.93 1.01
N PRO A 665 -49.76 46.78 1.19
CA PRO A 665 -49.77 46.17 2.52
C PRO A 665 -48.37 45.70 2.89
N ALA A 666 -48.15 45.49 4.19
CA ALA A 666 -46.90 44.94 4.68
C ALA A 666 -46.62 43.60 3.99
N ARG A 667 -45.37 43.37 3.62
CA ARG A 667 -44.96 42.18 2.90
C ARG A 667 -45.75 42.01 1.61
N GLY A 668 -46.25 43.13 1.09
CA GLY A 668 -47.20 43.05 -0.01
C GLY A 668 -46.54 43.09 -1.36
N VAL A 669 -47.30 42.68 -2.37
CA VAL A 669 -46.81 42.68 -3.73
C VAL A 669 -47.91 43.22 -4.64
N MET A 670 -47.55 44.13 -5.54
CA MET A 670 -48.43 44.53 -6.62
C MET A 670 -47.71 44.31 -7.94
N ILE A 671 -48.47 43.94 -8.97
CA ILE A 671 -47.92 43.83 -10.32
C ILE A 671 -48.70 44.79 -11.23
N LEU A 672 -48.16 45.98 -11.43
CA LEU A 672 -48.79 46.99 -12.28
C LEU A 672 -48.58 46.76 -13.79
N GLU A 673 -49.69 46.65 -14.52
CA GLU A 673 -49.68 46.47 -15.97
C GLU A 673 -49.99 47.80 -16.67
N ARG A 674 -49.00 48.33 -17.40
CA ARG A 674 -49.06 49.67 -17.97
C ARG A 674 -48.49 49.69 -19.39
N ALA A 675 -48.55 50.85 -20.04
CA ALA A 675 -47.98 50.99 -21.38
C ALA A 675 -46.54 51.48 -21.34
N MET B 1 35.07 44.88 9.53
CA MET B 1 33.98 44.89 8.56
C MET B 1 33.59 43.47 8.15
N ILE B 2 32.31 43.29 7.81
CA ILE B 2 31.81 42.04 7.27
C ILE B 2 32.69 41.54 6.11
N ASN B 3 33.09 42.46 5.23
CA ASN B 3 34.05 42.16 4.18
C ASN B 3 34.88 43.37 3.77
N GLU B 4 36.19 43.28 3.98
CA GLU B 4 37.09 44.41 3.78
C GLU B 4 36.94 45.07 2.42
N LYS B 5 36.66 44.28 1.39
CA LYS B 5 36.65 44.85 0.03
C LYS B 5 35.37 45.66 -0.28
N PHE B 6 34.47 45.76 0.70
CA PHE B 6 33.19 46.43 0.53
C PHE B 6 32.91 47.28 1.77
N PRO B 7 33.51 48.49 1.85
CA PRO B 7 33.66 49.29 3.07
C PRO B 7 32.57 50.33 3.39
N LYS B 8 31.31 49.99 3.15
CA LYS B 8 30.21 50.85 3.57
C LYS B 8 29.06 49.94 4.01
N ILE B 9 27.97 50.52 4.46
CA ILE B 9 26.77 49.75 4.73
C ILE B 9 26.21 49.27 3.40
N TRP B 10 26.21 47.96 3.17
CA TRP B 10 25.76 47.43 1.88
C TRP B 10 24.32 47.82 1.59
N TYR B 11 24.01 48.10 0.33
CA TYR B 11 22.67 48.54 -0.05
C TYR B 11 22.21 47.85 -1.35
N GLY B 12 21.04 47.23 -1.29
CA GLY B 12 20.54 46.41 -2.39
C GLY B 12 19.60 45.33 -1.86
N GLY B 13 19.76 44.10 -2.34
CA GLY B 13 18.92 43.02 -1.84
C GLY B 13 18.68 41.93 -2.86
N ASP B 14 17.66 41.10 -2.61
CA ASP B 14 17.26 40.01 -3.52
C ASP B 14 16.98 40.51 -4.94
N TYR B 15 17.57 39.82 -5.91
CA TYR B 15 17.51 40.25 -7.29
C TYR B 15 17.39 39.04 -8.20
N ASN B 16 16.40 39.05 -9.08
CA ASN B 16 16.02 37.86 -9.84
C ASN B 16 15.88 38.07 -11.33
N PRO B 17 16.96 38.52 -11.98
CA PRO B 17 16.95 38.81 -13.42
C PRO B 17 16.47 37.63 -14.24
N GLU B 18 16.74 36.41 -13.79
CA GLU B 18 16.39 35.21 -14.55
C GLU B 18 14.88 35.06 -14.72
N GLN B 19 14.12 35.87 -13.99
CA GLN B 19 12.69 35.95 -14.22
C GLN B 19 12.39 36.84 -15.41
N TRP B 20 13.36 37.63 -15.83
CA TRP B 20 13.15 38.61 -16.89
C TRP B 20 14.00 38.31 -18.12
N ASP B 21 14.53 39.35 -18.75
CA ASP B 21 15.42 39.17 -19.89
C ASP B 21 16.51 40.23 -19.88
N LYS B 22 17.39 40.17 -20.86
CA LYS B 22 18.53 41.06 -20.96
C LYS B 22 18.12 42.54 -21.07
N ALA B 23 17.11 42.81 -21.88
CA ALA B 23 16.60 44.17 -22.00
C ALA B 23 16.29 44.76 -20.63
N THR B 24 15.61 43.99 -19.77
CA THR B 24 15.18 44.56 -18.49
C THR B 24 16.36 44.69 -17.54
N MET B 25 17.37 43.87 -17.74
CA MET B 25 18.57 44.02 -16.93
C MET B 25 19.30 45.36 -17.16
N GLU B 26 19.30 45.86 -18.40
CA GLU B 26 19.91 47.16 -18.68
C GLU B 26 19.22 48.28 -17.90
N GLU B 27 17.89 48.28 -17.93
CA GLU B 27 17.11 49.18 -17.09
C GLU B 27 17.44 48.99 -15.60
N ASP B 28 17.56 47.72 -15.19
CA ASP B 28 17.95 47.38 -13.84
C ASP B 28 19.24 48.09 -13.46
N MET B 29 20.29 47.93 -14.28
CA MET B 29 21.58 48.53 -13.95
C MET B 29 21.45 50.05 -13.82
N ARG B 30 20.80 50.66 -14.80
CA ARG B 30 20.56 52.09 -14.78
C ARG B 30 19.92 52.55 -13.47
N MET B 31 18.85 51.87 -13.05
CA MET B 31 18.11 52.31 -11.88
C MET B 31 18.83 52.04 -10.56
N PHE B 32 19.55 50.92 -10.48
CA PHE B 32 20.34 50.61 -9.29
C PHE B 32 21.37 51.70 -9.06
N ASN B 33 21.94 52.17 -10.17
CA ASN B 33 22.88 53.27 -10.13
C ASN B 33 22.25 54.54 -9.56
N LEU B 34 21.05 54.86 -10.05
CA LEU B 34 20.27 55.96 -9.51
C LEU B 34 20.05 55.85 -8.00
N ALA B 35 19.80 54.65 -7.52
CA ALA B 35 19.39 54.44 -6.12
C ALA B 35 20.56 54.18 -5.18
N GLY B 36 21.77 54.10 -5.73
CA GLY B 36 22.94 53.86 -4.91
C GLY B 36 23.02 52.43 -4.43
N ILE B 37 22.42 51.55 -5.20
CA ILE B 37 22.38 50.14 -4.88
C ILE B 37 23.69 49.50 -5.31
N ASP B 38 24.35 48.82 -4.39
CA ASP B 38 25.69 48.28 -4.66
C ASP B 38 25.89 46.79 -4.31
N VAL B 39 24.82 46.12 -3.91
CA VAL B 39 24.89 44.69 -3.61
C VAL B 39 23.62 43.97 -4.06
N ALA B 40 23.78 42.81 -4.69
CA ALA B 40 22.66 42.00 -5.13
C ALA B 40 22.74 40.56 -4.64
N THR B 41 21.66 40.09 -4.03
CA THR B 41 21.59 38.70 -3.61
C THR B 41 20.98 37.90 -4.75
N VAL B 42 21.77 37.01 -5.35
CA VAL B 42 21.34 36.33 -6.56
C VAL B 42 21.28 34.81 -6.42
N ASN B 43 20.56 34.17 -7.33
CA ASN B 43 20.48 32.72 -7.37
C ASN B 43 19.84 32.06 -6.14
N VAL B 44 18.87 32.72 -5.52
CA VAL B 44 18.25 32.12 -4.35
C VAL B 44 17.35 30.98 -4.73
N PHE B 45 16.65 31.14 -5.86
CA PHE B 45 15.61 30.18 -6.22
C PHE B 45 15.67 29.72 -7.67
N SER B 46 16.79 29.13 -8.09
CA SER B 46 16.90 28.63 -9.47
C SER B 46 17.52 27.25 -9.60
N TRP B 47 17.35 26.44 -8.57
CA TRP B 47 17.92 25.11 -8.59
C TRP B 47 17.51 24.38 -9.89
N ALA B 48 16.23 24.44 -10.22
CA ALA B 48 15.72 23.72 -11.40
C ALA B 48 16.27 24.33 -12.68
N LYS B 49 16.49 25.64 -12.66
CA LYS B 49 17.08 26.29 -13.81
C LYS B 49 18.51 25.79 -14.04
N ILE B 50 19.26 25.64 -12.95
CA ILE B 50 20.61 25.13 -13.05
C ILE B 50 20.60 23.64 -13.39
N GLN B 51 19.74 22.88 -12.72
CA GLN B 51 19.82 21.43 -12.80
C GLN B 51 18.48 20.85 -13.27
N ARG B 52 18.46 20.30 -14.49
CA ARG B 52 17.23 19.76 -15.07
C ARG B 52 17.08 18.24 -14.86
N ASP B 53 18.16 17.58 -14.49
CA ASP B 53 18.10 16.18 -14.08
C ASP B 53 19.30 15.83 -13.20
N GLU B 54 19.48 14.56 -12.90
CA GLU B 54 20.47 14.26 -11.87
C GLU B 54 21.90 14.40 -12.35
N VAL B 55 22.04 14.76 -13.62
CA VAL B 55 23.33 14.68 -14.30
C VAL B 55 23.70 15.97 -15.07
N SER B 56 22.75 16.89 -15.23
CA SER B 56 22.96 18.07 -16.07
C SER B 56 22.98 19.36 -15.26
N TYR B 57 24.01 20.17 -15.46
CA TYR B 57 24.15 21.46 -14.81
C TYR B 57 24.41 22.56 -15.83
N ASP B 58 23.60 23.60 -15.77
CA ASP B 58 23.81 24.79 -16.59
C ASP B 58 24.02 26.05 -15.73
N PHE B 59 25.23 26.60 -15.77
CA PHE B 59 25.54 27.81 -14.99
C PHE B 59 25.69 29.07 -15.85
N THR B 60 25.55 28.94 -17.17
CA THR B 60 25.86 30.04 -18.06
C THR B 60 25.01 31.27 -17.80
N TRP B 61 23.73 31.06 -17.55
CA TRP B 61 22.80 32.17 -17.29
C TRP B 61 23.26 32.92 -16.04
N LEU B 62 23.76 32.18 -15.05
CA LEU B 62 24.29 32.77 -13.82
C LEU B 62 25.63 33.50 -14.08
N ASP B 63 26.43 32.95 -14.99
CA ASP B 63 27.68 33.59 -15.41
C ASP B 63 27.41 35.01 -15.93
N ASP B 64 26.41 35.14 -16.80
CA ASP B 64 26.06 36.43 -17.40
C ASP B 64 25.56 37.46 -16.38
N ILE B 65 24.81 36.99 -15.40
CA ILE B 65 24.31 37.86 -14.35
C ILE B 65 25.47 38.42 -13.55
N ILE B 66 26.38 37.53 -13.15
CA ILE B 66 27.54 37.90 -12.33
C ILE B 66 28.46 38.84 -13.12
N GLU B 67 28.64 38.55 -14.40
CA GLU B 67 29.50 39.34 -15.25
C GLU B 67 28.92 40.74 -15.48
N ARG B 68 27.62 40.81 -15.70
CA ARG B 68 26.93 42.08 -15.93
C ARG B 68 26.99 43.00 -14.69
N LEU B 69 26.77 42.40 -13.52
CA LEU B 69 26.82 43.15 -12.28
C LEU B 69 28.24 43.59 -11.97
N THR B 70 29.20 42.73 -12.28
CA THR B 70 30.61 43.07 -12.10
C THR B 70 31.00 44.32 -12.88
N LYS B 71 30.57 44.41 -14.14
CA LYS B 71 30.82 45.59 -14.97
C LYS B 71 30.32 46.86 -14.30
N GLU B 72 29.25 46.72 -13.52
CA GLU B 72 28.62 47.84 -12.85
C GLU B 72 29.28 48.08 -11.48
N ASN B 73 30.21 47.19 -11.15
CA ASN B 73 30.83 47.15 -9.83
C ASN B 73 29.86 46.94 -8.67
N ILE B 74 28.85 46.11 -8.90
CA ILE B 74 27.91 45.74 -7.85
C ILE B 74 28.41 44.46 -7.21
N TYR B 75 28.32 44.37 -5.90
CA TYR B 75 28.83 43.18 -5.22
C TYR B 75 27.79 42.05 -5.14
N LEU B 76 28.29 40.82 -5.11
CA LEU B 76 27.43 39.66 -5.16
C LEU B 76 27.30 38.89 -3.84
N CYS B 77 26.10 38.88 -3.31
CA CYS B 77 25.75 37.94 -2.24
C CYS B 77 25.17 36.72 -2.94
N LEU B 78 25.99 35.69 -3.08
CA LEU B 78 25.66 34.54 -3.91
C LEU B 78 25.01 33.39 -3.14
N ALA B 79 23.75 33.14 -3.46
CA ALA B 79 23.01 32.05 -2.80
C ALA B 79 23.26 30.70 -3.48
N THR B 80 23.07 29.62 -2.72
CA THR B 80 23.34 28.28 -3.21
C THR B 80 22.17 27.63 -3.99
N SER B 81 21.00 28.27 -3.95
CA SER B 81 19.82 27.82 -4.71
C SER B 81 19.08 26.64 -4.08
N THR B 82 19.48 26.25 -2.86
CA THR B 82 18.93 25.06 -2.24
C THR B 82 17.65 25.28 -1.40
N GLY B 83 17.10 26.49 -1.46
CA GLY B 83 15.92 26.80 -0.67
C GLY B 83 14.61 26.29 -1.25
N ALA B 84 14.66 25.74 -2.45
CA ALA B 84 13.50 25.08 -3.05
C ALA B 84 14.00 24.07 -4.08
N HIS B 85 13.63 22.81 -3.91
CA HIS B 85 14.14 21.79 -4.80
C HIS B 85 13.32 21.75 -6.10
N PRO B 86 13.88 21.16 -7.17
CA PRO B 86 13.20 21.09 -8.46
C PRO B 86 12.05 20.10 -8.47
N ALA B 87 11.02 20.39 -9.26
CA ALA B 87 9.88 19.48 -9.38
C ALA B 87 10.26 18.08 -9.87
N TRP B 88 11.25 17.99 -10.76
CA TRP B 88 11.64 16.66 -11.25
C TRP B 88 12.19 15.82 -10.10
N MET B 89 12.78 16.50 -9.12
CA MET B 89 13.42 15.82 -8.02
C MET B 89 12.35 15.32 -7.05
N ALA B 90 11.35 16.16 -6.77
CA ALA B 90 10.21 15.74 -5.93
C ALA B 90 9.50 14.54 -6.57
N LYS B 91 9.40 14.54 -7.90
CA LYS B 91 8.69 13.49 -8.61
C LYS B 91 9.50 12.19 -8.63
N LYS B 92 10.79 12.29 -8.91
CA LYS B 92 11.60 11.08 -9.03
C LYS B 92 12.07 10.57 -7.68
N TYR B 93 12.30 11.47 -6.73
CA TYR B 93 12.87 11.11 -5.44
C TYR B 93 12.03 11.66 -4.30
N PRO B 94 10.87 11.04 -4.06
CA PRO B 94 9.90 11.50 -3.05
C PRO B 94 10.51 11.61 -1.65
N ASP B 95 11.64 10.93 -1.40
CA ASP B 95 12.28 11.03 -0.08
C ASP B 95 12.63 12.49 0.23
N VAL B 96 12.67 13.29 -0.82
CA VAL B 96 12.98 14.71 -0.72
C VAL B 96 11.82 15.51 -0.10
N LEU B 97 10.60 14.98 -0.19
CA LEU B 97 9.40 15.70 0.28
C LEU B 97 9.13 15.44 1.76
N ARG B 98 8.47 16.39 2.44
CA ARG B 98 8.17 16.20 3.85
C ARG B 98 6.86 15.45 4.09
N VAL B 99 6.76 14.83 5.27
CA VAL B 99 5.50 14.40 5.82
C VAL B 99 5.14 15.44 6.89
N ASP B 100 3.92 15.97 6.81
CA ASP B 100 3.54 17.09 7.68
C ASP B 100 3.03 16.68 9.07
N TYR B 101 2.80 17.67 9.90
CA TYR B 101 2.33 17.51 11.26
C TYR B 101 1.07 16.64 11.36
N GLU B 102 0.28 16.63 10.29
CA GLU B 102 -0.96 15.85 10.25
C GLU B 102 -0.66 14.44 9.77
N GLY B 103 0.60 14.18 9.46
CA GLY B 103 1.03 12.86 9.03
C GLY B 103 0.86 12.59 7.55
N ARG B 104 0.58 13.64 6.79
CA ARG B 104 0.43 13.49 5.35
C ARG B 104 1.73 13.65 4.60
N LYS B 105 1.95 12.78 3.62
CA LYS B 105 3.05 12.92 2.68
C LYS B 105 2.76 14.10 1.73
N ARG B 106 3.64 15.09 1.73
CA ARG B 106 3.46 16.21 0.82
C ARG B 106 3.79 15.86 -0.63
N LYS B 107 3.23 16.62 -1.56
CA LYS B 107 3.59 16.53 -2.98
C LYS B 107 4.40 17.79 -3.28
N PHE B 108 4.84 17.96 -4.51
CA PHE B 108 5.62 19.13 -4.88
C PHE B 108 4.84 20.44 -4.72
N GLY B 109 5.50 21.46 -4.18
CA GLY B 109 4.92 22.77 -4.04
C GLY B 109 5.60 23.59 -2.95
N GLY B 110 5.42 24.89 -2.99
CA GLY B 110 5.98 25.77 -1.98
C GLY B 110 7.50 25.84 -2.04
N ARG B 111 8.13 25.90 -0.87
CA ARG B 111 9.58 26.09 -0.78
C ARG B 111 9.99 25.84 0.67
N HIS B 112 11.29 25.94 0.94
CA HIS B 112 11.83 25.74 2.29
C HIS B 112 11.31 24.44 2.92
N ASN B 113 11.07 23.42 2.12
CA ASN B 113 10.38 22.25 2.65
C ASN B 113 11.02 20.91 2.27
N SER B 114 12.34 20.92 2.09
CA SER B 114 13.06 19.68 1.85
C SER B 114 13.20 18.93 3.16
N CYS B 115 13.06 17.60 3.12
CA CYS B 115 13.29 16.82 4.32
C CYS B 115 14.79 16.89 4.66
N PRO B 116 15.10 17.32 5.90
CA PRO B 116 16.51 17.54 6.30
C PRO B 116 17.28 16.25 6.47
N ASN B 117 16.58 15.11 6.48
CA ASN B 117 17.26 13.83 6.52
C ASN B 117 17.06 13.03 5.24
N SER B 118 16.76 13.72 4.15
CA SER B 118 16.67 13.06 2.86
C SER B 118 18.07 12.76 2.31
N PRO B 119 18.33 11.50 1.92
CA PRO B 119 19.63 11.23 1.28
C PRO B 119 19.76 11.94 -0.08
N THR B 120 18.64 12.06 -0.79
CA THR B 120 18.68 12.72 -2.11
C THR B 120 18.95 14.21 -1.98
N TYR B 121 18.19 14.86 -1.11
CA TYR B 121 18.39 16.27 -0.88
C TYR B 121 19.84 16.55 -0.49
N ARG B 122 20.36 15.84 0.50
CA ARG B 122 21.73 16.09 0.95
C ARG B 122 22.74 15.87 -0.15
N LYS B 123 22.59 14.76 -0.86
CA LYS B 123 23.47 14.44 -1.98
C LYS B 123 23.58 15.60 -2.94
N TYR B 124 22.44 16.00 -3.52
CA TYR B 124 22.40 17.03 -4.56
C TYR B 124 22.65 18.46 -4.10
N ALA B 125 22.21 18.80 -2.89
CA ALA B 125 22.43 20.14 -2.36
C ALA B 125 23.92 20.35 -2.11
N LYS B 126 24.60 19.28 -1.72
CA LYS B 126 26.03 19.34 -1.46
C LYS B 126 26.82 19.52 -2.76
N ILE B 127 26.39 18.79 -3.78
CA ILE B 127 27.07 18.86 -5.06
C ILE B 127 26.90 20.25 -5.64
N LEU B 128 25.68 20.77 -5.57
CA LEU B 128 25.35 22.09 -6.10
C LEU B 128 26.22 23.17 -5.44
N ALA B 129 26.20 23.22 -4.11
CA ALA B 129 27.02 24.16 -3.36
C ALA B 129 28.49 24.06 -3.79
N GLY B 130 28.99 22.83 -3.95
CA GLY B 130 30.37 22.59 -4.31
C GLY B 130 30.71 23.05 -5.72
N LYS B 131 29.82 22.77 -6.68
CA LYS B 131 30.04 23.22 -8.04
C LYS B 131 30.08 24.75 -8.13
N LEU B 132 29.24 25.42 -7.35
CA LEU B 132 29.17 26.88 -7.36
C LEU B 132 30.46 27.51 -6.81
N ALA B 133 30.90 27.01 -5.66
CA ALA B 133 32.12 27.51 -5.03
C ALA B 133 33.35 27.30 -5.91
N GLU B 134 33.43 26.14 -6.54
CA GLU B 134 34.58 25.75 -7.32
C GLU B 134 34.64 26.57 -8.62
N ARG B 135 33.46 26.87 -9.13
CA ARG B 135 33.34 27.63 -10.37
C ARG B 135 33.75 29.10 -10.16
N TYR B 136 33.32 29.67 -9.05
CA TYR B 136 33.51 31.08 -8.81
C TYR B 136 34.55 31.33 -7.74
N LYS B 137 35.42 30.36 -7.51
CA LYS B 137 36.42 30.47 -6.45
C LYS B 137 37.31 31.70 -6.66
N ASP B 138 37.62 31.99 -7.92
CA ASP B 138 38.51 33.12 -8.19
C ASP B 138 37.79 34.39 -8.62
N HIS B 139 36.51 34.52 -8.30
CA HIS B 139 35.81 35.75 -8.64
C HIS B 139 35.90 36.77 -7.51
N PRO B 140 36.32 37.99 -7.85
CA PRO B 140 36.49 39.07 -6.88
C PRO B 140 35.18 39.71 -6.38
N GLN B 141 34.10 39.67 -7.16
CA GLN B 141 32.87 40.36 -6.77
C GLN B 141 32.06 39.67 -5.66
N ILE B 142 32.31 38.39 -5.42
CA ILE B 142 31.51 37.64 -4.45
C ILE B 142 31.96 37.91 -3.02
N VAL B 143 31.09 38.56 -2.26
CA VAL B 143 31.46 39.07 -0.95
C VAL B 143 30.81 38.28 0.19
N MET B 144 29.89 37.38 -0.16
CA MET B 144 29.13 36.61 0.83
C MET B 144 28.40 35.42 0.19
N TRP B 145 28.36 34.29 0.91
CA TRP B 145 27.52 33.16 0.51
C TRP B 145 26.21 33.19 1.30
N HIS B 146 25.12 32.95 0.58
CA HIS B 146 23.78 32.96 1.16
C HIS B 146 23.24 31.53 1.06
N VAL B 147 23.47 30.71 2.09
CA VAL B 147 23.12 29.30 2.02
C VAL B 147 21.61 29.03 2.05
N SER B 148 21.11 28.36 1.01
CA SER B 148 19.69 28.02 0.95
C SER B 148 18.84 29.29 1.15
N ASN B 149 17.79 29.20 1.96
CA ASN B 149 16.94 30.36 2.24
C ASN B 149 15.98 30.02 3.35
N GLU B 150 15.94 30.86 4.37
CA GLU B 150 15.05 30.70 5.52
C GLU B 150 14.72 29.25 5.86
N TYR B 151 15.70 28.54 6.36
CA TYR B 151 15.48 27.19 6.89
C TYR B 151 14.38 27.22 7.94
N GLY B 152 13.46 26.26 7.89
CA GLY B 152 12.43 26.16 8.90
C GLY B 152 11.40 25.06 8.62
N GLY B 153 10.55 24.80 9.60
CA GLY B 153 9.49 23.81 9.47
C GLY B 153 9.94 22.41 9.88
N TYR B 154 9.01 21.63 10.40
CA TYR B 154 9.33 20.28 10.86
C TYR B 154 8.88 19.21 9.89
N CYS B 155 9.60 18.09 9.91
CA CYS B 155 9.27 16.95 9.08
C CYS B 155 9.07 15.73 9.97
N TYR B 156 8.08 14.91 9.62
CA TYR B 156 7.70 13.78 10.45
C TYR B 156 7.74 12.48 9.67
N CYS B 157 8.52 12.48 8.59
CA CYS B 157 8.58 11.32 7.73
C CYS B 157 9.38 10.19 8.39
N ASP B 158 9.29 9.03 7.76
CA ASP B 158 10.04 7.84 8.12
C ASP B 158 11.56 8.01 8.31
N ASN B 159 12.23 8.72 7.40
CA ASN B 159 13.67 8.90 7.55
C ASN B 159 14.01 9.74 8.79
N CYS B 160 13.20 10.76 9.07
CA CYS B 160 13.42 11.57 10.27
C CYS B 160 13.20 10.72 11.51
N GLU B 161 12.15 9.92 11.49
CA GLU B 161 11.86 9.07 12.62
C GLU B 161 13.03 8.13 12.90
N LYS B 162 13.59 7.57 11.83
CA LYS B 162 14.72 6.66 12.02
C LYS B 162 15.96 7.37 12.51
N GLN B 163 16.14 8.61 12.06
CA GLN B 163 17.31 9.39 12.44
C GLN B 163 17.11 9.92 13.84
N PHE B 164 15.85 10.12 14.22
CA PHE B 164 15.53 10.60 15.55
C PHE B 164 16.00 9.59 16.59
N ARG B 165 15.79 8.31 16.30
CA ARG B 165 16.22 7.28 17.23
C ARG B 165 17.74 7.27 17.39
N VAL B 166 18.44 7.54 16.29
CA VAL B 166 19.89 7.54 16.30
C VAL B 166 20.43 8.72 17.12
N TRP B 167 19.84 9.88 16.90
CA TRP B 167 20.13 11.07 17.68
C TRP B 167 19.88 10.81 19.16
N LEU B 168 18.82 10.07 19.47
CA LEU B 168 18.54 9.69 20.85
C LEU B 168 19.62 8.76 21.40
N LYS B 169 20.03 7.78 20.59
CA LYS B 169 21.16 6.93 20.97
C LYS B 169 22.39 7.75 21.31
N GLU B 170 22.71 8.71 20.46
CA GLU B 170 23.92 9.50 20.65
C GLU B 170 23.79 10.38 21.90
N ARG B 171 22.57 10.80 22.19
CA ARG B 171 22.37 11.74 23.29
C ARG B 171 22.29 11.04 24.65
N TYR B 172 21.52 9.95 24.74
CA TYR B 172 21.29 9.29 26.02
C TYR B 172 22.10 7.99 26.20
N GLY B 173 22.55 7.42 25.09
CA GLY B 173 23.39 6.23 25.20
C GLY B 173 22.63 4.97 25.53
N THR B 174 21.69 5.03 26.48
CA THR B 174 20.90 3.85 26.87
C THR B 174 19.40 4.11 27.04
N LEU B 175 18.60 3.08 26.80
CA LEU B 175 17.19 3.18 27.05
C LEU B 175 16.90 3.53 28.53
N GLU B 176 17.72 3.04 29.44
CA GLU B 176 17.58 3.41 30.84
C GLU B 176 17.60 4.93 30.98
N ALA B 177 18.61 5.56 30.38
CA ALA B 177 18.74 7.01 30.48
C ALA B 177 17.63 7.75 29.75
N LEU B 178 17.28 7.30 28.55
CA LEU B 178 16.16 7.91 27.85
C LEU B 178 14.84 7.76 28.62
N ASN B 179 14.60 6.56 29.19
CA ASN B 179 13.36 6.30 29.91
C ASN B 179 13.20 7.23 31.12
N LYS B 180 14.28 7.39 31.88
CA LYS B 180 14.32 8.35 32.96
C LYS B 180 14.15 9.80 32.47
N ALA B 181 14.88 10.17 31.43
CA ALA B 181 14.84 11.55 30.92
C ALA B 181 13.42 11.96 30.52
N TRP B 182 12.70 11.05 29.87
CA TRP B 182 11.36 11.31 29.38
C TRP B 182 10.25 10.98 30.38
N ASN B 183 10.62 10.42 31.53
CA ASN B 183 9.66 10.03 32.56
C ASN B 183 8.61 9.04 32.04
N THR B 184 9.06 8.01 31.33
CA THR B 184 8.15 7.10 30.67
C THR B 184 7.44 6.10 31.60
N SER B 185 7.62 6.21 32.92
CA SER B 185 6.82 5.41 33.84
C SER B 185 5.37 5.94 33.84
N PHE B 186 5.23 7.20 33.44
CA PHE B 186 3.93 7.82 33.26
C PHE B 186 3.20 7.25 32.03
N TRP B 187 1.89 7.02 32.18
CA TRP B 187 1.06 6.48 31.11
C TRP B 187 1.70 5.28 30.41
N SER B 188 2.36 4.43 31.19
CA SER B 188 2.90 3.17 30.69
C SER B 188 3.68 3.38 29.37
N HIS B 189 4.53 4.40 29.35
CA HIS B 189 5.32 4.75 28.17
C HIS B 189 6.73 4.14 28.12
N THR B 190 6.98 3.13 28.96
CA THR B 190 8.29 2.49 29.00
C THR B 190 8.66 1.94 27.64
N PHE B 191 9.80 2.37 27.12
CA PHE B 191 10.31 1.85 25.86
C PHE B 191 11.34 0.77 26.14
N TYR B 192 11.23 -0.37 25.43
CA TYR B 192 12.21 -1.44 25.59
C TYR B 192 13.09 -1.60 24.37
N ASP B 193 12.75 -0.90 23.29
CA ASP B 193 13.57 -0.81 22.09
C ASP B 193 13.42 0.59 21.47
N TRP B 194 14.50 1.10 20.88
CA TRP B 194 14.46 2.41 20.25
C TRP B 194 13.41 2.49 19.13
N ASP B 195 13.16 1.37 18.46
CA ASP B 195 12.24 1.39 17.32
C ASP B 195 10.79 1.62 17.74
N GLU B 196 10.53 1.54 19.05
CA GLU B 196 9.19 1.74 19.58
C GLU B 196 8.87 3.22 19.70
N ILE B 197 9.90 4.06 19.58
CA ILE B 197 9.77 5.50 19.73
C ILE B 197 9.31 6.08 18.40
N VAL B 198 8.34 7.00 18.41
CA VAL B 198 7.90 7.63 17.16
C VAL B 198 7.95 9.16 17.22
N ALA B 199 7.87 9.78 16.04
CA ALA B 199 7.87 11.23 15.96
C ALA B 199 6.60 11.76 16.60
N PRO B 200 6.72 12.82 17.43
CA PRO B 200 5.53 13.39 18.08
C PRO B 200 4.79 14.38 17.19
N ASN B 201 3.68 13.94 16.62
CA ASN B 201 2.84 14.85 15.88
C ASN B 201 1.37 14.51 16.11
N ALA B 202 0.49 14.88 15.19
CA ALA B 202 -0.95 14.67 15.35
C ALA B 202 -1.34 13.19 15.39
N LEU B 203 -0.43 12.30 15.02
CA LEU B 203 -0.76 10.88 14.99
C LEU B 203 -0.41 10.19 16.30
N SER B 204 0.37 10.88 17.12
CA SER B 204 0.91 10.25 18.32
C SER B 204 0.64 11.06 19.57
N GLU B 205 1.48 12.07 19.80
CA GLU B 205 1.57 12.66 21.11
C GLU B 205 1.01 14.07 21.15
N GLU B 206 0.86 14.70 19.98
CA GLU B 206 0.55 16.13 19.94
C GLU B 206 -0.80 16.44 19.30
N TRP B 207 -1.28 17.66 19.49
CA TRP B 207 -2.44 18.13 18.75
C TRP B 207 -2.49 19.64 18.73
N SER B 208 -3.27 20.18 17.80
CA SER B 208 -3.42 21.62 17.52
C SER B 208 -2.17 22.47 17.62
N GLY B 209 -1.04 21.93 17.17
CA GLY B 209 0.17 22.70 16.97
C GLY B 209 1.09 22.80 18.16
N ASN B 210 0.52 22.94 19.35
CA ASN B 210 1.37 23.23 20.53
C ASN B 210 1.04 22.44 21.81
N ARG B 211 0.11 21.50 21.72
CA ARG B 211 -0.27 20.68 22.85
C ARG B 211 0.47 19.33 22.78
N THR B 212 0.70 18.70 23.92
CA THR B 212 1.39 17.41 23.92
C THR B 212 1.13 16.62 25.21
N ASN B 213 1.05 15.30 25.10
CA ASN B 213 1.00 14.43 26.27
C ASN B 213 2.35 14.27 26.98
N PHE B 214 3.42 14.38 26.21
CA PHE B 214 4.76 14.04 26.68
C PHE B 214 5.75 15.09 26.24
N GLN B 215 5.91 16.15 27.03
CA GLN B 215 6.72 17.26 26.54
C GLN B 215 8.21 16.95 26.40
N GLY B 216 8.72 16.00 27.17
CA GLY B 216 10.08 15.52 27.00
C GLY B 216 10.37 15.02 25.58
N ILE B 217 9.45 14.25 25.01
CA ILE B 217 9.59 13.79 23.62
C ILE B 217 9.47 14.96 22.64
N SER B 218 8.44 15.79 22.80
CA SER B 218 8.23 16.94 21.92
C SER B 218 9.41 17.93 21.97
N LEU B 219 9.97 18.12 23.16
CA LEU B 219 11.11 19.00 23.32
C LEU B 219 12.30 18.44 22.53
N ASP B 220 12.60 17.15 22.75
CA ASP B 220 13.69 16.49 22.04
C ASP B 220 13.51 16.46 20.54
N TYR B 221 12.28 16.29 20.06
CA TYR B 221 12.05 16.26 18.62
C TYR B 221 12.37 17.61 17.97
N ARG B 222 12.04 18.68 18.66
CA ARG B 222 12.30 20.01 18.15
C ARG B 222 13.82 20.28 18.12
N ARG B 223 14.51 19.86 19.18
CA ARG B 223 15.98 19.86 19.14
C ARG B 223 16.50 19.13 17.92
N PHE B 224 16.05 17.89 17.73
CA PHE B 224 16.50 17.05 16.65
C PHE B 224 16.23 17.68 15.27
N GLN B 225 15.05 18.28 15.10
CA GLN B 225 14.72 18.94 13.84
C GLN B 225 15.62 20.15 13.59
N SER B 226 15.85 20.93 14.65
CA SER B 226 16.74 22.07 14.58
C SER B 226 18.18 21.66 14.24
N ASP B 227 18.68 20.57 14.83
CA ASP B 227 20.00 20.04 14.49
C ASP B 227 20.05 19.54 13.06
N SER B 228 18.99 18.84 12.67
CA SER B 228 18.92 18.24 11.35
C SER B 228 19.03 19.30 10.26
N LEU B 229 18.26 20.37 10.41
CA LEU B 229 18.33 21.47 9.46
C LEU B 229 19.71 22.13 9.56
N LEU B 230 20.20 22.28 10.79
CA LEU B 230 21.52 22.85 11.00
C LEU B 230 22.63 22.06 10.29
N GLU B 231 22.55 20.73 10.32
CA GLU B 231 23.52 19.90 9.61
C GLU B 231 23.52 20.17 8.10
N CYS B 232 22.35 20.38 7.53
CA CYS B 232 22.25 20.70 6.12
C CYS B 232 23.01 21.99 5.83
N PHE B 233 22.83 22.99 6.66
CA PHE B 233 23.57 24.22 6.48
C PHE B 233 25.08 24.00 6.61
N LYS B 234 25.50 23.25 7.63
CA LYS B 234 26.92 22.96 7.84
C LYS B 234 27.52 22.19 6.67
N MET B 235 26.73 21.28 6.13
CA MET B 235 27.13 20.50 4.98
C MET B 235 27.50 21.43 3.82
N GLU B 236 26.61 22.34 3.47
CA GLU B 236 26.83 23.25 2.36
C GLU B 236 27.99 24.22 2.67
N ARG B 237 27.99 24.73 3.90
CA ARG B 237 29.06 25.59 4.39
C ARG B 237 30.45 25.00 4.15
N ASP B 238 30.64 23.75 4.58
CA ASP B 238 31.94 23.09 4.48
C ASP B 238 32.34 22.92 3.01
N GLU B 239 31.35 22.65 2.18
CA GLU B 239 31.58 22.43 0.78
C GLU B 239 31.97 23.76 0.13
N LEU B 240 31.38 24.85 0.62
CA LEU B 240 31.73 26.18 0.11
C LEU B 240 33.12 26.60 0.55
N LYS B 241 33.46 26.28 1.80
CA LYS B 241 34.76 26.65 2.37
C LYS B 241 35.97 25.88 1.80
N ARG B 242 35.75 24.68 1.27
CA ARG B 242 36.80 23.95 0.57
C ARG B 242 37.42 24.76 -0.56
N TRP B 243 36.58 25.55 -1.24
CA TRP B 243 37.01 26.24 -2.44
C TRP B 243 37.21 27.73 -2.20
N THR B 244 36.45 28.29 -1.27
CA THR B 244 36.55 29.72 -0.99
C THR B 244 36.58 29.94 0.51
N PRO B 245 37.69 29.54 1.13
CA PRO B 245 37.87 29.67 2.58
C PRO B 245 37.83 31.11 3.05
N ASP B 246 37.97 32.07 2.14
CA ASP B 246 38.05 33.49 2.51
C ASP B 246 36.76 34.28 2.25
N ILE B 247 35.74 33.62 1.71
CA ILE B 247 34.43 34.27 1.55
C ILE B 247 33.51 33.83 2.69
N PRO B 248 32.96 34.80 3.42
CA PRO B 248 32.08 34.51 4.56
C PRO B 248 30.81 33.75 4.15
N VAL B 249 30.32 32.90 5.03
CA VAL B 249 29.11 32.14 4.79
C VAL B 249 28.01 32.49 5.78
N THR B 250 26.83 32.84 5.29
CA THR B 250 25.68 33.07 6.14
C THR B 250 24.45 32.30 5.66
N THR B 251 23.38 32.35 6.45
CA THR B 251 22.05 31.95 5.98
C THR B 251 21.07 32.88 6.66
N ASN B 252 19.93 33.15 6.02
CA ASN B 252 19.04 34.22 6.48
C ASN B 252 17.99 33.77 7.50
N LEU B 253 18.04 34.36 8.69
CA LEU B 253 17.24 33.94 9.82
C LEU B 253 16.01 34.82 9.97
N MET B 254 15.10 34.39 10.84
CA MET B 254 13.81 35.07 10.97
C MET B 254 13.51 35.64 12.37
N GLY B 255 14.54 36.14 13.06
CA GLY B 255 14.33 36.84 14.32
C GLY B 255 13.83 35.97 15.47
N PHE B 256 12.62 36.23 15.96
CA PHE B 256 12.08 35.44 17.07
C PHE B 256 11.27 34.25 16.58
N TYR B 257 11.61 33.76 15.38
CA TYR B 257 11.05 32.54 14.83
C TYR B 257 11.16 31.39 15.85
N PRO B 258 10.03 30.76 16.16
CA PRO B 258 10.04 29.83 17.31
C PRO B 258 10.66 28.45 17.06
N GLU B 259 10.73 27.99 15.82
CA GLU B 259 11.05 26.58 15.55
C GLU B 259 12.53 26.17 15.56
N LEU B 260 13.42 27.16 15.50
CA LEU B 260 14.85 26.89 15.37
C LEU B 260 15.67 27.54 16.52
N ASP B 261 16.62 26.81 17.07
CA ASP B 261 17.47 27.35 18.12
C ASP B 261 18.64 28.14 17.50
N TYR B 262 18.40 29.40 17.23
CA TYR B 262 19.38 30.19 16.49
C TYR B 262 20.72 30.41 17.23
N PHE B 263 20.73 30.38 18.56
CA PHE B 263 21.97 30.53 19.30
C PHE B 263 22.95 29.42 18.90
N LYS B 264 22.41 28.22 18.75
CA LYS B 264 23.19 27.07 18.32
C LYS B 264 23.55 27.17 16.83
N TRP B 265 22.62 27.66 16.01
CA TRP B 265 22.90 27.89 14.59
C TRP B 265 24.02 28.93 14.41
N ALA B 266 24.00 29.98 15.22
CA ALA B 266 24.90 31.12 15.01
C ALA B 266 26.37 30.74 15.20
N LYS B 267 26.66 29.83 16.12
CA LYS B 267 28.02 29.34 16.30
C LYS B 267 28.58 28.87 14.96
N GLU B 268 27.71 28.33 14.11
CA GLU B 268 28.15 27.72 12.87
C GLU B 268 28.21 28.70 11.71
N MET B 269 27.79 29.94 11.93
CA MET B 269 27.72 30.95 10.88
C MET B 269 28.81 31.99 11.05
N ASP B 270 29.38 32.46 9.95
CA ASP B 270 30.42 33.50 10.00
C ASP B 270 29.82 34.86 10.35
N VAL B 271 28.58 35.08 9.93
CA VAL B 271 27.87 36.31 10.27
C VAL B 271 26.36 36.03 10.26
N VAL B 272 25.63 36.66 11.18
CA VAL B 272 24.20 36.49 11.23
C VAL B 272 23.56 37.42 10.21
N SER B 273 22.54 36.93 9.52
CA SER B 273 21.74 37.75 8.63
C SER B 273 20.28 37.44 8.93
N TRP B 274 19.40 38.43 8.78
CA TRP B 274 18.00 38.20 9.11
C TRP B 274 17.00 38.97 8.26
N ASP B 275 15.76 38.50 8.28
CA ASP B 275 14.70 39.06 7.44
C ASP B 275 13.63 39.63 8.36
N ASN B 276 13.50 40.96 8.33
CA ASN B 276 12.61 41.64 9.25
C ASN B 276 11.28 42.01 8.59
N TYR B 277 10.22 41.29 8.96
CA TYR B 277 8.86 41.57 8.48
C TYR B 277 7.89 41.67 9.63
N PRO B 278 7.70 42.89 10.14
CA PRO B 278 6.80 43.20 11.26
C PRO B 278 5.35 42.98 10.88
N SER B 279 4.52 42.68 11.88
CA SER B 279 3.07 42.73 11.72
C SER B 279 2.57 44.14 11.97
N MET B 280 1.33 44.39 11.59
CA MET B 280 0.74 45.72 11.69
C MET B 280 0.53 46.15 13.13
N ASP B 281 0.61 45.19 14.04
CA ASP B 281 0.48 45.48 15.46
C ASP B 281 1.78 45.14 16.21
N THR B 282 2.87 45.07 15.46
CA THR B 282 4.18 44.79 16.05
C THR B 282 4.71 46.09 16.64
N PRO B 283 4.99 46.08 17.94
CA PRO B 283 5.44 47.35 18.53
C PRO B 283 6.88 47.65 18.11
N PHE B 284 7.19 48.92 17.89
CA PHE B 284 8.53 49.31 17.43
C PHE B 284 9.66 48.82 18.37
N SER B 285 9.37 48.72 19.67
CA SER B 285 10.37 48.21 20.61
C SER B 285 10.52 46.69 20.53
N PHE B 286 9.59 46.00 19.87
CA PHE B 286 9.75 44.56 19.64
C PHE B 286 10.70 44.30 18.49
N THR B 287 10.57 45.09 17.42
CA THR B 287 11.43 44.84 16.28
C THR B 287 12.85 45.25 16.65
N ALA B 288 12.95 46.24 17.54
CA ALA B 288 14.23 46.60 18.15
C ALA B 288 14.81 45.43 18.94
N MET B 289 13.97 44.78 19.74
CA MET B 289 14.36 43.58 20.48
C MET B 289 14.83 42.49 19.52
N ALA B 290 14.13 42.32 18.41
CA ALA B 290 14.53 41.35 17.38
C ALA B 290 15.89 41.64 16.77
N HIS B 291 16.09 42.85 16.27
CA HIS B 291 17.42 43.24 15.78
C HIS B 291 18.44 42.94 16.87
N ASN B 292 18.16 43.45 18.06
CA ASN B 292 19.00 43.23 19.22
C ASN B 292 19.36 41.76 19.42
N LEU B 293 18.36 40.88 19.36
CA LEU B 293 18.60 39.44 19.50
C LEU B 293 19.54 38.94 18.40
N MET B 294 19.33 39.42 17.18
CA MET B 294 20.19 39.04 16.06
C MET B 294 21.65 39.40 16.32
N ARG B 295 21.88 40.57 16.90
CA ARG B 295 23.23 40.99 17.31
C ARG B 295 23.79 40.06 18.40
N GLY B 296 22.94 39.70 19.36
CA GLY B 296 23.33 38.86 20.46
C GLY B 296 23.61 37.40 20.11
N LEU B 297 23.15 36.93 18.95
CA LEU B 297 23.35 35.53 18.61
C LEU B 297 24.84 35.20 18.53
N LYS B 298 25.65 36.18 18.14
CA LYS B 298 27.10 36.04 18.15
C LYS B 298 27.73 37.07 19.10
N SER B 299 27.12 37.20 20.27
CA SER B 299 27.71 37.95 21.38
C SER B 299 28.08 39.39 21.05
N GLY B 300 27.31 40.03 20.19
CA GLY B 300 27.55 41.44 19.89
C GLY B 300 28.08 41.73 18.50
N GLN B 301 28.51 40.71 17.79
CA GLN B 301 28.94 40.92 16.42
C GLN B 301 27.83 41.58 15.59
N PRO B 302 28.19 42.56 14.75
CA PRO B 302 27.22 43.15 13.83
C PRO B 302 26.72 42.11 12.84
N PHE B 303 25.50 42.29 12.35
CA PHE B 303 24.82 41.36 11.44
C PHE B 303 24.38 42.04 10.14
N MET B 304 23.80 41.25 9.22
CA MET B 304 23.20 41.80 8.02
C MET B 304 21.68 41.86 8.11
N LEU B 305 21.11 43.00 7.77
CA LEU B 305 19.71 43.03 7.44
C LEU B 305 19.66 42.50 6.02
N MET B 306 19.26 41.24 5.86
CA MET B 306 19.24 40.61 4.54
C MET B 306 17.95 40.94 3.80
N GLU B 307 16.85 41.04 4.53
CA GLU B 307 15.57 41.33 3.88
C GLU B 307 14.66 42.21 4.71
N GLN B 308 13.96 43.08 4.00
CA GLN B 308 12.84 43.87 4.50
C GLN B 308 12.18 44.41 3.24
N THR B 309 10.90 44.71 3.29
CA THR B 309 10.24 45.28 2.12
C THR B 309 10.57 46.77 2.01
N PRO B 310 10.77 47.25 0.78
CA PRO B 310 10.88 48.71 0.62
C PRO B 310 9.51 49.39 0.72
N GLY B 311 8.44 48.61 0.56
CA GLY B 311 7.09 49.15 0.56
C GLY B 311 6.09 48.27 1.28
N VAL B 312 5.13 47.74 0.54
CA VAL B 312 4.10 46.90 1.14
C VAL B 312 4.58 45.46 1.36
N GLN B 313 3.93 44.77 2.28
CA GLN B 313 4.13 43.32 2.42
C GLN B 313 3.07 42.64 1.57
N ASN B 314 3.14 41.31 1.49
CA ASN B 314 2.11 40.54 0.78
C ASN B 314 1.30 39.58 1.67
N TRP B 315 1.90 39.05 2.74
CA TRP B 315 1.22 38.03 3.53
C TRP B 315 0.55 38.51 4.83
N GLN B 316 0.65 39.79 5.14
CA GLN B 316 -0.10 40.33 6.26
C GLN B 316 -1.58 40.38 5.88
N PRO B 317 -2.48 40.29 6.88
CA PRO B 317 -3.92 40.41 6.62
C PRO B 317 -4.22 41.71 5.88
N TYR B 318 -3.62 42.79 6.36
CA TYR B 318 -3.79 44.10 5.75
C TYR B 318 -2.43 44.70 5.44
N ASN B 319 -2.08 44.72 4.16
CA ASN B 319 -0.77 45.19 3.77
C ASN B 319 -0.79 46.67 3.48
N SER B 320 -0.70 47.46 4.54
CA SER B 320 -0.69 48.91 4.44
C SER B 320 0.58 49.43 3.78
N ALA B 321 0.45 50.48 2.96
CA ALA B 321 1.64 51.15 2.45
C ALA B 321 2.48 51.65 3.62
N LYS B 322 3.79 51.65 3.43
CA LYS B 322 4.68 52.14 4.46
C LYS B 322 4.69 53.65 4.27
N ARG B 323 4.27 54.41 5.28
CA ARG B 323 4.15 55.86 5.11
C ARG B 323 5.52 56.46 4.80
N PRO B 324 5.53 57.68 4.21
CA PRO B 324 6.77 58.40 3.82
C PRO B 324 7.75 58.56 4.98
N GLY B 325 9.00 58.16 4.77
CA GLY B 325 10.00 58.24 5.82
C GLY B 325 10.12 56.99 6.66
N VAL B 326 9.06 56.19 6.69
CA VAL B 326 9.03 55.05 7.61
C VAL B 326 10.05 54.01 7.18
N MET B 327 10.20 53.83 5.87
CA MET B 327 11.17 52.89 5.34
C MET B 327 12.58 53.21 5.86
N ARG B 328 12.94 54.49 5.75
CA ARG B 328 14.24 54.98 6.21
C ARG B 328 14.33 54.84 7.72
N LEU B 329 13.31 55.31 8.42
CA LEU B 329 13.23 55.17 9.86
C LEU B 329 13.63 53.75 10.27
N TRP B 330 12.92 52.77 9.69
CA TRP B 330 13.12 51.34 10.02
C TRP B 330 14.42 50.71 9.54
N SER B 331 15.03 51.27 8.50
CA SER B 331 16.34 50.78 8.08
C SER B 331 17.41 51.24 9.07
N TYR B 332 17.30 52.49 9.53
CA TYR B 332 18.27 53.01 10.49
C TYR B 332 18.10 52.35 11.86
N GLN B 333 16.86 52.04 12.23
CA GLN B 333 16.65 51.30 13.47
C GLN B 333 17.46 49.99 13.45
N ALA B 334 17.44 49.29 12.31
CA ALA B 334 18.23 48.07 12.14
C ALA B 334 19.72 48.36 12.31
N VAL B 335 20.20 49.42 11.67
CA VAL B 335 21.60 49.79 11.83
C VAL B 335 21.89 50.10 13.30
N ALA B 336 21.01 50.88 13.91
CA ALA B 336 21.15 51.25 15.30
C ALA B 336 21.42 50.04 16.20
N HIS B 337 20.94 48.87 15.82
CA HIS B 337 21.09 47.73 16.72
C HIS B 337 22.10 46.72 16.24
N GLY B 338 22.86 47.08 15.22
CA GLY B 338 24.00 46.29 14.83
C GLY B 338 24.02 45.85 13.39
N ALA B 339 23.01 46.22 12.61
CA ALA B 339 23.04 45.88 11.19
C ALA B 339 24.12 46.69 10.47
N ASP B 340 25.06 46.01 9.82
CA ASP B 340 26.06 46.66 8.98
C ASP B 340 25.71 46.54 7.51
N THR B 341 24.46 46.18 7.21
CA THR B 341 23.96 46.19 5.84
C THR B 341 22.50 46.54 5.86
N VAL B 342 21.97 47.04 4.77
CA VAL B 342 20.52 47.15 4.66
C VAL B 342 20.05 46.71 3.28
N MET B 343 19.35 45.59 3.27
CA MET B 343 18.99 44.92 2.03
C MET B 343 17.50 44.66 1.97
N PHE B 344 16.98 44.67 0.76
CA PHE B 344 15.56 44.57 0.52
C PHE B 344 15.18 43.26 -0.13
N PHE B 345 13.98 42.80 0.17
CA PHE B 345 13.31 41.94 -0.77
C PHE B 345 12.19 42.78 -1.39
N GLN B 346 12.25 43.08 -2.70
CA GLN B 346 13.35 42.69 -3.58
C GLN B 346 13.59 43.88 -4.51
N LEU B 347 14.50 43.75 -5.48
CA LEU B 347 14.89 44.88 -6.30
C LEU B 347 13.89 45.20 -7.40
N ARG B 348 13.25 44.17 -7.95
CA ARG B 348 12.19 44.36 -8.93
C ARG B 348 11.05 43.34 -8.71
N ARG B 349 9.81 43.84 -8.70
CA ARG B 349 8.67 42.99 -8.40
C ARG B 349 8.55 41.81 -9.36
N SER B 350 8.13 40.67 -8.82
CA SER B 350 7.76 39.53 -9.64
C SER B 350 6.41 39.83 -10.27
N VAL B 351 5.95 38.94 -11.14
CA VAL B 351 4.94 39.33 -12.11
C VAL B 351 3.60 38.56 -12.17
N GLY B 352 3.47 37.36 -11.63
CA GLY B 352 4.41 36.67 -10.76
C GLY B 352 3.49 35.62 -10.18
N ALA B 353 3.84 35.02 -9.06
CA ALA B 353 2.86 34.18 -8.36
C ALA B 353 2.49 34.90 -7.05
N CYS B 354 2.66 34.23 -5.91
CA CYS B 354 2.20 34.79 -4.64
C CYS B 354 2.89 36.09 -4.17
N GLU B 355 3.98 36.49 -4.80
CA GLU B 355 4.68 37.68 -4.35
C GLU B 355 4.62 38.87 -5.32
N LYS B 356 3.67 38.83 -6.25
CA LYS B 356 3.49 39.91 -7.23
C LYS B 356 3.04 41.23 -6.56
N TYR B 357 2.40 41.11 -5.38
CA TYR B 357 1.98 42.30 -4.64
C TYR B 357 2.81 42.56 -3.39
N HIS B 358 4.02 42.00 -3.37
CA HIS B 358 5.02 42.38 -2.39
C HIS B 358 5.84 43.51 -3.00
N GLY B 359 6.19 44.50 -2.18
CA GLY B 359 6.88 45.68 -2.69
C GLY B 359 8.26 45.40 -3.24
N ALA B 360 8.76 46.31 -4.07
CA ALA B 360 10.13 46.24 -4.58
C ALA B 360 10.60 47.65 -4.86
N VAL B 361 11.91 47.82 -5.09
CA VAL B 361 12.46 49.12 -5.42
C VAL B 361 11.92 49.54 -6.80
N ILE B 362 12.10 48.67 -7.78
CA ILE B 362 11.49 48.83 -9.09
C ILE B 362 10.18 48.04 -9.17
N GLU B 363 9.09 48.76 -9.41
CA GLU B 363 7.78 48.13 -9.34
C GLU B 363 7.10 48.03 -10.70
N HIS B 364 5.81 47.73 -10.72
CA HIS B 364 5.15 47.35 -11.97
C HIS B 364 5.17 48.39 -13.12
N VAL B 365 5.23 49.70 -12.82
CA VAL B 365 5.38 50.69 -13.91
C VAL B 365 6.70 50.54 -14.65
N GLY B 366 7.70 50.00 -13.97
CA GLY B 366 9.01 49.79 -14.56
C GLY B 366 9.90 51.02 -14.63
N HIS B 367 9.65 52.04 -13.81
CA HIS B 367 10.49 53.24 -13.82
C HIS B 367 10.72 53.82 -12.43
N GLU B 368 11.52 54.87 -12.37
CA GLU B 368 12.01 55.41 -11.10
C GLU B 368 11.21 56.61 -10.57
N HIS B 369 10.24 57.10 -11.33
CA HIS B 369 9.45 58.25 -10.85
C HIS B 369 8.30 57.78 -9.96
N THR B 370 8.69 57.34 -8.78
CA THR B 370 7.80 56.65 -7.85
C THR B 370 8.10 57.08 -6.42
N ARG B 371 7.06 57.15 -5.58
CA ARG B 371 7.28 57.47 -4.18
C ARG B 371 8.29 56.50 -3.55
N VAL B 372 8.10 55.22 -3.78
CA VAL B 372 8.96 54.17 -3.21
C VAL B 372 10.40 54.24 -3.75
N PHE B 373 10.56 54.50 -5.03
CA PHE B 373 11.91 54.58 -5.58
C PHE B 373 12.66 55.79 -5.00
N ARG B 374 12.00 56.96 -5.00
CA ARG B 374 12.59 58.17 -4.45
C ARG B 374 13.10 57.97 -3.03
N GLU B 375 12.30 57.29 -2.22
CA GLU B 375 12.70 57.06 -0.83
C GLU B 375 13.87 56.08 -0.73
N CYS B 376 13.92 55.13 -1.66
CA CYS B 376 15.06 54.21 -1.71
C CYS B 376 16.32 54.91 -2.19
N ALA B 377 16.16 55.83 -3.13
CA ALA B 377 17.33 56.56 -3.66
C ALA B 377 17.90 57.49 -2.59
N GLU B 378 17.03 58.22 -1.92
CA GLU B 378 17.47 59.09 -0.85
C GLU B 378 18.35 58.32 0.16
N LEU B 379 17.85 57.21 0.66
CA LEU B 379 18.58 56.42 1.64
C LEU B 379 19.91 55.96 1.04
N GLY B 380 19.85 55.51 -0.20
CA GLY B 380 21.05 55.08 -0.91
C GLY B 380 22.16 56.12 -0.87
N LYS B 381 21.81 57.38 -1.12
CA LYS B 381 22.79 58.45 -1.08
C LYS B 381 23.39 58.59 0.31
N GLU B 382 22.54 58.54 1.34
CA GLU B 382 23.04 58.70 2.70
C GLU B 382 24.04 57.60 3.07
N LEU B 383 23.74 56.38 2.66
CA LEU B 383 24.61 55.25 2.98
C LEU B 383 25.94 55.39 2.26
N GLN B 384 25.92 55.90 1.03
CA GLN B 384 27.17 56.21 0.36
C GLN B 384 27.96 57.25 1.18
N GLN B 385 27.27 58.29 1.62
CA GLN B 385 27.91 59.38 2.36
C GLN B 385 28.53 58.93 3.67
N LEU B 386 27.85 58.02 4.38
CA LEU B 386 28.35 57.54 5.67
C LEU B 386 29.66 56.76 5.55
N GLY B 387 29.90 56.20 4.37
CA GLY B 387 31.11 55.39 4.17
C GLY B 387 31.28 54.32 5.23
N ASP B 388 32.50 54.13 5.69
CA ASP B 388 32.77 53.13 6.73
C ASP B 388 32.57 53.63 8.15
N THR B 389 32.13 54.89 8.29
CA THR B 389 32.04 55.53 9.61
C THR B 389 31.61 54.59 10.74
N ILE B 390 30.54 53.84 10.50
CA ILE B 390 29.86 53.09 11.55
C ILE B 390 30.20 51.59 11.58
N LEU B 391 30.82 51.08 10.52
CA LEU B 391 31.15 49.66 10.43
C LEU B 391 31.88 49.12 11.68
N ASP B 392 31.48 47.92 12.11
CA ASP B 392 32.10 47.22 13.24
C ASP B 392 31.68 47.74 14.61
N ALA B 393 31.09 48.93 14.65
CA ALA B 393 30.67 49.53 15.91
C ALA B 393 29.88 48.56 16.81
N ARG B 394 30.19 48.55 18.11
CA ARG B 394 29.55 47.61 19.03
C ARG B 394 28.70 48.24 20.13
N SER B 395 27.85 47.41 20.72
CA SER B 395 27.08 47.80 21.89
C SER B 395 27.93 47.67 23.15
N GLU B 396 27.80 48.64 24.06
CA GLU B 396 28.51 48.55 25.33
C GLU B 396 27.51 48.59 26.48
N ALA B 397 26.40 47.89 26.30
CA ALA B 397 25.35 47.80 27.30
C ALA B 397 25.87 47.23 28.62
N LYS B 398 25.32 47.71 29.71
CA LYS B 398 25.63 47.12 31.01
C LYS B 398 24.41 46.39 31.54
N VAL B 399 23.34 46.44 30.76
CA VAL B 399 22.11 45.74 31.07
C VAL B 399 21.83 44.64 30.04
N ALA B 400 21.64 43.42 30.52
CA ALA B 400 21.36 42.29 29.63
C ALA B 400 20.05 41.59 30.00
N VAL B 401 19.26 41.25 29.00
CA VAL B 401 18.07 40.41 29.22
C VAL B 401 18.18 39.09 28.44
N MET B 402 18.02 37.99 29.17
CA MET B 402 18.18 36.65 28.62
C MET B 402 16.95 36.11 27.88
N TYR B 403 17.21 35.36 26.82
CA TYR B 403 16.17 34.65 26.05
C TYR B 403 16.72 33.32 25.55
N ASP B 404 15.92 32.26 25.65
CA ASP B 404 16.39 30.96 25.23
C ASP B 404 15.35 30.11 24.51
N TRP B 405 15.74 29.50 23.39
CA TRP B 405 14.81 28.71 22.58
C TRP B 405 14.28 27.44 23.27
N GLU B 406 15.14 26.74 23.99
CA GLU B 406 14.71 25.50 24.60
C GLU B 406 13.72 25.82 25.70
N ASN B 407 14.01 26.88 26.44
CA ASN B 407 13.14 27.39 27.47
C ASN B 407 11.81 27.68 26.83
N ARG B 408 11.85 28.40 25.72
CA ARG B 408 10.64 28.72 24.98
C ARG B 408 9.84 27.46 24.60
N TRP B 409 10.51 26.48 24.00
CA TRP B 409 9.86 25.23 23.59
C TRP B 409 9.19 24.54 24.76
N ALA B 410 9.92 24.42 25.87
CA ALA B 410 9.38 23.79 27.05
C ALA B 410 8.15 24.55 27.57
N LEU B 411 8.22 25.88 27.54
CA LEU B 411 7.12 26.69 28.06
C LEU B 411 5.87 26.60 27.22
N GLU B 412 6.04 26.56 25.89
CA GLU B 412 4.89 26.57 24.99
C GLU B 412 4.25 25.19 24.81
N LEU B 413 4.94 24.16 25.27
CA LEU B 413 4.40 22.80 25.22
C LEU B 413 3.77 22.43 26.54
N SER B 414 4.13 23.17 27.59
CA SER B 414 3.64 22.85 28.92
C SER B 414 2.12 22.94 29.04
N SER B 415 1.54 22.09 29.86
CA SER B 415 0.14 22.25 30.24
C SER B 415 -0.10 22.25 31.76
N GLY B 416 -0.59 23.36 32.31
CA GLY B 416 -0.56 24.68 31.73
C GLY B 416 0.68 25.37 32.31
N PRO B 417 0.53 26.23 33.35
CA PRO B 417 -0.66 26.58 34.15
C PRO B 417 -1.60 27.59 33.50
N SER B 418 -1.12 28.36 32.52
CA SER B 418 -1.99 29.32 31.80
C SER B 418 -1.65 29.55 30.34
N ILE B 419 -2.64 29.42 29.47
CA ILE B 419 -2.47 29.78 28.07
C ILE B 419 -2.31 31.29 27.89
N ALA B 420 -2.43 32.06 28.97
CA ALA B 420 -2.23 33.50 28.89
C ALA B 420 -0.75 33.85 29.10
N LEU B 421 0.03 32.89 29.58
CA LEU B 421 1.47 33.07 29.64
C LEU B 421 2.04 32.92 28.23
N ASN B 422 2.64 34.00 27.72
CA ASN B 422 3.38 33.97 26.47
C ASN B 422 4.81 34.34 26.79
N TYR B 423 5.72 33.39 26.62
CA TYR B 423 7.13 33.60 26.95
C TYR B 423 7.68 34.89 26.33
N VAL B 424 7.49 35.05 25.04
CA VAL B 424 8.07 36.20 24.36
C VAL B 424 7.47 37.52 24.84
N ASN B 425 6.17 37.55 25.14
CA ASN B 425 5.56 38.77 25.66
C ASN B 425 6.13 39.16 27.02
N GLU B 426 6.33 38.19 27.90
CA GLU B 426 6.90 38.50 29.19
C GLU B 426 8.29 39.11 29.01
N VAL B 427 9.10 38.48 28.15
CA VAL B 427 10.44 38.98 27.87
C VAL B 427 10.36 40.40 27.34
N HIS B 428 9.47 40.63 26.39
CA HIS B 428 9.35 41.95 25.80
C HIS B 428 8.91 43.03 26.80
N LYS B 429 8.09 42.66 27.79
CA LYS B 429 7.66 43.62 28.81
C LYS B 429 8.86 44.24 29.53
N TYR B 430 9.83 43.40 29.86
CA TYR B 430 11.07 43.89 30.44
C TYR B 430 11.89 44.70 29.43
N TYR B 431 12.01 44.20 28.21
CA TYR B 431 12.76 44.93 27.18
C TYR B 431 12.15 46.32 26.93
N ASP B 432 10.84 46.35 26.78
CA ASP B 432 10.13 47.60 26.53
C ASP B 432 10.42 48.67 27.60
N ALA B 433 10.52 48.25 28.85
CA ALA B 433 10.81 49.17 29.94
C ALA B 433 12.18 49.83 29.79
N LEU B 434 13.17 49.05 29.36
CA LEU B 434 14.51 49.59 29.13
C LEU B 434 14.54 50.47 27.88
N TYR B 435 13.95 49.97 26.81
CA TYR B 435 13.76 50.73 25.57
C TYR B 435 13.20 52.14 25.83
N LYS B 436 12.20 52.22 26.71
CA LYS B 436 11.53 53.50 26.98
C LYS B 436 12.38 54.50 27.75
N GLN B 437 13.43 54.02 28.40
CA GLN B 437 14.30 54.89 29.15
C GLN B 437 15.65 54.98 28.47
N ASN B 438 15.71 54.43 27.25
CA ASN B 438 16.95 54.43 26.50
C ASN B 438 18.12 53.87 27.33
N ILE B 439 17.84 52.80 28.07
CA ILE B 439 18.93 52.07 28.71
C ILE B 439 19.50 51.12 27.68
N GLN B 440 20.74 51.36 27.28
CA GLN B 440 21.40 50.51 26.31
C GLN B 440 21.42 49.09 26.84
N THR B 441 20.83 48.16 26.10
CA THR B 441 20.71 46.78 26.60
C THR B 441 21.13 45.72 25.58
N ASP B 442 21.44 44.52 26.07
CA ASP B 442 21.76 43.40 25.20
C ASP B 442 20.77 42.25 25.40
N MET B 443 20.20 41.75 24.30
CA MET B 443 19.51 40.47 24.35
C MET B 443 20.61 39.41 24.36
N ILE B 444 20.58 38.51 25.33
CA ILE B 444 21.66 37.53 25.44
C ILE B 444 21.14 36.10 25.64
N SER B 445 22.02 35.16 25.30
CA SER B 445 21.80 33.75 25.55
C SER B 445 22.05 33.41 27.01
N VAL B 446 21.43 32.34 27.50
CA VAL B 446 21.64 31.91 28.88
C VAL B 446 23.08 31.44 29.10
N GLU B 447 23.83 31.32 28.01
CA GLU B 447 25.17 30.73 28.06
C GLU B 447 26.22 31.83 28.00
N GLU B 448 25.77 33.06 27.75
CA GLU B 448 26.65 34.20 27.60
C GLU B 448 27.39 34.58 28.88
N ASP B 449 28.63 35.04 28.75
CA ASP B 449 29.40 35.49 29.91
C ASP B 449 28.82 36.76 30.55
N LEU B 450 28.60 36.71 31.86
CA LEU B 450 27.86 37.78 32.55
C LEU B 450 28.77 38.91 33.04
N SER B 451 30.09 38.68 32.97
CA SER B 451 31.07 39.59 33.57
C SER B 451 30.99 41.04 33.10
N LYS B 452 30.62 41.24 31.83
CA LYS B 452 30.54 42.57 31.26
C LYS B 452 29.31 43.37 31.69
N TYR B 453 28.38 42.74 32.41
CA TYR B 453 27.11 43.39 32.73
C TYR B 453 26.96 43.74 34.21
N LYS B 454 26.06 44.68 34.50
CA LYS B 454 25.74 45.01 35.88
C LYS B 454 24.32 44.56 36.23
N VAL B 455 23.47 44.49 35.22
CA VAL B 455 22.09 44.06 35.40
C VAL B 455 21.71 42.93 34.44
N VAL B 456 21.39 41.76 35.00
CA VAL B 456 20.92 40.65 34.20
C VAL B 456 19.47 40.31 34.54
N ILE B 457 18.60 40.43 33.53
CA ILE B 457 17.18 40.18 33.69
C ILE B 457 16.77 38.93 32.92
N ALA B 458 16.26 37.93 33.63
CA ALA B 458 15.91 36.64 33.04
C ALA B 458 14.44 36.27 33.24
N PRO B 459 13.55 36.88 32.46
CA PRO B 459 12.11 36.66 32.67
C PRO B 459 11.70 35.20 32.42
N VAL B 460 10.76 34.71 33.23
CA VAL B 460 10.28 33.35 33.11
C VAL B 460 11.38 32.36 32.68
N MET B 461 12.41 32.26 33.49
CA MET B 461 13.51 31.35 33.22
C MET B 461 13.10 29.98 33.77
N TYR B 462 12.09 29.43 33.12
CA TYR B 462 11.43 28.17 33.50
C TYR B 462 12.43 27.01 33.52
N MET B 463 13.21 26.89 32.45
CA MET B 463 14.21 25.84 32.34
C MET B 463 15.57 26.35 32.81
N VAL B 464 16.23 25.56 33.66
CA VAL B 464 17.54 25.94 34.14
C VAL B 464 18.54 24.88 33.73
N LYS B 465 19.50 25.29 32.90
CA LYS B 465 20.42 24.35 32.27
C LYS B 465 21.66 24.13 33.10
N PRO B 466 22.36 23.01 32.85
CA PRO B 466 23.54 22.68 33.66
C PRO B 466 24.56 23.83 33.60
N GLY B 467 25.07 24.25 34.75
CA GLY B 467 26.05 25.33 34.80
C GLY B 467 25.46 26.73 34.90
N PHE B 468 24.15 26.85 34.70
CA PHE B 468 23.50 28.16 34.71
C PHE B 468 23.48 28.77 36.10
N ALA B 469 22.95 28.01 37.04
CA ALA B 469 22.80 28.48 38.42
C ALA B 469 24.14 29.00 38.96
N GLU B 470 25.15 28.12 38.96
CA GLU B 470 26.49 28.52 39.37
C GLU B 470 26.93 29.81 38.69
N ARG B 471 26.81 29.82 37.37
CA ARG B 471 27.16 30.99 36.60
C ARG B 471 26.50 32.24 37.19
N VAL B 472 25.21 32.17 37.54
CA VAL B 472 24.55 33.36 38.10
C VAL B 472 24.85 33.59 39.59
N GLU B 473 25.03 32.53 40.36
CA GLU B 473 25.38 32.73 41.77
C GLU B 473 26.65 33.56 41.82
N ARG B 474 27.60 33.19 40.99
CA ARG B 474 28.89 33.87 40.91
C ARG B 474 28.75 35.31 40.43
N PHE B 475 27.85 35.55 39.48
CA PHE B 475 27.60 36.91 38.98
C PHE B 475 26.99 37.81 40.06
N VAL B 476 26.12 37.26 40.89
CA VAL B 476 25.53 38.02 41.97
C VAL B 476 26.54 38.18 43.10
N ALA B 477 27.17 37.06 43.46
CA ALA B 477 28.16 37.05 44.53
C ALA B 477 29.19 38.16 44.35
N GLN B 478 29.62 38.36 43.11
CA GLN B 478 30.68 39.34 42.83
C GLN B 478 30.17 40.73 42.50
N GLY B 479 28.93 41.02 42.86
CA GLY B 479 28.42 42.38 42.78
C GLY B 479 27.35 42.68 41.75
N GLY B 480 27.04 41.72 40.88
CA GLY B 480 26.00 41.95 39.88
C GLY B 480 24.61 41.89 40.47
N THR B 481 23.63 42.42 39.75
CA THR B 481 22.24 42.19 40.14
C THR B 481 21.48 41.34 39.10
N PHE B 482 20.75 40.34 39.61
CA PHE B 482 20.08 39.37 38.78
C PHE B 482 18.59 39.45 39.04
N VAL B 483 17.80 39.53 37.98
CA VAL B 483 16.34 39.59 38.13
C VAL B 483 15.65 38.42 37.45
N THR B 484 14.79 37.71 38.19
CA THR B 484 13.95 36.68 37.58
C THR B 484 12.54 36.69 38.15
N THR B 485 11.67 35.80 37.66
CA THR B 485 10.25 35.93 37.90
C THR B 485 9.52 34.65 38.35
N PHE B 486 8.20 34.78 38.50
CA PHE B 486 7.32 33.65 38.71
C PHE B 486 7.61 32.55 37.69
N PHE B 487 7.52 31.30 38.14
CA PHE B 487 7.63 30.15 37.25
C PHE B 487 9.02 30.03 36.64
N SER B 488 10.03 30.42 37.40
CA SER B 488 11.41 30.22 36.99
C SER B 488 12.04 29.12 37.83
N GLY B 489 13.05 28.46 37.28
CA GLY B 489 13.78 27.43 38.01
C GLY B 489 13.00 26.16 38.28
N ILE B 490 11.97 25.91 37.47
CA ILE B 490 11.08 24.79 37.70
C ILE B 490 11.68 23.49 37.19
N VAL B 491 12.24 23.52 36.00
CA VAL B 491 12.68 22.29 35.33
C VAL B 491 14.14 22.37 34.88
N ASN B 492 14.71 21.24 34.55
CA ASN B 492 16.05 21.19 33.96
C ASN B 492 15.96 21.04 32.45
N GLU B 493 17.06 20.57 31.85
CA GLU B 493 17.20 20.46 30.40
C GLU B 493 16.23 19.46 29.77
N ASN B 494 15.79 18.47 30.54
CA ASN B 494 14.83 17.48 30.03
C ASN B 494 13.38 17.81 30.33
N ASP B 495 13.12 19.01 30.83
CA ASP B 495 11.77 19.41 31.27
C ASP B 495 11.28 18.57 32.45
N LEU B 496 12.21 18.00 33.23
CA LEU B 496 11.86 17.32 34.48
C LEU B 496 11.91 18.35 35.60
N VAL B 497 10.92 18.31 36.49
CA VAL B 497 10.85 19.27 37.57
C VAL B 497 12.03 19.05 38.53
N THR B 498 12.65 20.15 38.93
CA THR B 498 13.71 20.10 39.92
C THR B 498 13.03 20.16 41.30
N LEU B 499 13.17 19.08 42.06
CA LEU B 499 12.38 18.89 43.28
C LEU B 499 12.90 19.68 44.49
N GLY B 500 12.11 19.68 45.57
CA GLY B 500 12.54 20.25 46.82
C GLY B 500 12.07 21.68 47.09
N GLY B 501 11.40 22.28 46.10
CA GLY B 501 10.86 23.62 46.25
C GLY B 501 11.38 24.61 45.22
N TYR B 502 10.45 25.30 44.56
CA TYR B 502 10.80 26.31 43.59
C TYR B 502 11.49 27.47 44.33
N PRO B 503 12.37 28.22 43.65
CA PRO B 503 12.87 28.05 42.29
C PRO B 503 14.09 27.13 42.17
N GLY B 504 14.08 26.03 42.90
CA GLY B 504 15.05 24.98 42.70
C GLY B 504 16.50 25.41 42.83
N GLU B 505 17.25 25.35 41.74
CA GLU B 505 18.66 25.68 41.77
C GLU B 505 18.87 27.17 41.92
N LEU B 506 17.78 27.93 41.81
CA LEU B 506 17.88 29.36 41.99
C LEU B 506 17.39 29.78 43.39
N ARG B 507 16.91 28.80 44.15
CA ARG B 507 16.41 29.05 45.51
C ARG B 507 17.41 29.83 46.37
N ASN B 508 18.63 29.33 46.45
CA ASN B 508 19.69 29.99 47.21
C ASN B 508 19.87 31.46 46.85
N VAL B 509 20.17 31.74 45.58
CA VAL B 509 20.46 33.11 45.17
C VAL B 509 19.26 34.02 45.24
N MET B 510 18.05 33.50 45.00
CA MET B 510 16.84 34.34 45.05
C MET B 510 16.35 34.54 46.49
N GLY B 511 16.75 33.64 47.38
CA GLY B 511 16.41 33.75 48.79
C GLY B 511 14.92 33.67 49.09
N ILE B 512 14.16 33.01 48.22
CA ILE B 512 12.74 32.78 48.45
C ILE B 512 12.34 31.37 48.06
N TRP B 513 11.15 30.98 48.49
CA TRP B 513 10.57 29.70 48.10
C TRP B 513 9.19 29.99 47.53
N ALA B 514 9.00 29.63 46.26
CA ALA B 514 7.68 29.73 45.63
C ALA B 514 6.90 28.49 45.99
N GLU B 515 5.82 28.66 46.75
CA GLU B 515 5.01 27.51 47.21
C GLU B 515 4.01 27.04 46.16
N GLU B 516 3.19 27.94 45.65
CA GLU B 516 2.23 27.60 44.62
C GLU B 516 1.97 28.81 43.72
N ILE B 517 1.59 28.55 42.47
CA ILE B 517 1.34 29.62 41.53
C ILE B 517 -0.15 29.65 41.20
N ASP B 518 -0.70 30.83 40.99
CA ASP B 518 -2.12 31.00 40.70
C ASP B 518 -2.35 31.66 39.33
N ALA B 519 -3.04 30.97 38.43
CA ALA B 519 -3.35 31.53 37.12
C ALA B 519 -4.61 32.34 37.18
N LEU B 520 -4.55 33.59 36.75
CA LEU B 520 -5.73 34.44 36.79
C LEU B 520 -6.55 34.32 35.51
N LEU B 521 -7.87 34.33 35.66
CA LEU B 521 -8.76 34.46 34.51
C LEU B 521 -8.47 35.77 33.78
N PRO B 522 -8.69 35.79 32.46
CA PRO B 522 -8.41 36.99 31.66
C PRO B 522 -9.20 38.21 32.16
N GLY B 523 -8.52 39.36 32.24
CA GLY B 523 -9.15 40.58 32.69
C GLY B 523 -9.19 40.71 34.20
N HIS B 524 -8.64 39.74 34.92
CA HIS B 524 -8.50 39.84 36.37
C HIS B 524 -7.08 40.26 36.73
N GLN B 525 -6.96 41.02 37.81
CA GLN B 525 -5.64 41.43 38.28
C GLN B 525 -5.57 41.26 39.78
N ASN B 526 -4.35 41.32 40.29
CA ASN B 526 -4.11 41.53 41.71
C ASN B 526 -3.38 42.85 41.77
N GLU B 527 -2.90 43.24 42.95
CA GLU B 527 -2.15 44.50 43.01
C GLU B 527 -0.82 44.41 43.73
N ILE B 528 0.13 45.19 43.22
CA ILE B 528 1.46 45.28 43.78
C ILE B 528 1.52 46.47 44.74
N VAL B 529 1.70 46.19 46.02
CA VAL B 529 1.68 47.23 47.04
C VAL B 529 3.04 47.34 47.73
N LEU B 530 3.64 48.52 47.62
CA LEU B 530 4.94 48.73 48.24
C LEU B 530 4.86 48.87 49.75
N ARG B 531 5.78 48.22 50.44
CA ARG B 531 5.94 48.40 51.88
C ARG B 531 6.16 49.88 52.18
N GLN B 532 7.13 50.48 51.49
CA GLN B 532 7.39 51.91 51.56
C GLN B 532 7.84 52.41 50.21
N ASP B 533 7.78 53.72 50.03
CA ASP B 533 8.33 54.34 48.84
C ASP B 533 9.76 53.85 48.62
N TRP B 534 10.08 53.45 47.40
CA TRP B 534 11.43 53.00 47.05
C TRP B 534 11.80 53.53 45.67
N GLY B 535 12.65 54.56 45.64
CA GLY B 535 13.06 55.13 44.37
C GLY B 535 11.89 55.64 43.57
N GLY B 536 11.68 55.07 42.38
CA GLY B 536 10.55 55.45 41.55
C GLY B 536 9.26 54.72 41.89
N LEU B 537 9.38 53.66 42.68
CA LEU B 537 8.23 52.84 43.06
C LEU B 537 7.50 53.42 44.25
N ARG B 538 6.20 53.64 44.10
CA ARG B 538 5.44 54.40 45.08
C ARG B 538 3.95 54.06 45.02
N GLY B 539 3.44 53.45 46.09
CA GLY B 539 2.03 53.16 46.21
C GLY B 539 1.66 51.81 45.62
N SER B 540 0.61 51.79 44.81
CA SER B 540 0.12 50.55 44.23
C SER B 540 0.25 50.52 42.71
N TYR B 541 0.49 49.32 42.19
CA TYR B 541 0.51 49.07 40.76
C TYR B 541 -0.32 47.82 40.52
N SER B 542 -0.72 47.57 39.28
CA SER B 542 -1.47 46.36 38.99
C SER B 542 -0.57 45.26 38.46
N CYS B 543 -0.98 44.01 38.66
CA CYS B 543 -0.29 42.87 38.10
C CYS B 543 -1.32 41.80 37.76
N GLY B 544 -0.97 40.92 36.82
CA GLY B 544 -1.90 39.88 36.41
C GLY B 544 -1.25 38.66 35.79
N ILE B 545 -2.05 37.92 35.03
CA ILE B 545 -1.60 36.73 34.30
C ILE B 545 -1.31 35.54 35.22
N LEU B 546 -0.22 35.60 35.99
CA LEU B 546 0.10 34.56 36.97
C LEU B 546 0.58 35.18 38.29
N CYS B 547 0.08 34.68 39.41
CA CYS B 547 0.54 35.17 40.70
C CYS B 547 1.18 34.08 41.53
N ASP B 548 2.47 34.23 41.78
CA ASP B 548 3.22 33.22 42.53
C ASP B 548 3.11 33.53 44.02
N VAL B 549 2.90 32.48 44.81
CA VAL B 549 2.74 32.63 46.25
C VAL B 549 4.02 32.17 46.94
N ILE B 550 4.78 33.15 47.42
CA ILE B 550 6.13 32.87 47.88
C ILE B 550 6.36 33.17 49.37
N HIS B 551 7.44 32.60 49.89
CA HIS B 551 7.86 32.83 51.27
C HIS B 551 9.25 33.42 51.27
N ALA B 552 9.41 34.59 51.88
CA ALA B 552 10.74 35.16 52.06
C ALA B 552 11.50 34.24 52.99
N GLU B 553 12.71 33.87 52.59
CA GLU B 553 13.57 33.04 53.43
C GLU B 553 14.80 33.83 53.82
N THR B 554 15.58 34.23 52.82
CA THR B 554 16.75 35.07 53.05
C THR B 554 16.50 36.49 52.55
N ALA B 555 15.62 36.59 51.55
CA ALA B 555 15.33 37.85 50.89
C ALA B 555 14.48 38.73 51.80
N GLU B 556 14.50 40.03 51.53
CA GLU B 556 13.63 40.96 52.24
C GLU B 556 12.51 41.36 51.28
N VAL B 557 11.41 41.89 51.83
CA VAL B 557 10.22 42.15 51.03
C VAL B 557 10.04 43.64 50.73
N LEU B 558 10.02 43.98 49.45
CA LEU B 558 9.86 45.37 49.03
C LEU B 558 8.43 45.72 48.68
N ALA B 559 7.63 44.70 48.38
CA ALA B 559 6.22 44.90 48.03
C ALA B 559 5.42 43.61 48.21
N GLU B 560 4.12 43.76 48.46
CA GLU B 560 3.28 42.60 48.72
C GLU B 560 1.96 42.73 47.97
N TYR B 561 1.26 41.60 47.76
CA TYR B 561 0.01 41.62 47.00
C TYR B 561 -1.04 42.39 47.76
N GLY B 562 -1.93 43.07 47.04
CA GLY B 562 -2.97 43.83 47.69
C GLY B 562 -4.35 43.19 47.72
N ALA B 563 -4.47 41.96 47.22
CA ALA B 563 -5.78 41.32 47.20
C ALA B 563 -5.72 39.80 47.17
N ASP B 564 -6.91 39.18 47.25
CA ASP B 564 -7.08 37.74 47.16
C ASP B 564 -6.52 37.01 48.38
N TYR B 565 -6.62 35.68 48.37
CA TYR B 565 -6.25 34.91 49.56
C TYR B 565 -4.77 35.02 49.91
N TYR B 566 -3.97 35.47 48.94
CA TYR B 566 -2.54 35.70 49.20
C TYR B 566 -2.19 37.18 49.40
N LYS B 567 -3.22 37.98 49.69
CA LYS B 567 -3.04 39.36 50.10
C LYS B 567 -2.08 39.48 51.28
N GLY B 568 -1.10 40.38 51.16
CA GLY B 568 -0.14 40.59 52.22
C GLY B 568 1.08 39.68 52.16
N THR B 569 1.17 38.86 51.11
CA THR B 569 2.38 38.03 50.91
C THR B 569 3.32 38.65 49.87
N PRO B 570 4.59 38.24 49.86
CA PRO B 570 5.55 38.92 48.98
C PRO B 570 5.26 38.78 47.48
N VAL B 571 5.31 39.91 46.78
CA VAL B 571 5.23 39.91 45.31
C VAL B 571 6.54 40.46 44.72
N LEU B 572 7.33 41.17 45.52
CA LEU B 572 8.64 41.66 45.08
C LEU B 572 9.65 41.52 46.21
N THR B 573 10.77 40.88 45.94
CA THR B 573 11.77 40.64 46.98
C THR B 573 13.17 41.00 46.52
N ARG B 574 14.03 41.34 47.47
CA ARG B 574 15.42 41.69 47.20
C ARG B 574 16.31 40.85 48.10
N ASN B 575 17.25 40.14 47.51
CA ASN B 575 18.13 39.26 48.28
C ASN B 575 19.57 39.74 48.17
N LYS B 576 20.19 40.05 49.31
CA LYS B 576 21.61 40.39 49.33
C LYS B 576 22.39 39.09 49.26
N PHE B 577 23.22 38.94 48.23
CA PHE B 577 23.92 37.69 47.97
C PHE B 577 25.36 38.01 47.60
N GLY B 578 26.29 37.59 48.45
CA GLY B 578 27.67 38.06 48.34
C GLY B 578 27.67 39.58 48.22
N ASN B 579 28.41 40.09 47.24
CA ASN B 579 28.48 41.54 47.04
C ASN B 579 27.31 42.10 46.23
N GLY B 580 26.48 41.22 45.68
CA GLY B 580 25.40 41.61 44.79
C GLY B 580 23.98 41.40 45.30
N GLN B 581 22.99 41.55 44.42
CA GLN B 581 21.58 41.50 44.78
C GLN B 581 20.68 40.85 43.72
N SER B 582 19.76 40.00 44.16
CA SER B 582 18.79 39.37 43.26
C SER B 582 17.37 39.78 43.62
N TYR B 583 16.61 40.20 42.62
CA TYR B 583 15.20 40.57 42.80
C TYR B 583 14.26 39.51 42.19
N TYR B 584 13.22 39.14 42.94
CA TYR B 584 12.25 38.17 42.44
C TYR B 584 10.91 38.84 42.23
N VAL B 585 10.39 38.78 41.00
CA VAL B 585 9.11 39.41 40.70
C VAL B 585 8.04 38.34 40.51
N ALA B 586 7.16 38.21 41.51
CA ALA B 586 6.28 37.04 41.65
C ALA B 586 5.04 37.10 40.78
N SER B 587 4.83 38.21 40.09
CA SER B 587 3.73 38.29 39.17
C SER B 587 4.17 39.05 37.94
N SER B 588 3.24 39.29 37.02
CA SER B 588 3.51 40.06 35.80
C SER B 588 2.88 41.46 35.90
N PRO B 589 3.72 42.45 36.22
CA PRO B 589 3.33 43.83 36.55
C PRO B 589 3.02 44.68 35.33
N ASP B 590 2.24 45.74 35.53
CA ASP B 590 1.97 46.71 34.46
C ASP B 590 3.21 47.53 34.07
N ALA B 591 3.07 48.34 33.03
CA ALA B 591 4.21 49.05 32.47
C ALA B 591 4.77 50.09 33.44
N ASP B 592 3.91 50.63 34.28
CA ASP B 592 4.33 51.64 35.25
C ASP B 592 5.25 51.05 36.31
N PHE B 593 4.88 49.88 36.83
CA PHE B 593 5.71 49.22 37.83
C PHE B 593 7.07 48.85 37.29
N LEU B 594 7.11 48.41 36.03
CA LEU B 594 8.38 47.97 35.45
C LEU B 594 9.30 49.15 35.16
N GLN B 595 8.70 50.27 34.74
CA GLN B 595 9.44 51.52 34.61
C GLN B 595 10.16 51.87 35.91
N GLY B 596 9.41 51.84 37.02
CA GLY B 596 10.00 52.10 38.32
C GLY B 596 11.09 51.10 38.66
N LEU B 597 10.79 49.81 38.50
CA LEU B 597 11.73 48.75 38.84
C LEU B 597 13.03 48.87 38.05
N ILE B 598 12.91 49.17 36.76
CA ILE B 598 14.09 49.26 35.92
C ILE B 598 14.98 50.43 36.34
N ALA B 599 14.39 51.61 36.49
CA ALA B 599 15.12 52.78 36.95
C ALA B 599 15.90 52.50 38.25
N ASN B 600 15.23 51.95 39.25
CA ASN B 600 15.88 51.64 40.52
C ASN B 600 17.05 50.68 40.36
N LEU B 601 16.86 49.62 39.58
CA LEU B 601 17.93 48.65 39.39
C LEU B 601 19.12 49.28 38.68
N CYS B 602 18.84 50.13 37.71
CA CYS B 602 19.89 50.79 36.92
C CYS B 602 20.66 51.76 37.80
N GLU B 603 19.91 52.60 38.50
CA GLU B 603 20.47 53.57 39.42
C GLU B 603 21.36 52.89 40.45
N GLU B 604 20.88 51.79 40.99
CA GLU B 604 21.59 51.05 42.02
C GLU B 604 22.94 50.60 41.53
N GLN B 605 23.09 50.46 40.22
CA GLN B 605 24.32 49.93 39.65
C GLN B 605 25.12 51.00 38.94
N GLY B 606 24.55 52.21 38.89
CA GLY B 606 25.24 53.34 38.31
C GLY B 606 25.06 53.46 36.80
N VAL B 607 24.14 52.70 36.24
CA VAL B 607 23.87 52.82 34.82
C VAL B 607 22.81 53.88 34.58
N LYS B 608 23.10 54.77 33.63
CA LYS B 608 22.21 55.89 33.33
C LYS B 608 21.68 55.77 31.91
N PRO B 609 20.52 56.39 31.64
CA PRO B 609 19.96 56.46 30.28
C PRO B 609 20.97 57.08 29.33
N LEU B 610 20.99 56.59 28.08
CA LEU B 610 21.81 57.21 27.04
C LEU B 610 21.46 58.70 26.94
N LEU B 611 20.18 58.99 27.10
CA LEU B 611 19.62 60.29 26.74
C LEU B 611 18.16 60.30 27.22
N ASN B 612 17.63 61.48 27.53
CA ASN B 612 16.22 61.60 27.89
C ASN B 612 15.39 62.21 26.77
N THR B 613 14.32 61.52 26.40
CA THR B 613 13.59 61.85 25.18
C THR B 613 12.10 61.69 25.40
N PRO B 614 11.28 62.34 24.56
CA PRO B 614 9.83 62.17 24.62
C PRO B 614 9.48 60.74 24.26
N ASP B 615 8.24 60.33 24.53
CA ASP B 615 7.78 59.00 24.18
C ASP B 615 7.89 58.79 22.67
N GLY B 616 8.20 57.58 22.26
CA GLY B 616 8.23 57.26 20.83
C GLY B 616 9.49 57.74 20.14
N VAL B 617 10.39 58.35 20.90
CA VAL B 617 11.70 58.73 20.37
C VAL B 617 12.75 57.78 20.91
N GLU B 618 13.21 56.89 20.05
CA GLU B 618 14.12 55.81 20.44
C GLU B 618 15.57 56.26 20.39
N VAL B 619 16.36 55.83 21.37
CA VAL B 619 17.78 56.13 21.38
C VAL B 619 18.63 54.90 21.67
N ALA B 620 19.56 54.60 20.78
CA ALA B 620 20.45 53.46 20.96
C ALA B 620 21.87 53.85 20.59
N GLU B 621 22.86 53.12 21.13
CA GLU B 621 24.24 53.53 20.98
C GLU B 621 25.16 52.45 20.44
N ARG B 622 25.96 52.80 19.43
CA ARG B 622 27.02 51.92 18.97
C ARG B 622 28.39 52.61 19.12
N VAL B 623 29.34 51.92 19.72
CA VAL B 623 30.66 52.48 20.00
C VAL B 623 31.74 51.91 19.10
N LYS B 624 32.60 52.76 18.57
CA LYS B 624 33.68 52.32 17.69
C LYS B 624 34.96 52.98 18.12
N ASN B 625 35.96 52.15 18.41
CA ASN B 625 37.14 52.58 19.16
C ASN B 625 36.69 53.18 20.49
N GLY B 626 36.89 54.47 20.68
CA GLY B 626 36.39 55.15 21.85
C GLY B 626 35.22 56.08 21.51
N THR B 627 34.86 56.13 20.22
CA THR B 627 33.81 57.05 19.77
C THR B 627 32.41 56.46 19.94
N SER B 628 31.48 57.29 20.40
CA SER B 628 30.11 56.90 20.66
C SER B 628 29.19 57.47 19.60
N TYR B 629 28.32 56.63 19.04
CA TYR B 629 27.31 57.05 18.06
C TYR B 629 25.91 56.85 18.63
N LEU B 630 25.16 57.94 18.73
CA LEU B 630 23.81 57.92 19.25
C LEU B 630 22.80 57.97 18.12
N PHE B 631 22.15 56.84 17.87
CA PHE B 631 21.08 56.82 16.89
C PHE B 631 19.84 57.32 17.59
N VAL B 632 19.18 58.29 16.97
CA VAL B 632 18.00 58.91 17.55
C VAL B 632 16.88 58.85 16.55
N MET B 633 15.81 58.16 16.91
CA MET B 633 14.79 57.80 15.95
C MET B 633 13.42 58.14 16.45
N ASN B 634 12.75 58.99 15.69
CA ASN B 634 11.45 59.51 16.05
C ASN B 634 10.34 58.75 15.36
N HIS B 635 9.70 57.84 16.09
CA HIS B 635 8.61 57.04 15.54
C HIS B 635 7.33 57.84 15.46
N ASN B 636 7.36 59.01 16.09
CA ASN B 636 6.19 59.88 16.13
C ASN B 636 5.94 60.54 14.79
N ALA B 637 4.65 60.74 14.48
CA ALA B 637 4.24 61.34 13.21
C ALA B 637 4.33 62.86 13.21
N GLU B 638 4.85 63.43 14.30
CA GLU B 638 5.08 64.87 14.35
C GLU B 638 6.38 65.23 15.03
N GLU B 639 6.99 66.29 14.52
CA GLU B 639 8.19 66.89 15.11
C GLU B 639 8.29 66.67 16.61
N MET B 640 9.50 66.39 17.07
CA MET B 640 9.74 66.17 18.48
C MET B 640 11.01 66.90 18.87
N THR B 641 11.11 67.34 20.12
CA THR B 641 12.31 68.02 20.56
C THR B 641 12.82 67.39 21.86
N PHE B 642 14.14 67.36 22.00
CA PHE B 642 14.77 66.77 23.18
C PHE B 642 16.06 67.51 23.44
N ASP B 643 16.69 67.22 24.58
CA ASP B 643 17.97 67.81 24.93
C ASP B 643 19.07 66.81 24.64
N ALA B 644 19.93 67.13 23.69
CA ALA B 644 20.93 66.17 23.21
C ALA B 644 22.16 66.08 24.09
N GLY B 645 22.18 66.83 25.18
CA GLY B 645 23.37 66.93 26.01
C GLY B 645 24.24 68.10 25.60
N ALA B 646 25.20 68.46 26.44
CA ALA B 646 26.01 69.65 26.20
C ALA B 646 27.25 69.41 25.34
N SER B 647 27.71 68.17 25.27
CA SER B 647 28.93 67.84 24.54
C SER B 647 28.82 68.18 23.06
N ARG B 648 29.92 68.66 22.48
CA ARG B 648 29.91 69.03 21.08
C ARG B 648 29.78 67.77 20.21
N GLN B 649 28.75 67.75 19.40
CA GLN B 649 28.49 66.58 18.58
C GLN B 649 27.83 66.96 17.27
N ARG B 650 28.11 66.19 16.23
CA ARG B 650 27.47 66.43 14.95
C ARG B 650 26.56 65.29 14.56
N ASP B 651 25.49 65.64 13.85
CA ASP B 651 24.60 64.68 13.23
C ASP B 651 25.24 64.27 11.90
N LEU B 652 25.59 63.00 11.77
CA LEU B 652 26.23 62.50 10.56
C LEU B 652 25.35 62.63 9.31
N LEU B 653 24.05 62.70 9.51
CA LEU B 653 23.12 62.72 8.37
C LEU B 653 22.91 64.13 7.84
N THR B 654 23.37 65.12 8.59
CA THR B 654 23.21 66.51 8.17
C THR B 654 24.55 67.25 8.15
N GLY B 655 25.48 66.79 8.98
CA GLY B 655 26.73 67.50 9.14
C GLY B 655 26.65 68.60 10.19
N LYS B 656 25.42 69.00 10.54
CA LYS B 656 25.20 70.04 11.54
C LYS B 656 25.82 69.70 12.88
N THR B 657 26.08 70.73 13.68
CA THR B 657 26.58 70.50 15.02
C THR B 657 25.42 70.67 16.00
N ILE B 658 25.28 69.71 16.90
CA ILE B 658 24.16 69.66 17.80
C ILE B 658 24.62 69.83 19.24
N SER B 659 23.86 70.62 20.01
CA SER B 659 24.14 70.80 21.42
C SER B 659 22.94 71.40 22.13
N GLY B 660 22.50 70.77 23.21
CA GLY B 660 21.33 71.22 23.96
C GLY B 660 20.04 70.85 23.27
N GLN B 661 19.00 71.67 23.47
CA GLN B 661 17.73 71.43 22.83
C GLN B 661 17.90 71.29 21.32
N ALA B 662 17.24 70.28 20.75
CA ALA B 662 17.32 69.98 19.33
C ALA B 662 16.00 69.37 18.88
N THR B 663 15.56 69.69 17.67
CA THR B 663 14.34 69.10 17.14
C THR B 663 14.60 68.00 16.11
N ILE B 664 13.75 66.99 16.12
CA ILE B 664 13.83 65.90 15.16
C ILE B 664 12.49 65.87 14.43
N PRO B 665 12.53 65.79 13.08
CA PRO B 665 11.32 65.81 12.24
C PRO B 665 10.50 64.54 12.47
N ALA B 666 9.31 64.50 11.90
CA ALA B 666 8.50 63.30 12.04
C ALA B 666 9.23 62.15 11.34
N ARG B 667 9.17 60.96 11.92
CA ARG B 667 9.80 59.81 11.31
C ARG B 667 11.30 60.01 11.18
N GLY B 668 11.83 61.01 11.87
CA GLY B 668 13.20 61.45 11.63
C GLY B 668 14.26 60.61 12.31
N VAL B 669 15.47 60.67 11.77
CA VAL B 669 16.61 59.98 12.36
C VAL B 669 17.81 60.92 12.51
N MET B 670 18.47 60.88 13.65
CA MET B 670 19.75 61.56 13.79
C MET B 670 20.80 60.55 14.21
N ILE B 671 22.04 60.77 13.77
CA ILE B 671 23.16 59.96 14.26
C ILE B 671 24.25 60.89 14.81
N LEU B 672 24.29 60.98 16.13
CA LEU B 672 25.20 61.90 16.82
C LEU B 672 26.56 61.26 17.08
N GLU B 673 27.60 61.88 16.52
CA GLU B 673 28.97 61.45 16.75
C GLU B 673 29.53 62.19 17.96
N ARG B 674 30.00 61.42 18.94
CA ARG B 674 30.58 61.99 20.16
C ARG B 674 31.77 61.15 20.61
N ALA B 675 32.72 61.76 21.31
CA ALA B 675 33.81 61.00 21.92
C ALA B 675 33.44 60.56 23.33
N MET C 1 -22.84 -0.91 52.15
CA MET C 1 -21.61 -0.15 51.94
C MET C 1 -20.93 -0.57 50.66
N ILE C 2 -20.08 0.29 50.12
CA ILE C 2 -19.32 -0.08 48.94
C ILE C 2 -18.51 -1.34 49.24
N ASN C 3 -17.82 -1.37 50.36
CA ASN C 3 -17.18 -2.59 50.84
C ASN C 3 -17.21 -2.68 52.37
N GLU C 4 -17.87 -3.72 52.87
CA GLU C 4 -18.15 -3.86 54.29
C GLU C 4 -16.89 -3.85 55.14
N LYS C 5 -15.79 -4.32 54.58
CA LYS C 5 -14.53 -4.39 55.33
C LYS C 5 -13.84 -3.03 55.45
N PHE C 6 -14.50 -1.97 54.98
CA PHE C 6 -13.91 -0.64 54.94
C PHE C 6 -15.01 0.40 55.22
N PRO C 7 -15.47 0.46 56.49
CA PRO C 7 -16.70 1.16 56.92
C PRO C 7 -16.56 2.65 57.20
N LYS C 8 -16.07 3.41 56.22
CA LYS C 8 -16.13 4.86 56.28
C LYS C 8 -16.07 5.43 54.86
N ILE C 9 -16.15 6.75 54.74
CA ILE C 9 -15.90 7.41 53.48
C ILE C 9 -14.42 7.31 53.13
N TRP C 10 -14.08 6.47 52.16
CA TRP C 10 -12.71 6.27 51.74
C TRP C 10 -12.01 7.59 51.43
N TYR C 11 -10.77 7.71 51.85
CA TYR C 11 -10.00 8.92 51.60
C TYR C 11 -8.63 8.55 51.05
N GLY C 12 -8.33 9.04 49.86
CA GLY C 12 -7.07 8.71 49.24
C GLY C 12 -7.08 9.13 47.78
N GLY C 13 -6.57 8.27 46.90
CA GLY C 13 -6.61 8.55 45.48
C GLY C 13 -5.55 7.80 44.70
N ASP C 14 -5.36 8.19 43.45
CA ASP C 14 -4.37 7.59 42.58
C ASP C 14 -2.99 7.74 43.19
N TYR C 15 -2.25 6.65 43.16
CA TYR C 15 -0.93 6.59 43.75
C TYR C 15 0.01 5.84 42.81
N ASN C 16 1.14 6.47 42.48
CA ASN C 16 2.06 5.95 41.46
C ASN C 16 3.51 5.89 41.91
N PRO C 17 3.78 5.08 42.93
CA PRO C 17 5.13 5.00 43.49
C PRO C 17 6.12 4.38 42.51
N GLU C 18 5.63 3.75 41.45
CA GLU C 18 6.53 3.16 40.48
C GLU C 18 7.18 4.25 39.63
N GLN C 19 6.75 5.48 39.85
CA GLN C 19 7.38 6.63 39.24
C GLN C 19 8.51 7.15 40.13
N TRP C 20 8.69 6.53 41.30
CA TRP C 20 9.66 7.03 42.28
C TRP C 20 10.63 5.94 42.73
N ASP C 21 10.77 5.80 44.05
CA ASP C 21 11.69 4.80 44.60
C ASP C 21 11.25 4.43 46.03
N LYS C 22 11.98 3.52 46.66
CA LYS C 22 11.56 3.06 47.97
C LYS C 22 11.68 4.14 49.04
N ALA C 23 12.70 4.98 48.94
CA ALA C 23 12.87 6.05 49.91
C ALA C 23 11.65 6.97 49.92
N THR C 24 11.26 7.46 48.75
CA THR C 24 10.14 8.39 48.69
C THR C 24 8.85 7.71 49.15
N MET C 25 8.76 6.41 48.92
CA MET C 25 7.60 5.67 49.40
C MET C 25 7.48 5.69 50.92
N GLU C 26 8.62 5.76 51.62
CA GLU C 26 8.59 5.87 53.08
C GLU C 26 8.02 7.22 53.49
N GLU C 27 8.39 8.24 52.73
CA GLU C 27 7.89 9.57 52.98
C GLU C 27 6.39 9.61 52.73
N ASP C 28 5.96 8.90 51.69
CA ASP C 28 4.53 8.82 51.36
C ASP C 28 3.74 8.26 52.54
N MET C 29 4.16 7.09 53.04
CA MET C 29 3.48 6.47 54.16
C MET C 29 3.40 7.43 55.35
N ARG C 30 4.50 8.12 55.63
CA ARG C 30 4.52 9.06 56.75
C ARG C 30 3.45 10.11 56.56
N MET C 31 3.44 10.75 55.40
CA MET C 31 2.52 11.85 55.14
C MET C 31 1.07 11.41 54.96
N PHE C 32 0.87 10.22 54.39
CA PHE C 32 -0.47 9.69 54.21
C PHE C 32 -1.11 9.48 55.57
N ASN C 33 -0.28 9.08 56.53
CA ASN C 33 -0.76 8.92 57.89
C ASN C 33 -1.17 10.26 58.52
N LEU C 34 -0.39 11.30 58.25
CA LEU C 34 -0.72 12.67 58.67
C LEU C 34 -2.02 13.17 58.04
N ALA C 35 -2.26 12.78 56.79
CA ALA C 35 -3.38 13.32 56.02
C ALA C 35 -4.69 12.56 56.25
N GLY C 36 -4.60 11.38 56.86
CA GLY C 36 -5.77 10.55 57.10
C GLY C 36 -6.16 9.76 55.86
N ILE C 37 -5.17 9.47 55.03
CA ILE C 37 -5.36 8.73 53.79
C ILE C 37 -5.28 7.22 54.02
N ASP C 38 -6.34 6.52 53.67
CA ASP C 38 -6.46 5.09 53.93
C ASP C 38 -6.87 4.25 52.70
N VAL C 39 -6.80 4.84 51.51
CA VAL C 39 -7.00 4.07 50.30
C VAL C 39 -6.07 4.58 49.19
N ALA C 40 -5.50 3.65 48.45
CA ALA C 40 -4.66 4.03 47.32
C ALA C 40 -5.12 3.32 46.06
N THR C 41 -5.24 4.11 44.99
CA THR C 41 -5.56 3.55 43.67
C THR C 41 -4.26 3.34 42.89
N VAL C 42 -3.88 2.07 42.75
CA VAL C 42 -2.56 1.69 42.23
C VAL C 42 -2.62 0.88 40.94
N ASN C 43 -1.50 0.85 40.24
CA ASN C 43 -1.33 0.07 39.02
C ASN C 43 -2.20 0.51 37.87
N VAL C 44 -2.52 1.80 37.78
CA VAL C 44 -3.40 2.26 36.70
C VAL C 44 -2.67 2.35 35.36
N PHE C 45 -1.37 2.62 35.39
CA PHE C 45 -0.66 2.87 34.16
C PHE C 45 0.71 2.21 34.11
N SER C 46 0.75 0.90 34.33
CA SER C 46 2.01 0.18 34.40
C SER C 46 1.99 -1.10 33.58
N TRP C 47 1.15 -1.12 32.56
CA TRP C 47 1.08 -2.26 31.67
C TRP C 47 2.48 -2.62 31.13
N ALA C 48 3.19 -1.63 30.59
CA ALA C 48 4.56 -1.88 30.07
C ALA C 48 5.54 -2.35 31.14
N LYS C 49 5.42 -1.81 32.35
CA LYS C 49 6.27 -2.24 33.45
C LYS C 49 6.02 -3.71 33.73
N ILE C 50 4.77 -4.10 33.67
CA ILE C 50 4.40 -5.48 33.92
C ILE C 50 4.81 -6.39 32.76
N GLN C 51 4.40 -6.03 31.56
CA GLN C 51 4.52 -6.94 30.42
C GLN C 51 5.41 -6.35 29.34
N ARG C 52 6.66 -6.82 29.24
CA ARG C 52 7.62 -6.25 28.30
C ARG C 52 7.56 -6.88 26.88
N ASP C 53 6.89 -8.03 26.78
CA ASP C 53 6.64 -8.64 25.49
C ASP C 53 5.46 -9.57 25.63
N GLU C 54 5.14 -10.34 24.60
CA GLU C 54 3.86 -11.01 24.62
C GLU C 54 3.86 -12.18 25.58
N VAL C 55 5.02 -12.44 26.19
CA VAL C 55 5.18 -13.65 26.97
C VAL C 55 5.70 -13.45 28.41
N SER C 56 6.15 -12.25 28.75
CA SER C 56 6.79 -12.00 30.04
C SER C 56 5.94 -11.13 30.97
N TYR C 57 5.81 -11.55 32.22
CA TYR C 57 5.07 -10.77 33.23
C TYR C 57 5.86 -10.66 34.53
N ASP C 58 6.16 -9.44 34.95
CA ASP C 58 6.80 -9.20 36.22
C ASP C 58 5.87 -8.45 37.16
N PHE C 59 5.54 -9.09 38.28
CA PHE C 59 4.66 -8.49 39.26
C PHE C 59 5.41 -8.19 40.57
N THR C 60 6.71 -8.45 40.58
CA THR C 60 7.52 -8.34 41.82
C THR C 60 7.55 -6.93 42.41
N TRP C 61 7.69 -5.92 41.57
CA TRP C 61 7.64 -4.53 42.02
C TRP C 61 6.28 -4.18 42.63
N LEU C 62 5.22 -4.80 42.08
CA LEU C 62 3.87 -4.49 42.53
C LEU C 62 3.59 -5.18 43.86
N ASP C 63 4.09 -6.41 44.02
CA ASP C 63 4.01 -7.08 45.29
C ASP C 63 4.52 -6.16 46.38
N ASP C 64 5.68 -5.56 46.12
CA ASP C 64 6.30 -4.68 47.09
C ASP C 64 5.40 -3.54 47.49
N ILE C 65 4.88 -2.84 46.49
CA ILE C 65 4.02 -1.70 46.73
C ILE C 65 2.81 -2.12 47.57
N ILE C 66 2.23 -3.26 47.22
CA ILE C 66 1.05 -3.75 47.92
C ILE C 66 1.38 -4.12 49.36
N GLU C 67 2.52 -4.76 49.54
CA GLU C 67 2.94 -5.25 50.83
C GLU C 67 3.24 -4.06 51.76
N ARG C 68 3.82 -3.01 51.19
CA ARG C 68 4.17 -1.83 51.97
C ARG C 68 2.94 -1.05 52.42
N LEU C 69 1.93 -1.01 51.56
CA LEU C 69 0.69 -0.31 51.87
C LEU C 69 -0.11 -1.10 52.89
N THR C 70 -0.02 -2.42 52.80
CA THR C 70 -0.68 -3.29 53.75
C THR C 70 -0.12 -3.13 55.18
N LYS C 71 1.20 -2.91 55.28
CA LYS C 71 1.85 -2.67 56.56
C LYS C 71 1.20 -1.49 57.25
N GLU C 72 0.79 -0.52 56.43
CA GLU C 72 0.26 0.76 56.90
C GLU C 72 -1.25 0.69 57.06
N ASN C 73 -1.83 -0.46 56.72
CA ASN C 73 -3.27 -0.64 56.76
C ASN C 73 -4.02 0.25 55.77
N ILE C 74 -3.35 0.64 54.71
CA ILE C 74 -4.00 1.36 53.62
C ILE C 74 -4.66 0.34 52.68
N TYR C 75 -5.92 0.59 52.33
CA TYR C 75 -6.67 -0.28 51.41
C TYR C 75 -6.33 -0.03 49.94
N LEU C 76 -6.55 -1.03 49.10
CA LEU C 76 -6.19 -0.94 47.70
C LEU C 76 -7.37 -0.92 46.75
N CYS C 77 -7.40 0.12 45.92
CA CYS C 77 -8.22 0.15 44.73
C CYS C 77 -7.27 -0.29 43.60
N LEU C 78 -7.32 -1.58 43.24
CA LEU C 78 -6.37 -2.15 42.31
C LEU C 78 -6.82 -2.03 40.85
N ALA C 79 -6.00 -1.39 40.04
CA ALA C 79 -6.31 -1.24 38.62
C ALA C 79 -5.70 -2.37 37.83
N THR C 80 -6.26 -2.61 36.65
CA THR C 80 -5.77 -3.65 35.75
C THR C 80 -4.71 -3.13 34.80
N SER C 81 -4.49 -1.82 34.79
CA SER C 81 -3.42 -1.23 33.98
C SER C 81 -3.74 -1.19 32.49
N THR C 82 -4.96 -1.54 32.10
CA THR C 82 -5.30 -1.59 30.67
C THR C 82 -5.67 -0.23 30.05
N GLY C 83 -5.57 0.84 30.83
CA GLY C 83 -5.82 2.19 30.34
C GLY C 83 -4.84 2.73 29.30
N ALA C 84 -3.68 2.10 29.19
CA ALA C 84 -2.67 2.53 28.21
C ALA C 84 -1.82 1.32 27.84
N HIS C 85 -1.88 0.92 26.57
CA HIS C 85 -1.12 -0.23 26.10
C HIS C 85 0.38 0.09 25.95
N PRO C 86 1.23 -0.93 25.98
CA PRO C 86 2.67 -0.67 25.88
C PRO C 86 3.09 -0.25 24.47
N ALA C 87 4.23 0.42 24.39
CA ALA C 87 4.77 0.86 23.11
C ALA C 87 5.17 -0.32 22.20
N TRP C 88 5.67 -1.40 22.79
CA TRP C 88 6.05 -2.57 22.00
C TRP C 88 4.84 -3.18 21.29
N MET C 89 3.71 -3.19 21.97
CA MET C 89 2.47 -3.74 21.43
C MET C 89 1.92 -2.89 20.26
N ALA C 90 1.92 -1.57 20.43
CA ALA C 90 1.56 -0.69 19.32
C ALA C 90 2.48 -0.93 18.14
N LYS C 91 3.74 -1.25 18.41
CA LYS C 91 4.72 -1.42 17.35
C LYS C 91 4.54 -2.74 16.62
N LYS C 92 4.38 -3.83 17.37
CA LYS C 92 4.23 -5.16 16.76
C LYS C 92 2.81 -5.47 16.35
N TYR C 93 1.83 -4.89 17.04
CA TYR C 93 0.43 -5.19 16.76
C TYR C 93 -0.35 -3.90 16.54
N PRO C 94 -0.21 -3.31 15.35
CA PRO C 94 -0.88 -2.03 15.08
C PRO C 94 -2.41 -2.12 15.07
N ASP C 95 -3.00 -3.31 15.13
CA ASP C 95 -4.46 -3.41 15.19
C ASP C 95 -4.96 -2.83 16.52
N VAL C 96 -4.03 -2.59 17.42
CA VAL C 96 -4.35 -2.05 18.74
C VAL C 96 -4.61 -0.54 18.66
N LEU C 97 -4.11 0.09 17.60
CA LEU C 97 -4.14 1.54 17.43
C LEU C 97 -5.40 1.97 16.70
N ARG C 98 -5.95 3.12 17.11
CA ARG C 98 -7.15 3.63 16.51
C ARG C 98 -6.88 4.38 15.20
N VAL C 99 -7.88 4.35 14.32
CA VAL C 99 -8.01 5.29 13.23
C VAL C 99 -8.98 6.37 13.72
N ASP C 100 -8.62 7.64 13.52
CA ASP C 100 -9.40 8.73 14.06
C ASP C 100 -10.51 9.24 13.15
N TYR C 101 -11.18 10.29 13.64
CA TYR C 101 -12.33 10.89 13.00
C TYR C 101 -11.94 11.45 11.64
N GLU C 102 -10.70 11.89 11.52
CA GLU C 102 -10.20 12.47 10.28
C GLU C 102 -9.65 11.41 9.34
N GLY C 103 -9.81 10.14 9.71
CA GLY C 103 -9.45 9.04 8.81
C GLY C 103 -8.03 8.54 8.97
N ARG C 104 -7.31 9.09 9.95
CA ARG C 104 -5.89 8.82 10.10
C ARG C 104 -5.57 7.68 11.05
N LYS C 105 -4.66 6.80 10.63
CA LYS C 105 -4.12 5.75 11.50
C LYS C 105 -3.13 6.33 12.53
N ARG C 106 -3.47 6.22 13.81
CA ARG C 106 -2.56 6.75 14.85
C ARG C 106 -1.31 5.89 15.02
N LYS C 107 -0.25 6.50 15.53
CA LYS C 107 0.92 5.79 16.00
C LYS C 107 0.86 5.76 17.52
N PHE C 108 1.76 5.03 18.17
CA PHE C 108 1.81 5.00 19.63
C PHE C 108 1.88 6.37 20.27
N GLY C 109 1.04 6.60 21.27
CA GLY C 109 1.06 7.87 21.99
C GLY C 109 -0.18 8.05 22.85
N GLY C 110 -0.11 8.94 23.83
CA GLY C 110 -1.23 9.21 24.72
C GLY C 110 -1.71 8.00 25.51
N ARG C 111 -3.02 7.89 25.65
CA ARG C 111 -3.63 6.85 26.48
C ARG C 111 -5.10 6.74 26.13
N HIS C 112 -5.77 5.76 26.74
CA HIS C 112 -7.23 5.59 26.58
C HIS C 112 -7.60 5.39 25.12
N ASN C 113 -6.71 4.79 24.33
CA ASN C 113 -6.95 4.80 22.90
C ASN C 113 -6.66 3.50 22.18
N SER C 114 -6.90 2.39 22.87
CA SER C 114 -6.89 1.12 22.21
C SER C 114 -8.19 0.97 21.44
N CYS C 115 -8.11 0.39 20.25
CA CYS C 115 -9.30 0.08 19.47
C CYS C 115 -10.09 -1.01 20.23
N PRO C 116 -11.37 -0.76 20.51
CA PRO C 116 -12.11 -1.71 21.36
C PRO C 116 -12.51 -2.98 20.62
N ASN C 117 -12.27 -3.03 19.30
CA ASN C 117 -12.56 -4.25 18.56
C ASN C 117 -11.26 -4.93 18.11
N SER C 118 -10.15 -4.56 18.77
CA SER C 118 -8.84 -5.12 18.47
C SER C 118 -8.62 -6.51 19.05
N PRO C 119 -8.34 -7.48 18.18
CA PRO C 119 -8.07 -8.84 18.70
C PRO C 119 -6.86 -8.84 19.63
N THR C 120 -5.78 -8.15 19.29
CA THR C 120 -4.61 -8.11 20.17
C THR C 120 -4.95 -7.50 21.53
N TYR C 121 -5.61 -6.36 21.52
CA TYR C 121 -5.94 -5.66 22.74
C TYR C 121 -6.78 -6.53 23.65
N ARG C 122 -7.88 -7.06 23.10
CA ARG C 122 -8.74 -7.94 23.87
C ARG C 122 -7.97 -9.13 24.43
N LYS C 123 -7.16 -9.77 23.59
CA LYS C 123 -6.39 -10.91 24.09
C LYS C 123 -5.54 -10.54 25.29
N TYR C 124 -4.72 -9.51 25.16
CA TYR C 124 -3.79 -9.21 26.24
C TYR C 124 -4.43 -8.53 27.46
N ALA C 125 -5.41 -7.66 27.23
CA ALA C 125 -6.11 -7.05 28.33
C ALA C 125 -6.77 -8.11 29.21
N LYS C 126 -7.43 -9.08 28.58
CA LYS C 126 -8.09 -10.14 29.34
C LYS C 126 -7.08 -10.96 30.15
N ILE C 127 -5.97 -11.33 29.53
CA ILE C 127 -4.93 -12.09 30.21
C ILE C 127 -4.32 -11.32 31.40
N LEU C 128 -4.09 -10.03 31.22
CA LEU C 128 -3.48 -9.21 32.25
C LEU C 128 -4.42 -9.10 33.46
N ALA C 129 -5.70 -8.86 33.19
CA ALA C 129 -6.67 -8.73 34.26
C ALA C 129 -6.75 -10.06 35.00
N GLY C 130 -6.75 -11.15 34.25
CA GLY C 130 -6.79 -12.47 34.82
C GLY C 130 -5.59 -12.81 35.69
N LYS C 131 -4.40 -12.42 35.25
CA LYS C 131 -3.21 -12.72 36.04
C LYS C 131 -3.19 -11.93 37.33
N LEU C 132 -3.61 -10.66 37.27
CA LEU C 132 -3.68 -9.84 38.47
C LEU C 132 -4.64 -10.46 39.48
N ALA C 133 -5.82 -10.86 39.03
CA ALA C 133 -6.83 -11.41 39.93
C ALA C 133 -6.31 -12.71 40.56
N GLU C 134 -5.73 -13.55 39.72
CA GLU C 134 -5.20 -14.81 40.19
C GLU C 134 -4.09 -14.63 41.23
N ARG C 135 -3.16 -13.73 40.95
CA ARG C 135 -2.01 -13.56 41.81
C ARG C 135 -2.39 -13.01 43.17
N TYR C 136 -3.39 -12.14 43.18
CA TYR C 136 -3.77 -11.43 44.38
C TYR C 136 -5.14 -11.82 44.88
N LYS C 137 -5.64 -12.98 44.45
CA LYS C 137 -7.00 -13.39 44.80
C LYS C 137 -7.24 -13.45 46.30
N ASP C 138 -6.24 -13.93 47.03
CA ASP C 138 -6.41 -14.15 48.47
C ASP C 138 -6.00 -12.96 49.32
N HIS C 139 -5.68 -11.84 48.69
CA HIS C 139 -5.19 -10.69 49.46
C HIS C 139 -6.34 -9.88 50.07
N PRO C 140 -6.24 -9.60 51.38
CA PRO C 140 -7.27 -8.94 52.21
C PRO C 140 -7.40 -7.42 52.02
N GLN C 141 -6.44 -6.74 51.40
CA GLN C 141 -6.49 -5.29 51.28
C GLN C 141 -7.20 -4.81 50.01
N ILE C 142 -7.33 -5.67 49.02
CA ILE C 142 -7.99 -5.26 47.79
C ILE C 142 -9.49 -5.13 48.01
N VAL C 143 -9.99 -3.91 47.86
CA VAL C 143 -11.33 -3.59 48.28
C VAL C 143 -12.18 -3.20 47.08
N MET C 144 -11.53 -3.01 45.94
CA MET C 144 -12.18 -2.56 44.70
C MET C 144 -11.29 -2.86 43.49
N TRP C 145 -11.89 -3.32 42.38
CA TRP C 145 -11.13 -3.40 41.12
C TRP C 145 -11.42 -2.15 40.30
N HIS C 146 -10.38 -1.64 39.65
CA HIS C 146 -10.47 -0.44 38.84
C HIS C 146 -10.07 -0.82 37.40
N VAL C 147 -11.06 -1.20 36.61
CA VAL C 147 -10.82 -1.69 35.25
C VAL C 147 -10.44 -0.57 34.28
N SER C 148 -9.29 -0.76 33.62
CA SER C 148 -8.78 0.23 32.69
C SER C 148 -8.79 1.61 33.35
N ASN C 149 -9.06 2.64 32.55
CA ASN C 149 -9.15 4.01 33.02
C ASN C 149 -9.91 4.86 32.03
N GLU C 150 -10.87 5.64 32.51
CA GLU C 150 -11.68 6.53 31.68
C GLU C 150 -11.83 6.08 30.21
N TYR C 151 -12.63 5.03 29.98
CA TYR C 151 -12.96 4.61 28.62
C TYR C 151 -13.60 5.76 27.86
N GLY C 152 -13.28 5.86 26.57
CA GLY C 152 -13.91 6.85 25.73
C GLY C 152 -13.15 7.03 24.43
N GLY C 153 -13.62 7.95 23.60
CA GLY C 153 -13.06 8.19 22.29
C GLY C 153 -13.65 7.20 21.30
N TYR C 154 -13.77 7.61 20.04
CA TYR C 154 -14.27 6.72 19.01
C TYR C 154 -13.15 6.25 18.09
N CYS C 155 -13.33 5.06 17.53
CA CYS C 155 -12.41 4.52 16.55
C CYS C 155 -13.17 4.27 15.24
N TYR C 156 -12.49 4.45 14.12
CA TYR C 156 -13.10 4.26 12.81
C TYR C 156 -12.24 3.37 11.92
N CYS C 157 -11.47 2.48 12.54
CA CYS C 157 -10.62 1.58 11.78
C CYS C 157 -11.44 0.51 11.05
N ASP C 158 -10.76 -0.26 10.22
CA ASP C 158 -11.34 -1.37 9.48
C ASP C 158 -12.02 -2.38 10.39
N ASN C 159 -11.39 -2.68 11.52
CA ASN C 159 -11.97 -3.66 12.43
C ASN C 159 -13.27 -3.18 13.05
N CYS C 160 -13.33 -1.91 13.41
CA CYS C 160 -14.58 -1.35 13.92
C CYS C 160 -15.64 -1.34 12.83
N GLU C 161 -15.22 -1.15 11.59
CA GLU C 161 -16.17 -1.05 10.49
C GLU C 161 -16.80 -2.40 10.20
N LYS C 162 -15.99 -3.45 10.16
CA LYS C 162 -16.50 -4.79 9.95
C LYS C 162 -17.40 -5.23 11.12
N GLN C 163 -17.04 -4.81 12.32
CA GLN C 163 -17.81 -5.15 13.50
C GLN C 163 -19.09 -4.28 13.59
N PHE C 164 -19.05 -3.04 13.12
CA PHE C 164 -20.27 -2.23 12.99
C PHE C 164 -21.34 -2.97 12.17
N ARG C 165 -20.93 -3.54 11.05
CA ARG C 165 -21.85 -4.31 10.19
C ARG C 165 -22.47 -5.50 10.91
N VAL C 166 -21.68 -6.20 11.72
CA VAL C 166 -22.20 -7.30 12.52
C VAL C 166 -23.23 -6.79 13.53
N TRP C 167 -22.87 -5.73 14.23
CA TRP C 167 -23.74 -5.11 15.21
C TRP C 167 -25.05 -4.71 14.55
N LEU C 168 -24.95 -4.19 13.33
CA LEU C 168 -26.14 -3.82 12.55
C LEU C 168 -26.95 -5.06 12.16
N LYS C 169 -26.28 -6.13 11.74
CA LYS C 169 -26.96 -7.38 11.42
C LYS C 169 -27.76 -7.88 12.62
N GLU C 170 -27.16 -7.80 13.81
CA GLU C 170 -27.83 -8.28 15.02
C GLU C 170 -28.98 -7.37 15.40
N ARG C 171 -28.82 -6.07 15.15
CA ARG C 171 -29.85 -5.13 15.58
C ARG C 171 -31.08 -5.18 14.66
N TYR C 172 -30.87 -5.20 13.35
CA TYR C 172 -31.97 -5.05 12.40
C TYR C 172 -32.35 -6.33 11.66
N GLY C 173 -31.50 -7.35 11.72
CA GLY C 173 -31.81 -8.62 11.08
C GLY C 173 -31.69 -8.65 9.57
N THR C 174 -32.25 -7.64 8.89
CA THR C 174 -32.28 -7.65 7.43
C THR C 174 -31.93 -6.29 6.85
N LEU C 175 -31.57 -6.25 5.59
CA LEU C 175 -31.31 -4.98 4.95
C LEU C 175 -32.61 -4.19 4.72
N GLU C 176 -33.74 -4.87 4.56
CA GLU C 176 -35.01 -4.15 4.49
C GLU C 176 -35.22 -3.36 5.77
N ALA C 177 -35.03 -4.00 6.92
CA ALA C 177 -35.27 -3.31 8.18
C ALA C 177 -34.26 -2.16 8.34
N LEU C 178 -33.00 -2.43 8.03
CA LEU C 178 -31.97 -1.40 8.13
C LEU C 178 -32.24 -0.20 7.23
N ASN C 179 -32.55 -0.47 5.97
CA ASN C 179 -32.83 0.61 5.04
C ASN C 179 -34.02 1.46 5.49
N LYS C 180 -35.03 0.82 6.06
CA LYS C 180 -36.16 1.58 6.57
C LYS C 180 -35.78 2.46 7.78
N ALA C 181 -35.06 1.89 8.73
CA ALA C 181 -34.68 2.61 9.95
C ALA C 181 -33.85 3.85 9.63
N TRP C 182 -32.95 3.69 8.68
CA TRP C 182 -32.02 4.73 8.33
C TRP C 182 -32.59 5.67 7.27
N ASN C 183 -33.79 5.34 6.81
CA ASN C 183 -34.45 6.08 5.74
C ASN C 183 -33.57 6.28 4.50
N THR C 184 -32.93 5.21 4.07
CA THR C 184 -31.91 5.27 3.02
C THR C 184 -32.42 5.63 1.62
N SER C 185 -33.74 5.71 1.44
CA SER C 185 -34.27 6.11 0.13
C SER C 185 -33.88 7.57 -0.16
N PHE C 186 -33.59 8.30 0.91
CA PHE C 186 -33.03 9.64 0.85
C PHE C 186 -31.66 9.63 0.17
N TRP C 187 -31.45 10.56 -0.75
CA TRP C 187 -30.13 10.71 -1.37
C TRP C 187 -29.58 9.37 -1.86
N SER C 188 -30.44 8.56 -2.49
CA SER C 188 -30.01 7.33 -3.15
C SER C 188 -29.09 6.50 -2.25
N HIS C 189 -29.45 6.40 -0.99
CA HIS C 189 -28.61 5.74 0.03
C HIS C 189 -28.93 4.24 0.21
N THR C 190 -29.75 3.69 -0.68
CA THR C 190 -30.18 2.28 -0.57
C THR C 190 -28.98 1.34 -0.47
N PHE C 191 -28.97 0.48 0.55
CA PHE C 191 -27.92 -0.53 0.70
C PHE C 191 -28.43 -1.89 0.27
N TYR C 192 -27.67 -2.55 -0.59
CA TYR C 192 -28.00 -3.87 -1.09
C TYR C 192 -27.13 -4.95 -0.47
N ASP C 193 -26.11 -4.54 0.27
CA ASP C 193 -25.20 -5.46 0.93
C ASP C 193 -24.60 -4.76 2.13
N TRP C 194 -24.37 -5.49 3.21
CA TRP C 194 -23.87 -4.93 4.45
C TRP C 194 -22.49 -4.29 4.31
N ASP C 195 -21.66 -4.82 3.41
CA ASP C 195 -20.32 -4.28 3.26
C ASP C 195 -20.34 -2.94 2.56
N GLU C 196 -21.48 -2.55 2.01
CA GLU C 196 -21.58 -1.22 1.40
C GLU C 196 -21.60 -0.14 2.46
N ILE C 197 -21.94 -0.55 3.68
CA ILE C 197 -22.07 0.36 4.79
C ILE C 197 -20.70 0.71 5.35
N VAL C 198 -20.46 2.00 5.59
CA VAL C 198 -19.20 2.43 6.18
C VAL C 198 -19.36 3.20 7.50
N ALA C 199 -18.26 3.37 8.23
CA ALA C 199 -18.27 4.19 9.43
C ALA C 199 -18.40 5.67 9.05
N PRO C 200 -19.26 6.41 9.78
CA PRO C 200 -19.49 7.84 9.55
C PRO C 200 -18.45 8.74 10.23
N ASN C 201 -17.57 9.35 9.44
CA ASN C 201 -16.60 10.32 9.96
C ASN C 201 -16.28 11.33 8.85
N ALA C 202 -15.14 12.02 8.95
CA ALA C 202 -14.80 13.06 7.96
C ALA C 202 -14.67 12.54 6.53
N LEU C 203 -14.50 11.24 6.36
CA LEU C 203 -14.34 10.63 5.05
C LEU C 203 -15.67 10.36 4.35
N SER C 204 -16.76 10.32 5.11
CA SER C 204 -18.05 9.86 4.56
C SER C 204 -19.26 10.77 4.83
N GLU C 205 -19.89 10.61 5.99
CA GLU C 205 -21.18 11.21 6.28
C GLU C 205 -21.08 12.47 7.17
N GLU C 206 -19.95 12.66 7.86
CA GLU C 206 -19.83 13.69 8.89
C GLU C 206 -18.77 14.77 8.66
N TRP C 207 -18.91 15.85 9.41
CA TRP C 207 -17.90 16.92 9.43
C TRP C 207 -18.02 17.78 10.68
N SER C 208 -16.95 18.49 11.00
CA SER C 208 -16.93 19.42 12.13
C SER C 208 -17.23 18.78 13.50
N GLY C 209 -17.01 17.47 13.63
CA GLY C 209 -17.22 16.82 14.91
C GLY C 209 -18.65 16.44 15.24
N ASN C 210 -19.63 17.27 14.87
CA ASN C 210 -21.03 17.00 15.24
C ASN C 210 -22.07 17.16 14.14
N ARG C 211 -21.62 17.37 12.91
CA ARG C 211 -22.51 17.54 11.79
C ARG C 211 -22.58 16.25 10.94
N THR C 212 -23.77 15.93 10.41
CA THR C 212 -23.92 14.72 9.59
C THR C 212 -25.02 14.82 8.53
N ASN C 213 -24.85 14.10 7.42
CA ASN C 213 -25.91 13.95 6.44
C ASN C 213 -26.94 12.91 6.85
N PHE C 214 -26.49 11.92 7.62
CA PHE C 214 -27.33 10.76 7.93
C PHE C 214 -27.40 10.45 9.42
N GLN C 215 -28.34 11.10 10.09
CA GLN C 215 -28.41 11.02 11.55
C GLN C 215 -28.55 9.58 12.03
N GLY C 216 -29.30 8.77 11.29
CA GLY C 216 -29.51 7.38 11.63
C GLY C 216 -28.22 6.59 11.73
N ILE C 217 -27.37 6.72 10.72
CA ILE C 217 -26.07 6.07 10.74
C ILE C 217 -25.21 6.59 11.90
N SER C 218 -25.23 7.90 12.09
CA SER C 218 -24.37 8.56 13.06
C SER C 218 -24.78 8.18 14.47
N LEU C 219 -26.10 8.05 14.67
CA LEU C 219 -26.65 7.64 15.97
C LEU C 219 -26.23 6.22 16.29
N ASP C 220 -26.49 5.30 15.36
CA ASP C 220 -26.17 3.90 15.56
C ASP C 220 -24.70 3.61 15.82
N TYR C 221 -23.84 4.34 15.12
CA TYR C 221 -22.40 4.18 15.29
C TYR C 221 -21.97 4.56 16.70
N ARG C 222 -22.62 5.58 17.24
CA ARG C 222 -22.30 6.00 18.60
C ARG C 222 -22.77 4.94 19.60
N ARG C 223 -23.95 4.38 19.36
CA ARG C 223 -24.40 3.26 20.15
C ARG C 223 -23.39 2.14 20.05
N PHE C 224 -22.99 1.84 18.81
CA PHE C 224 -22.05 0.76 18.52
C PHE C 224 -20.69 0.95 19.20
N GLN C 225 -20.14 2.18 19.16
CA GLN C 225 -18.85 2.45 19.80
C GLN C 225 -18.94 2.36 21.31
N SER C 226 -20.01 2.91 21.88
CA SER C 226 -20.27 2.81 23.30
C SER C 226 -20.38 1.35 23.73
N ASP C 227 -21.16 0.56 23.00
CA ASP C 227 -21.27 -0.88 23.22
C ASP C 227 -19.92 -1.60 23.13
N SER C 228 -19.07 -1.22 22.17
CA SER C 228 -17.80 -1.92 21.98
C SER C 228 -16.86 -1.69 23.15
N LEU C 229 -16.75 -0.45 23.60
CA LEU C 229 -15.99 -0.16 24.80
C LEU C 229 -16.56 -0.92 26.00
N LEU C 230 -17.89 -0.89 26.14
CA LEU C 230 -18.54 -1.57 27.23
C LEU C 230 -18.19 -3.07 27.24
N GLU C 231 -18.00 -3.65 26.05
CA GLU C 231 -17.64 -5.07 25.96
C GLU C 231 -16.22 -5.33 26.44
N CYS C 232 -15.33 -4.38 26.24
CA CYS C 232 -13.99 -4.51 26.77
C CYS C 232 -14.05 -4.53 28.28
N PHE C 233 -14.81 -3.59 28.84
CA PHE C 233 -14.99 -3.53 30.29
C PHE C 233 -15.55 -4.85 30.84
N LYS C 234 -16.69 -5.29 30.28
CA LYS C 234 -17.33 -6.56 30.69
C LYS C 234 -16.36 -7.73 30.63
N MET C 235 -15.53 -7.76 29.58
CA MET C 235 -14.55 -8.82 29.39
C MET C 235 -13.55 -8.92 30.56
N GLU C 236 -12.93 -7.79 30.92
CA GLU C 236 -12.04 -7.75 32.08
C GLU C 236 -12.78 -8.08 33.38
N ARG C 237 -13.98 -7.52 33.54
CA ARG C 237 -14.79 -7.77 34.72
C ARG C 237 -15.06 -9.25 34.95
N ASP C 238 -15.50 -9.95 33.91
CA ASP C 238 -15.83 -11.37 34.04
C ASP C 238 -14.61 -12.18 34.45
N GLU C 239 -13.46 -11.77 33.95
CA GLU C 239 -12.23 -12.49 34.16
C GLU C 239 -11.79 -12.26 35.61
N LEU C 240 -11.99 -11.04 36.09
CA LEU C 240 -11.68 -10.71 37.47
C LEU C 240 -12.53 -11.59 38.41
N LYS C 241 -13.83 -11.58 38.19
CA LYS C 241 -14.76 -12.27 39.05
C LYS C 241 -14.57 -13.80 39.06
N ARG C 242 -13.97 -14.36 38.00
CA ARG C 242 -13.63 -15.78 38.03
C ARG C 242 -12.78 -16.06 39.25
N TRP C 243 -11.81 -15.18 39.49
CA TRP C 243 -10.85 -15.39 40.57
C TRP C 243 -11.24 -14.75 41.87
N THR C 244 -11.94 -13.60 41.83
CA THR C 244 -12.37 -12.93 43.05
C THR C 244 -13.83 -12.52 43.02
N PRO C 245 -14.72 -13.51 43.06
CA PRO C 245 -16.16 -13.22 42.93
C PRO C 245 -16.66 -12.26 44.01
N ASP C 246 -15.96 -12.18 45.14
CA ASP C 246 -16.41 -11.32 46.25
C ASP C 246 -15.86 -9.89 46.24
N ILE C 247 -15.05 -9.55 45.23
CA ILE C 247 -14.52 -8.19 45.15
C ILE C 247 -15.24 -7.38 44.08
N PRO C 248 -15.79 -6.21 44.48
CA PRO C 248 -16.52 -5.29 43.61
C PRO C 248 -15.64 -4.80 42.48
N VAL C 249 -16.27 -4.51 41.35
CA VAL C 249 -15.57 -4.08 40.16
C VAL C 249 -16.20 -2.79 39.68
N THR C 250 -15.38 -1.76 39.45
CA THR C 250 -15.86 -0.52 38.85
C THR C 250 -14.95 -0.06 37.69
N THR C 251 -15.35 1.03 37.03
CA THR C 251 -14.47 1.75 36.13
C THR C 251 -14.87 3.22 36.27
N ASN C 252 -13.97 4.14 35.94
CA ASN C 252 -14.20 5.55 36.26
C ASN C 252 -14.80 6.37 35.12
N LEU C 253 -16.03 6.83 35.33
CA LEU C 253 -16.78 7.57 34.33
C LEU C 253 -16.50 9.09 34.43
N MET C 254 -17.01 9.85 33.47
CA MET C 254 -16.71 11.28 33.39
C MET C 254 -17.95 12.20 33.39
N GLY C 255 -18.99 11.79 34.13
CA GLY C 255 -20.16 12.61 34.32
C GLY C 255 -21.01 12.75 33.08
N PHE C 256 -21.19 14.00 32.64
CA PHE C 256 -21.95 14.29 31.43
C PHE C 256 -21.14 14.17 30.15
N TYR C 257 -20.04 13.42 30.22
CA TYR C 257 -19.27 13.04 29.05
C TYR C 257 -20.19 12.60 27.90
N PRO C 258 -19.98 13.16 26.71
CA PRO C 258 -21.04 12.92 25.73
C PRO C 258 -20.97 11.58 24.96
N GLU C 259 -19.80 10.97 24.86
CA GLU C 259 -19.62 9.88 23.91
C GLU C 259 -20.11 8.52 24.35
N LEU C 260 -20.40 8.35 25.64
CA LEU C 260 -20.78 7.03 26.14
C LEU C 260 -22.15 7.00 26.84
N ASP C 261 -22.96 5.98 26.56
CA ASP C 261 -24.26 5.87 27.20
C ASP C 261 -24.13 5.24 28.58
N TYR C 262 -23.82 6.06 29.57
CA TYR C 262 -23.50 5.57 30.91
C TYR C 262 -24.65 4.82 31.61
N PHE C 263 -25.91 5.13 31.25
CA PHE C 263 -27.04 4.35 31.78
C PHE C 263 -26.91 2.88 31.41
N LYS C 264 -26.42 2.62 30.21
CA LYS C 264 -26.23 1.24 29.78
C LYS C 264 -24.98 0.64 30.39
N TRP C 265 -23.97 1.49 30.60
CA TRP C 265 -22.73 1.04 31.24
C TRP C 265 -22.97 0.61 32.69
N ALA C 266 -23.74 1.40 33.42
CA ALA C 266 -23.84 1.22 34.86
C ALA C 266 -24.52 -0.10 35.25
N LYS C 267 -25.39 -0.60 34.40
CA LYS C 267 -25.99 -1.91 34.65
C LYS C 267 -24.93 -3.00 34.72
N GLU C 268 -23.73 -2.72 34.19
CA GLU C 268 -22.68 -3.74 34.12
C GLU C 268 -21.67 -3.60 35.25
N MET C 269 -21.83 -2.54 36.05
CA MET C 269 -20.87 -2.19 37.08
C MET C 269 -21.43 -2.48 38.47
N ASP C 270 -20.59 -2.99 39.37
CA ASP C 270 -21.03 -3.23 40.74
C ASP C 270 -21.38 -1.91 41.43
N VAL C 271 -20.65 -0.86 41.08
CA VAL C 271 -20.87 0.47 41.63
C VAL C 271 -20.29 1.51 40.70
N VAL C 272 -20.89 2.69 40.65
CA VAL C 272 -20.41 3.74 39.79
C VAL C 272 -19.29 4.51 40.49
N SER C 273 -18.27 4.89 39.74
CA SER C 273 -17.24 5.80 40.22
C SER C 273 -16.98 6.82 39.13
N TRP C 274 -16.58 8.03 39.52
CA TRP C 274 -16.39 9.06 38.52
C TRP C 274 -15.38 10.11 38.89
N ASP C 275 -15.00 10.87 37.87
CA ASP C 275 -13.88 11.79 37.93
C ASP C 275 -14.39 13.20 37.70
N ASN C 276 -14.47 13.97 38.76
CA ASN C 276 -15.09 15.28 38.70
C ASN C 276 -14.08 16.39 38.45
N TYR C 277 -14.03 16.89 37.21
CA TYR C 277 -13.12 17.99 36.83
C TYR C 277 -13.87 19.16 36.22
N PRO C 278 -14.18 20.16 37.05
CA PRO C 278 -14.99 21.32 36.66
C PRO C 278 -14.20 22.31 35.81
N SER C 279 -14.88 23.00 34.90
CA SER C 279 -14.27 24.14 34.20
C SER C 279 -14.38 25.37 35.08
N MET C 280 -13.69 26.45 34.71
CA MET C 280 -13.66 27.64 35.57
C MET C 280 -14.98 28.37 35.54
N ASP C 281 -15.85 28.02 34.60
CA ASP C 281 -17.16 28.64 34.54
C ASP C 281 -18.30 27.63 34.72
N THR C 282 -17.98 26.49 35.32
CA THR C 282 -18.98 25.48 35.60
C THR C 282 -19.75 25.87 36.87
N PRO C 283 -21.05 26.11 36.72
CA PRO C 283 -21.88 26.48 37.87
C PRO C 283 -21.85 25.39 38.94
N PHE C 284 -21.80 25.79 40.20
CA PHE C 284 -21.81 24.83 41.31
C PHE C 284 -23.02 23.89 41.20
N SER C 285 -24.16 24.41 40.74
CA SER C 285 -25.35 23.57 40.56
C SER C 285 -25.16 22.55 39.44
N PHE C 286 -24.35 22.88 38.43
CA PHE C 286 -24.05 21.92 37.39
C PHE C 286 -23.28 20.72 37.93
N THR C 287 -22.28 20.96 38.77
CA THR C 287 -21.54 19.81 39.25
C THR C 287 -22.38 19.01 40.23
N ALA C 288 -23.28 19.68 40.94
CA ALA C 288 -24.27 19.00 41.75
C ALA C 288 -25.08 18.08 40.84
N MET C 289 -25.58 18.63 39.74
CA MET C 289 -26.38 17.86 38.79
C MET C 289 -25.63 16.62 38.26
N ALA C 290 -24.32 16.76 38.11
CA ALA C 290 -23.48 15.66 37.67
C ALA C 290 -23.28 14.56 38.73
N HIS C 291 -23.07 14.93 39.98
CA HIS C 291 -22.98 13.93 41.06
C HIS C 291 -24.32 13.22 41.15
N ASN C 292 -25.38 14.02 41.01
CA ASN C 292 -26.75 13.52 41.00
C ASN C 292 -26.95 12.49 39.90
N LEU C 293 -26.48 12.80 38.69
CA LEU C 293 -26.59 11.84 37.59
C LEU C 293 -25.86 10.55 37.93
N MET C 294 -24.67 10.67 38.51
CA MET C 294 -23.89 9.49 38.84
C MET C 294 -24.64 8.64 39.86
N ARG C 295 -25.32 9.29 40.79
CA ARG C 295 -26.21 8.61 41.72
C ARG C 295 -27.28 7.89 40.93
N GLY C 296 -27.87 8.61 39.97
CA GLY C 296 -29.01 8.15 39.21
C GLY C 296 -28.72 6.92 38.38
N LEU C 297 -27.48 6.78 37.94
CA LEU C 297 -27.11 5.71 37.03
C LEU C 297 -27.54 4.33 37.51
N LYS C 298 -27.54 4.12 38.83
CA LYS C 298 -28.00 2.86 39.36
C LYS C 298 -29.18 3.09 40.30
N SER C 299 -29.95 4.13 39.97
CA SER C 299 -31.21 4.41 40.64
C SER C 299 -31.04 4.68 42.13
N GLY C 300 -30.08 5.52 42.48
CA GLY C 300 -29.95 5.96 43.85
C GLY C 300 -28.79 5.37 44.62
N GLN C 301 -28.14 4.33 44.09
CA GLN C 301 -27.02 3.71 44.76
C GLN C 301 -25.87 4.69 44.94
N PRO C 302 -25.35 4.83 46.17
CA PRO C 302 -24.22 5.74 46.37
C PRO C 302 -23.06 5.35 45.44
N PHE C 303 -22.27 6.34 45.04
CA PHE C 303 -21.16 6.11 44.10
C PHE C 303 -19.83 6.51 44.73
N MET C 304 -18.74 6.18 44.05
CA MET C 304 -17.40 6.62 44.42
C MET C 304 -17.01 7.89 43.65
N LEU C 305 -16.62 8.93 44.38
CA LEU C 305 -15.80 9.99 43.81
C LEU C 305 -14.40 9.40 43.66
N MET C 306 -14.08 8.92 42.46
CA MET C 306 -12.79 8.29 42.19
C MET C 306 -11.66 9.33 42.03
N GLU C 307 -11.97 10.44 41.36
CA GLU C 307 -10.95 11.47 41.14
C GLU C 307 -11.51 12.90 41.27
N GLN C 308 -10.62 13.81 41.65
CA GLN C 308 -10.84 15.25 41.63
C GLN C 308 -9.47 15.79 42.02
N THR C 309 -9.11 16.98 41.56
CA THR C 309 -7.84 17.53 41.99
C THR C 309 -7.95 18.04 43.43
N PRO C 310 -6.88 17.86 44.23
CA PRO C 310 -6.88 18.46 45.56
C PRO C 310 -6.47 19.92 45.48
N GLY C 311 -6.05 20.38 44.30
CA GLY C 311 -5.59 21.73 44.13
C GLY C 311 -5.90 22.27 42.75
N VAL C 312 -4.87 22.44 41.92
CA VAL C 312 -5.06 22.93 40.56
C VAL C 312 -5.25 21.80 39.55
N GLN C 313 -5.81 22.15 38.40
CA GLN C 313 -5.89 21.24 37.26
C GLN C 313 -4.77 21.61 36.32
N ASN C 314 -4.66 20.88 35.22
CA ASN C 314 -3.60 21.15 34.24
C ASN C 314 -4.14 21.48 32.85
N TRP C 315 -5.33 20.99 32.54
CA TRP C 315 -5.86 21.13 31.18
C TRP C 315 -6.87 22.25 30.92
N GLN C 316 -7.29 22.96 31.96
CA GLN C 316 -8.12 24.16 31.74
C GLN C 316 -7.22 25.25 31.15
N PRO C 317 -7.82 26.18 30.39
CA PRO C 317 -7.08 27.34 29.86
C PRO C 317 -6.35 28.07 30.97
N TYR C 318 -7.08 28.40 32.04
CA TYR C 318 -6.53 29.13 33.19
C TYR C 318 -6.72 28.31 34.46
N ASN C 319 -5.66 27.60 34.83
CA ASN C 319 -5.72 26.71 35.98
C ASN C 319 -5.49 27.46 37.29
N SER C 320 -6.57 28.05 37.79
CA SER C 320 -6.54 28.84 39.02
C SER C 320 -6.44 27.92 40.23
N ALA C 321 -5.84 28.43 41.29
CA ALA C 321 -5.75 27.66 42.52
C ALA C 321 -7.13 27.56 43.17
N LYS C 322 -7.38 26.46 43.85
CA LYS C 322 -8.62 26.28 44.58
C LYS C 322 -8.51 27.09 45.87
N ARG C 323 -9.34 28.12 46.04
CA ARG C 323 -9.25 29.00 47.20
C ARG C 323 -9.41 28.21 48.50
N PRO C 324 -8.92 28.77 49.62
CA PRO C 324 -8.98 28.06 50.91
C PRO C 324 -10.40 27.60 51.27
N GLY C 325 -10.53 26.33 51.65
CA GLY C 325 -11.82 25.75 51.98
C GLY C 325 -12.57 25.11 50.82
N VAL C 326 -12.27 25.55 49.60
CA VAL C 326 -13.04 25.10 48.43
C VAL C 326 -12.87 23.60 48.16
N MET C 327 -11.68 23.09 48.41
CA MET C 327 -11.42 21.68 48.21
C MET C 327 -12.35 20.87 49.11
N ARG C 328 -12.41 21.30 50.37
CA ARG C 328 -13.30 20.71 51.34
C ARG C 328 -14.77 20.85 50.91
N LEU C 329 -15.15 22.09 50.60
CA LEU C 329 -16.51 22.42 50.19
C LEU C 329 -17.00 21.47 49.10
N TRP C 330 -16.22 21.41 48.01
CA TRP C 330 -16.55 20.58 46.85
C TRP C 330 -16.52 19.05 47.12
N SER C 331 -15.73 18.63 48.10
CA SER C 331 -15.73 17.20 48.47
C SER C 331 -17.05 16.82 49.17
N TYR C 332 -17.49 17.67 50.09
CA TYR C 332 -18.74 17.43 50.80
C TYR C 332 -19.96 17.62 49.87
N GLN C 333 -19.81 18.41 48.82
CA GLN C 333 -20.88 18.53 47.83
C GLN C 333 -21.06 17.19 47.12
N ALA C 334 -19.96 16.48 46.90
CA ALA C 334 -20.02 15.16 46.28
C ALA C 334 -20.70 14.17 47.22
N VAL C 335 -20.35 14.22 48.50
CA VAL C 335 -20.93 13.32 49.49
C VAL C 335 -22.43 13.57 49.64
N ALA C 336 -22.80 14.84 49.67
CA ALA C 336 -24.20 15.23 49.77
C ALA C 336 -25.05 14.58 48.68
N HIS C 337 -24.46 14.39 47.51
CA HIS C 337 -25.22 13.88 46.38
C HIS C 337 -25.01 12.39 46.09
N GLY C 338 -24.37 11.67 47.01
CA GLY C 338 -24.32 10.22 46.89
C GLY C 338 -22.95 9.56 46.99
N ALA C 339 -21.90 10.35 46.97
CA ALA C 339 -20.55 9.81 47.12
C ALA C 339 -20.29 9.19 48.51
N ASP C 340 -19.79 7.97 48.52
CA ASP C 340 -19.34 7.28 49.72
C ASP C 340 -17.81 7.15 49.75
N THR C 341 -17.14 7.91 48.89
CA THR C 341 -15.70 8.03 48.92
C THR C 341 -15.35 9.43 48.41
N VAL C 342 -14.24 9.98 48.91
CA VAL C 342 -13.63 11.11 48.24
C VAL C 342 -12.17 10.80 47.97
N MET C 343 -11.86 10.73 46.68
CA MET C 343 -10.56 10.28 46.25
C MET C 343 -10.01 11.23 45.20
N PHE C 344 -8.68 11.40 45.22
CA PHE C 344 -8.00 12.46 44.50
C PHE C 344 -7.21 11.90 43.32
N PHE C 345 -7.03 12.74 42.32
CA PHE C 345 -5.86 12.60 41.50
C PHE C 345 -4.98 13.83 41.78
N GLN C 346 -3.81 13.63 42.38
CA GLN C 346 -3.32 12.32 42.83
C GLN C 346 -2.54 12.56 44.14
N LEU C 347 -1.93 11.53 44.69
CA LEU C 347 -1.35 11.63 46.02
C LEU C 347 -0.01 12.36 46.01
N ARG C 348 0.82 12.06 45.02
CA ARG C 348 2.11 12.75 44.88
C ARG C 348 2.33 13.19 43.42
N ARG C 349 2.67 14.46 43.26
CA ARG C 349 2.79 15.05 41.93
C ARG C 349 3.82 14.31 41.07
N SER C 350 3.53 14.16 39.79
CA SER C 350 4.52 13.61 38.88
C SER C 350 5.48 14.73 38.44
N VAL C 351 6.50 14.35 37.68
CA VAL C 351 7.71 15.13 37.63
C VAL C 351 8.21 15.74 36.30
N GLY C 352 7.81 15.24 35.13
CA GLY C 352 6.77 14.28 34.86
C GLY C 352 6.56 14.60 33.38
N ALA C 353 5.49 14.15 32.78
CA ALA C 353 5.18 14.63 31.42
C ALA C 353 4.05 15.68 31.51
N CYS C 354 2.88 15.43 30.92
CA CYS C 354 1.88 16.51 30.82
C CYS C 354 1.06 16.75 32.09
N GLU C 355 1.29 15.94 33.12
CA GLU C 355 0.56 16.14 34.36
C GLU C 355 1.39 16.68 35.54
N LYS C 356 2.62 17.11 35.28
CA LYS C 356 3.48 17.63 36.35
C LYS C 356 2.92 18.88 37.05
N TYR C 357 2.12 19.68 36.35
CA TYR C 357 1.48 20.83 36.99
C TYR C 357 0.03 20.58 37.32
N HIS C 358 -0.34 19.30 37.41
CA HIS C 358 -1.59 18.92 38.03
C HIS C 358 -1.40 18.81 39.55
N GLY C 359 -2.33 19.35 40.32
CA GLY C 359 -2.25 19.29 41.77
C GLY C 359 -2.19 17.90 42.38
N ALA C 360 -1.60 17.81 43.57
CA ALA C 360 -1.56 16.58 44.35
C ALA C 360 -1.47 16.87 45.85
N VAL C 361 -1.74 15.88 46.68
CA VAL C 361 -1.62 16.07 48.13
C VAL C 361 -0.18 16.44 48.49
N ILE C 362 0.76 15.57 48.15
CA ILE C 362 2.20 15.84 48.24
C ILE C 362 2.69 16.38 46.90
N GLU C 363 3.28 17.56 46.93
CA GLU C 363 3.66 18.21 45.68
C GLU C 363 5.18 18.31 45.57
N HIS C 364 5.65 19.24 44.72
CA HIS C 364 7.07 19.25 44.35
C HIS C 364 8.08 19.49 45.45
N VAL C 365 7.80 20.38 46.42
CA VAL C 365 8.69 20.53 47.59
C VAL C 365 8.90 19.21 48.27
N GLY C 366 7.82 18.41 48.32
CA GLY C 366 7.90 17.08 48.87
C GLY C 366 7.74 17.01 50.38
N HIS C 367 6.97 17.94 50.95
CA HIS C 367 6.67 17.87 52.38
C HIS C 367 5.25 18.31 52.70
N GLU C 368 4.90 18.25 53.98
CA GLU C 368 3.52 18.43 54.44
C GLU C 368 3.20 19.87 54.89
N HIS C 369 4.25 20.70 54.99
CA HIS C 369 4.09 22.09 55.45
C HIS C 369 3.66 22.98 54.30
N THR C 370 2.44 22.78 53.90
CA THR C 370 1.93 23.31 52.66
C THR C 370 0.45 23.58 52.87
N ARG C 371 -0.04 24.66 52.28
CA ARG C 371 -1.45 24.96 52.31
C ARG C 371 -2.28 23.78 51.78
N VAL C 372 -2.05 23.38 50.53
CA VAL C 372 -2.82 22.27 49.95
C VAL C 372 -2.78 21.06 50.88
N PHE C 373 -1.60 20.72 51.39
CA PHE C 373 -1.51 19.56 52.29
C PHE C 373 -2.33 19.74 53.56
N ARG C 374 -2.22 20.92 54.19
CA ARG C 374 -2.98 21.20 55.40
C ARG C 374 -4.47 20.97 55.20
N GLU C 375 -5.01 21.56 54.14
CA GLU C 375 -6.44 21.44 53.85
C GLU C 375 -6.87 19.99 53.67
N CYS C 376 -6.02 19.17 53.05
CA CYS C 376 -6.31 17.76 52.84
C CYS C 376 -6.35 16.98 54.15
N ALA C 377 -5.35 17.20 55.00
CA ALA C 377 -5.27 16.52 56.29
C ALA C 377 -6.50 16.89 57.13
N GLU C 378 -6.92 18.14 57.02
CA GLU C 378 -8.09 18.62 57.75
C GLU C 378 -9.31 17.80 57.33
N LEU C 379 -9.52 17.66 56.02
CA LEU C 379 -10.64 16.87 55.52
C LEU C 379 -10.49 15.43 56.01
N GLY C 380 -9.26 14.94 56.00
CA GLY C 380 -8.97 13.59 56.44
C GLY C 380 -9.36 13.30 57.87
N LYS C 381 -9.04 14.22 58.79
CA LYS C 381 -9.50 14.10 60.17
C LYS C 381 -11.03 13.97 60.22
N GLU C 382 -11.73 14.93 59.63
CA GLU C 382 -13.20 14.92 59.66
C GLU C 382 -13.76 13.60 59.18
N LEU C 383 -13.30 13.14 58.03
CA LEU C 383 -13.79 11.89 57.45
C LEU C 383 -13.50 10.70 58.37
N GLN C 384 -12.38 10.74 59.07
CA GLN C 384 -12.11 9.67 60.03
C GLN C 384 -13.17 9.71 61.13
N GLN C 385 -13.52 10.92 61.55
CA GLN C 385 -14.52 11.11 62.59
C GLN C 385 -15.95 10.73 62.17
N LEU C 386 -16.32 11.01 60.92
CA LEU C 386 -17.66 10.67 60.46
C LEU C 386 -17.89 9.17 60.51
N GLY C 387 -16.82 8.39 60.33
CA GLY C 387 -16.93 6.95 60.38
C GLY C 387 -17.96 6.48 59.37
N ASP C 388 -18.79 5.52 59.79
CA ASP C 388 -19.75 4.90 58.89
C ASP C 388 -21.11 5.61 58.86
N THR C 389 -21.17 6.81 59.42
CA THR C 389 -22.46 7.46 59.67
C THR C 389 -23.36 7.60 58.44
N ILE C 390 -22.82 8.22 57.41
CA ILE C 390 -23.58 8.60 56.22
C ILE C 390 -23.66 7.48 55.19
N LEU C 391 -22.84 6.46 55.38
CA LEU C 391 -22.69 5.41 54.38
C LEU C 391 -24.05 4.80 54.04
N ASP C 392 -24.31 4.63 52.74
CA ASP C 392 -25.54 4.00 52.25
C ASP C 392 -26.77 4.90 52.31
N ALA C 393 -26.63 6.10 52.90
CA ALA C 393 -27.75 7.02 52.94
C ALA C 393 -28.25 7.27 51.52
N ARG C 394 -29.55 7.48 51.37
CA ARG C 394 -30.10 7.70 50.04
C ARG C 394 -30.95 8.96 49.92
N SER C 395 -31.19 9.36 48.67
CA SER C 395 -32.10 10.45 48.37
C SER C 395 -33.53 9.93 48.44
N GLU C 396 -34.44 10.75 48.96
CA GLU C 396 -35.85 10.42 49.00
C GLU C 396 -36.63 11.50 48.27
N ALA C 397 -35.92 12.16 47.36
CA ALA C 397 -36.50 13.10 46.41
C ALA C 397 -37.87 12.71 45.89
N LYS C 398 -38.72 13.72 45.72
CA LYS C 398 -40.04 13.51 45.16
C LYS C 398 -40.16 14.15 43.79
N VAL C 399 -39.07 14.79 43.36
CA VAL C 399 -39.00 15.42 42.05
C VAL C 399 -37.88 14.77 41.24
N ALA C 400 -38.16 14.44 39.98
CA ALA C 400 -37.14 13.83 39.11
C ALA C 400 -36.98 14.63 37.83
N VAL C 401 -35.75 14.69 37.34
CA VAL C 401 -35.50 15.30 36.03
C VAL C 401 -34.76 14.30 35.12
N MET C 402 -35.30 14.12 33.92
CA MET C 402 -34.83 13.06 33.03
C MET C 402 -33.71 13.51 32.11
N TYR C 403 -32.74 12.60 31.92
CA TYR C 403 -31.64 12.83 30.99
C TYR C 403 -31.38 11.54 30.22
N ASP C 404 -30.98 11.67 28.96
CA ASP C 404 -30.72 10.48 28.14
C ASP C 404 -29.67 10.72 27.07
N TRP C 405 -28.72 9.79 26.95
CA TRP C 405 -27.61 9.94 26.01
C TRP C 405 -28.06 9.83 24.55
N GLU C 406 -28.99 8.91 24.28
CA GLU C 406 -29.45 8.67 22.93
C GLU C 406 -30.26 9.87 22.46
N ASN C 407 -31.06 10.42 23.36
CA ASN C 407 -31.75 11.65 23.07
C ASN C 407 -30.72 12.75 22.79
N ARG C 408 -29.69 12.81 23.61
CA ARG C 408 -28.64 13.81 23.42
C ARG C 408 -27.90 13.65 22.09
N TRP C 409 -27.59 12.40 21.70
CA TRP C 409 -26.89 12.15 20.43
C TRP C 409 -27.74 12.60 19.23
N ALA C 410 -29.01 12.24 19.23
CA ALA C 410 -29.91 12.63 18.15
C ALA C 410 -30.03 14.15 18.04
N LEU C 411 -30.21 14.80 19.19
CA LEU C 411 -30.28 16.26 19.23
C LEU C 411 -29.00 16.95 18.74
N GLU C 412 -27.85 16.47 19.19
CA GLU C 412 -26.62 17.13 18.81
C GLU C 412 -26.26 16.83 17.36
N LEU C 413 -26.77 15.72 16.83
CA LEU C 413 -26.50 15.37 15.44
C LEU C 413 -27.48 16.08 14.49
N SER C 414 -28.64 16.46 15.04
CA SER C 414 -29.70 17.07 14.24
C SER C 414 -29.24 18.33 13.50
N SER C 415 -29.79 18.53 12.31
CA SER C 415 -29.64 19.81 11.63
C SER C 415 -30.97 20.30 11.12
N GLY C 416 -31.53 21.38 11.68
CA GLY C 416 -31.13 21.98 12.92
C GLY C 416 -32.17 21.58 13.94
N PRO C 417 -33.10 22.49 14.32
CA PRO C 417 -33.43 23.84 13.83
C PRO C 417 -32.60 25.01 14.38
N SER C 418 -31.72 24.78 15.34
CA SER C 418 -30.91 25.87 15.87
C SER C 418 -29.68 25.39 16.62
N ILE C 419 -28.54 25.96 16.27
CA ILE C 419 -27.31 25.60 16.98
C ILE C 419 -27.30 26.20 18.37
N ALA C 420 -28.28 27.06 18.66
CA ALA C 420 -28.37 27.67 20.00
C ALA C 420 -29.00 26.71 21.00
N LEU C 421 -29.73 25.73 20.48
CA LEU C 421 -30.29 24.68 21.34
C LEU C 421 -29.17 23.77 21.82
N ASN C 422 -28.95 23.76 23.13
CA ASN C 422 -27.99 22.88 23.75
C ASN C 422 -28.70 22.07 24.81
N TYR C 423 -28.76 20.75 24.60
CA TYR C 423 -29.61 19.86 25.42
C TYR C 423 -29.28 19.90 26.92
N VAL C 424 -27.99 19.72 27.24
CA VAL C 424 -27.54 19.74 28.62
C VAL C 424 -27.83 21.10 29.28
N ASN C 425 -27.66 22.19 28.53
CA ASN C 425 -27.99 23.51 29.08
C ASN C 425 -29.47 23.63 29.47
N GLU C 426 -30.35 23.17 28.59
CA GLU C 426 -31.79 23.24 28.86
C GLU C 426 -32.14 22.35 30.04
N VAL C 427 -31.55 21.15 30.09
CA VAL C 427 -31.76 20.26 31.23
C VAL C 427 -31.30 20.96 32.50
N HIS C 428 -30.16 21.63 32.43
CA HIS C 428 -29.62 22.29 33.61
C HIS C 428 -30.50 23.46 34.05
N LYS C 429 -31.17 24.11 33.11
CA LYS C 429 -32.03 25.24 33.45
C LYS C 429 -33.12 24.82 34.43
N TYR C 430 -33.64 23.62 34.23
CA TYR C 430 -34.69 23.13 35.12
C TYR C 430 -34.10 22.68 36.45
N TYR C 431 -32.98 21.95 36.40
CA TYR C 431 -32.36 21.47 37.62
C TYR C 431 -31.95 22.63 38.52
N ASP C 432 -31.33 23.64 37.91
CA ASP C 432 -30.91 24.85 38.63
C ASP C 432 -32.05 25.48 39.42
N ALA C 433 -33.22 25.60 38.78
CA ALA C 433 -34.37 26.21 39.41
C ALA C 433 -34.72 25.48 40.67
N LEU C 434 -34.60 24.15 40.63
CA LEU C 434 -34.90 23.29 41.77
C LEU C 434 -33.83 23.47 42.84
N TYR C 435 -32.59 23.59 42.39
CA TYR C 435 -31.42 23.69 43.25
C TYR C 435 -31.48 24.96 44.10
N LYS C 436 -31.93 26.06 43.51
CA LYS C 436 -31.97 27.33 44.21
C LYS C 436 -33.02 27.36 45.32
N GLN C 437 -34.00 26.46 45.21
CA GLN C 437 -35.06 26.41 46.21
C GLN C 437 -34.83 25.25 47.17
N ASN C 438 -33.71 24.55 47.02
CA ASN C 438 -33.41 23.40 47.87
C ASN C 438 -34.45 22.29 47.76
N ILE C 439 -35.04 22.11 46.59
CA ILE C 439 -35.99 21.02 46.38
C ILE C 439 -35.20 19.76 46.07
N GLN C 440 -35.31 18.74 46.92
CA GLN C 440 -34.55 17.54 46.72
C GLN C 440 -34.96 16.84 45.41
N THR C 441 -34.00 16.56 44.54
CA THR C 441 -34.34 15.95 43.26
C THR C 441 -33.36 14.88 42.76
N ASP C 442 -33.88 13.95 41.95
CA ASP C 442 -33.05 12.93 41.32
C ASP C 442 -32.93 13.12 39.82
N MET C 443 -31.71 13.03 39.31
CA MET C 443 -31.50 12.84 37.88
C MET C 443 -31.80 11.37 37.60
N ILE C 444 -32.59 11.10 36.56
CA ILE C 444 -33.01 9.72 36.31
C ILE C 444 -32.98 9.42 34.82
N SER C 445 -33.00 8.12 34.48
CA SER C 445 -33.11 7.72 33.08
C SER C 445 -34.58 7.77 32.62
N VAL C 446 -34.79 7.82 31.31
CA VAL C 446 -36.13 7.82 30.76
C VAL C 446 -36.82 6.50 31.13
N GLU C 447 -36.03 5.55 31.61
CA GLU C 447 -36.46 4.18 31.83
C GLU C 447 -36.83 3.98 33.30
N GLU C 448 -36.51 4.96 34.14
CA GLU C 448 -36.68 4.81 35.58
C GLU C 448 -38.13 4.53 36.01
N ASP C 449 -38.30 3.79 37.10
CA ASP C 449 -39.61 3.64 37.73
C ASP C 449 -40.14 4.97 38.28
N LEU C 450 -41.30 5.38 37.77
CA LEU C 450 -41.81 6.72 38.06
C LEU C 450 -42.60 6.84 39.37
N SER C 451 -42.88 5.70 39.99
CA SER C 451 -43.74 5.67 41.18
C SER C 451 -43.16 6.30 42.44
N LYS C 452 -41.85 6.51 42.48
CA LYS C 452 -41.28 7.18 43.64
C LYS C 452 -41.55 8.68 43.59
N TYR C 453 -41.94 9.18 42.42
CA TYR C 453 -41.94 10.62 42.23
C TYR C 453 -43.34 11.22 42.18
N LYS C 454 -43.41 12.52 42.49
CA LYS C 454 -44.62 13.31 42.34
C LYS C 454 -44.51 14.25 41.14
N VAL C 455 -43.30 14.70 40.84
CA VAL C 455 -43.06 15.54 39.66
C VAL C 455 -41.93 14.97 38.81
N VAL C 456 -42.19 14.79 37.52
CA VAL C 456 -41.17 14.32 36.58
C VAL C 456 -41.02 15.34 35.46
N ILE C 457 -39.81 15.87 35.31
CA ILE C 457 -39.56 16.88 34.31
C ILE C 457 -38.66 16.31 33.23
N ALA C 458 -39.01 16.53 31.97
CA ALA C 458 -38.24 16.01 30.84
C ALA C 458 -38.01 17.08 29.78
N PRO C 459 -36.97 17.88 29.98
CA PRO C 459 -36.67 18.98 29.07
C PRO C 459 -36.26 18.43 27.71
N VAL C 460 -36.77 19.03 26.64
CA VAL C 460 -36.48 18.58 25.29
C VAL C 460 -36.35 17.07 25.18
N MET C 461 -37.45 16.36 25.43
CA MET C 461 -37.49 14.91 25.22
C MET C 461 -37.78 14.65 23.75
N TYR C 462 -36.80 15.03 22.93
CA TYR C 462 -36.88 14.96 21.48
C TYR C 462 -37.11 13.53 21.01
N MET C 463 -36.35 12.57 21.56
CA MET C 463 -36.52 11.16 21.21
C MET C 463 -37.43 10.44 22.20
N VAL C 464 -38.49 9.81 21.71
CA VAL C 464 -39.37 9.02 22.53
C VAL C 464 -39.22 7.53 22.21
N LYS C 465 -38.75 6.77 23.21
CA LYS C 465 -38.45 5.38 23.00
C LYS C 465 -39.66 4.51 23.29
N PRO C 466 -39.65 3.25 22.78
CA PRO C 466 -40.74 2.30 23.04
C PRO C 466 -41.03 2.21 24.52
N GLY C 467 -42.31 2.31 24.91
CA GLY C 467 -42.71 2.19 26.30
C GLY C 467 -42.70 3.48 27.11
N PHE C 468 -42.04 4.51 26.59
CA PHE C 468 -41.90 5.75 27.35
C PHE C 468 -43.20 6.55 27.47
N ALA C 469 -43.84 6.82 26.34
CA ALA C 469 -45.13 7.51 26.33
C ALA C 469 -46.11 6.82 27.26
N GLU C 470 -46.17 5.49 27.19
CA GLU C 470 -47.12 4.76 28.01
C GLU C 470 -46.74 4.82 29.50
N ARG C 471 -45.45 4.84 29.80
CA ARG C 471 -45.06 4.97 31.20
C ARG C 471 -45.43 6.36 31.73
N VAL C 472 -45.27 7.41 30.95
CA VAL C 472 -45.62 8.70 31.52
C VAL C 472 -47.13 8.90 31.59
N GLU C 473 -47.87 8.38 30.61
CA GLU C 473 -49.33 8.40 30.70
C GLU C 473 -49.83 7.74 31.97
N ARG C 474 -49.26 6.58 32.28
CA ARG C 474 -49.74 5.82 33.42
C ARG C 474 -49.36 6.57 34.69
N PHE C 475 -48.18 7.16 34.70
CA PHE C 475 -47.67 7.95 35.84
C PHE C 475 -48.51 9.22 36.06
N VAL C 476 -48.92 9.87 34.99
CA VAL C 476 -49.73 11.07 35.11
C VAL C 476 -51.18 10.78 35.52
N ALA C 477 -51.74 9.71 34.97
CA ALA C 477 -53.12 9.36 35.27
C ALA C 477 -53.26 8.98 36.74
N GLN C 478 -52.23 8.33 37.29
CA GLN C 478 -52.23 7.95 38.69
C GLN C 478 -52.09 9.14 39.64
N GLY C 479 -51.78 10.31 39.11
CA GLY C 479 -51.77 11.52 39.90
C GLY C 479 -50.50 12.34 39.80
N GLY C 480 -49.51 11.85 39.06
CA GLY C 480 -48.24 12.54 38.95
C GLY C 480 -48.37 13.80 38.11
N THR C 481 -47.37 14.68 38.19
CA THR C 481 -47.27 15.71 37.16
C THR C 481 -46.03 15.56 36.28
N PHE C 482 -46.23 15.82 34.99
CA PHE C 482 -45.20 15.64 33.98
C PHE C 482 -44.99 16.95 33.28
N VAL C 483 -43.73 17.34 33.16
CA VAL C 483 -43.38 18.54 32.43
C VAL C 483 -42.52 18.20 31.24
N THR C 484 -42.80 18.82 30.10
CA THR C 484 -41.94 18.70 28.94
C THR C 484 -42.01 19.99 28.11
N THR C 485 -41.30 20.03 26.99
CA THR C 485 -40.99 21.29 26.35
C THR C 485 -41.07 21.27 24.82
N PHE C 486 -40.86 22.43 24.21
CA PHE C 486 -40.65 22.55 22.78
C PHE C 486 -39.71 21.44 22.29
N PHE C 487 -39.85 21.09 21.01
CA PHE C 487 -39.03 20.08 20.37
C PHE C 487 -38.98 18.76 21.17
N SER C 488 -40.12 18.34 21.71
CA SER C 488 -40.24 17.06 22.36
C SER C 488 -41.23 16.14 21.64
N GLY C 489 -41.02 14.83 21.79
CA GLY C 489 -41.85 13.84 21.14
C GLY C 489 -41.75 13.88 19.62
N ILE C 490 -40.61 14.30 19.10
CA ILE C 490 -40.47 14.49 17.67
C ILE C 490 -40.18 13.19 16.92
N VAL C 491 -39.28 12.35 17.48
CA VAL C 491 -38.79 11.16 16.79
C VAL C 491 -38.78 9.92 17.68
N ASN C 492 -38.49 8.77 17.07
CA ASN C 492 -38.33 7.51 17.80
C ASN C 492 -36.86 7.10 17.96
N GLU C 493 -36.66 5.87 18.42
CA GLU C 493 -35.35 5.27 18.68
C GLU C 493 -34.38 5.38 17.50
N ASN C 494 -34.93 5.51 16.30
CA ASN C 494 -34.10 5.59 15.09
C ASN C 494 -33.95 7.01 14.54
N ASP C 495 -34.44 7.99 15.27
CA ASP C 495 -34.46 9.37 14.79
C ASP C 495 -35.33 9.51 13.52
N LEU C 496 -36.36 8.68 13.41
CA LEU C 496 -37.40 8.89 12.40
C LEU C 496 -38.54 9.65 13.05
N VAL C 497 -39.08 10.61 12.32
CA VAL C 497 -40.14 11.47 12.83
C VAL C 497 -41.43 10.68 13.00
N THR C 498 -42.07 10.88 14.15
CA THR C 498 -43.37 10.32 14.41
C THR C 498 -44.41 11.24 13.76
N LEU C 499 -45.15 10.70 12.80
CA LEU C 499 -46.00 11.55 11.97
C LEU C 499 -47.33 11.87 12.63
N GLY C 500 -48.06 12.81 12.05
CA GLY C 500 -49.41 13.10 12.47
C GLY C 500 -49.54 14.23 13.47
N GLY C 501 -48.43 14.92 13.75
CA GLY C 501 -48.46 16.09 14.63
C GLY C 501 -47.63 15.99 15.90
N TYR C 502 -46.64 16.88 16.04
CA TYR C 502 -45.87 16.97 17.26
C TYR C 502 -46.83 17.32 18.41
N PRO C 503 -46.57 16.79 19.63
CA PRO C 503 -45.47 15.91 20.06
C PRO C 503 -45.76 14.42 19.99
N GLY C 504 -46.45 14.00 18.94
CA GLY C 504 -46.54 12.59 18.60
C GLY C 504 -47.13 11.73 19.69
N GLU C 505 -46.36 10.77 20.16
CA GLU C 505 -46.80 9.87 21.21
C GLU C 505 -47.17 10.58 22.51
N LEU C 506 -46.77 11.85 22.67
CA LEU C 506 -47.11 12.61 23.88
C LEU C 506 -48.23 13.63 23.64
N ARG C 507 -48.68 13.70 22.38
CA ARG C 507 -49.78 14.57 21.95
C ARG C 507 -50.97 14.48 22.91
N ASN C 508 -51.37 13.26 23.24
CA ASN C 508 -52.54 13.08 24.07
C ASN C 508 -52.35 13.48 25.53
N VAL C 509 -51.26 13.07 26.15
CA VAL C 509 -51.08 13.46 27.54
C VAL C 509 -50.76 14.95 27.70
N MET C 510 -50.17 15.58 26.68
CA MET C 510 -49.88 17.01 26.80
C MET C 510 -51.08 17.86 26.43
N GLY C 511 -52.00 17.27 25.67
CA GLY C 511 -53.21 17.96 25.28
C GLY C 511 -52.99 19.17 24.38
N ILE C 512 -51.87 19.19 23.65
CA ILE C 512 -51.59 20.27 22.71
C ILE C 512 -51.06 19.72 21.38
N TRP C 513 -51.20 20.52 20.32
CA TRP C 513 -50.60 20.20 19.03
C TRP C 513 -49.62 21.32 18.64
N ALA C 514 -48.35 20.96 18.48
CA ALA C 514 -47.32 21.90 18.04
C ALA C 514 -47.27 21.93 16.52
N GLU C 515 -47.73 23.02 15.92
CA GLU C 515 -47.76 23.15 14.48
C GLU C 515 -46.37 23.37 13.87
N GLU C 516 -45.65 24.35 14.37
CA GLU C 516 -44.32 24.64 13.84
C GLU C 516 -43.46 25.25 14.93
N ILE C 517 -42.16 25.37 14.64
CA ILE C 517 -41.25 25.89 15.64
C ILE C 517 -40.34 26.98 15.09
N ASP C 518 -40.17 28.03 15.87
CA ASP C 518 -39.40 29.19 15.44
C ASP C 518 -38.08 29.28 16.19
N ALA C 519 -36.99 29.41 15.45
CA ALA C 519 -35.68 29.61 16.06
C ALA C 519 -35.33 31.09 16.05
N LEU C 520 -34.92 31.61 17.20
CA LEU C 520 -34.58 33.02 17.31
C LEU C 520 -33.10 33.27 17.05
N LEU C 521 -32.78 34.43 16.46
CA LEU C 521 -31.39 34.85 16.39
C LEU C 521 -30.86 35.07 17.79
N PRO C 522 -29.55 34.90 17.99
CA PRO C 522 -28.97 35.17 19.30
C PRO C 522 -29.31 36.59 19.73
N GLY C 523 -29.63 36.76 21.01
CA GLY C 523 -29.99 38.07 21.52
C GLY C 523 -31.42 38.51 21.26
N HIS C 524 -32.17 37.74 20.48
CA HIS C 524 -33.60 38.01 20.29
C HIS C 524 -34.42 37.26 21.32
N GLN C 525 -35.54 37.82 21.72
CA GLN C 525 -36.36 37.22 22.75
C GLN C 525 -37.84 37.44 22.52
N ASN C 526 -38.64 36.56 23.08
CA ASN C 526 -40.07 36.79 23.13
C ASN C 526 -40.46 36.91 24.58
N GLU C 527 -41.75 37.07 24.86
CA GLU C 527 -42.15 37.22 26.24
C GLU C 527 -43.28 36.30 26.62
N ILE C 528 -43.17 35.76 27.82
CA ILE C 528 -44.20 34.90 28.38
C ILE C 528 -45.14 35.80 29.16
N VAL C 529 -46.40 35.87 28.74
CA VAL C 529 -47.36 36.72 29.42
C VAL C 529 -48.43 35.88 30.10
N LEU C 530 -48.45 35.93 31.43
CA LEU C 530 -49.46 35.18 32.15
C LEU C 530 -50.88 35.65 31.86
N ARG C 531 -51.79 34.69 31.67
CA ARG C 531 -53.20 34.97 31.49
C ARG C 531 -53.74 35.72 32.70
N GLN C 532 -53.43 35.19 33.88
CA GLN C 532 -53.78 35.80 35.16
C GLN C 532 -52.78 35.30 36.18
N ASP C 533 -52.68 35.99 37.31
CA ASP C 533 -51.78 35.58 38.36
C ASP C 533 -52.01 34.11 38.67
N TRP C 534 -50.93 33.38 38.88
CA TRP C 534 -51.01 31.97 39.21
C TRP C 534 -49.81 31.62 40.08
N GLY C 535 -50.07 31.38 41.37
CA GLY C 535 -49.02 31.10 42.33
C GLY C 535 -47.96 32.17 42.32
N GLY C 536 -46.71 31.76 42.17
CA GLY C 536 -45.59 32.68 42.16
C GLY C 536 -45.30 33.22 40.78
N LEU C 537 -46.22 32.99 39.85
CA LEU C 537 -46.12 33.52 38.48
C LEU C 537 -47.09 34.67 38.22
N ARG C 538 -46.54 35.82 37.88
CA ARG C 538 -47.33 37.04 37.72
C ARG C 538 -46.76 37.87 36.59
N GLY C 539 -47.63 38.34 35.68
CA GLY C 539 -47.22 39.28 34.65
C GLY C 539 -46.42 38.72 33.49
N SER C 540 -45.22 39.27 33.29
CA SER C 540 -44.42 38.88 32.13
C SER C 540 -43.00 38.45 32.47
N TYR C 541 -42.52 37.48 31.70
CA TYR C 541 -41.14 37.05 31.75
C TYR C 541 -40.64 36.94 30.32
N SER C 542 -39.36 36.69 30.14
CA SER C 542 -38.84 36.55 28.79
C SER C 542 -38.48 35.09 28.48
N CYS C 543 -38.31 34.82 27.19
CA CYS C 543 -37.98 33.49 26.71
C CYS C 543 -37.27 33.63 25.37
N GLY C 544 -36.45 32.65 25.03
CA GLY C 544 -35.65 32.74 23.84
C GLY C 544 -35.24 31.40 23.27
N ILE C 545 -34.23 31.43 22.41
CA ILE C 545 -33.70 30.22 21.78
C ILE C 545 -34.67 29.65 20.75
N LEU C 546 -35.73 28.98 21.22
CA LEU C 546 -36.76 28.43 20.33
C LEU C 546 -38.16 28.74 20.85
N CYS C 547 -39.10 28.86 19.93
CA CYS C 547 -40.49 29.11 20.28
C CYS C 547 -41.41 28.18 19.51
N ASP C 548 -42.01 27.23 20.23
CA ASP C 548 -43.00 26.36 19.62
C ASP C 548 -44.32 27.11 19.48
N VAL C 549 -44.92 27.01 18.31
CA VAL C 549 -46.24 27.60 18.06
C VAL C 549 -47.26 26.48 18.15
N ILE C 550 -48.07 26.49 19.21
CA ILE C 550 -48.94 25.36 19.49
C ILE C 550 -50.42 25.71 19.56
N HIS C 551 -51.23 24.65 19.65
CA HIS C 551 -52.67 24.75 19.70
C HIS C 551 -53.14 23.97 20.90
N ALA C 552 -53.89 24.60 21.79
CA ALA C 552 -54.43 23.87 22.93
C ALA C 552 -55.61 23.06 22.42
N GLU C 553 -55.55 21.75 22.61
CA GLU C 553 -56.65 20.90 22.17
C GLU C 553 -57.48 20.56 23.39
N THR C 554 -56.79 20.19 24.46
CA THR C 554 -57.46 19.72 25.66
C THR C 554 -56.90 20.45 26.89
N ALA C 555 -55.73 21.05 26.73
CA ALA C 555 -55.05 21.68 27.85
C ALA C 555 -55.55 23.09 28.03
N GLU C 556 -55.52 23.55 29.27
CA GLU C 556 -55.80 24.93 29.62
C GLU C 556 -54.57 25.80 29.31
N VAL C 557 -54.80 26.99 28.76
CA VAL C 557 -53.71 27.91 28.47
C VAL C 557 -53.43 28.76 29.69
N LEU C 558 -52.20 28.77 30.18
CA LEU C 558 -51.83 29.58 31.36
C LEU C 558 -51.07 30.84 31.01
N ALA C 559 -50.34 30.81 29.90
CA ALA C 559 -49.58 31.98 29.47
C ALA C 559 -49.44 31.89 27.97
N GLU C 560 -49.20 33.02 27.34
CA GLU C 560 -49.13 33.08 25.91
C GLU C 560 -48.04 34.06 25.53
N TYR C 561 -47.56 33.97 24.30
CA TYR C 561 -46.53 34.86 23.78
C TYR C 561 -46.99 36.32 23.75
N GLY C 562 -46.06 37.23 24.00
CA GLY C 562 -46.38 38.64 23.99
C GLY C 562 -45.99 39.37 22.73
N ALA C 563 -45.27 38.69 21.83
CA ALA C 563 -44.78 39.37 20.64
C ALA C 563 -44.72 38.49 19.38
N ASP C 564 -44.44 39.13 18.25
CA ASP C 564 -44.22 38.40 16.99
C ASP C 564 -45.52 37.86 16.38
N TYR C 565 -45.42 37.23 15.22
CA TYR C 565 -46.62 36.80 14.51
C TYR C 565 -47.44 35.75 15.26
N TYR C 566 -46.86 35.15 16.31
CA TYR C 566 -47.59 34.17 17.10
C TYR C 566 -48.01 34.73 18.44
N LYS C 567 -47.95 36.05 18.58
CA LYS C 567 -48.46 36.69 19.79
C LYS C 567 -49.88 36.23 20.09
N GLY C 568 -50.15 35.96 21.36
CA GLY C 568 -51.49 35.59 21.79
C GLY C 568 -51.77 34.11 21.70
N THR C 569 -50.78 33.33 21.28
CA THR C 569 -50.90 31.88 21.25
C THR C 569 -50.21 31.28 22.48
N PRO C 570 -50.54 30.02 22.84
CA PRO C 570 -50.05 29.48 24.11
C PRO C 570 -48.54 29.26 24.15
N VAL C 571 -47.97 29.55 25.30
CA VAL C 571 -46.58 29.20 25.55
C VAL C 571 -46.45 28.36 26.81
N LEU C 572 -47.49 28.38 27.63
CA LEU C 572 -47.54 27.53 28.82
C LEU C 572 -48.96 26.97 29.01
N THR C 573 -49.06 25.66 29.01
CA THR C 573 -50.34 25.00 29.07
C THR C 573 -50.34 23.93 30.14
N ARG C 574 -51.52 23.64 30.67
CA ARG C 574 -51.68 22.59 31.67
C ARG C 574 -52.82 21.66 31.23
N ASN C 575 -52.49 20.39 31.09
CA ASN C 575 -53.50 19.39 30.80
C ASN C 575 -53.82 18.47 31.96
N LYS C 576 -55.08 18.46 32.40
CA LYS C 576 -55.50 17.48 33.39
C LYS C 576 -55.68 16.12 32.71
N PHE C 577 -55.13 15.07 33.32
CA PHE C 577 -55.07 13.78 32.64
C PHE C 577 -55.19 12.70 33.70
N GLY C 578 -56.36 12.07 33.78
CA GLY C 578 -56.68 11.22 34.92
C GLY C 578 -56.53 12.08 36.16
N ASN C 579 -55.79 11.61 37.16
CA ASN C 579 -55.65 12.38 38.40
C ASN C 579 -54.48 13.35 38.42
N GLY C 580 -53.58 13.22 37.44
CA GLY C 580 -52.43 14.10 37.37
C GLY C 580 -52.62 15.26 36.41
N GLN C 581 -51.51 15.93 36.10
CA GLN C 581 -51.48 17.10 35.24
C GLN C 581 -50.19 17.03 34.44
N SER C 582 -50.22 17.56 33.24
CA SER C 582 -49.00 17.71 32.45
C SER C 582 -48.81 19.16 32.06
N TYR C 583 -47.60 19.69 32.18
CA TYR C 583 -47.33 21.06 31.71
C TYR C 583 -46.40 21.04 30.50
N TYR C 584 -46.74 21.83 29.50
CA TYR C 584 -45.93 21.94 28.29
C TYR C 584 -45.36 23.35 28.24
N VAL C 585 -44.04 23.46 28.17
CA VAL C 585 -43.41 24.78 28.12
C VAL C 585 -42.87 25.03 26.72
N ALA C 586 -43.49 25.93 25.97
CA ALA C 586 -43.24 26.00 24.52
C ALA C 586 -42.04 26.84 24.09
N SER C 587 -41.32 27.34 25.08
CA SER C 587 -40.12 28.13 24.83
C SER C 587 -39.10 27.87 25.95
N SER C 588 -37.94 28.50 25.87
CA SER C 588 -36.93 28.40 26.91
C SER C 588 -36.98 29.67 27.73
N PRO C 589 -37.51 29.57 28.94
CA PRO C 589 -37.81 30.76 29.76
C PRO C 589 -36.62 31.22 30.58
N ASP C 590 -36.67 32.45 31.05
CA ASP C 590 -35.61 32.94 31.92
C ASP C 590 -35.72 32.26 33.26
N ALA C 591 -34.73 32.51 34.11
CA ALA C 591 -34.68 31.91 35.45
C ALA C 591 -35.83 32.30 36.39
N ASP C 592 -36.35 33.52 36.27
CA ASP C 592 -37.45 33.95 37.15
C ASP C 592 -38.71 33.13 36.88
N PHE C 593 -39.00 32.91 35.60
CA PHE C 593 -40.18 32.13 35.24
C PHE C 593 -40.07 30.70 35.76
N LEU C 594 -38.91 30.07 35.54
CA LEU C 594 -38.69 28.71 36.03
C LEU C 594 -38.73 28.63 37.56
N GLN C 595 -38.22 29.68 38.22
CA GLN C 595 -38.34 29.76 39.67
C GLN C 595 -39.81 29.63 40.04
N GLY C 596 -40.65 30.42 39.39
CA GLY C 596 -42.07 30.44 39.69
C GLY C 596 -42.78 29.13 39.38
N LEU C 597 -42.53 28.61 38.18
CA LEU C 597 -43.12 27.35 37.73
C LEU C 597 -42.80 26.19 38.67
N ILE C 598 -41.53 26.05 39.00
CA ILE C 598 -41.11 24.97 39.87
C ILE C 598 -41.80 25.07 41.23
N ALA C 599 -41.83 26.28 41.78
CA ALA C 599 -42.51 26.52 43.05
C ALA C 599 -43.96 26.08 42.96
N ASN C 600 -44.66 26.56 41.93
CA ASN C 600 -46.06 26.17 41.70
C ASN C 600 -46.22 24.66 41.62
N LEU C 601 -45.40 24.01 40.80
CA LEU C 601 -45.54 22.58 40.58
C LEU C 601 -45.33 21.80 41.87
N CYS C 602 -44.34 22.20 42.66
CA CYS C 602 -44.10 21.53 43.92
C CYS C 602 -45.24 21.80 44.91
N GLU C 603 -45.66 23.05 45.03
CA GLU C 603 -46.77 23.35 45.92
C GLU C 603 -48.01 22.51 45.57
N GLU C 604 -48.26 22.33 44.29
CA GLU C 604 -49.43 21.59 43.82
C GLU C 604 -49.39 20.13 44.27
N GLN C 605 -48.19 19.61 44.44
CA GLN C 605 -48.00 18.21 44.85
C GLN C 605 -47.54 18.16 46.31
N GLY C 606 -47.61 19.30 46.97
CA GLY C 606 -47.21 19.36 48.37
C GLY C 606 -45.77 18.95 48.62
N VAL C 607 -44.85 19.33 47.73
CA VAL C 607 -43.46 19.08 48.02
C VAL C 607 -42.79 20.39 48.43
N LYS C 608 -42.11 20.35 49.57
CA LYS C 608 -41.60 21.55 50.21
C LYS C 608 -40.07 21.58 50.11
N PRO C 609 -39.50 22.79 50.13
CA PRO C 609 -38.05 22.91 50.24
C PRO C 609 -37.51 22.14 51.45
N LEU C 610 -36.30 21.64 51.32
CA LEU C 610 -35.57 21.08 52.45
C LEU C 610 -35.37 22.16 53.52
N LEU C 611 -35.16 23.40 53.08
CA LEU C 611 -34.81 24.51 53.95
C LEU C 611 -34.84 25.76 53.09
N ASN C 612 -35.11 26.92 53.70
CA ASN C 612 -34.95 28.19 53.00
C ASN C 612 -33.58 28.79 53.36
N THR C 613 -32.81 29.20 52.36
CA THR C 613 -31.47 29.73 52.60
C THR C 613 -31.17 30.84 51.62
N PRO C 614 -30.17 31.69 51.94
CA PRO C 614 -29.77 32.78 51.03
C PRO C 614 -29.20 32.18 49.76
N ASP C 615 -29.22 32.95 48.68
CA ASP C 615 -28.62 32.51 47.44
C ASP C 615 -27.19 32.08 47.73
N GLY C 616 -26.79 30.94 47.17
CA GLY C 616 -25.41 30.47 47.27
C GLY C 616 -25.27 29.38 48.29
N VAL C 617 -26.26 29.25 49.16
CA VAL C 617 -26.19 28.23 50.20
C VAL C 617 -27.03 27.03 49.79
N GLU C 618 -26.36 25.97 49.36
CA GLU C 618 -27.03 24.78 48.86
C GLU C 618 -27.45 23.82 49.97
N VAL C 619 -28.62 23.23 49.81
CA VAL C 619 -29.00 22.18 50.74
C VAL C 619 -29.41 20.91 50.00
N ALA C 620 -28.89 19.78 50.46
CA ALA C 620 -29.25 18.50 49.88
C ALA C 620 -29.37 17.52 51.01
N GLU C 621 -30.17 16.46 50.84
CA GLU C 621 -30.42 15.53 51.92
C GLU C 621 -30.22 14.08 51.52
N ARG C 622 -29.64 13.29 52.42
CA ARG C 622 -29.56 11.86 52.26
C ARG C 622 -30.19 11.23 53.51
N VAL C 623 -30.83 10.07 53.35
CA VAL C 623 -31.58 9.45 54.44
C VAL C 623 -31.13 8.01 54.67
N LYS C 624 -30.91 7.68 55.94
CA LYS C 624 -30.48 6.34 56.33
C LYS C 624 -31.40 5.83 57.43
N ASN C 625 -32.14 4.75 57.16
CA ASN C 625 -33.24 4.32 58.03
C ASN C 625 -34.32 5.41 58.13
N GLY C 626 -34.51 5.93 59.33
CA GLY C 626 -35.37 7.07 59.52
C GLY C 626 -34.59 8.31 59.93
N THR C 627 -33.31 8.36 59.56
CA THR C 627 -32.45 9.49 59.93
C THR C 627 -32.09 10.36 58.72
N SER C 628 -32.27 11.68 58.87
CA SER C 628 -32.10 12.63 57.78
C SER C 628 -30.80 13.44 57.92
N TYR C 629 -29.99 13.46 56.87
CA TYR C 629 -28.76 14.26 56.89
C TYR C 629 -28.82 15.40 55.88
N LEU C 630 -28.94 16.62 56.40
CA LEU C 630 -28.97 17.82 55.57
C LEU C 630 -27.59 18.39 55.39
N PHE C 631 -27.09 18.39 54.16
CA PHE C 631 -25.84 19.03 53.88
C PHE C 631 -26.13 20.46 53.49
N VAL C 632 -25.55 21.39 54.24
CA VAL C 632 -25.70 22.79 53.93
C VAL C 632 -24.33 23.24 53.51
N MET C 633 -24.23 23.80 52.30
CA MET C 633 -22.95 24.14 51.74
C MET C 633 -22.97 25.57 51.30
N ASN C 634 -22.05 26.36 51.87
CA ASN C 634 -22.02 27.77 51.55
C ASN C 634 -21.01 28.08 50.47
N HIS C 635 -21.49 28.22 49.24
CA HIS C 635 -20.60 28.59 48.13
C HIS C 635 -20.18 30.07 48.15
N ASN C 636 -20.83 30.87 48.98
CA ASN C 636 -20.45 32.30 49.10
C ASN C 636 -19.14 32.49 49.84
N ALA C 637 -18.47 33.58 49.53
CA ALA C 637 -17.19 33.88 50.18
C ALA C 637 -17.38 34.70 51.45
N GLU C 638 -18.62 34.74 51.95
CA GLU C 638 -18.93 35.42 53.21
C GLU C 638 -19.78 34.54 54.11
N GLU C 639 -19.50 34.61 55.40
CA GLU C 639 -20.38 34.03 56.42
C GLU C 639 -21.83 34.22 56.01
N MET C 640 -22.70 33.30 56.39
CA MET C 640 -24.10 33.38 55.97
C MET C 640 -25.02 32.88 57.08
N THR C 641 -26.24 33.42 57.13
CA THR C 641 -27.18 33.00 58.15
C THR C 641 -28.51 32.53 57.56
N PHE C 642 -29.04 31.46 58.14
CA PHE C 642 -30.28 30.87 57.65
C PHE C 642 -31.06 30.30 58.83
N ASP C 643 -32.34 30.05 58.61
CA ASP C 643 -33.19 29.40 59.60
C ASP C 643 -33.11 27.88 59.44
N ALA C 644 -32.51 27.21 60.40
CA ALA C 644 -32.30 25.78 60.27
C ALA C 644 -33.43 24.96 60.87
N GLY C 645 -34.50 25.63 61.30
CA GLY C 645 -35.63 24.94 61.88
C GLY C 645 -35.50 24.65 63.37
N ALA C 646 -36.63 24.42 64.03
CA ALA C 646 -36.66 24.31 65.49
C ALA C 646 -36.36 22.91 66.03
N SER C 647 -36.55 21.88 65.22
CA SER C 647 -36.37 20.51 65.70
C SER C 647 -34.96 20.33 66.27
N ARG C 648 -34.80 19.32 67.10
CA ARG C 648 -33.49 19.06 67.72
C ARG C 648 -32.59 18.27 66.78
N GLN C 649 -31.38 18.81 66.57
CA GLN C 649 -30.48 18.32 65.55
C GLN C 649 -29.08 18.83 65.84
N ARG C 650 -28.07 18.10 65.38
CA ARG C 650 -26.70 18.51 65.61
C ARG C 650 -25.89 18.55 64.33
N ASP C 651 -24.97 19.51 64.24
CA ASP C 651 -24.00 19.55 63.17
C ASP C 651 -22.97 18.43 63.42
N LEU C 652 -22.94 17.45 62.53
CA LEU C 652 -22.04 16.31 62.64
C LEU C 652 -20.57 16.72 62.55
N LEU C 653 -20.31 17.83 61.88
CA LEU C 653 -18.94 18.32 61.73
C LEU C 653 -18.39 19.04 62.98
N THR C 654 -19.26 19.65 63.78
CA THR C 654 -18.82 20.37 64.98
C THR C 654 -19.27 19.71 66.29
N GLY C 655 -20.27 18.82 66.20
CA GLY C 655 -20.86 18.21 67.38
C GLY C 655 -21.90 19.09 68.06
N LYS C 656 -21.93 20.37 67.69
CA LYS C 656 -22.84 21.33 68.30
C LYS C 656 -24.32 21.14 67.93
N THR C 657 -25.21 21.40 68.89
CA THR C 657 -26.64 21.39 68.63
C THR C 657 -27.02 22.63 67.86
N ILE C 658 -27.93 22.48 66.90
CA ILE C 658 -28.38 23.62 66.11
C ILE C 658 -29.90 23.75 66.13
N SER C 659 -30.37 24.98 66.22
CA SER C 659 -31.80 25.26 66.28
C SER C 659 -32.03 26.72 65.92
N GLY C 660 -32.96 26.96 65.00
CA GLY C 660 -33.31 28.32 64.60
C GLY C 660 -32.28 29.03 63.76
N GLN C 661 -32.06 30.31 64.04
CA GLN C 661 -31.00 31.06 63.39
C GLN C 661 -29.69 30.32 63.53
N ALA C 662 -29.04 30.07 62.41
CA ALA C 662 -27.71 29.51 62.43
C ALA C 662 -26.89 30.27 61.41
N THR C 663 -25.61 30.42 61.69
CA THR C 663 -24.71 30.97 60.68
C THR C 663 -23.79 29.88 60.18
N ILE C 664 -23.34 30.05 58.95
CA ILE C 664 -22.41 29.12 58.34
C ILE C 664 -21.29 29.95 57.71
N PRO C 665 -20.05 29.64 58.07
CA PRO C 665 -18.89 30.41 57.61
C PRO C 665 -18.80 30.43 56.09
N ALA C 666 -18.08 31.39 55.53
CA ALA C 666 -17.75 31.38 54.11
C ALA C 666 -17.11 30.04 53.71
N ARG C 667 -17.51 29.52 52.56
CA ARG C 667 -17.01 28.23 52.07
C ARG C 667 -17.30 27.10 53.06
N GLY C 668 -18.29 27.30 53.93
CA GLY C 668 -18.55 26.36 55.00
C GLY C 668 -19.47 25.20 54.69
N VAL C 669 -19.41 24.18 55.54
CA VAL C 669 -20.25 23.00 55.40
C VAL C 669 -20.79 22.58 56.76
N MET C 670 -22.07 22.21 56.80
CA MET C 670 -22.65 21.64 58.01
C MET C 670 -23.40 20.40 57.61
N ILE C 671 -23.34 19.37 58.45
CA ILE C 671 -24.15 18.18 58.21
C ILE C 671 -25.16 17.98 59.34
N LEU C 672 -26.37 18.48 59.10
CA LEU C 672 -27.43 18.44 60.11
C LEU C 672 -28.03 17.05 60.25
N GLU C 673 -27.79 16.44 61.40
CA GLU C 673 -28.39 15.15 61.71
C GLU C 673 -29.68 15.40 62.47
N ARG C 674 -30.77 14.80 61.99
CA ARG C 674 -32.09 14.96 62.56
C ARG C 674 -32.99 13.84 62.08
N ALA C 675 -34.19 13.74 62.64
CA ALA C 675 -35.08 12.65 62.30
C ALA C 675 -35.98 12.99 61.10
N MET D 1 -14.07 -13.57 -53.91
CA MET D 1 -12.68 -13.33 -53.55
C MET D 1 -12.64 -12.56 -52.24
N ILE D 2 -11.51 -12.64 -51.54
CA ILE D 2 -11.36 -11.91 -50.29
C ILE D 2 -11.58 -10.43 -50.52
N ASN D 3 -11.00 -9.91 -51.61
CA ASN D 3 -11.33 -8.57 -52.04
C ASN D 3 -11.33 -8.48 -53.56
N GLU D 4 -12.46 -8.05 -54.12
CA GLU D 4 -12.68 -8.17 -55.55
C GLU D 4 -11.73 -7.32 -56.41
N LYS D 5 -11.03 -6.38 -55.81
CA LYS D 5 -10.08 -5.56 -56.58
C LYS D 5 -8.64 -6.10 -56.63
N PHE D 6 -8.43 -7.29 -56.07
CA PHE D 6 -7.11 -7.90 -55.95
C PHE D 6 -7.25 -9.38 -56.34
N PRO D 7 -7.45 -9.64 -57.63
CA PRO D 7 -7.95 -10.93 -58.14
C PRO D 7 -6.88 -11.99 -58.35
N LYS D 8 -6.09 -12.24 -57.30
CA LYS D 8 -5.13 -13.34 -57.30
C LYS D 8 -4.83 -13.69 -55.86
N ILE D 9 -4.11 -14.78 -55.66
CA ILE D 9 -3.63 -15.13 -54.33
C ILE D 9 -2.62 -14.07 -53.89
N TRP D 10 -2.96 -13.29 -52.87
CA TRP D 10 -2.10 -12.20 -52.43
C TRP D 10 -0.77 -12.73 -51.93
N TYR D 11 0.30 -12.02 -52.25
CA TYR D 11 1.65 -12.42 -51.90
C TYR D 11 2.41 -11.22 -51.34
N GLY D 12 2.95 -11.39 -50.14
CA GLY D 12 3.63 -10.31 -49.44
C GLY D 12 3.69 -10.64 -47.96
N GLY D 13 3.35 -9.67 -47.13
CA GLY D 13 3.40 -9.87 -45.69
C GLY D 13 3.75 -8.65 -44.86
N ASP D 14 4.08 -8.89 -43.59
CA ASP D 14 4.42 -7.85 -42.64
C ASP D 14 5.59 -6.99 -43.11
N TYR D 15 5.37 -5.69 -43.17
CA TYR D 15 6.38 -4.76 -43.65
C TYR D 15 6.48 -3.60 -42.68
N ASN D 16 7.71 -3.28 -42.27
CA ASN D 16 7.97 -2.26 -41.25
C ASN D 16 9.01 -1.22 -41.65
N PRO D 17 8.74 -0.46 -42.72
CA PRO D 17 9.73 0.53 -43.16
C PRO D 17 10.02 1.62 -42.11
N GLU D 18 9.19 1.75 -41.09
CA GLU D 18 9.44 2.76 -40.06
C GLU D 18 10.62 2.39 -39.18
N GLN D 19 11.12 1.16 -39.34
CA GLN D 19 12.32 0.73 -38.63
C GLN D 19 13.56 1.12 -39.42
N TRP D 20 13.33 1.75 -40.57
CA TRP D 20 14.40 2.04 -41.51
C TRP D 20 14.36 3.48 -41.99
N ASP D 21 14.72 3.70 -43.25
CA ASP D 21 14.68 5.04 -43.81
C ASP D 21 14.22 5.00 -45.26
N LYS D 22 14.16 6.16 -45.89
CA LYS D 22 13.67 6.25 -47.27
C LYS D 22 14.54 5.50 -48.29
N ALA D 23 15.85 5.56 -48.13
CA ALA D 23 16.76 4.84 -49.02
C ALA D 23 16.40 3.36 -49.07
N THR D 24 16.32 2.70 -47.90
CA THR D 24 16.05 1.26 -47.93
C THR D 24 14.67 1.01 -48.50
N MET D 25 13.74 1.91 -48.28
CA MET D 25 12.43 1.75 -48.88
C MET D 25 12.50 1.64 -50.42
N GLU D 26 13.39 2.40 -51.05
CA GLU D 26 13.58 2.30 -52.50
C GLU D 26 14.05 0.90 -52.88
N GLU D 27 15.00 0.37 -52.10
CA GLU D 27 15.48 -0.99 -52.30
C GLU D 27 14.36 -2.01 -52.10
N ASP D 28 13.53 -1.79 -51.09
CA ASP D 28 12.38 -2.65 -50.82
C ASP D 28 11.46 -2.72 -52.04
N MET D 29 11.12 -1.57 -52.60
CA MET D 29 10.24 -1.53 -53.76
C MET D 29 10.89 -2.29 -54.94
N ARG D 30 12.16 -2.03 -55.19
CA ARG D 30 12.88 -2.73 -56.24
C ARG D 30 12.79 -4.25 -56.07
N MET D 31 13.03 -4.73 -54.86
CA MET D 31 13.07 -6.16 -54.61
C MET D 31 11.69 -6.82 -54.52
N PHE D 32 10.70 -6.08 -54.02
CA PHE D 32 9.34 -6.59 -53.98
C PHE D 32 8.85 -6.84 -55.40
N ASN D 33 9.21 -5.96 -56.31
CA ASN D 33 8.80 -6.17 -57.68
C ASN D 33 9.41 -7.45 -58.23
N LEU D 34 10.68 -7.68 -57.95
CA LEU D 34 11.37 -8.89 -58.38
C LEU D 34 10.73 -10.15 -57.81
N ALA D 35 10.26 -10.05 -56.57
CA ALA D 35 9.73 -11.21 -55.85
C ALA D 35 8.25 -11.47 -56.17
N GLY D 36 7.58 -10.51 -56.80
CA GLY D 36 6.17 -10.65 -57.11
C GLY D 36 5.28 -10.36 -55.88
N ILE D 37 5.86 -9.65 -54.94
CA ILE D 37 5.16 -9.21 -53.75
C ILE D 37 4.21 -8.07 -54.10
N ASP D 38 2.93 -8.25 -53.78
CA ASP D 38 1.92 -7.26 -54.14
C ASP D 38 1.03 -6.83 -52.96
N VAL D 39 1.34 -7.34 -51.77
CA VAL D 39 0.63 -6.90 -50.58
C VAL D 39 1.61 -6.64 -49.42
N ALA D 40 1.39 -5.55 -48.68
CA ALA D 40 2.15 -5.30 -47.47
C ALA D 40 1.20 -5.07 -46.29
N THR D 41 1.49 -5.71 -45.17
CA THR D 41 0.73 -5.53 -43.95
C THR D 41 1.51 -4.54 -43.08
N VAL D 42 0.97 -3.34 -42.91
CA VAL D 42 1.74 -2.26 -42.32
C VAL D 42 1.10 -1.68 -41.07
N ASN D 43 1.91 -0.97 -40.28
CA ASN D 43 1.42 -0.28 -39.09
C ASN D 43 0.99 -1.22 -37.96
N VAL D 44 1.55 -2.42 -37.90
CA VAL D 44 1.20 -3.33 -36.83
C VAL D 44 1.72 -2.86 -35.46
N PHE D 45 2.93 -2.32 -35.42
CA PHE D 45 3.53 -2.00 -34.13
C PHE D 45 4.07 -0.59 -34.00
N SER D 46 3.23 0.41 -34.25
CA SER D 46 3.71 1.79 -34.19
C SER D 46 2.79 2.75 -33.42
N TRP D 47 2.07 2.22 -32.44
CA TRP D 47 1.18 3.06 -31.66
C TRP D 47 1.98 4.25 -31.10
N ALA D 48 3.13 3.97 -30.48
CA ALA D 48 3.96 5.02 -29.92
C ALA D 48 4.42 6.05 -30.95
N LYS D 49 4.79 5.60 -32.16
CA LYS D 49 5.22 6.56 -33.17
C LYS D 49 4.09 7.51 -33.57
N ILE D 50 2.87 6.99 -33.56
CA ILE D 50 1.70 7.79 -33.89
C ILE D 50 1.31 8.74 -32.74
N GLN D 51 1.16 8.17 -31.56
CA GLN D 51 0.64 8.89 -30.40
C GLN D 51 1.68 9.03 -29.28
N ARG D 52 2.29 10.21 -29.16
CA ARG D 52 3.33 10.48 -28.14
C ARG D 52 2.77 10.81 -26.77
N ASP D 53 1.52 11.25 -26.70
CA ASP D 53 0.83 11.47 -25.44
C ASP D 53 -0.68 11.31 -25.67
N GLU D 54 -1.49 11.69 -24.70
CA GLU D 54 -2.89 11.30 -24.83
C GLU D 54 -3.67 12.18 -25.81
N VAL D 55 -3.00 13.19 -26.32
CA VAL D 55 -3.68 14.19 -27.15
C VAL D 55 -3.01 14.39 -28.53
N SER D 56 -1.79 13.90 -28.71
CA SER D 56 -1.05 14.14 -29.95
C SER D 56 -1.05 12.95 -30.93
N TYR D 57 -1.37 13.21 -32.20
CA TYR D 57 -1.35 12.16 -33.23
C TYR D 57 -0.56 12.59 -34.47
N ASP D 58 0.37 11.75 -34.88
CA ASP D 58 1.17 12.02 -36.07
C ASP D 58 1.03 10.88 -37.05
N PHE D 59 0.39 11.15 -38.20
CA PHE D 59 0.26 10.14 -39.25
C PHE D 59 1.10 10.40 -40.52
N THR D 60 1.94 11.43 -40.53
CA THR D 60 2.66 11.80 -41.75
C THR D 60 3.55 10.67 -42.28
N TRP D 61 4.31 10.04 -41.39
CA TRP D 61 5.16 8.90 -41.75
C TRP D 61 4.34 7.74 -42.37
N LEU D 62 3.10 7.56 -41.94
CA LEU D 62 2.30 6.49 -42.49
C LEU D 62 1.75 6.88 -43.88
N ASP D 63 1.38 8.15 -44.05
CA ASP D 63 1.01 8.68 -45.37
C ASP D 63 2.11 8.37 -46.40
N ASP D 64 3.37 8.63 -46.03
CA ASP D 64 4.51 8.36 -46.91
C ASP D 64 4.59 6.90 -47.34
N ILE D 65 4.40 6.01 -46.38
CA ILE D 65 4.48 4.59 -46.68
C ILE D 65 3.34 4.20 -47.61
N ILE D 66 2.12 4.60 -47.24
CA ILE D 66 0.96 4.26 -48.05
C ILE D 66 1.11 4.79 -49.47
N GLU D 67 1.58 6.03 -49.56
CA GLU D 67 1.80 6.71 -50.82
C GLU D 67 2.84 6.00 -51.68
N ARG D 68 3.96 5.63 -51.07
CA ARG D 68 5.05 5.04 -51.84
C ARG D 68 4.62 3.67 -52.34
N LEU D 69 3.86 2.96 -51.53
CA LEU D 69 3.41 1.62 -51.90
C LEU D 69 2.40 1.69 -53.02
N THR D 70 1.62 2.76 -53.01
CA THR D 70 0.58 2.98 -54.01
C THR D 70 1.18 3.17 -55.41
N LYS D 71 2.27 3.92 -55.49
CA LYS D 71 2.95 4.15 -56.75
C LYS D 71 3.45 2.85 -57.37
N GLU D 72 3.60 1.82 -56.54
CA GLU D 72 4.20 0.56 -56.94
C GLU D 72 3.08 -0.44 -57.22
N ASN D 73 1.87 0.05 -57.04
CA ASN D 73 0.65 -0.75 -57.01
C ASN D 73 0.67 -1.94 -56.05
N ILE D 74 1.22 -1.72 -54.87
CA ILE D 74 1.17 -2.72 -53.83
C ILE D 74 -0.06 -2.44 -52.98
N TYR D 75 -0.84 -3.48 -52.70
CA TYR D 75 -2.03 -3.34 -51.87
C TYR D 75 -1.70 -3.39 -50.38
N LEU D 76 -2.57 -2.80 -49.57
CA LEU D 76 -2.30 -2.65 -48.14
C LEU D 76 -3.27 -3.42 -47.25
N CYS D 77 -2.70 -4.33 -46.47
CA CYS D 77 -3.36 -4.87 -45.31
C CYS D 77 -2.99 -3.90 -44.19
N LEU D 78 -3.90 -2.99 -43.83
CA LEU D 78 -3.57 -1.92 -42.87
C LEU D 78 -3.97 -2.27 -41.44
N ALA D 79 -2.98 -2.24 -40.56
CA ALA D 79 -3.18 -2.60 -39.16
C ALA D 79 -3.53 -1.38 -38.30
N THR D 80 -4.20 -1.65 -37.18
CA THR D 80 -4.64 -0.58 -36.28
C THR D 80 -3.57 -0.19 -35.24
N SER D 81 -2.53 -1.02 -35.12
CA SER D 81 -1.40 -0.73 -34.25
C SER D 81 -1.69 -0.93 -32.76
N THR D 82 -2.85 -1.51 -32.46
CA THR D 82 -3.23 -1.69 -31.07
C THR D 82 -2.60 -2.94 -30.45
N GLY D 83 -1.74 -3.61 -31.21
CA GLY D 83 -1.08 -4.82 -30.73
C GLY D 83 -0.06 -4.65 -29.61
N ALA D 84 0.42 -3.42 -29.42
CA ALA D 84 1.37 -3.14 -28.35
C ALA D 84 1.20 -1.68 -27.94
N HIS D 85 0.85 -1.43 -26.68
CA HIS D 85 0.56 -0.08 -26.19
C HIS D 85 1.86 0.67 -25.92
N PRO D 86 1.81 2.02 -25.92
CA PRO D 86 3.01 2.83 -25.72
C PRO D 86 3.54 2.81 -24.28
N ALA D 87 4.85 2.95 -24.14
CA ALA D 87 5.48 3.01 -22.83
C ALA D 87 4.96 4.18 -21.96
N TRP D 88 4.68 5.33 -22.57
CA TRP D 88 4.12 6.43 -21.81
C TRP D 88 2.73 6.05 -21.25
N MET D 89 2.01 5.23 -22.00
CA MET D 89 0.66 4.88 -21.59
C MET D 89 0.70 3.90 -20.42
N ALA D 90 1.63 2.94 -20.48
CA ALA D 90 1.83 1.99 -19.40
C ALA D 90 2.30 2.69 -18.13
N LYS D 91 3.06 3.78 -18.29
CA LYS D 91 3.61 4.51 -17.17
C LYS D 91 2.54 5.37 -16.48
N LYS D 92 1.72 6.04 -17.28
CA LYS D 92 0.75 6.99 -16.78
C LYS D 92 -0.58 6.35 -16.46
N TYR D 93 -0.91 5.29 -17.17
CA TYR D 93 -2.19 4.62 -17.01
C TYR D 93 -1.95 3.15 -16.80
N PRO D 94 -1.51 2.79 -15.59
CA PRO D 94 -1.16 1.41 -15.24
C PRO D 94 -2.34 0.44 -15.40
N ASP D 95 -3.58 0.94 -15.43
CA ASP D 95 -4.72 0.03 -15.61
C ASP D 95 -4.60 -0.69 -16.96
N VAL D 96 -3.72 -0.19 -17.82
CA VAL D 96 -3.49 -0.79 -19.14
C VAL D 96 -2.68 -2.10 -19.06
N LEU D 97 -1.96 -2.28 -17.95
CA LEU D 97 -1.07 -3.43 -17.76
C LEU D 97 -1.76 -4.62 -17.09
N ARG D 98 -1.36 -5.82 -17.46
CA ARG D 98 -2.02 -7.00 -16.93
C ARG D 98 -1.42 -7.43 -15.60
N VAL D 99 -2.19 -8.24 -14.88
CA VAL D 99 -1.71 -8.98 -13.72
C VAL D 99 -1.64 -10.43 -14.18
N ASP D 100 -0.48 -11.06 -13.96
CA ASP D 100 -0.27 -12.41 -14.49
C ASP D 100 -0.83 -13.54 -13.59
N TYR D 101 -0.70 -14.75 -14.11
CA TYR D 101 -1.21 -15.96 -13.48
C TYR D 101 -0.64 -16.17 -12.08
N GLU D 102 0.56 -15.64 -11.87
CA GLU D 102 1.24 -15.72 -10.58
C GLU D 102 0.81 -14.55 -9.70
N GLY D 103 -0.08 -13.71 -10.21
CA GLY D 103 -0.66 -12.63 -9.41
C GLY D 103 0.19 -11.38 -9.35
N ARG D 104 1.23 -11.33 -10.16
CA ARG D 104 2.11 -10.16 -10.24
C ARG D 104 1.61 -9.11 -11.22
N LYS D 105 1.57 -7.86 -10.75
CA LYS D 105 1.31 -6.74 -11.62
C LYS D 105 2.48 -6.57 -12.59
N ARG D 106 2.18 -6.60 -13.89
CA ARG D 106 3.24 -6.39 -14.87
C ARG D 106 3.73 -4.93 -14.95
N LYS D 107 4.95 -4.78 -15.45
CA LYS D 107 5.46 -3.47 -15.84
C LYS D 107 5.46 -3.42 -17.37
N PHE D 108 5.91 -2.31 -17.95
CA PHE D 108 5.97 -2.19 -19.40
C PHE D 108 6.94 -3.18 -20.05
N GLY D 109 6.47 -3.87 -21.09
CA GLY D 109 7.34 -4.72 -21.86
C GLY D 109 6.54 -5.70 -22.72
N GLY D 110 7.22 -6.37 -23.65
CA GLY D 110 6.56 -7.31 -24.54
C GLY D 110 5.51 -6.64 -25.41
N ARG D 111 4.42 -7.35 -25.64
CA ARG D 111 3.36 -6.93 -26.56
C ARG D 111 2.16 -7.83 -26.31
N HIS D 112 1.07 -7.56 -27.03
CA HIS D 112 -0.12 -8.42 -26.96
C HIS D 112 -0.62 -8.58 -25.54
N ASN D 113 -0.40 -7.59 -24.69
CA ASN D 113 -0.67 -7.79 -23.27
C ASN D 113 -1.35 -6.61 -22.60
N SER D 114 -2.20 -5.90 -23.35
CA SER D 114 -3.07 -4.91 -22.76
C SER D 114 -4.20 -5.63 -22.07
N CYS D 115 -4.53 -5.20 -20.85
CA CYS D 115 -5.69 -5.73 -20.15
C CYS D 115 -6.91 -5.43 -21.00
N PRO D 116 -7.68 -6.46 -21.37
CA PRO D 116 -8.84 -6.28 -22.27
C PRO D 116 -10.03 -5.62 -21.59
N ASN D 117 -9.94 -5.45 -20.27
CA ASN D 117 -11.00 -4.74 -19.55
C ASN D 117 -10.49 -3.43 -19.00
N SER D 118 -9.50 -2.86 -19.67
CA SER D 118 -8.90 -1.62 -19.27
C SER D 118 -9.64 -0.44 -19.89
N PRO D 119 -10.17 0.46 -19.05
CA PRO D 119 -10.88 1.66 -19.56
C PRO D 119 -9.95 2.48 -20.44
N THR D 120 -8.69 2.58 -20.03
CA THR D 120 -7.71 3.35 -20.78
C THR D 120 -7.38 2.71 -22.12
N TYR D 121 -7.19 1.39 -22.11
CA TYR D 121 -6.87 0.69 -23.33
C TYR D 121 -7.99 0.86 -24.36
N ARG D 122 -9.24 0.60 -23.93
CA ARG D 122 -10.39 0.64 -24.83
C ARG D 122 -10.62 2.04 -25.35
N LYS D 123 -10.52 3.01 -24.45
CA LYS D 123 -10.65 4.40 -24.84
C LYS D 123 -9.70 4.71 -25.99
N TYR D 124 -8.41 4.47 -25.79
CA TYR D 124 -7.42 4.90 -26.76
C TYR D 124 -7.32 4.03 -28.02
N ALA D 125 -7.59 2.74 -27.87
CA ALA D 125 -7.60 1.84 -29.01
C ALA D 125 -8.72 2.25 -29.97
N LYS D 126 -9.90 2.53 -29.45
CA LYS D 126 -11.04 2.88 -30.27
C LYS D 126 -10.78 4.17 -31.06
N ILE D 127 -10.30 5.18 -30.37
CA ILE D 127 -9.97 6.44 -31.01
C ILE D 127 -8.95 6.27 -32.15
N LEU D 128 -7.91 5.48 -31.90
CA LEU D 128 -6.86 5.30 -32.89
C LEU D 128 -7.43 4.57 -34.10
N ALA D 129 -8.06 3.43 -33.86
CA ALA D 129 -8.76 2.71 -34.90
C ALA D 129 -9.59 3.68 -35.73
N GLY D 130 -10.51 4.38 -35.07
CA GLY D 130 -11.38 5.32 -35.77
C GLY D 130 -10.64 6.41 -36.54
N LYS D 131 -9.58 6.96 -35.95
CA LYS D 131 -8.79 7.99 -36.64
C LYS D 131 -8.13 7.44 -37.90
N LEU D 132 -7.70 6.18 -37.85
CA LEU D 132 -7.08 5.56 -39.02
C LEU D 132 -8.10 5.43 -40.14
N ALA D 133 -9.28 4.93 -39.80
CA ALA D 133 -10.36 4.76 -40.77
C ALA D 133 -10.80 6.08 -41.39
N GLU D 134 -10.94 7.10 -40.57
CA GLU D 134 -11.36 8.42 -41.02
C GLU D 134 -10.35 9.01 -41.99
N ARG D 135 -9.09 8.95 -41.62
CA ARG D 135 -8.04 9.53 -42.44
C ARG D 135 -7.96 8.86 -43.80
N TYR D 136 -8.08 7.54 -43.85
CA TYR D 136 -7.83 6.79 -45.07
C TYR D 136 -9.09 6.23 -45.73
N LYS D 137 -10.26 6.75 -45.35
CA LYS D 137 -11.54 6.23 -45.85
C LYS D 137 -11.64 6.20 -47.37
N ASP D 138 -11.03 7.18 -48.03
CA ASP D 138 -11.15 7.29 -49.48
C ASP D 138 -9.96 6.71 -50.23
N HIS D 139 -9.04 6.07 -49.51
CA HIS D 139 -7.88 5.50 -50.18
C HIS D 139 -8.23 4.16 -50.81
N PRO D 140 -7.80 3.95 -52.07
CA PRO D 140 -8.15 2.81 -52.91
C PRO D 140 -7.24 1.59 -52.74
N GLN D 141 -6.06 1.77 -52.18
CA GLN D 141 -5.14 0.64 -52.06
C GLN D 141 -5.39 -0.21 -50.80
N ILE D 142 -6.35 0.20 -49.98
CA ILE D 142 -6.57 -0.51 -48.73
C ILE D 142 -7.56 -1.63 -48.93
N VAL D 143 -7.07 -2.85 -48.78
CA VAL D 143 -7.81 -4.02 -49.17
C VAL D 143 -8.32 -4.81 -47.96
N MET D 144 -7.77 -4.52 -46.78
CA MET D 144 -8.04 -5.31 -45.59
C MET D 144 -7.62 -4.54 -44.33
N TRP D 145 -8.46 -4.57 -43.30
CA TRP D 145 -8.09 -4.09 -41.97
C TRP D 145 -7.55 -5.24 -41.14
N HIS D 146 -6.45 -4.99 -40.44
CA HIS D 146 -5.77 -5.97 -39.61
C HIS D 146 -5.82 -5.46 -38.17
N VAL D 147 -6.85 -5.86 -37.41
CA VAL D 147 -7.03 -5.30 -36.07
C VAL D 147 -6.04 -5.88 -35.07
N SER D 148 -5.30 -4.99 -34.43
CA SER D 148 -4.37 -5.40 -33.38
C SER D 148 -3.37 -6.41 -33.95
N ASN D 149 -3.05 -7.43 -33.16
CA ASN D 149 -2.15 -8.50 -33.58
C ASN D 149 -2.16 -9.64 -32.57
N GLU D 150 -2.43 -10.85 -33.04
CA GLU D 150 -2.44 -12.03 -32.19
C GLU D 150 -2.95 -11.80 -30.77
N TYR D 151 -4.21 -11.40 -30.65
CA TYR D 151 -4.88 -11.40 -29.36
C TYR D 151 -4.61 -12.69 -28.59
N GLY D 152 -4.34 -12.59 -27.29
CA GLY D 152 -4.07 -13.77 -26.47
C GLY D 152 -3.58 -13.46 -25.07
N GLY D 153 -3.44 -14.51 -24.25
CA GLY D 153 -2.98 -14.37 -22.88
C GLY D 153 -4.08 -13.95 -21.90
N TYR D 154 -4.01 -14.48 -20.67
CA TYR D 154 -5.02 -14.14 -19.68
C TYR D 154 -4.58 -13.05 -18.71
N CYS D 155 -5.54 -12.22 -18.29
CA CYS D 155 -5.31 -11.21 -17.29
C CYS D 155 -6.14 -11.54 -16.06
N TYR D 156 -5.58 -11.26 -14.89
CA TYR D 156 -6.19 -11.56 -13.61
C TYR D 156 -6.22 -10.34 -12.71
N CYS D 157 -6.22 -9.15 -13.32
CA CYS D 157 -6.18 -7.92 -12.54
C CYS D 157 -7.53 -7.64 -11.88
N ASP D 158 -7.55 -6.56 -11.11
CA ASP D 158 -8.74 -6.12 -10.41
C ASP D 158 -9.94 -5.86 -11.34
N ASN D 159 -9.70 -5.16 -12.44
CA ASN D 159 -10.79 -4.87 -13.37
C ASN D 159 -11.38 -6.12 -14.03
N CYS D 160 -10.52 -7.06 -14.43
CA CYS D 160 -11.02 -8.31 -14.99
C CYS D 160 -11.89 -9.03 -13.97
N GLU D 161 -11.47 -8.98 -12.71
CA GLU D 161 -12.20 -9.63 -11.64
C GLU D 161 -13.59 -9.04 -11.47
N LYS D 162 -13.69 -7.71 -11.39
CA LYS D 162 -14.99 -7.06 -11.26
C LYS D 162 -15.88 -7.34 -12.46
N GLN D 163 -15.26 -7.40 -13.64
CA GLN D 163 -16.02 -7.65 -14.85
C GLN D 163 -16.44 -9.12 -14.96
N PHE D 164 -15.55 -10.03 -14.55
CA PHE D 164 -15.89 -11.46 -14.48
C PHE D 164 -17.21 -11.62 -13.75
N ARG D 165 -17.33 -10.94 -12.61
CA ARG D 165 -18.55 -10.97 -11.83
C ARG D 165 -19.78 -10.50 -12.61
N VAL D 166 -19.62 -9.44 -13.41
CA VAL D 166 -20.73 -8.90 -14.20
C VAL D 166 -21.14 -9.91 -15.28
N TRP D 167 -20.13 -10.52 -15.88
CA TRP D 167 -20.34 -11.53 -16.92
C TRP D 167 -21.12 -12.71 -16.35
N LEU D 168 -20.81 -13.06 -15.11
CA LEU D 168 -21.53 -14.11 -14.38
C LEU D 168 -22.97 -13.70 -14.10
N LYS D 169 -23.18 -12.44 -13.73
CA LYS D 169 -24.53 -11.93 -13.53
C LYS D 169 -25.31 -12.06 -14.81
N GLU D 170 -24.72 -11.63 -15.90
CA GLU D 170 -25.39 -11.69 -17.20
C GLU D 170 -25.63 -13.11 -17.65
N ARG D 171 -24.79 -14.03 -17.20
CA ARG D 171 -24.85 -15.41 -17.66
C ARG D 171 -25.75 -16.32 -16.82
N TYR D 172 -25.70 -16.17 -15.50
CA TYR D 172 -26.47 -17.04 -14.62
C TYR D 172 -27.72 -16.41 -14.02
N GLY D 173 -27.74 -15.08 -13.97
CA GLY D 173 -28.88 -14.34 -13.46
C GLY D 173 -28.93 -14.31 -11.95
N THR D 174 -28.74 -15.46 -11.32
CA THR D 174 -28.87 -15.56 -9.88
C THR D 174 -27.72 -16.34 -9.25
N LEU D 175 -27.57 -16.17 -7.95
CA LEU D 175 -26.55 -16.87 -7.21
C LEU D 175 -26.92 -18.34 -7.03
N GLU D 176 -28.22 -18.61 -6.98
CA GLU D 176 -28.69 -19.98 -6.92
C GLU D 176 -28.21 -20.71 -8.17
N ALA D 177 -28.42 -20.12 -9.33
CA ALA D 177 -28.00 -20.75 -10.58
C ALA D 177 -26.48 -20.83 -10.71
N LEU D 178 -25.76 -19.80 -10.28
CA LEU D 178 -24.30 -19.86 -10.33
C LEU D 178 -23.80 -20.97 -9.40
N ASN D 179 -24.29 -20.96 -8.17
CA ASN D 179 -23.90 -21.98 -7.21
C ASN D 179 -24.19 -23.39 -7.72
N LYS D 180 -25.36 -23.59 -8.30
CA LYS D 180 -25.66 -24.88 -8.90
C LYS D 180 -24.69 -25.22 -10.05
N ALA D 181 -24.46 -24.27 -10.95
CA ALA D 181 -23.61 -24.52 -12.11
C ALA D 181 -22.19 -24.95 -11.72
N TRP D 182 -21.71 -24.42 -10.62
CA TRP D 182 -20.32 -24.60 -10.26
C TRP D 182 -20.17 -25.72 -9.24
N ASN D 183 -21.29 -26.23 -8.75
CA ASN D 183 -21.32 -27.25 -7.70
C ASN D 183 -20.67 -26.80 -6.37
N THR D 184 -20.96 -25.57 -5.97
CA THR D 184 -20.26 -24.94 -4.85
C THR D 184 -20.54 -25.52 -3.46
N SER D 185 -21.46 -26.48 -3.36
CA SER D 185 -21.67 -27.17 -2.11
C SER D 185 -20.42 -28.01 -1.79
N PHE D 186 -19.64 -28.30 -2.82
CA PHE D 186 -18.37 -29.00 -2.67
C PHE D 186 -17.33 -28.10 -2.02
N TRP D 187 -16.57 -28.64 -1.06
CA TRP D 187 -15.59 -27.88 -0.29
C TRP D 187 -16.08 -26.53 0.23
N SER D 188 -17.27 -26.52 0.81
CA SER D 188 -17.84 -25.31 1.40
C SER D 188 -17.63 -24.07 0.51
N HIS D 189 -17.91 -24.21 -0.78
CA HIS D 189 -17.63 -23.12 -1.73
C HIS D 189 -18.82 -22.20 -2.02
N THR D 190 -19.88 -22.36 -1.22
CA THR D 190 -21.12 -21.61 -1.42
C THR D 190 -20.88 -20.11 -1.43
N PHE D 191 -21.34 -19.45 -2.48
CA PHE D 191 -21.24 -17.99 -2.57
C PHE D 191 -22.55 -17.32 -2.19
N TYR D 192 -22.49 -16.36 -1.26
CA TYR D 192 -23.69 -15.59 -0.92
C TYR D 192 -23.70 -14.19 -1.53
N ASP D 193 -22.61 -13.84 -2.18
CA ASP D 193 -22.54 -12.56 -2.88
C ASP D 193 -21.50 -12.61 -3.97
N TRP D 194 -21.80 -11.92 -5.06
CA TRP D 194 -20.98 -11.95 -6.25
C TRP D 194 -19.54 -11.51 -5.96
N ASP D 195 -19.37 -10.61 -4.99
CA ASP D 195 -18.05 -10.05 -4.72
C ASP D 195 -17.11 -11.04 -4.03
N GLU D 196 -17.68 -12.15 -3.55
CA GLU D 196 -16.89 -13.18 -2.87
C GLU D 196 -16.11 -14.02 -3.87
N ILE D 197 -16.56 -14.00 -5.13
CA ILE D 197 -15.95 -14.73 -6.23
C ILE D 197 -14.70 -14.02 -6.72
N VAL D 198 -13.62 -14.77 -6.90
CA VAL D 198 -12.34 -14.19 -7.32
C VAL D 198 -11.86 -14.87 -8.59
N ALA D 199 -10.94 -14.24 -9.32
CA ALA D 199 -10.40 -14.86 -10.52
C ALA D 199 -9.58 -16.09 -10.16
N PRO D 200 -9.70 -17.17 -10.96
CA PRO D 200 -8.97 -18.44 -10.73
C PRO D 200 -7.56 -18.43 -11.31
N ASN D 201 -6.56 -18.25 -10.45
CA ASN D 201 -5.17 -18.39 -10.87
C ASN D 201 -4.33 -18.97 -9.72
N ALA D 202 -3.03 -18.70 -9.70
CA ALA D 202 -2.15 -19.34 -8.69
C ALA D 202 -2.38 -18.87 -7.26
N LEU D 203 -3.12 -17.78 -7.08
CA LEU D 203 -3.38 -17.25 -5.75
C LEU D 203 -4.64 -17.89 -5.16
N SER D 204 -5.39 -18.57 -6.01
CA SER D 204 -6.71 -19.04 -5.58
C SER D 204 -6.94 -20.53 -5.87
N GLU D 205 -7.37 -20.83 -7.07
CA GLU D 205 -7.99 -22.11 -7.38
C GLU D 205 -7.08 -23.00 -8.26
N GLU D 206 -6.07 -22.40 -8.89
CA GLU D 206 -5.27 -23.11 -9.88
C GLU D 206 -3.78 -23.24 -9.49
N TRP D 207 -3.07 -24.09 -10.22
CA TRP D 207 -1.61 -24.18 -10.13
C TRP D 207 -1.06 -24.91 -11.36
N SER D 208 0.26 -24.80 -11.55
CA SER D 208 0.96 -25.46 -12.67
C SER D 208 0.38 -25.19 -14.07
N GLY D 209 -0.33 -24.09 -14.24
CA GLY D 209 -0.80 -23.73 -15.57
C GLY D 209 -2.10 -24.40 -15.99
N ASN D 210 -2.31 -25.66 -15.62
CA ASN D 210 -3.52 -26.35 -16.09
C ASN D 210 -4.27 -27.14 -15.02
N ARG D 211 -3.86 -27.00 -13.77
CA ARG D 211 -4.51 -27.71 -12.68
C ARG D 211 -5.51 -26.80 -11.97
N THR D 212 -6.62 -27.36 -11.47
CA THR D 212 -7.58 -26.58 -10.72
C THR D 212 -8.37 -27.36 -9.67
N ASN D 213 -8.83 -26.68 -8.63
CA ASN D 213 -9.78 -27.28 -7.71
C ASN D 213 -11.20 -27.20 -8.23
N PHE D 214 -11.50 -26.10 -8.92
CA PHE D 214 -12.86 -25.79 -9.31
C PHE D 214 -12.99 -25.56 -10.80
N GLN D 215 -13.26 -26.64 -11.50
CA GLN D 215 -13.30 -26.65 -12.96
C GLN D 215 -14.30 -25.65 -13.53
N GLY D 216 -15.51 -25.66 -12.99
CA GLY D 216 -16.54 -24.74 -13.44
C GLY D 216 -16.09 -23.28 -13.43
N ILE D 217 -15.40 -22.87 -12.36
CA ILE D 217 -14.86 -21.53 -12.29
C ILE D 217 -13.77 -21.35 -13.35
N SER D 218 -12.85 -22.30 -13.44
CA SER D 218 -11.75 -22.19 -14.39
C SER D 218 -12.26 -22.18 -15.83
N LEU D 219 -13.26 -23.00 -16.09
CA LEU D 219 -13.88 -23.07 -17.41
C LEU D 219 -14.48 -21.72 -17.76
N ASP D 220 -15.27 -21.19 -16.84
CA ASP D 220 -15.96 -19.93 -17.06
C ASP D 220 -15.00 -18.75 -17.17
N TYR D 221 -13.89 -18.77 -16.44
CA TYR D 221 -12.99 -17.62 -16.50
C TYR D 221 -12.32 -17.53 -17.86
N ARG D 222 -12.07 -18.67 -18.47
CA ARG D 222 -11.50 -18.70 -19.81
C ARG D 222 -12.50 -18.25 -20.87
N ARG D 223 -13.76 -18.68 -20.76
CA ARG D 223 -14.81 -18.12 -21.62
C ARG D 223 -14.80 -16.60 -21.52
N PHE D 224 -14.76 -16.08 -20.28
CA PHE D 224 -14.81 -14.64 -20.02
C PHE D 224 -13.62 -13.90 -20.64
N GLN D 225 -12.43 -14.44 -20.45
CA GLN D 225 -11.22 -13.83 -21.01
C GLN D 225 -11.29 -13.84 -22.53
N SER D 226 -11.72 -14.95 -23.11
CA SER D 226 -11.99 -15.02 -24.55
C SER D 226 -13.03 -13.97 -25.03
N ASP D 227 -14.14 -13.81 -24.30
CA ASP D 227 -15.13 -12.78 -24.63
C ASP D 227 -14.60 -11.37 -24.46
N SER D 228 -13.83 -11.13 -23.41
CA SER D 228 -13.29 -9.80 -23.13
C SER D 228 -12.38 -9.33 -24.26
N LEU D 229 -11.45 -10.19 -24.62
CA LEU D 229 -10.58 -9.90 -25.75
C LEU D 229 -11.39 -9.73 -27.04
N LEU D 230 -12.43 -10.53 -27.21
CA LEU D 230 -13.24 -10.46 -28.43
C LEU D 230 -14.02 -9.15 -28.49
N GLU D 231 -14.49 -8.66 -27.34
CA GLU D 231 -15.08 -7.33 -27.25
C GLU D 231 -14.12 -6.24 -27.76
N CYS D 232 -12.85 -6.38 -27.45
CA CYS D 232 -11.86 -5.42 -27.91
C CYS D 232 -11.77 -5.41 -29.43
N PHE D 233 -11.72 -6.60 -30.01
CA PHE D 233 -11.68 -6.69 -31.47
C PHE D 233 -12.96 -6.14 -32.12
N LYS D 234 -14.12 -6.49 -31.57
CA LYS D 234 -15.41 -6.01 -32.05
C LYS D 234 -15.50 -4.49 -31.97
N MET D 235 -14.97 -3.93 -30.90
CA MET D 235 -14.98 -2.50 -30.70
C MET D 235 -14.21 -1.77 -31.80
N GLU D 236 -13.03 -2.28 -32.16
CA GLU D 236 -12.27 -1.62 -33.21
C GLU D 236 -12.90 -1.86 -34.56
N ARG D 237 -13.40 -3.08 -34.76
CA ARG D 237 -14.10 -3.45 -35.98
C ARG D 237 -15.25 -2.48 -36.28
N ASP D 238 -16.08 -2.21 -35.27
CA ASP D 238 -17.23 -1.33 -35.44
C ASP D 238 -16.83 0.10 -35.78
N GLU D 239 -15.74 0.55 -35.19
CA GLU D 239 -15.22 1.88 -35.46
C GLU D 239 -14.66 1.98 -36.88
N LEU D 240 -14.10 0.88 -37.36
CA LEU D 240 -13.54 0.84 -38.70
C LEU D 240 -14.67 0.85 -39.72
N LYS D 241 -15.69 0.04 -39.48
CA LYS D 241 -16.81 -0.07 -40.43
C LYS D 241 -17.67 1.21 -40.48
N ARG D 242 -17.68 1.99 -39.41
CA ARG D 242 -18.33 3.29 -39.42
C ARG D 242 -17.80 4.20 -40.53
N TRP D 243 -16.51 4.10 -40.80
CA TRP D 243 -15.86 4.96 -41.78
C TRP D 243 -15.63 4.27 -43.11
N THR D 244 -15.50 2.95 -43.08
CA THR D 244 -15.19 2.20 -44.29
C THR D 244 -15.98 0.91 -44.30
N PRO D 245 -17.30 1.02 -44.49
CA PRO D 245 -18.17 -0.16 -44.40
C PRO D 245 -17.82 -1.19 -45.47
N ASP D 246 -17.04 -0.80 -46.47
CA ASP D 246 -16.74 -1.72 -47.56
C ASP D 246 -15.38 -2.41 -47.47
N ILE D 247 -14.58 -2.04 -46.48
CA ILE D 247 -13.29 -2.70 -46.30
C ILE D 247 -13.40 -3.82 -45.26
N PRO D 248 -13.00 -5.04 -45.64
CA PRO D 248 -13.08 -6.21 -44.76
C PRO D 248 -12.16 -6.09 -43.55
N VAL D 249 -12.61 -6.66 -42.43
CA VAL D 249 -11.86 -6.58 -41.19
C VAL D 249 -11.50 -7.97 -40.71
N THR D 250 -10.23 -8.15 -40.39
CA THR D 250 -9.76 -9.40 -39.82
C THR D 250 -8.87 -9.17 -38.61
N THR D 251 -8.42 -10.26 -38.00
CA THR D 251 -7.36 -10.20 -37.00
C THR D 251 -6.64 -11.55 -37.10
N ASN D 252 -5.34 -11.57 -36.79
CA ASN D 252 -4.55 -12.79 -37.04
C ASN D 252 -4.57 -13.80 -35.89
N LEU D 253 -5.18 -14.96 -36.15
CA LEU D 253 -5.33 -16.03 -35.17
C LEU D 253 -4.12 -16.95 -35.23
N MET D 254 -4.10 -17.95 -34.34
CA MET D 254 -2.94 -18.80 -34.19
C MET D 254 -3.30 -20.29 -34.16
N GLY D 255 -4.25 -20.69 -34.99
CA GLY D 255 -4.51 -22.10 -35.24
C GLY D 255 -5.12 -22.81 -34.05
N PHE D 256 -4.49 -23.91 -33.62
CA PHE D 256 -4.93 -24.66 -32.43
C PHE D 256 -4.47 -24.03 -31.11
N TYR D 257 -4.24 -22.71 -31.14
CA TYR D 257 -3.98 -21.92 -29.94
C TYR D 257 -5.01 -22.21 -28.84
N PRO D 258 -4.55 -22.66 -27.66
CA PRO D 258 -5.47 -23.16 -26.64
C PRO D 258 -6.39 -22.12 -25.96
N GLU D 259 -5.97 -20.86 -25.86
CA GLU D 259 -6.60 -19.93 -24.93
C GLU D 259 -7.88 -19.22 -25.38
N LEU D 260 -8.10 -19.15 -26.69
CA LEU D 260 -9.22 -18.40 -27.25
C LEU D 260 -10.20 -19.27 -28.05
N ASP D 261 -11.50 -19.03 -27.90
CA ASP D 261 -12.51 -19.81 -28.65
C ASP D 261 -12.73 -19.23 -30.06
N TYR D 262 -11.88 -19.66 -30.98
CA TYR D 262 -11.89 -19.14 -32.34
C TYR D 262 -13.21 -19.31 -33.13
N PHE D 263 -14.04 -20.30 -32.76
CA PHE D 263 -15.33 -20.46 -33.44
C PHE D 263 -16.27 -19.31 -33.10
N LYS D 264 -16.19 -18.84 -31.86
CA LYS D 264 -16.93 -17.64 -31.44
C LYS D 264 -16.37 -16.38 -32.10
N TRP D 265 -15.05 -16.29 -32.22
CA TRP D 265 -14.36 -15.12 -32.79
C TRP D 265 -14.62 -15.01 -34.28
N ALA D 266 -14.59 -16.14 -34.96
CA ALA D 266 -14.78 -16.16 -36.41
C ALA D 266 -16.13 -15.55 -36.79
N LYS D 267 -17.16 -15.75 -35.96
CA LYS D 267 -18.46 -15.14 -36.24
C LYS D 267 -18.40 -13.61 -36.39
N GLU D 268 -17.38 -12.99 -35.80
CA GLU D 268 -17.34 -11.54 -35.73
C GLU D 268 -16.41 -10.96 -36.79
N MET D 269 -15.77 -11.86 -37.53
CA MET D 269 -14.74 -11.50 -38.50
C MET D 269 -15.25 -11.63 -39.94
N ASP D 270 -14.78 -10.74 -40.83
CA ASP D 270 -15.22 -10.80 -42.22
C ASP D 270 -14.50 -11.96 -42.89
N VAL D 271 -13.25 -12.16 -42.51
CA VAL D 271 -12.47 -13.28 -42.99
C VAL D 271 -11.48 -13.73 -41.92
N VAL D 272 -11.22 -15.03 -41.90
CA VAL D 272 -10.23 -15.60 -40.99
C VAL D 272 -8.85 -15.36 -41.56
N SER D 273 -7.91 -14.97 -40.71
CA SER D 273 -6.50 -14.93 -41.09
C SER D 273 -5.71 -15.64 -39.98
N TRP D 274 -4.58 -16.26 -40.32
CA TRP D 274 -3.78 -16.96 -39.29
C TRP D 274 -2.27 -17.03 -39.52
N ASP D 275 -1.55 -17.41 -38.46
CA ASP D 275 -0.10 -17.38 -38.43
C ASP D 275 0.45 -18.78 -38.21
N ASN D 276 1.03 -19.34 -39.25
CA ASN D 276 1.43 -20.74 -39.21
C ASN D 276 2.91 -20.91 -38.86
N TYR D 277 3.16 -21.38 -37.64
CA TYR D 277 4.51 -21.60 -37.16
C TYR D 277 4.67 -22.99 -36.57
N PRO D 278 5.08 -23.96 -37.40
CA PRO D 278 5.27 -25.34 -36.98
C PRO D 278 6.43 -25.49 -36.01
N SER D 279 6.39 -26.50 -35.15
CA SER D 279 7.55 -26.92 -34.38
C SER D 279 8.32 -27.95 -35.19
N MET D 280 9.58 -28.20 -34.81
CA MET D 280 10.39 -29.13 -35.58
C MET D 280 9.80 -30.53 -35.60
N ASP D 281 8.97 -30.86 -34.62
CA ASP D 281 8.36 -32.18 -34.56
C ASP D 281 6.86 -32.15 -34.86
N THR D 282 6.39 -31.09 -35.52
CA THR D 282 4.99 -31.02 -35.89
C THR D 282 4.78 -31.79 -37.18
N PRO D 283 3.92 -32.82 -37.14
CA PRO D 283 3.65 -33.62 -38.33
C PRO D 283 2.99 -32.77 -39.42
N PHE D 284 3.36 -33.02 -40.67
CA PHE D 284 2.79 -32.29 -41.80
C PHE D 284 1.25 -32.40 -41.84
N SER D 285 0.72 -33.52 -41.38
CA SER D 285 -0.73 -33.66 -41.34
C SER D 285 -1.35 -32.80 -40.24
N PHE D 286 -0.57 -32.46 -39.23
CA PHE D 286 -1.09 -31.60 -38.19
C PHE D 286 -1.29 -30.17 -38.69
N THR D 287 -0.31 -29.64 -39.40
CA THR D 287 -0.47 -28.27 -39.85
C THR D 287 -1.54 -28.24 -40.94
N ALA D 288 -1.70 -29.35 -41.64
CA ALA D 288 -2.81 -29.49 -42.57
C ALA D 288 -4.13 -29.38 -41.81
N MET D 289 -4.23 -30.11 -40.70
CA MET D 289 -5.41 -30.03 -39.83
C MET D 289 -5.64 -28.60 -39.37
N ALA D 290 -4.55 -27.89 -39.05
CA ALA D 290 -4.66 -26.52 -38.57
C ALA D 290 -5.23 -25.60 -39.66
N HIS D 291 -4.67 -25.69 -40.85
CA HIS D 291 -5.21 -24.98 -42.00
C HIS D 291 -6.69 -25.33 -42.15
N ASN D 292 -6.98 -26.63 -42.14
CA ASN D 292 -8.32 -27.13 -42.28
C ASN D 292 -9.27 -26.45 -41.29
N LEU D 293 -8.84 -26.39 -40.03
CA LEU D 293 -9.63 -25.83 -38.96
C LEU D 293 -9.89 -24.35 -39.23
N MET D 294 -8.88 -23.66 -39.73
CA MET D 294 -9.03 -22.24 -40.04
C MET D 294 -10.11 -22.05 -41.12
N ARG D 295 -10.16 -22.98 -42.08
CA ARG D 295 -11.19 -22.98 -43.12
C ARG D 295 -12.56 -23.24 -42.49
N GLY D 296 -12.61 -24.19 -41.55
CA GLY D 296 -13.84 -24.55 -40.87
C GLY D 296 -14.42 -23.50 -39.92
N LEU D 297 -13.59 -22.58 -39.44
CA LEU D 297 -14.07 -21.56 -38.51
C LEU D 297 -15.23 -20.75 -39.11
N LYS D 298 -15.18 -20.50 -40.41
CA LYS D 298 -16.32 -19.87 -41.09
C LYS D 298 -16.98 -20.84 -42.09
N SER D 299 -17.13 -22.08 -41.64
CA SER D 299 -17.88 -23.09 -42.38
C SER D 299 -17.42 -23.31 -43.82
N GLY D 300 -16.12 -23.25 -44.03
CA GLY D 300 -15.58 -23.56 -45.35
C GLY D 300 -15.17 -22.34 -46.13
N GLN D 301 -15.37 -21.15 -45.58
CA GLN D 301 -14.90 -19.93 -46.25
C GLN D 301 -13.38 -19.92 -46.34
N PRO D 302 -12.85 -19.65 -47.54
CA PRO D 302 -11.40 -19.52 -47.68
C PRO D 302 -10.87 -18.50 -46.69
N PHE D 303 -9.61 -18.67 -46.27
CA PHE D 303 -8.99 -17.83 -45.26
C PHE D 303 -7.69 -17.20 -45.77
N MET D 304 -7.17 -16.22 -45.04
CA MET D 304 -5.85 -15.67 -45.37
C MET D 304 -4.76 -16.42 -44.61
N LEU D 305 -3.68 -16.76 -45.29
CA LEU D 305 -2.48 -17.12 -44.56
C LEU D 305 -1.76 -15.79 -44.28
N MET D 306 -1.90 -15.28 -43.07
CA MET D 306 -1.40 -13.93 -42.79
C MET D 306 0.09 -13.94 -42.50
N GLU D 307 0.55 -14.98 -41.83
CA GLU D 307 1.96 -15.03 -41.42
C GLU D 307 2.52 -16.43 -41.55
N GLN D 308 3.77 -16.49 -41.98
CA GLN D 308 4.58 -17.70 -41.93
C GLN D 308 6.00 -17.22 -42.23
N THR D 309 7.00 -17.95 -41.77
CA THR D 309 8.37 -17.54 -42.05
C THR D 309 8.78 -17.96 -43.46
N PRO D 310 9.51 -17.09 -44.17
CA PRO D 310 10.08 -17.48 -45.45
C PRO D 310 11.29 -18.39 -45.25
N GLY D 311 11.83 -18.40 -44.03
CA GLY D 311 13.06 -19.10 -43.74
C GLY D 311 13.11 -19.64 -42.31
N VAL D 312 14.04 -19.15 -41.49
CA VAL D 312 14.15 -19.67 -40.13
C VAL D 312 13.15 -19.02 -39.19
N GLN D 313 12.89 -19.69 -38.08
CA GLN D 313 12.14 -19.10 -36.98
C GLN D 313 13.12 -18.53 -35.95
N ASN D 314 12.61 -17.84 -34.95
CA ASN D 314 13.50 -17.39 -33.88
C ASN D 314 13.22 -18.01 -32.52
N TRP D 315 12.03 -18.56 -32.33
CA TRP D 315 11.59 -18.99 -30.98
C TRP D 315 11.53 -20.50 -30.75
N GLN D 316 11.78 -21.28 -31.79
CA GLN D 316 11.95 -22.72 -31.60
C GLN D 316 13.28 -22.95 -30.87
N PRO D 317 13.38 -24.05 -30.11
CA PRO D 317 14.63 -24.43 -29.45
C PRO D 317 15.76 -24.49 -30.47
N TYR D 318 15.51 -25.17 -31.57
CA TYR D 318 16.48 -25.29 -32.65
C TYR D 318 15.86 -24.76 -33.94
N ASN D 319 16.31 -23.59 -34.37
CA ASN D 319 15.74 -22.95 -35.53
C ASN D 319 16.39 -23.36 -36.87
N SER D 320 16.09 -24.57 -37.31
CA SER D 320 16.66 -25.11 -38.55
C SER D 320 16.21 -24.32 -39.77
N ALA D 321 17.11 -24.19 -40.74
CA ALA D 321 16.74 -23.67 -42.05
C ALA D 321 15.70 -24.57 -42.69
N LYS D 322 14.78 -23.94 -43.42
CA LYS D 322 13.77 -24.62 -44.20
C LYS D 322 14.49 -25.11 -45.47
N ARG D 323 14.49 -26.42 -45.74
CA ARG D 323 15.22 -26.96 -46.90
C ARG D 323 14.64 -26.48 -48.24
N PRO D 324 15.49 -26.47 -49.29
CA PRO D 324 15.08 -26.00 -50.62
C PRO D 324 13.73 -26.56 -51.05
N GLY D 325 12.84 -25.68 -51.50
CA GLY D 325 11.51 -26.11 -51.91
C GLY D 325 10.47 -26.23 -50.81
N VAL D 326 10.92 -26.41 -49.57
CA VAL D 326 9.97 -26.57 -48.45
C VAL D 326 9.09 -25.34 -48.25
N MET D 327 9.66 -24.16 -48.38
CA MET D 327 8.90 -22.92 -48.22
C MET D 327 7.70 -22.88 -49.16
N ARG D 328 7.97 -23.16 -50.44
CA ARG D 328 6.96 -23.30 -51.47
C ARG D 328 6.01 -24.45 -51.15
N LEU D 329 6.57 -25.60 -50.75
CA LEU D 329 5.78 -26.78 -50.41
C LEU D 329 4.71 -26.40 -49.39
N TRP D 330 5.15 -25.75 -48.33
CA TRP D 330 4.27 -25.44 -47.21
C TRP D 330 3.29 -24.33 -47.55
N SER D 331 3.71 -23.38 -48.39
CA SER D 331 2.78 -22.36 -48.87
C SER D 331 1.63 -23.02 -49.64
N TYR D 332 1.96 -24.00 -50.48
CA TYR D 332 0.93 -24.65 -51.29
C TYR D 332 0.01 -25.55 -50.49
N GLN D 333 0.53 -26.14 -49.42
CA GLN D 333 -0.32 -26.93 -48.53
C GLN D 333 -1.39 -26.02 -47.92
N ALA D 334 -1.00 -24.80 -47.57
CA ALA D 334 -1.91 -23.82 -47.01
C ALA D 334 -3.03 -23.50 -48.01
N VAL D 335 -2.65 -23.20 -49.25
CA VAL D 335 -3.62 -22.95 -50.31
C VAL D 335 -4.52 -24.17 -50.54
N ALA D 336 -3.91 -25.35 -50.49
CA ALA D 336 -4.64 -26.59 -50.70
C ALA D 336 -5.83 -26.71 -49.76
N HIS D 337 -5.72 -26.13 -48.57
CA HIS D 337 -6.75 -26.30 -47.56
C HIS D 337 -7.58 -25.04 -47.37
N GLY D 338 -7.40 -24.07 -48.25
CA GLY D 338 -8.30 -22.94 -48.27
C GLY D 338 -7.71 -21.55 -48.19
N ALA D 339 -6.38 -21.45 -48.14
CA ALA D 339 -5.77 -20.12 -48.11
C ALA D 339 -5.90 -19.47 -49.48
N ASP D 340 -6.45 -18.26 -49.50
CA ASP D 340 -6.51 -17.45 -50.71
C ASP D 340 -5.44 -16.37 -50.69
N THR D 341 -4.57 -16.39 -49.68
CA THR D 341 -3.39 -15.54 -49.67
C THR D 341 -2.23 -16.34 -49.12
N VAL D 342 -1.02 -15.94 -49.45
CA VAL D 342 0.15 -16.45 -48.74
C VAL D 342 1.07 -15.28 -48.40
N MET D 343 1.16 -14.98 -47.11
CA MET D 343 1.89 -13.82 -46.66
C MET D 343 2.86 -14.21 -45.55
N PHE D 344 3.97 -13.48 -45.48
CA PHE D 344 5.04 -13.84 -44.57
C PHE D 344 5.15 -12.87 -43.43
N PHE D 345 5.76 -13.37 -42.35
CA PHE D 345 6.50 -12.49 -41.48
C PHE D 345 7.98 -12.83 -41.71
N GLN D 346 8.78 -11.89 -42.20
CA GLN D 346 8.36 -10.57 -42.66
C GLN D 346 9.17 -10.26 -43.92
N LEU D 347 8.96 -9.09 -44.50
CA LEU D 347 9.56 -8.75 -45.78
C LEU D 347 11.03 -8.33 -45.66
N ARG D 348 11.40 -7.74 -44.53
CA ARG D 348 12.79 -7.38 -44.28
C ARG D 348 13.13 -7.54 -42.78
N ARG D 349 14.20 -8.28 -42.50
CA ARG D 349 14.59 -8.59 -41.13
C ARG D 349 14.78 -7.35 -40.28
N SER D 350 14.34 -7.40 -39.02
CA SER D 350 14.71 -6.36 -38.06
C SER D 350 16.19 -6.49 -37.68
N VAL D 351 16.67 -5.59 -36.83
CA VAL D 351 18.10 -5.36 -36.70
C VAL D 351 18.80 -5.35 -35.29
N GLY D 352 18.09 -5.37 -34.17
CA GLY D 352 16.66 -5.55 -34.03
C GLY D 352 16.52 -5.94 -32.57
N ALA D 353 15.36 -6.35 -32.12
CA ALA D 353 15.31 -6.90 -30.76
C ALA D 353 15.29 -8.43 -30.85
N CYS D 354 14.25 -9.07 -30.30
CA CYS D 354 14.22 -10.53 -30.27
C CYS D 354 13.93 -11.19 -31.62
N GLU D 355 13.51 -10.42 -32.62
CA GLU D 355 13.22 -10.99 -33.93
C GLU D 355 14.30 -10.76 -34.98
N LYS D 356 15.48 -10.30 -34.56
CA LYS D 356 16.55 -10.03 -35.52
C LYS D 356 16.99 -11.31 -36.28
N TYR D 357 16.88 -12.48 -35.63
CA TYR D 357 17.24 -13.73 -36.29
C TYR D 357 16.01 -14.53 -36.71
N HIS D 358 14.88 -13.86 -36.85
CA HIS D 358 13.73 -14.46 -37.52
C HIS D 358 13.93 -14.24 -39.01
N GLY D 359 13.57 -15.23 -39.83
CA GLY D 359 13.79 -15.11 -41.26
C GLY D 359 12.94 -14.05 -41.93
N ALA D 360 13.36 -13.62 -43.12
CA ALA D 360 12.59 -12.68 -43.93
C ALA D 360 12.96 -12.81 -45.39
N VAL D 361 12.23 -12.09 -46.24
CA VAL D 361 12.47 -12.10 -47.66
C VAL D 361 13.78 -11.36 -47.97
N ILE D 362 13.88 -10.12 -47.48
CA ILE D 362 15.15 -9.40 -47.55
C ILE D 362 15.81 -9.55 -46.18
N GLU D 363 16.99 -10.14 -46.17
CA GLU D 363 17.66 -10.43 -44.91
C GLU D 363 18.86 -9.49 -44.71
N HIS D 364 19.72 -9.79 -43.73
CA HIS D 364 20.75 -8.82 -43.32
C HIS D 364 21.76 -8.36 -44.40
N VAL D 365 22.04 -9.17 -45.42
CA VAL D 365 22.88 -8.66 -46.52
C VAL D 365 22.19 -7.53 -47.26
N GLY D 366 20.87 -7.48 -47.16
CA GLY D 366 20.10 -6.49 -47.87
C GLY D 366 20.17 -6.57 -49.39
N HIS D 367 20.25 -7.78 -49.94
CA HIS D 367 20.07 -7.96 -51.41
C HIS D 367 19.39 -9.26 -51.80
N GLU D 368 19.15 -9.40 -53.10
CA GLU D 368 18.25 -10.43 -53.60
C GLU D 368 18.98 -11.69 -53.97
N HIS D 369 20.32 -11.63 -54.00
CA HIS D 369 21.15 -12.77 -54.42
C HIS D 369 21.38 -13.74 -53.29
N THR D 370 20.32 -14.47 -52.97
CA THR D 370 20.24 -15.27 -51.77
C THR D 370 19.33 -16.45 -52.03
N ARG D 371 19.62 -17.58 -51.39
CA ARG D 371 18.80 -18.77 -51.54
C ARG D 371 17.35 -18.54 -51.10
N VAL D 372 17.18 -17.91 -49.95
CA VAL D 372 15.83 -17.63 -49.44
C VAL D 372 15.06 -16.70 -50.36
N PHE D 373 15.74 -15.71 -50.93
CA PHE D 373 15.03 -14.76 -51.79
C PHE D 373 14.62 -15.39 -53.13
N ARG D 374 15.50 -16.21 -53.69
CA ARG D 374 15.16 -16.90 -54.93
C ARG D 374 13.93 -17.77 -54.78
N GLU D 375 13.83 -18.48 -53.65
CA GLU D 375 12.68 -19.35 -53.48
C GLU D 375 11.41 -18.53 -53.36
N CYS D 376 11.50 -17.36 -52.71
CA CYS D 376 10.36 -16.46 -52.60
C CYS D 376 9.96 -15.87 -53.96
N ALA D 377 10.93 -15.41 -54.75
CA ALA D 377 10.63 -14.81 -56.06
C ALA D 377 9.96 -15.83 -56.98
N GLU D 378 10.47 -17.05 -56.93
CA GLU D 378 9.97 -18.18 -57.67
C GLU D 378 8.48 -18.43 -57.38
N LEU D 379 8.13 -18.47 -56.10
CA LEU D 379 6.74 -18.65 -55.68
C LEU D 379 5.89 -17.46 -56.12
N GLY D 380 6.45 -16.26 -55.98
CA GLY D 380 5.78 -15.06 -56.43
C GLY D 380 5.34 -15.11 -57.88
N LYS D 381 6.22 -15.58 -58.76
CA LYS D 381 5.88 -15.70 -60.18
C LYS D 381 4.74 -16.68 -60.45
N GLU D 382 4.85 -17.88 -59.87
CA GLU D 382 3.82 -18.90 -60.04
C GLU D 382 2.48 -18.33 -59.61
N LEU D 383 2.49 -17.58 -58.50
CA LEU D 383 1.27 -17.01 -57.95
C LEU D 383 0.70 -15.96 -58.89
N GLN D 384 1.55 -15.14 -59.49
CA GLN D 384 1.13 -14.25 -60.57
C GLN D 384 0.51 -15.04 -61.74
N GLN D 385 1.17 -16.10 -62.18
CA GLN D 385 0.67 -16.88 -63.31
C GLN D 385 -0.69 -17.51 -63.04
N LEU D 386 -0.92 -17.94 -61.80
CA LEU D 386 -2.20 -18.56 -61.45
C LEU D 386 -3.36 -17.58 -61.56
N GLY D 387 -3.09 -16.29 -61.43
CA GLY D 387 -4.17 -15.32 -61.42
C GLY D 387 -5.26 -15.70 -60.44
N ASP D 388 -6.51 -15.65 -60.90
CA ASP D 388 -7.65 -15.88 -60.03
C ASP D 388 -8.19 -17.32 -60.07
N THR D 389 -7.42 -18.23 -60.66
CA THR D 389 -7.94 -19.59 -60.91
C THR D 389 -8.56 -20.29 -59.71
N ILE D 390 -7.86 -20.27 -58.59
CA ILE D 390 -8.24 -21.05 -57.42
C ILE D 390 -9.09 -20.28 -56.42
N LEU D 391 -9.09 -18.95 -56.53
CA LEU D 391 -9.90 -18.12 -55.65
C LEU D 391 -11.33 -18.65 -55.46
N ASP D 392 -11.76 -18.68 -54.19
CA ASP D 392 -13.14 -19.06 -53.83
C ASP D 392 -13.45 -20.55 -53.90
N ALA D 393 -12.47 -21.35 -54.32
CA ALA D 393 -12.64 -22.79 -54.37
C ALA D 393 -12.96 -23.31 -52.97
N ARG D 394 -13.88 -24.26 -52.88
CA ARG D 394 -14.26 -24.77 -51.57
C ARG D 394 -14.07 -26.26 -51.48
N SER D 395 -14.05 -26.77 -50.26
CA SER D 395 -13.97 -28.21 -50.06
C SER D 395 -15.36 -28.81 -50.21
N GLU D 396 -15.42 -30.01 -50.75
CA GLU D 396 -16.69 -30.72 -50.83
C GLU D 396 -16.60 -32.05 -50.12
N ALA D 397 -15.96 -32.04 -48.96
CA ALA D 397 -15.77 -33.22 -48.15
C ALA D 397 -17.07 -33.87 -47.71
N LYS D 398 -17.04 -35.19 -47.63
CA LYS D 398 -18.16 -35.95 -47.10
C LYS D 398 -17.84 -36.46 -45.70
N VAL D 399 -16.60 -36.22 -45.27
CA VAL D 399 -16.15 -36.60 -43.93
C VAL D 399 -15.83 -35.40 -43.04
N ALA D 400 -16.36 -35.38 -41.83
CA ALA D 400 -16.08 -34.29 -40.91
C ALA D 400 -15.50 -34.77 -39.60
N VAL D 401 -14.53 -34.04 -39.06
CA VAL D 401 -14.17 -34.26 -37.66
C VAL D 401 -14.36 -33.01 -36.78
N MET D 402 -14.99 -33.24 -35.63
CA MET D 402 -15.35 -32.19 -34.70
C MET D 402 -14.21 -31.81 -33.75
N TYR D 403 -14.12 -30.52 -33.45
CA TYR D 403 -13.18 -29.99 -32.48
C TYR D 403 -13.87 -28.85 -31.77
N ASP D 404 -13.62 -28.71 -30.48
CA ASP D 404 -14.25 -27.62 -29.76
C ASP D 404 -13.42 -27.12 -28.59
N TRP D 405 -13.25 -25.80 -28.51
CA TRP D 405 -12.41 -25.19 -27.48
C TRP D 405 -12.98 -25.41 -26.08
N GLU D 406 -14.28 -25.26 -25.94
CA GLU D 406 -14.85 -25.38 -24.62
C GLU D 406 -14.61 -26.80 -24.12
N ASN D 407 -14.87 -27.76 -25.00
CA ASN D 407 -14.61 -29.15 -24.70
C ASN D 407 -13.15 -29.31 -24.24
N ARG D 408 -12.25 -28.66 -24.96
CA ARG D 408 -10.82 -28.71 -24.69
C ARG D 408 -10.46 -28.14 -23.32
N TRP D 409 -11.02 -26.98 -22.99
CA TRP D 409 -10.76 -26.36 -21.71
C TRP D 409 -11.13 -27.30 -20.57
N ALA D 410 -12.33 -27.87 -20.66
CA ALA D 410 -12.77 -28.80 -19.63
C ALA D 410 -11.91 -30.08 -19.54
N LEU D 411 -11.46 -30.60 -20.68
CA LEU D 411 -10.64 -31.82 -20.66
C LEU D 411 -9.27 -31.55 -20.09
N GLU D 412 -8.71 -30.38 -20.38
CA GLU D 412 -7.36 -30.04 -19.94
C GLU D 412 -7.32 -29.49 -18.52
N LEU D 413 -8.49 -29.20 -17.96
CA LEU D 413 -8.57 -28.78 -16.57
C LEU D 413 -8.99 -29.91 -15.66
N SER D 414 -9.46 -31.00 -16.23
CA SER D 414 -9.97 -32.10 -15.43
C SER D 414 -8.86 -32.79 -14.62
N SER D 415 -9.24 -33.37 -13.48
CA SER D 415 -8.35 -34.28 -12.79
C SER D 415 -9.08 -35.56 -12.41
N GLY D 416 -8.69 -36.72 -12.95
CA GLY D 416 -7.87 -36.87 -14.12
C GLY D 416 -8.82 -37.18 -15.26
N PRO D 417 -8.90 -38.45 -15.73
CA PRO D 417 -8.27 -39.69 -15.27
C PRO D 417 -6.80 -39.90 -15.67
N SER D 418 -6.32 -39.19 -16.67
CA SER D 418 -4.93 -39.38 -17.08
C SER D 418 -4.30 -38.13 -17.71
N ILE D 419 -3.12 -37.76 -17.21
CA ILE D 419 -2.36 -36.69 -17.81
C ILE D 419 -1.84 -37.14 -19.18
N ALA D 420 -2.03 -38.40 -19.53
CA ALA D 420 -1.60 -38.89 -20.84
C ALA D 420 -2.65 -38.62 -21.92
N LEU D 421 -3.87 -38.29 -21.49
CA LEU D 421 -4.91 -37.92 -22.43
C LEU D 421 -4.65 -36.52 -22.96
N ASN D 422 -4.31 -36.42 -24.24
CA ASN D 422 -4.12 -35.15 -24.88
C ASN D 422 -5.18 -34.96 -25.97
N TYR D 423 -6.07 -33.99 -25.77
CA TYR D 423 -7.26 -33.88 -26.60
C TYR D 423 -6.92 -33.68 -28.06
N VAL D 424 -6.10 -32.68 -28.34
CA VAL D 424 -5.69 -32.42 -29.72
C VAL D 424 -5.00 -33.62 -30.36
N ASN D 425 -4.16 -34.31 -29.59
CA ASN D 425 -3.55 -35.54 -30.09
C ASN D 425 -4.57 -36.56 -30.57
N GLU D 426 -5.59 -36.83 -29.77
CA GLU D 426 -6.62 -37.77 -30.18
C GLU D 426 -7.33 -37.31 -31.44
N VAL D 427 -7.72 -36.04 -31.47
CA VAL D 427 -8.41 -35.51 -32.64
C VAL D 427 -7.52 -35.77 -33.85
N HIS D 428 -6.24 -35.43 -33.70
CA HIS D 428 -5.26 -35.60 -34.76
C HIS D 428 -5.07 -37.06 -35.21
N LYS D 429 -5.10 -38.01 -34.28
CA LYS D 429 -5.04 -39.43 -34.66
C LYS D 429 -6.07 -39.78 -35.73
N TYR D 430 -7.29 -39.26 -35.57
CA TYR D 430 -8.38 -39.52 -36.52
C TYR D 430 -8.19 -38.72 -37.81
N TYR D 431 -7.74 -37.48 -37.69
CA TYR D 431 -7.49 -36.70 -38.89
C TYR D 431 -6.39 -37.35 -39.74
N ASP D 432 -5.35 -37.83 -39.08
CA ASP D 432 -4.20 -38.41 -39.75
C ASP D 432 -4.59 -39.67 -40.57
N ALA D 433 -5.46 -40.50 -40.00
CA ALA D 433 -5.96 -41.68 -40.69
C ALA D 433 -6.62 -41.26 -42.01
N LEU D 434 -7.46 -40.23 -41.94
CA LEU D 434 -8.11 -39.69 -43.13
C LEU D 434 -7.09 -39.08 -44.11
N TYR D 435 -6.23 -38.22 -43.60
CA TYR D 435 -5.19 -37.59 -44.39
C TYR D 435 -4.28 -38.59 -45.12
N LYS D 436 -3.97 -39.71 -44.46
CA LYS D 436 -3.07 -40.70 -45.04
C LYS D 436 -3.68 -41.50 -46.19
N GLN D 437 -5.01 -41.44 -46.29
CA GLN D 437 -5.74 -42.11 -47.37
C GLN D 437 -6.32 -41.09 -48.34
N ASN D 438 -5.97 -39.83 -48.17
CA ASN D 438 -6.46 -38.76 -49.03
C ASN D 438 -7.98 -38.63 -49.04
N ILE D 439 -8.61 -38.84 -47.89
CA ILE D 439 -10.03 -38.58 -47.77
C ILE D 439 -10.27 -37.10 -47.48
N GLN D 440 -10.80 -36.39 -48.46
CA GLN D 440 -11.21 -35.01 -48.28
C GLN D 440 -12.02 -34.88 -46.99
N THR D 441 -11.52 -34.09 -46.06
CA THR D 441 -12.16 -33.98 -44.75
C THR D 441 -12.40 -32.51 -44.34
N ASP D 442 -13.44 -32.26 -43.55
CA ASP D 442 -13.64 -30.94 -42.94
C ASP D 442 -13.46 -30.98 -41.42
N MET D 443 -12.59 -30.11 -40.90
CA MET D 443 -12.59 -29.81 -39.48
C MET D 443 -13.81 -28.95 -39.19
N ILE D 444 -14.62 -29.34 -38.22
CA ILE D 444 -15.85 -28.61 -37.95
C ILE D 444 -16.20 -28.35 -36.48
N SER D 445 -16.96 -27.29 -36.28
CA SER D 445 -17.59 -26.96 -35.03
C SER D 445 -18.55 -28.07 -34.59
N VAL D 446 -18.82 -28.18 -33.29
CA VAL D 446 -19.86 -29.08 -32.82
C VAL D 446 -21.23 -28.51 -33.19
N GLU D 447 -21.25 -27.30 -33.73
CA GLU D 447 -22.52 -26.60 -33.98
C GLU D 447 -22.80 -26.58 -35.49
N GLU D 448 -21.89 -27.17 -36.24
CA GLU D 448 -21.98 -27.15 -37.68
C GLU D 448 -23.16 -28.02 -38.11
N ASP D 449 -23.86 -27.62 -39.17
CA ASP D 449 -24.94 -28.46 -39.68
C ASP D 449 -24.33 -29.70 -40.32
N LEU D 450 -24.93 -30.84 -40.05
CA LEU D 450 -24.34 -32.13 -40.41
C LEU D 450 -24.85 -32.72 -41.73
N SER D 451 -25.79 -32.06 -42.39
CA SER D 451 -26.53 -32.67 -43.50
C SER D 451 -25.69 -32.96 -44.76
N LYS D 452 -24.66 -32.16 -44.97
CA LYS D 452 -23.80 -32.32 -46.14
C LYS D 452 -22.78 -33.47 -45.98
N TYR D 453 -22.60 -33.97 -44.76
CA TYR D 453 -21.59 -35.02 -44.54
C TYR D 453 -22.22 -36.41 -44.46
N LYS D 454 -21.41 -37.45 -44.65
CA LYS D 454 -21.89 -38.81 -44.52
C LYS D 454 -21.24 -39.49 -43.33
N VAL D 455 -20.03 -39.06 -43.02
CA VAL D 455 -19.30 -39.52 -41.84
C VAL D 455 -18.84 -38.34 -40.97
N VAL D 456 -19.32 -38.30 -39.74
CA VAL D 456 -18.90 -37.32 -38.75
C VAL D 456 -18.21 -38.02 -37.61
N ILE D 457 -16.97 -37.60 -37.34
CA ILE D 457 -16.15 -38.20 -36.29
C ILE D 457 -15.85 -37.21 -35.15
N ALA D 458 -16.33 -37.50 -33.95
CA ALA D 458 -16.17 -36.58 -32.81
C ALA D 458 -15.31 -37.17 -31.70
N PRO D 459 -13.99 -37.12 -31.85
CA PRO D 459 -13.07 -37.74 -30.89
C PRO D 459 -13.17 -37.10 -29.51
N VAL D 460 -13.18 -37.93 -28.48
CA VAL D 460 -13.28 -37.52 -27.08
C VAL D 460 -14.22 -36.33 -26.91
N MET D 461 -15.48 -36.52 -27.30
CA MET D 461 -16.52 -35.50 -27.12
C MET D 461 -17.03 -35.53 -25.68
N TYR D 462 -16.13 -35.13 -24.79
CA TYR D 462 -16.30 -35.12 -23.34
C TYR D 462 -17.48 -34.26 -22.91
N MET D 463 -17.52 -33.03 -23.45
CA MET D 463 -18.60 -32.11 -23.14
C MET D 463 -19.67 -32.12 -24.24
N VAL D 464 -20.90 -32.42 -23.85
CA VAL D 464 -22.03 -32.37 -24.77
C VAL D 464 -22.89 -31.15 -24.47
N LYS D 465 -23.04 -30.27 -25.46
CA LYS D 465 -23.79 -29.04 -25.29
C LYS D 465 -25.25 -29.19 -25.66
N PRO D 466 -26.10 -28.25 -25.21
CA PRO D 466 -27.51 -28.25 -25.59
C PRO D 466 -27.68 -28.40 -27.08
N GLY D 467 -28.63 -29.23 -27.51
CA GLY D 467 -28.95 -29.40 -28.91
C GLY D 467 -28.06 -30.37 -29.67
N PHE D 468 -26.90 -30.68 -29.10
CA PHE D 468 -25.91 -31.51 -29.78
C PHE D 468 -26.40 -32.94 -29.97
N ALA D 469 -26.84 -33.57 -28.88
CA ALA D 469 -27.30 -34.95 -28.94
C ALA D 469 -28.46 -35.15 -29.91
N GLU D 470 -29.36 -34.18 -29.99
CA GLU D 470 -30.51 -34.30 -30.88
C GLU D 470 -30.02 -34.18 -32.32
N ARG D 471 -29.12 -33.24 -32.53
CA ARG D 471 -28.57 -33.04 -33.84
C ARG D 471 -27.91 -34.32 -34.35
N VAL D 472 -27.19 -35.05 -33.49
CA VAL D 472 -26.52 -36.24 -34.00
C VAL D 472 -27.47 -37.44 -34.10
N GLU D 473 -28.48 -37.49 -33.24
CA GLU D 473 -29.48 -38.54 -33.35
C GLU D 473 -30.15 -38.44 -34.72
N ARG D 474 -30.44 -37.21 -35.11
CA ARG D 474 -31.10 -36.91 -36.37
C ARG D 474 -30.18 -37.26 -37.53
N PHE D 475 -28.93 -36.82 -37.43
CA PHE D 475 -27.92 -37.13 -38.44
C PHE D 475 -27.79 -38.63 -38.75
N VAL D 476 -27.71 -39.43 -37.71
CA VAL D 476 -27.59 -40.88 -37.83
C VAL D 476 -28.91 -41.51 -38.28
N ALA D 477 -30.00 -41.13 -37.63
CA ALA D 477 -31.30 -41.66 -37.98
C ALA D 477 -31.55 -41.57 -39.48
N GLN D 478 -31.08 -40.49 -40.09
CA GLN D 478 -31.32 -40.24 -41.51
C GLN D 478 -30.28 -40.87 -42.42
N GLY D 479 -29.32 -41.59 -41.86
CA GLY D 479 -28.39 -42.35 -42.68
C GLY D 479 -26.91 -42.13 -42.47
N GLY D 480 -26.52 -41.14 -41.66
CA GLY D 480 -25.10 -40.84 -41.45
C GLY D 480 -24.38 -41.84 -40.55
N THR D 481 -23.05 -41.84 -40.61
CA THR D 481 -22.31 -42.56 -39.58
C THR D 481 -21.63 -41.59 -38.61
N PHE D 482 -21.76 -41.88 -37.33
CA PHE D 482 -21.20 -41.05 -36.28
C PHE D 482 -20.23 -41.90 -35.51
N VAL D 483 -19.05 -41.35 -35.25
CA VAL D 483 -18.03 -42.06 -34.49
C VAL D 483 -17.65 -41.26 -33.26
N THR D 484 -17.63 -41.93 -32.11
CA THR D 484 -17.08 -41.30 -30.91
C THR D 484 -16.34 -42.28 -30.01
N THR D 485 -15.80 -41.79 -28.90
CA THR D 485 -14.78 -42.56 -28.19
C THR D 485 -14.97 -42.61 -26.68
N PHE D 486 -14.06 -43.32 -26.02
CA PHE D 486 -13.97 -43.32 -24.57
C PHE D 486 -14.02 -41.89 -24.04
N PHE D 487 -14.62 -41.73 -22.86
CA PHE D 487 -14.69 -40.42 -22.22
C PHE D 487 -15.48 -39.37 -22.98
N SER D 488 -16.50 -39.78 -23.74
CA SER D 488 -17.36 -38.80 -24.41
C SER D 488 -18.72 -38.76 -23.74
N GLY D 489 -19.43 -37.64 -23.86
CA GLY D 489 -20.75 -37.51 -23.25
C GLY D 489 -20.77 -37.57 -21.73
N ILE D 490 -19.73 -37.06 -21.10
CA ILE D 490 -19.60 -37.17 -19.66
C ILE D 490 -20.26 -35.98 -18.99
N VAL D 491 -20.03 -34.81 -19.55
CA VAL D 491 -20.44 -33.58 -18.90
C VAL D 491 -21.26 -32.70 -19.83
N ASN D 492 -21.92 -31.70 -19.25
CA ASN D 492 -22.58 -30.66 -20.02
C ASN D 492 -21.70 -29.39 -20.07
N GLU D 493 -22.31 -28.29 -20.51
CA GLU D 493 -21.64 -27.01 -20.73
C GLU D 493 -20.99 -26.44 -19.47
N ASN D 494 -21.47 -26.85 -18.29
CA ASN D 494 -20.86 -26.37 -17.05
C ASN D 494 -19.83 -27.34 -16.46
N ASP D 495 -19.49 -28.38 -17.21
CA ASP D 495 -18.58 -29.39 -16.72
C ASP D 495 -19.19 -30.12 -15.53
N LEU D 496 -20.52 -30.16 -15.51
CA LEU D 496 -21.26 -30.99 -14.55
C LEU D 496 -21.56 -32.35 -15.19
N VAL D 497 -21.37 -33.41 -14.43
CA VAL D 497 -21.53 -34.75 -14.97
C VAL D 497 -22.99 -35.10 -15.25
N THR D 498 -23.24 -35.65 -16.45
CA THR D 498 -24.56 -36.18 -16.78
C THR D 498 -24.80 -37.57 -16.20
N LEU D 499 -25.64 -37.62 -15.19
CA LEU D 499 -25.85 -38.82 -14.37
C LEU D 499 -26.59 -39.92 -15.13
N GLY D 500 -26.57 -41.13 -14.56
CA GLY D 500 -27.39 -42.21 -15.08
C GLY D 500 -26.68 -43.18 -16.01
N GLY D 501 -25.38 -42.99 -16.18
CA GLY D 501 -24.58 -43.87 -17.02
C GLY D 501 -24.00 -43.19 -18.26
N TYR D 502 -22.70 -43.38 -18.47
CA TYR D 502 -22.03 -42.89 -19.68
C TYR D 502 -22.49 -43.73 -20.86
N PRO D 503 -22.56 -43.14 -22.06
CA PRO D 503 -22.19 -41.75 -22.36
C PRO D 503 -23.33 -40.73 -22.33
N GLY D 504 -24.22 -40.83 -21.36
CA GLY D 504 -25.20 -39.79 -21.12
C GLY D 504 -26.16 -39.52 -22.27
N GLU D 505 -26.18 -38.29 -22.74
CA GLU D 505 -27.13 -37.91 -23.80
C GLU D 505 -26.89 -38.72 -25.07
N LEU D 506 -25.70 -39.32 -25.18
CA LEU D 506 -25.32 -40.09 -26.36
C LEU D 506 -25.50 -41.59 -26.15
N ARG D 507 -26.00 -41.95 -24.97
CA ARG D 507 -26.21 -43.35 -24.58
C ARG D 507 -27.14 -44.08 -25.58
N ASN D 508 -28.25 -43.44 -25.90
CA ASN D 508 -29.23 -44.01 -26.83
C ASN D 508 -28.66 -44.26 -28.22
N VAL D 509 -28.01 -43.26 -28.79
CA VAL D 509 -27.51 -43.38 -30.15
C VAL D 509 -26.28 -44.30 -30.28
N MET D 510 -25.50 -44.44 -29.21
CA MET D 510 -24.31 -45.30 -29.29
C MET D 510 -24.64 -46.75 -28.94
N GLY D 511 -25.79 -46.95 -28.31
CA GLY D 511 -26.23 -48.28 -27.95
C GLY D 511 -25.34 -49.01 -26.96
N ILE D 512 -24.54 -48.27 -26.20
CA ILE D 512 -23.65 -48.86 -25.20
C ILE D 512 -23.70 -48.10 -23.87
N TRP D 513 -23.26 -48.77 -22.80
CA TRP D 513 -23.09 -48.13 -21.49
C TRP D 513 -21.64 -48.32 -21.05
N ALA D 514 -20.92 -47.21 -20.88
CA ALA D 514 -19.54 -47.23 -20.38
C ALA D 514 -19.54 -47.23 -18.85
N GLU D 515 -19.16 -48.35 -18.25
CA GLU D 515 -19.27 -48.51 -16.80
C GLU D 515 -18.11 -47.86 -16.03
N GLU D 516 -16.89 -48.10 -16.47
CA GLU D 516 -15.73 -47.51 -15.83
C GLU D 516 -14.59 -47.37 -16.82
N ILE D 517 -13.68 -46.44 -16.53
CA ILE D 517 -12.56 -46.19 -17.41
C ILE D 517 -11.24 -46.52 -16.68
N ASP D 518 -10.28 -47.09 -17.42
CA ASP D 518 -8.99 -47.48 -16.87
C ASP D 518 -7.87 -46.70 -17.53
N ALA D 519 -7.10 -45.98 -16.72
CA ALA D 519 -5.97 -45.19 -17.22
C ALA D 519 -4.75 -46.07 -17.28
N LEU D 520 -4.06 -46.07 -18.42
CA LEU D 520 -2.88 -46.92 -18.56
C LEU D 520 -1.57 -46.21 -18.18
N LEU D 521 -0.73 -46.92 -17.45
CA LEU D 521 0.64 -46.48 -17.23
C LEU D 521 1.30 -46.27 -18.59
N PRO D 522 2.17 -45.27 -18.69
CA PRO D 522 2.93 -45.02 -19.92
C PRO D 522 3.69 -46.27 -20.35
N GLY D 523 3.73 -46.54 -21.66
CA GLY D 523 4.35 -47.74 -22.19
C GLY D 523 3.51 -49.01 -22.02
N HIS D 524 2.36 -48.90 -21.36
CA HIS D 524 1.45 -50.04 -21.22
C HIS D 524 0.34 -50.01 -22.27
N GLN D 525 -0.02 -51.18 -22.76
CA GLN D 525 -0.96 -51.29 -23.86
C GLN D 525 -1.97 -52.38 -23.60
N ASN D 526 -3.15 -52.23 -24.20
CA ASN D 526 -4.01 -53.39 -24.34
C ASN D 526 -4.05 -53.79 -25.81
N GLU D 527 -4.98 -54.66 -26.16
CA GLU D 527 -5.12 -55.03 -27.56
C GLU D 527 -6.57 -55.11 -27.99
N ILE D 528 -6.82 -54.57 -29.17
CA ILE D 528 -8.10 -54.70 -29.85
C ILE D 528 -8.10 -55.99 -30.67
N VAL D 529 -9.03 -56.89 -30.35
CA VAL D 529 -9.12 -58.15 -31.06
C VAL D 529 -10.43 -58.25 -31.82
N LEU D 530 -10.33 -58.33 -33.15
CA LEU D 530 -11.54 -58.43 -33.94
C LEU D 530 -12.17 -59.80 -33.82
N ARG D 531 -13.49 -59.82 -33.67
CA ARG D 531 -14.25 -61.06 -33.54
C ARG D 531 -14.11 -61.86 -34.82
N GLN D 532 -14.25 -61.15 -35.94
CA GLN D 532 -14.05 -61.69 -37.28
C GLN D 532 -13.44 -60.59 -38.15
N ASP D 533 -12.66 -60.97 -39.16
CA ASP D 533 -12.18 -60.01 -40.14
C ASP D 533 -13.36 -59.15 -40.58
N TRP D 534 -13.13 -57.85 -40.72
CA TRP D 534 -14.18 -56.91 -41.09
C TRP D 534 -13.56 -55.83 -41.95
N GLY D 535 -13.84 -55.88 -43.25
CA GLY D 535 -13.19 -54.98 -44.18
C GLY D 535 -11.69 -55.07 -44.00
N GLY D 536 -11.02 -53.93 -43.90
CA GLY D 536 -9.58 -53.90 -43.75
C GLY D 536 -9.10 -54.12 -42.31
N LEU D 537 -10.03 -54.45 -41.43
CA LEU D 537 -9.68 -54.74 -40.04
C LEU D 537 -9.62 -56.25 -39.83
N ARG D 538 -8.52 -56.73 -39.26
CA ARG D 538 -8.20 -58.14 -39.27
C ARG D 538 -7.25 -58.49 -38.12
N GLY D 539 -7.68 -59.42 -37.26
CA GLY D 539 -6.83 -59.87 -36.17
C GLY D 539 -6.70 -58.90 -35.01
N SER D 540 -5.47 -58.54 -34.67
CA SER D 540 -5.18 -57.82 -33.44
C SER D 540 -4.50 -56.47 -33.68
N TYR D 541 -4.89 -55.48 -32.89
CA TYR D 541 -4.24 -54.18 -32.93
C TYR D 541 -3.94 -53.73 -31.51
N SER D 542 -3.09 -52.72 -31.37
CA SER D 542 -2.78 -52.27 -30.03
C SER D 542 -3.56 -50.99 -29.74
N CYS D 543 -3.79 -50.74 -28.45
CA CYS D 543 -4.47 -49.55 -27.98
C CYS D 543 -3.88 -49.17 -26.61
N GLY D 544 -4.09 -47.93 -26.20
CA GLY D 544 -3.49 -47.46 -24.97
C GLY D 544 -4.12 -46.19 -24.43
N ILE D 545 -3.40 -45.57 -23.49
CA ILE D 545 -3.82 -44.34 -22.81
C ILE D 545 -5.00 -44.62 -21.87
N LEU D 546 -6.18 -44.80 -22.44
CA LEU D 546 -7.39 -45.07 -21.66
C LEU D 546 -8.20 -46.23 -22.27
N CYS D 547 -8.68 -47.12 -21.41
CA CYS D 547 -9.55 -48.20 -21.85
C CYS D 547 -10.92 -48.12 -21.15
N ASP D 548 -11.94 -47.80 -21.92
CA ASP D 548 -13.29 -47.74 -21.41
C ASP D 548 -13.87 -49.16 -21.34
N VAL D 549 -14.54 -49.47 -20.22
CA VAL D 549 -15.13 -50.78 -20.01
C VAL D 549 -16.63 -50.64 -20.19
N ILE D 550 -17.15 -51.24 -21.25
CA ILE D 550 -18.50 -50.93 -21.66
C ILE D 550 -19.35 -52.17 -21.84
N HIS D 551 -20.67 -51.96 -21.81
CA HIS D 551 -21.59 -53.04 -22.11
C HIS D 551 -22.37 -52.69 -23.36
N ALA D 552 -22.46 -53.64 -24.30
CA ALA D 552 -23.30 -53.44 -25.46
C ALA D 552 -24.75 -53.54 -25.02
N GLU D 553 -25.58 -52.59 -25.45
CA GLU D 553 -27.00 -52.65 -25.13
C GLU D 553 -27.80 -52.89 -26.40
N THR D 554 -27.71 -51.96 -27.35
CA THR D 554 -28.28 -52.14 -28.67
C THR D 554 -27.20 -52.47 -29.68
N ALA D 555 -26.00 -51.94 -29.46
CA ALA D 555 -24.91 -52.05 -30.43
C ALA D 555 -24.40 -53.47 -30.54
N GLU D 556 -23.79 -53.76 -31.67
CA GLU D 556 -23.12 -55.04 -31.82
C GLU D 556 -21.61 -54.87 -31.68
N VAL D 557 -20.96 -55.90 -31.18
CA VAL D 557 -19.55 -55.89 -30.88
C VAL D 557 -18.77 -56.39 -32.08
N LEU D 558 -17.84 -55.57 -32.59
CA LEU D 558 -17.00 -55.93 -33.72
C LEU D 558 -15.61 -56.34 -33.26
N ALA D 559 -15.24 -55.95 -32.05
CA ALA D 559 -13.90 -56.21 -31.54
C ALA D 559 -13.91 -56.14 -30.03
N GLU D 560 -12.99 -56.87 -29.40
CA GLU D 560 -12.92 -56.91 -27.96
C GLU D 560 -11.50 -56.82 -27.42
N TYR D 561 -11.39 -56.52 -26.12
CA TYR D 561 -10.09 -56.41 -25.46
C TYR D 561 -9.42 -57.78 -25.40
N GLY D 562 -8.12 -57.80 -25.62
CA GLY D 562 -7.39 -59.05 -25.61
C GLY D 562 -6.64 -59.36 -24.33
N ALA D 563 -6.60 -58.41 -23.40
CA ALA D 563 -5.84 -58.61 -22.17
C ALA D 563 -6.52 -57.95 -20.97
N ASP D 564 -5.99 -58.26 -19.78
CA ASP D 564 -6.36 -57.57 -18.55
C ASP D 564 -7.73 -57.97 -18.05
N TYR D 565 -8.15 -57.43 -16.91
CA TYR D 565 -9.33 -57.95 -16.22
C TYR D 565 -10.61 -57.74 -17.01
N TYR D 566 -10.52 -56.91 -18.05
CA TYR D 566 -11.65 -56.69 -18.93
C TYR D 566 -11.45 -57.33 -20.32
N LYS D 567 -10.52 -58.29 -20.39
CA LYS D 567 -10.37 -59.12 -21.58
C LYS D 567 -11.72 -59.73 -21.97
N GLY D 568 -12.04 -59.67 -23.26
CA GLY D 568 -13.26 -60.25 -23.77
C GLY D 568 -14.44 -59.29 -23.81
N THR D 569 -14.26 -58.08 -23.30
CA THR D 569 -15.33 -57.09 -23.33
C THR D 569 -15.12 -56.14 -24.51
N PRO D 570 -16.17 -55.41 -24.91
CA PRO D 570 -16.16 -54.60 -26.14
C PRO D 570 -15.19 -53.42 -26.15
N VAL D 571 -14.39 -53.32 -27.21
CA VAL D 571 -13.58 -52.14 -27.42
C VAL D 571 -14.03 -51.42 -28.68
N LEU D 572 -14.73 -52.14 -29.56
CA LEU D 572 -15.30 -51.50 -30.75
C LEU D 572 -16.71 -52.01 -31.00
N THR D 573 -17.67 -51.09 -31.12
CA THR D 573 -19.06 -51.48 -31.33
C THR D 573 -19.65 -50.69 -32.48
N ARG D 574 -20.76 -51.21 -33.00
CA ARG D 574 -21.49 -50.55 -34.07
C ARG D 574 -22.95 -50.62 -33.73
N ASN D 575 -23.62 -49.47 -33.75
CA ASN D 575 -25.04 -49.39 -33.44
C ASN D 575 -25.89 -49.00 -34.65
N LYS D 576 -26.85 -49.84 -35.03
CA LYS D 576 -27.84 -49.47 -36.04
C LYS D 576 -28.89 -48.57 -35.40
N PHE D 577 -29.14 -47.42 -36.03
CA PHE D 577 -29.98 -46.37 -35.46
C PHE D 577 -30.65 -45.62 -36.61
N GLY D 578 -31.96 -45.84 -36.78
CA GLY D 578 -32.64 -45.34 -37.97
C GLY D 578 -31.99 -45.90 -39.24
N ASN D 579 -31.73 -45.06 -40.23
CA ASN D 579 -31.06 -45.50 -41.45
C ASN D 579 -29.53 -45.49 -41.36
N GLY D 580 -29.00 -44.96 -40.26
CA GLY D 580 -27.56 -44.85 -40.08
C GLY D 580 -26.95 -45.79 -39.06
N GLN D 581 -25.69 -45.53 -38.73
CA GLN D 581 -24.89 -46.39 -37.85
C GLN D 581 -23.95 -45.53 -37.01
N SER D 582 -23.74 -45.92 -35.75
CA SER D 582 -22.75 -45.24 -34.92
C SER D 582 -21.70 -46.21 -34.38
N TYR D 583 -20.47 -45.74 -34.25
CA TYR D 583 -19.37 -46.57 -33.74
C TYR D 583 -18.73 -45.94 -32.50
N TYR D 584 -18.59 -46.73 -31.46
CA TYR D 584 -17.92 -46.30 -30.24
C TYR D 584 -16.56 -46.98 -30.17
N VAL D 585 -15.51 -46.19 -30.01
CA VAL D 585 -14.15 -46.70 -29.93
C VAL D 585 -13.63 -46.51 -28.49
N ALA D 586 -13.62 -47.60 -27.73
CA ALA D 586 -13.42 -47.53 -26.28
C ALA D 586 -11.97 -47.34 -25.84
N SER D 587 -11.06 -47.17 -26.78
CA SER D 587 -9.69 -46.96 -26.40
C SER D 587 -9.02 -46.09 -27.44
N SER D 588 -7.76 -45.76 -27.23
CA SER D 588 -6.99 -45.03 -28.22
C SER D 588 -6.18 -46.02 -29.06
N PRO D 589 -6.63 -46.29 -30.30
CA PRO D 589 -6.00 -47.35 -31.11
C PRO D 589 -4.73 -46.87 -31.78
N ASP D 590 -3.88 -47.80 -32.19
CA ASP D 590 -2.71 -47.48 -33.02
C ASP D 590 -3.15 -47.07 -34.42
N ALA D 591 -2.19 -46.70 -35.25
CA ALA D 591 -2.48 -46.12 -36.55
C ALA D 591 -3.03 -47.14 -37.55
N ASP D 592 -2.57 -48.40 -37.47
CA ASP D 592 -3.12 -49.45 -38.33
C ASP D 592 -4.63 -49.57 -38.14
N PHE D 593 -5.05 -49.68 -36.89
CA PHE D 593 -6.47 -49.87 -36.59
C PHE D 593 -7.31 -48.72 -37.11
N LEU D 594 -6.84 -47.49 -36.90
CA LEU D 594 -7.60 -46.32 -37.35
C LEU D 594 -7.68 -46.27 -38.86
N GLN D 595 -6.60 -46.69 -39.51
CA GLN D 595 -6.53 -46.79 -40.95
C GLN D 595 -7.63 -47.73 -41.47
N GLY D 596 -7.74 -48.90 -40.87
CA GLY D 596 -8.75 -49.85 -41.27
C GLY D 596 -10.16 -49.35 -41.02
N LEU D 597 -10.38 -48.83 -39.82
CA LEU D 597 -11.69 -48.30 -39.43
C LEU D 597 -12.11 -47.19 -40.39
N ILE D 598 -11.19 -46.26 -40.64
CA ILE D 598 -11.48 -45.16 -41.54
C ILE D 598 -11.83 -45.65 -42.94
N ALA D 599 -11.02 -46.57 -43.46
CA ALA D 599 -11.35 -47.20 -44.74
C ALA D 599 -12.75 -47.84 -44.72
N ASN D 600 -13.03 -48.68 -43.72
CA ASN D 600 -14.36 -49.31 -43.63
C ASN D 600 -15.50 -48.30 -43.56
N LEU D 601 -15.33 -47.24 -42.78
CA LEU D 601 -16.39 -46.26 -42.61
C LEU D 601 -16.68 -45.53 -43.92
N CYS D 602 -15.63 -45.17 -44.64
CA CYS D 602 -15.82 -44.48 -45.90
C CYS D 602 -16.50 -45.38 -46.92
N GLU D 603 -15.87 -46.52 -47.21
CA GLU D 603 -16.47 -47.52 -48.08
C GLU D 603 -17.97 -47.73 -47.78
N GLU D 604 -18.31 -47.82 -46.50
CA GLU D 604 -19.68 -48.08 -46.11
C GLU D 604 -20.63 -46.94 -46.50
N GLN D 605 -20.10 -45.72 -46.59
CA GLN D 605 -20.91 -44.56 -46.98
C GLN D 605 -20.71 -44.17 -48.44
N GLY D 606 -19.80 -44.88 -49.12
CA GLY D 606 -19.53 -44.60 -50.51
C GLY D 606 -18.58 -43.44 -50.74
N VAL D 607 -17.73 -43.12 -49.77
CA VAL D 607 -16.75 -42.07 -49.99
C VAL D 607 -15.38 -42.66 -50.30
N LYS D 608 -14.74 -42.13 -51.33
CA LYS D 608 -13.52 -42.70 -51.89
C LYS D 608 -12.39 -41.70 -51.79
N PRO D 609 -11.14 -42.21 -51.69
CA PRO D 609 -9.98 -41.33 -51.69
C PRO D 609 -10.03 -40.38 -52.88
N LEU D 610 -9.38 -39.22 -52.79
CA LEU D 610 -9.28 -38.33 -53.94
C LEU D 610 -8.45 -39.04 -54.98
N LEU D 611 -7.49 -39.82 -54.50
CA LEU D 611 -6.39 -40.33 -55.30
C LEU D 611 -5.64 -41.31 -54.42
N ASN D 612 -4.98 -42.30 -55.02
CA ASN D 612 -4.08 -43.18 -54.29
C ASN D 612 -2.65 -42.76 -54.55
N THR D 613 -1.86 -42.65 -53.48
CA THR D 613 -0.49 -42.16 -53.56
C THR D 613 0.40 -42.84 -52.52
N PRO D 614 1.72 -42.77 -52.71
CA PRO D 614 2.62 -43.38 -51.72
C PRO D 614 2.63 -42.54 -50.43
N ASP D 615 3.14 -43.12 -49.35
CA ASP D 615 3.23 -42.42 -48.08
C ASP D 615 3.84 -41.03 -48.23
N GLY D 616 3.27 -40.06 -47.53
CA GLY D 616 3.86 -38.74 -47.52
C GLY D 616 3.55 -37.96 -48.78
N VAL D 617 2.75 -38.54 -49.66
CA VAL D 617 2.24 -37.79 -50.80
C VAL D 617 0.81 -37.34 -50.52
N GLU D 618 0.66 -36.05 -50.19
CA GLU D 618 -0.60 -35.50 -49.73
C GLU D 618 -1.47 -34.97 -50.87
N VAL D 619 -2.73 -35.38 -50.86
CA VAL D 619 -3.70 -34.87 -51.82
C VAL D 619 -4.89 -34.22 -51.10
N ALA D 620 -5.27 -33.03 -51.57
CA ALA D 620 -6.43 -32.32 -51.07
C ALA D 620 -7.14 -31.64 -52.23
N GLU D 621 -8.45 -31.48 -52.13
CA GLU D 621 -9.23 -30.99 -53.27
C GLU D 621 -10.01 -29.72 -52.95
N ARG D 622 -9.89 -28.71 -53.81
CA ARG D 622 -10.77 -27.55 -53.75
C ARG D 622 -11.58 -27.46 -55.04
N VAL D 623 -12.87 -27.15 -54.91
CA VAL D 623 -13.82 -27.17 -56.04
C VAL D 623 -14.43 -25.80 -56.33
N LYS D 624 -14.29 -25.34 -57.56
CA LYS D 624 -14.84 -24.05 -57.99
C LYS D 624 -15.72 -24.27 -59.22
N ASN D 625 -16.98 -23.83 -59.13
CA ASN D 625 -17.99 -24.19 -60.12
C ASN D 625 -18.22 -25.71 -60.14
N GLY D 626 -17.81 -26.38 -61.22
CA GLY D 626 -17.84 -27.84 -61.25
C GLY D 626 -16.44 -28.39 -61.41
N THR D 627 -15.48 -27.50 -61.58
CA THR D 627 -14.09 -27.87 -61.80
C THR D 627 -13.43 -28.27 -60.48
N SER D 628 -12.76 -29.41 -60.50
CA SER D 628 -12.05 -29.92 -59.34
C SER D 628 -10.54 -29.69 -59.43
N TYR D 629 -9.97 -29.07 -58.40
CA TYR D 629 -8.53 -28.85 -58.34
C TYR D 629 -7.86 -29.78 -57.32
N LEU D 630 -7.04 -30.69 -57.81
CA LEU D 630 -6.35 -31.65 -56.95
C LEU D 630 -4.97 -31.19 -56.58
N PHE D 631 -4.79 -30.84 -55.31
CA PHE D 631 -3.50 -30.42 -54.79
C PHE D 631 -2.69 -31.63 -54.39
N VAL D 632 -1.56 -31.84 -55.07
CA VAL D 632 -0.72 -33.00 -54.85
C VAL D 632 0.62 -32.55 -54.31
N MET D 633 0.97 -33.02 -53.12
CA MET D 633 2.11 -32.50 -52.39
C MET D 633 3.04 -33.58 -51.86
N ASN D 634 4.25 -33.57 -52.40
CA ASN D 634 5.20 -34.58 -52.03
C ASN D 634 6.08 -34.11 -50.88
N HIS D 635 5.71 -34.50 -49.66
CA HIS D 635 6.51 -34.15 -48.49
C HIS D 635 7.83 -34.92 -48.44
N ASN D 636 7.95 -35.93 -49.29
CA ASN D 636 9.14 -36.77 -49.36
C ASN D 636 10.35 -36.04 -49.91
N ALA D 637 11.53 -36.48 -49.46
CA ALA D 637 12.79 -35.89 -49.90
C ALA D 637 13.26 -36.52 -51.20
N GLU D 638 12.37 -37.24 -51.88
CA GLU D 638 12.70 -37.84 -53.16
C GLU D 638 11.50 -37.94 -54.09
N GLU D 639 11.79 -38.02 -55.39
CA GLU D 639 10.78 -38.19 -56.43
C GLU D 639 9.80 -39.31 -56.08
N MET D 640 8.55 -39.15 -56.49
CA MET D 640 7.54 -40.16 -56.25
C MET D 640 6.65 -40.28 -57.46
N THR D 641 6.14 -41.47 -57.73
CA THR D 641 5.25 -41.64 -58.86
C THR D 641 3.90 -42.17 -58.36
N PHE D 642 2.83 -41.81 -59.08
CA PHE D 642 1.47 -42.16 -58.66
C PHE D 642 0.53 -42.19 -59.85
N ASP D 643 -0.61 -42.86 -59.68
CA ASP D 643 -1.62 -42.90 -60.73
C ASP D 643 -2.54 -41.69 -60.62
N ALA D 644 -2.46 -40.82 -61.61
CA ALA D 644 -3.24 -39.58 -61.61
C ALA D 644 -4.64 -39.79 -62.16
N GLY D 645 -4.83 -40.90 -62.88
CA GLY D 645 -6.12 -41.20 -63.46
C GLY D 645 -6.12 -40.97 -64.96
N ALA D 646 -7.19 -41.39 -65.61
CA ALA D 646 -7.26 -41.33 -67.06
C ALA D 646 -7.84 -40.02 -67.56
N SER D 647 -8.74 -39.44 -66.78
CA SER D 647 -9.36 -38.18 -67.18
C SER D 647 -8.26 -37.20 -67.56
N ARG D 648 -8.53 -36.40 -68.57
CA ARG D 648 -7.54 -35.47 -69.08
C ARG D 648 -7.47 -34.27 -68.16
N GLN D 649 -6.27 -34.00 -67.65
CA GLN D 649 -6.08 -32.91 -66.72
C GLN D 649 -4.71 -32.30 -66.94
N ARG D 650 -4.59 -31.01 -66.69
CA ARG D 650 -3.29 -30.37 -66.78
C ARG D 650 -2.81 -29.94 -65.40
N ASP D 651 -1.50 -29.82 -65.26
CA ASP D 651 -0.91 -29.31 -64.04
C ASP D 651 -0.79 -27.80 -64.19
N LEU D 652 -1.54 -27.05 -63.39
CA LEU D 652 -1.56 -25.59 -63.46
C LEU D 652 -0.18 -24.96 -63.36
N LEU D 653 0.73 -25.66 -62.67
CA LEU D 653 2.05 -25.13 -62.37
C LEU D 653 3.05 -25.40 -63.48
N THR D 654 2.75 -26.35 -64.35
CA THR D 654 3.63 -26.63 -65.49
C THR D 654 2.95 -26.49 -66.84
N GLY D 655 1.62 -26.41 -66.84
CA GLY D 655 0.86 -26.39 -68.07
C GLY D 655 0.78 -27.74 -68.78
N LYS D 656 1.64 -28.68 -68.37
CA LYS D 656 1.70 -30.00 -68.98
C LYS D 656 0.45 -30.83 -68.70
N THR D 657 0.05 -31.66 -69.66
CA THR D 657 -1.10 -32.55 -69.45
C THR D 657 -0.70 -33.81 -68.68
N ILE D 658 -1.58 -34.24 -67.79
CA ILE D 658 -1.30 -35.39 -66.95
C ILE D 658 -2.36 -36.49 -67.14
N SER D 659 -1.88 -37.72 -67.25
CA SER D 659 -2.75 -38.88 -67.35
C SER D 659 -1.99 -40.13 -66.91
N GLY D 660 -2.70 -41.06 -66.27
CA GLY D 660 -2.11 -42.30 -65.84
C GLY D 660 -0.98 -42.11 -64.84
N GLN D 661 0.17 -42.70 -65.12
CA GLN D 661 1.30 -42.56 -64.22
C GLN D 661 1.92 -41.19 -64.35
N ALA D 662 2.17 -40.59 -63.19
CA ALA D 662 2.74 -39.26 -63.08
C ALA D 662 3.86 -39.29 -62.06
N THR D 663 4.93 -38.53 -62.31
CA THR D 663 5.96 -38.36 -61.29
C THR D 663 5.89 -36.97 -60.69
N ILE D 664 6.27 -36.86 -59.43
CA ILE D 664 6.31 -35.58 -58.76
C ILE D 664 7.66 -35.50 -58.06
N PRO D 665 8.38 -34.39 -58.25
CA PRO D 665 9.73 -34.19 -57.71
C PRO D 665 9.76 -34.25 -56.18
N ALA D 666 10.95 -34.32 -55.60
CA ALA D 666 11.07 -34.19 -54.15
C ALA D 666 10.53 -32.82 -53.75
N ARG D 667 9.74 -32.77 -52.68
CA ARG D 667 9.22 -31.51 -52.17
C ARG D 667 8.30 -30.83 -53.15
N GLY D 668 7.87 -31.59 -54.16
CA GLY D 668 7.16 -31.00 -55.27
C GLY D 668 5.69 -30.77 -55.00
N VAL D 669 5.11 -29.88 -55.80
CA VAL D 669 3.69 -29.62 -55.75
C VAL D 669 3.13 -29.70 -57.15
N MET D 670 1.97 -30.32 -57.30
CA MET D 670 1.22 -30.26 -58.55
C MET D 670 -0.20 -29.83 -58.24
N ILE D 671 -0.84 -29.16 -59.20
CA ILE D 671 -2.25 -28.81 -59.06
C ILE D 671 -3.03 -29.26 -60.30
N LEU D 672 -3.80 -30.33 -60.14
CA LEU D 672 -4.52 -30.94 -61.24
C LEU D 672 -5.88 -30.31 -61.48
N GLU D 673 -6.08 -29.74 -62.66
CA GLU D 673 -7.36 -29.18 -63.04
C GLU D 673 -8.15 -30.16 -63.89
N ARG D 674 -9.27 -30.64 -63.36
CA ARG D 674 -10.17 -31.57 -64.05
C ARG D 674 -11.61 -31.10 -63.90
N ALA D 675 -12.54 -31.78 -64.55
CA ALA D 675 -13.96 -31.50 -64.32
C ALA D 675 -14.58 -32.53 -63.38
N MET E 1 -12.31 -51.04 22.64
CA MET E 1 -12.71 -50.73 21.28
C MET E 1 -12.67 -49.23 21.04
N ILE E 2 -12.72 -48.84 19.78
CA ILE E 2 -12.74 -47.43 19.43
C ILE E 2 -13.99 -46.78 20.03
N ASN E 3 -15.13 -47.41 19.83
CA ASN E 3 -16.33 -47.04 20.57
C ASN E 3 -17.20 -48.23 20.93
N GLU E 4 -17.40 -48.41 22.24
CA GLU E 4 -18.03 -49.59 22.79
C GLU E 4 -19.47 -49.82 22.31
N LYS E 5 -20.11 -48.76 21.82
CA LYS E 5 -21.48 -48.91 21.33
C LYS E 5 -21.56 -49.42 19.87
N PHE E 6 -20.41 -49.72 19.27
CA PHE E 6 -20.33 -50.06 17.85
C PHE E 6 -19.25 -51.15 17.65
N PRO E 7 -19.57 -52.39 18.04
CA PRO E 7 -18.62 -53.49 18.23
C PRO E 7 -18.33 -54.33 16.97
N LYS E 8 -17.85 -53.67 15.92
CA LYS E 8 -17.34 -54.33 14.74
C LYS E 8 -16.37 -53.39 14.03
N ILE E 9 -15.70 -53.88 13.00
CA ILE E 9 -14.95 -53.00 12.13
C ILE E 9 -15.92 -52.12 11.34
N TRP E 10 -15.92 -50.82 11.64
CA TRP E 10 -16.81 -49.88 10.97
C TRP E 10 -16.60 -49.91 9.45
N TYR E 11 -17.69 -49.83 8.70
CA TYR E 11 -17.63 -49.86 7.24
C TYR E 11 -18.47 -48.74 6.65
N GLY E 12 -17.85 -47.88 5.86
CA GLY E 12 -18.57 -46.75 5.31
C GLY E 12 -17.61 -45.69 4.86
N GLY E 13 -17.91 -44.43 5.14
CA GLY E 13 -16.99 -43.37 4.78
C GLY E 13 -17.62 -42.00 4.66
N ASP E 14 -16.89 -41.10 4.00
CA ASP E 14 -17.39 -39.76 3.74
C ASP E 14 -18.67 -39.77 2.94
N TYR E 15 -19.63 -38.98 3.40
CA TYR E 15 -20.96 -38.95 2.82
C TYR E 15 -21.43 -37.50 2.77
N ASN E 16 -21.96 -37.08 1.62
CA ASN E 16 -22.26 -35.67 1.39
C ASN E 16 -23.61 -35.44 0.69
N PRO E 17 -24.70 -35.84 1.34
CA PRO E 17 -26.05 -35.67 0.81
C PRO E 17 -26.40 -34.20 0.54
N GLU E 18 -25.80 -33.27 1.26
CA GLU E 18 -26.04 -31.85 1.00
C GLU E 18 -25.64 -31.46 -0.44
N GLN E 19 -24.95 -32.34 -1.15
CA GLN E 19 -24.67 -32.07 -2.56
C GLN E 19 -25.82 -32.59 -3.41
N TRP E 20 -26.80 -33.21 -2.76
CA TRP E 20 -27.87 -33.90 -3.47
C TRP E 20 -29.24 -33.43 -3.05
N ASP E 21 -30.19 -34.35 -2.90
CA ASP E 21 -31.55 -34.01 -2.45
C ASP E 21 -32.14 -35.20 -1.72
N LYS E 22 -33.39 -35.07 -1.28
CA LYS E 22 -33.99 -36.14 -0.49
C LYS E 22 -34.18 -37.43 -1.26
N ALA E 23 -34.60 -37.34 -2.51
CA ALA E 23 -34.84 -38.56 -3.29
C ALA E 23 -33.57 -39.39 -3.36
N THR E 24 -32.43 -38.74 -3.67
CA THR E 24 -31.23 -39.54 -3.83
C THR E 24 -30.83 -40.14 -2.50
N MET E 25 -31.07 -39.39 -1.43
CA MET E 25 -30.78 -39.88 -0.09
C MET E 25 -31.57 -41.14 0.26
N GLU E 26 -32.77 -41.32 -0.31
CA GLU E 26 -33.50 -42.58 -0.11
C GLU E 26 -32.77 -43.71 -0.85
N GLU E 27 -32.31 -43.43 -2.05
CA GLU E 27 -31.53 -44.42 -2.80
C GLU E 27 -30.26 -44.83 -2.03
N ASP E 28 -29.55 -43.83 -1.48
CA ASP E 28 -28.36 -44.08 -0.65
C ASP E 28 -28.65 -45.07 0.46
N MET E 29 -29.70 -44.79 1.24
CA MET E 29 -30.03 -45.67 2.36
C MET E 29 -30.25 -47.09 1.84
N ARG E 30 -31.02 -47.22 0.77
CA ARG E 30 -31.31 -48.53 0.22
C ARG E 30 -30.02 -49.24 -0.12
N MET E 31 -29.15 -48.54 -0.86
CA MET E 31 -27.90 -49.14 -1.31
C MET E 31 -26.90 -49.36 -0.15
N PHE E 32 -26.93 -48.51 0.87
CA PHE E 32 -26.04 -48.68 2.01
C PHE E 32 -26.35 -49.98 2.73
N ASN E 33 -27.64 -50.24 2.92
CA ASN E 33 -28.04 -51.51 3.50
C ASN E 33 -27.51 -52.69 2.68
N LEU E 34 -27.63 -52.60 1.35
CA LEU E 34 -27.15 -53.66 0.47
C LEU E 34 -25.65 -53.88 0.64
N ALA E 35 -24.91 -52.79 0.82
CA ALA E 35 -23.46 -52.86 0.87
C ALA E 35 -22.89 -53.22 2.26
N GLY E 36 -23.75 -53.20 3.28
CA GLY E 36 -23.30 -53.46 4.64
C GLY E 36 -22.65 -52.25 5.31
N ILE E 37 -22.97 -51.05 4.79
CA ILE E 37 -22.43 -49.81 5.32
C ILE E 37 -23.19 -49.40 6.59
N ASP E 38 -22.46 -49.07 7.64
CA ASP E 38 -23.07 -48.76 8.93
C ASP E 38 -22.51 -47.50 9.61
N VAL E 39 -21.63 -46.79 8.91
CA VAL E 39 -21.06 -45.55 9.44
C VAL E 39 -20.89 -44.53 8.32
N ALA E 40 -21.18 -43.28 8.64
CA ALA E 40 -21.07 -42.19 7.68
C ALA E 40 -20.33 -41.01 8.32
N THR E 41 -19.32 -40.50 7.61
CA THR E 41 -18.62 -39.30 8.00
C THR E 41 -19.27 -38.09 7.31
N VAL E 42 -20.00 -37.29 8.08
CA VAL E 42 -20.80 -36.22 7.51
C VAL E 42 -20.36 -34.82 7.99
N ASN E 43 -20.77 -33.81 7.26
CA ASN E 43 -20.47 -32.43 7.58
C ASN E 43 -18.99 -32.07 7.49
N VAL E 44 -18.27 -32.68 6.57
CA VAL E 44 -16.84 -32.35 6.45
C VAL E 44 -16.67 -30.99 5.78
N PHE E 45 -17.46 -30.71 4.74
CA PHE E 45 -17.22 -29.50 3.97
C PHE E 45 -18.43 -28.59 3.80
N SER E 46 -19.07 -28.24 4.92
CA SER E 46 -20.29 -27.43 4.83
C SER E 46 -20.29 -26.21 5.75
N TRP E 47 -19.14 -25.60 5.94
CA TRP E 47 -19.06 -24.42 6.78
C TRP E 47 -20.01 -23.33 6.27
N ALA E 48 -19.91 -23.03 4.98
CA ALA E 48 -20.70 -21.98 4.37
C ALA E 48 -22.20 -22.32 4.36
N LYS E 49 -22.52 -23.61 4.22
CA LYS E 49 -23.92 -24.00 4.23
C LYS E 49 -24.48 -23.66 5.59
N ILE E 50 -23.71 -23.95 6.61
CA ILE E 50 -24.15 -23.71 7.97
C ILE E 50 -24.16 -22.23 8.31
N GLN E 51 -23.07 -21.53 7.98
CA GLN E 51 -22.90 -20.19 8.50
C GLN E 51 -22.66 -19.19 7.38
N ARG E 52 -23.71 -18.46 7.00
CA ARG E 52 -23.63 -17.54 5.86
C ARG E 52 -23.01 -16.16 6.18
N ASP E 53 -23.00 -15.80 7.45
CA ASP E 53 -22.31 -14.58 7.89
C ASP E 53 -21.88 -14.79 9.34
N GLU E 54 -21.37 -13.74 9.97
CA GLU E 54 -20.70 -13.95 11.25
C GLU E 54 -21.70 -14.14 12.38
N VAL E 55 -22.99 -14.06 12.05
CA VAL E 55 -24.00 -14.13 13.07
C VAL E 55 -25.06 -15.23 12.83
N SER E 56 -25.00 -15.92 11.71
CA SER E 56 -26.11 -16.77 11.28
C SER E 56 -25.71 -18.21 11.14
N TYR E 57 -26.45 -19.09 11.83
CA TYR E 57 -26.19 -20.53 11.83
C TYR E 57 -27.45 -21.32 11.49
N ASP E 58 -27.38 -22.12 10.43
CA ASP E 58 -28.48 -22.98 10.08
C ASP E 58 -28.05 -24.44 10.14
N PHE E 59 -28.70 -25.20 11.03
CA PHE E 59 -28.39 -26.61 11.28
C PHE E 59 -29.54 -27.53 10.86
N THR E 60 -30.63 -26.96 10.39
CA THR E 60 -31.83 -27.73 10.06
C THR E 60 -31.59 -28.83 9.01
N TRP E 61 -30.80 -28.50 7.97
CA TRP E 61 -30.50 -29.46 6.89
C TRP E 61 -29.70 -30.64 7.42
N LEU E 62 -28.85 -30.36 8.40
CA LEU E 62 -27.97 -31.37 8.96
C LEU E 62 -28.74 -32.25 9.94
N ASP E 63 -29.66 -31.63 10.69
CA ASP E 63 -30.60 -32.38 11.51
C ASP E 63 -31.27 -33.47 10.69
N ASP E 64 -31.80 -33.09 9.53
CA ASP E 64 -32.48 -34.03 8.66
C ASP E 64 -31.59 -35.19 8.26
N ILE E 65 -30.37 -34.88 7.87
CA ILE E 65 -29.42 -35.91 7.48
C ILE E 65 -29.11 -36.86 8.63
N ILE E 66 -28.88 -36.32 9.83
CA ILE E 66 -28.57 -37.14 10.99
C ILE E 66 -29.76 -37.99 11.36
N GLU E 67 -30.95 -37.39 11.25
CA GLU E 67 -32.18 -38.07 11.61
C GLU E 67 -32.42 -39.24 10.66
N ARG E 68 -32.21 -39.00 9.38
CA ARG E 68 -32.44 -40.02 8.37
C ARG E 68 -31.50 -41.21 8.53
N LEU E 69 -30.23 -40.92 8.77
CA LEU E 69 -29.25 -41.99 8.94
C LEU E 69 -29.55 -42.79 10.21
N THR E 70 -30.10 -42.13 11.22
CA THR E 70 -30.45 -42.79 12.49
C THR E 70 -31.61 -43.79 12.34
N LYS E 71 -32.55 -43.52 11.43
CA LYS E 71 -33.66 -44.44 11.19
C LYS E 71 -33.14 -45.73 10.60
N GLU E 72 -31.98 -45.65 9.97
CA GLU E 72 -31.38 -46.78 9.31
C GLU E 72 -30.36 -47.43 10.23
N ASN E 73 -30.23 -46.88 11.44
CA ASN E 73 -29.22 -47.34 12.39
C ASN E 73 -27.76 -47.23 11.91
N ILE E 74 -27.50 -46.24 11.05
CA ILE E 74 -26.13 -45.95 10.64
C ILE E 74 -25.51 -45.00 11.65
N TYR E 75 -24.33 -45.36 12.13
CA TYR E 75 -23.61 -44.53 13.09
C TYR E 75 -22.93 -43.38 12.39
N LEU E 76 -22.54 -42.37 13.18
CA LEU E 76 -22.05 -41.13 12.61
C LEU E 76 -20.66 -40.75 13.10
N CYS E 77 -19.80 -40.42 12.15
CA CYS E 77 -18.55 -39.75 12.41
C CYS E 77 -18.76 -38.29 11.98
N LEU E 78 -19.03 -37.42 12.95
CA LEU E 78 -19.46 -36.04 12.70
C LEU E 78 -18.30 -35.06 12.62
N ALA E 79 -18.14 -34.43 11.46
CA ALA E 79 -17.08 -33.44 11.27
C ALA E 79 -17.50 -32.05 11.75
N THR E 80 -16.52 -31.21 12.05
CA THR E 80 -16.75 -29.87 12.55
C THR E 80 -16.87 -28.87 11.41
N SER E 81 -16.60 -29.36 10.20
CA SER E 81 -16.72 -28.57 8.97
C SER E 81 -15.64 -27.50 8.78
N THR E 82 -14.67 -27.45 9.67
CA THR E 82 -13.68 -26.38 9.62
C THR E 82 -12.58 -26.65 8.60
N GLY E 83 -12.74 -27.71 7.82
CA GLY E 83 -11.74 -28.07 6.82
C GLY E 83 -11.61 -27.04 5.71
N ALA E 84 -12.69 -26.29 5.48
CA ALA E 84 -12.66 -25.25 4.46
C ALA E 84 -13.53 -24.09 4.89
N HIS E 85 -12.94 -22.90 4.94
CA HIS E 85 -13.65 -21.70 5.39
C HIS E 85 -14.50 -21.09 4.27
N PRO E 86 -15.60 -20.44 4.64
CA PRO E 86 -16.54 -19.83 3.69
C PRO E 86 -15.88 -18.72 2.87
N ALA E 87 -16.42 -18.48 1.67
CA ALA E 87 -15.93 -17.43 0.81
C ALA E 87 -16.19 -16.05 1.40
N TRP E 88 -17.27 -15.90 2.16
CA TRP E 88 -17.55 -14.58 2.72
C TRP E 88 -16.50 -14.26 3.78
N MET E 89 -15.98 -15.30 4.42
CA MET E 89 -15.01 -15.11 5.49
C MET E 89 -13.65 -14.67 4.93
N ALA E 90 -13.26 -15.29 3.81
CA ALA E 90 -12.03 -14.93 3.11
C ALA E 90 -12.10 -13.48 2.64
N LYS E 91 -13.30 -13.06 2.23
CA LYS E 91 -13.50 -11.73 1.69
C LYS E 91 -13.48 -10.67 2.78
N LYS E 92 -14.26 -10.89 3.84
CA LYS E 92 -14.39 -9.90 4.88
C LYS E 92 -13.21 -9.92 5.84
N TYR E 93 -12.61 -11.09 6.03
CA TYR E 93 -11.50 -11.25 6.96
C TYR E 93 -10.28 -11.93 6.32
N PRO E 94 -9.52 -11.19 5.52
CA PRO E 94 -8.40 -11.86 4.84
C PRO E 94 -7.27 -12.38 5.77
N ASP E 95 -7.26 -12.06 7.06
CA ASP E 95 -6.30 -12.69 7.98
C ASP E 95 -6.45 -14.23 8.00
N VAL E 96 -7.62 -14.69 7.59
CA VAL E 96 -7.89 -16.10 7.44
C VAL E 96 -7.07 -16.77 6.30
N LEU E 97 -6.63 -15.96 5.34
CA LEU E 97 -5.94 -16.46 4.14
C LEU E 97 -4.44 -16.56 4.32
N ARG E 98 -3.83 -17.57 3.70
CA ARG E 98 -2.41 -17.82 3.88
C ARG E 98 -1.51 -16.98 2.97
N VAL E 99 -0.30 -16.73 3.43
CA VAL E 99 0.75 -16.24 2.56
C VAL E 99 1.62 -17.46 2.27
N ASP E 100 1.88 -17.69 0.98
CA ASP E 100 2.55 -18.92 0.58
C ASP E 100 4.06 -18.83 0.60
N TYR E 101 4.68 -19.91 0.12
CA TYR E 101 6.12 -20.06 0.16
C TYR E 101 6.83 -19.04 -0.71
N GLU E 102 6.11 -18.53 -1.71
CA GLU E 102 6.64 -17.55 -2.64
C GLU E 102 6.38 -16.13 -2.15
N GLY E 103 5.81 -16.02 -0.95
CA GLY E 103 5.50 -14.72 -0.36
C GLY E 103 4.21 -14.06 -0.83
N ARG E 104 3.35 -14.80 -1.51
CA ARG E 104 2.12 -14.25 -2.08
C ARG E 104 0.91 -14.43 -1.17
N LYS E 105 0.15 -13.36 -0.98
CA LYS E 105 -1.11 -13.44 -0.26
C LYS E 105 -2.14 -14.21 -1.11
N ARG E 106 -2.66 -15.32 -0.59
CA ARG E 106 -3.67 -16.06 -1.32
C ARG E 106 -5.01 -15.33 -1.35
N LYS E 107 -5.85 -15.72 -2.30
CA LYS E 107 -7.25 -15.32 -2.28
C LYS E 107 -8.06 -16.58 -1.99
N PHE E 108 -9.37 -16.42 -1.89
CA PHE E 108 -10.24 -17.55 -1.58
C PHE E 108 -10.08 -18.68 -2.60
N GLY E 109 -10.01 -19.92 -2.11
CA GLY E 109 -9.93 -21.05 -3.03
C GLY E 109 -9.36 -22.29 -2.36
N GLY E 110 -9.60 -23.45 -2.94
CA GLY E 110 -9.09 -24.69 -2.39
C GLY E 110 -9.68 -25.02 -1.03
N ARG E 111 -8.84 -25.53 -0.14
CA ARG E 111 -9.25 -25.99 1.19
C ARG E 111 -8.00 -26.24 2.01
N HIS E 112 -8.18 -26.53 3.29
CA HIS E 112 -7.07 -26.84 4.20
C HIS E 112 -6.06 -25.70 4.26
N ASN E 113 -6.51 -24.48 4.05
CA ASN E 113 -5.54 -23.41 3.91
C ASN E 113 -5.92 -22.17 4.71
N SER E 114 -6.52 -22.40 5.88
CA SER E 114 -6.75 -21.30 6.82
C SER E 114 -5.44 -21.04 7.56
N CYS E 115 -5.13 -19.77 7.81
CA CYS E 115 -3.94 -19.46 8.61
C CYS E 115 -4.15 -20.00 10.02
N PRO E 116 -3.21 -20.83 10.50
CA PRO E 116 -3.40 -21.45 11.81
C PRO E 116 -3.20 -20.44 12.93
N ASN E 117 -2.64 -19.29 12.60
CA ASN E 117 -2.53 -18.21 13.58
C ASN E 117 -3.50 -17.04 13.31
N SER E 118 -4.54 -17.32 12.54
CA SER E 118 -5.59 -16.33 12.27
C SER E 118 -6.59 -16.16 13.42
N PRO E 119 -6.74 -14.92 13.90
CA PRO E 119 -7.69 -14.67 14.99
C PRO E 119 -9.13 -14.93 14.56
N THR E 120 -9.48 -14.53 13.34
CA THR E 120 -10.79 -14.78 12.78
C THR E 120 -11.09 -16.28 12.68
N TYR E 121 -10.13 -17.04 12.13
CA TYR E 121 -10.34 -18.47 11.95
C TYR E 121 -10.50 -19.18 13.28
N ARG E 122 -9.61 -18.91 14.22
CA ARG E 122 -9.70 -19.56 15.52
C ARG E 122 -11.02 -19.22 16.19
N LYS E 123 -11.41 -17.95 16.10
CA LYS E 123 -12.68 -17.51 16.70
C LYS E 123 -13.88 -18.30 16.16
N TYR E 124 -14.04 -18.33 14.84
CA TYR E 124 -15.22 -18.96 14.25
C TYR E 124 -15.15 -20.50 14.23
N ALA E 125 -13.96 -21.07 14.12
CA ALA E 125 -13.81 -22.51 14.18
C ALA E 125 -14.17 -23.03 15.59
N LYS E 126 -13.74 -22.31 16.63
CA LYS E 126 -14.13 -22.66 17.99
C LYS E 126 -15.65 -22.57 18.19
N ILE E 127 -16.24 -21.46 17.76
CA ILE E 127 -17.68 -21.29 17.87
C ILE E 127 -18.44 -22.42 17.17
N LEU E 128 -18.03 -22.71 15.93
CA LEU E 128 -18.72 -23.72 15.12
C LEU E 128 -18.65 -25.12 15.77
N ALA E 129 -17.48 -25.50 16.26
CA ALA E 129 -17.34 -26.80 16.88
C ALA E 129 -18.23 -26.86 18.13
N GLY E 130 -18.23 -25.76 18.89
CA GLY E 130 -19.01 -25.66 20.11
C GLY E 130 -20.51 -25.83 19.86
N LYS E 131 -21.03 -25.08 18.89
CA LYS E 131 -22.44 -25.16 18.53
C LYS E 131 -22.85 -26.55 18.03
N LEU E 132 -21.96 -27.22 17.29
CA LEU E 132 -22.23 -28.58 16.81
C LEU E 132 -22.34 -29.53 17.98
N ALA E 133 -21.36 -29.48 18.87
CA ALA E 133 -21.35 -30.36 20.03
C ALA E 133 -22.55 -30.08 20.95
N GLU E 134 -22.82 -28.81 21.23
CA GLU E 134 -23.93 -28.44 22.08
C GLU E 134 -25.27 -28.91 21.49
N ARG E 135 -25.44 -28.76 20.19
CA ARG E 135 -26.70 -29.13 19.55
C ARG E 135 -26.93 -30.64 19.57
N TYR E 136 -25.88 -31.41 19.36
CA TYR E 136 -26.00 -32.85 19.21
C TYR E 136 -25.42 -33.59 20.40
N LYS E 137 -25.16 -32.85 21.48
CA LYS E 137 -24.56 -33.44 22.68
C LYS E 137 -25.27 -34.69 23.17
N ASP E 138 -26.59 -34.72 23.06
CA ASP E 138 -27.35 -35.86 23.53
C ASP E 138 -27.67 -36.90 22.46
N HIS E 139 -27.09 -36.75 21.27
CA HIS E 139 -27.44 -37.71 20.22
C HIS E 139 -26.68 -39.02 20.33
N PRO E 140 -27.43 -40.14 20.25
CA PRO E 140 -26.90 -41.49 20.49
C PRO E 140 -26.07 -42.05 19.33
N GLN E 141 -26.26 -41.57 18.11
CA GLN E 141 -25.58 -42.15 16.95
C GLN E 141 -24.16 -41.60 16.71
N ILE E 142 -23.86 -40.41 17.25
CA ILE E 142 -22.54 -39.84 17.07
C ILE E 142 -21.50 -40.66 17.80
N VAL E 143 -20.63 -41.29 17.04
CA VAL E 143 -19.76 -42.30 17.59
C VAL E 143 -18.30 -41.81 17.59
N MET E 144 -18.06 -40.70 16.89
CA MET E 144 -16.71 -40.13 16.75
C MET E 144 -16.82 -38.68 16.29
N TRP E 145 -15.88 -37.84 16.73
CA TRP E 145 -15.73 -36.49 16.19
C TRP E 145 -14.56 -36.45 15.21
N HIS E 146 -14.76 -35.73 14.11
CA HIS E 146 -13.81 -35.61 13.01
C HIS E 146 -13.47 -34.12 12.85
N VAL E 147 -12.43 -33.69 13.54
CA VAL E 147 -12.06 -32.27 13.56
C VAL E 147 -11.45 -31.84 12.23
N SER E 148 -12.09 -30.82 11.65
CA SER E 148 -11.56 -30.22 10.44
C SER E 148 -11.33 -31.35 9.42
N ASN E 149 -10.27 -31.23 8.62
CA ASN E 149 -9.93 -32.24 7.64
C ASN E 149 -8.52 -32.07 7.13
N GLU E 150 -7.74 -33.15 7.16
CA GLU E 150 -6.36 -33.14 6.69
C GLU E 150 -5.58 -31.83 6.90
N TYR E 151 -5.28 -31.49 8.16
CA TYR E 151 -4.44 -30.33 8.45
C TYR E 151 -3.11 -30.48 7.72
N GLY E 152 -2.59 -29.38 7.18
CA GLY E 152 -1.30 -29.39 6.51
C GLY E 152 -1.02 -28.07 5.80
N GLY E 153 0.17 -27.97 5.21
CA GLY E 153 0.57 -26.77 4.47
C GLY E 153 1.16 -25.74 5.39
N TYR E 154 2.19 -25.01 4.95
CA TYR E 154 2.78 -23.97 5.78
C TYR E 154 2.28 -22.61 5.37
N CYS E 155 2.20 -21.69 6.35
CA CYS E 155 1.86 -20.30 6.09
C CYS E 155 3.02 -19.38 6.49
N TYR E 156 3.20 -18.29 5.76
CA TYR E 156 4.31 -17.36 6.00
C TYR E 156 3.79 -15.93 6.10
N CYS E 157 2.55 -15.77 6.54
CA CYS E 157 1.98 -14.43 6.60
C CYS E 157 2.60 -13.66 7.75
N ASP E 158 2.12 -12.44 7.95
CA ASP E 158 2.59 -11.59 9.03
C ASP E 158 2.27 -12.10 10.41
N ASN E 159 1.07 -12.68 10.56
CA ASN E 159 0.64 -13.16 11.85
C ASN E 159 1.45 -14.37 12.29
N CYS E 160 1.82 -15.22 11.32
CA CYS E 160 2.69 -16.36 11.58
C CYS E 160 4.12 -15.93 11.95
N GLU E 161 4.61 -14.89 11.29
CA GLU E 161 5.93 -14.36 11.56
C GLU E 161 6.02 -13.77 12.97
N LYS E 162 5.01 -13.01 13.38
CA LYS E 162 4.97 -12.47 14.75
C LYS E 162 4.85 -13.58 15.77
N GLN E 163 4.04 -14.59 15.45
CA GLN E 163 3.79 -15.67 16.37
C GLN E 163 5.00 -16.60 16.40
N PHE E 164 5.72 -16.70 15.29
CA PHE E 164 7.01 -17.43 15.26
C PHE E 164 7.97 -16.87 16.32
N ARG E 165 8.08 -15.55 16.35
CA ARG E 165 8.97 -14.87 17.30
C ARG E 165 8.58 -15.19 18.73
N VAL E 166 7.28 -15.16 19.00
CA VAL E 166 6.79 -15.53 20.32
C VAL E 166 7.24 -16.94 20.70
N TRP E 167 7.07 -17.87 19.77
CA TRP E 167 7.37 -19.28 19.95
C TRP E 167 8.89 -19.47 20.19
N LEU E 168 9.68 -18.61 19.55
CA LEU E 168 11.12 -18.63 19.74
C LEU E 168 11.43 -18.11 21.13
N LYS E 169 10.71 -17.08 21.55
CA LYS E 169 10.92 -16.49 22.87
C LYS E 169 10.67 -17.54 23.94
N GLU E 170 9.62 -18.33 23.74
CA GLU E 170 9.26 -19.38 24.66
C GLU E 170 10.24 -20.53 24.65
N ARG E 171 10.78 -20.85 23.48
CA ARG E 171 11.67 -21.99 23.39
C ARG E 171 13.07 -21.68 23.94
N TYR E 172 13.57 -20.46 23.71
CA TYR E 172 14.98 -20.15 23.94
C TYR E 172 15.21 -19.17 25.07
N GLY E 173 14.17 -18.44 25.45
CA GLY E 173 14.25 -17.49 26.55
C GLY E 173 14.99 -16.21 26.17
N THR E 174 16.16 -16.35 25.57
CA THR E 174 16.98 -15.17 25.27
C THR E 174 17.56 -15.21 23.87
N LEU E 175 17.90 -14.03 23.36
CA LEU E 175 18.54 -13.95 22.08
C LEU E 175 19.87 -14.66 22.13
N GLU E 176 20.51 -14.64 23.29
CA GLU E 176 21.80 -15.25 23.41
C GLU E 176 21.70 -16.74 23.09
N ALA E 177 20.74 -17.42 23.73
CA ALA E 177 20.55 -18.84 23.47
C ALA E 177 20.08 -19.08 22.03
N LEU E 178 19.17 -18.26 21.53
CA LEU E 178 18.77 -18.38 20.13
C LEU E 178 19.97 -18.27 19.18
N ASN E 179 20.77 -17.23 19.35
CA ASN E 179 21.93 -17.05 18.48
C ASN E 179 22.86 -18.26 18.52
N LYS E 180 22.97 -18.91 19.67
CA LYS E 180 23.84 -20.06 19.76
C LYS E 180 23.22 -21.27 19.07
N ALA E 181 21.92 -21.47 19.29
CA ALA E 181 21.22 -22.64 18.81
C ALA E 181 21.22 -22.65 17.29
N TRP E 182 21.13 -21.46 16.72
CA TRP E 182 21.04 -21.29 15.28
C TRP E 182 22.42 -21.05 14.67
N ASN E 183 23.42 -20.86 15.53
CA ASN E 183 24.81 -20.62 15.11
C ASN E 183 24.94 -19.37 14.22
N THR E 184 24.34 -18.28 14.68
CA THR E 184 24.22 -17.08 13.89
C THR E 184 25.51 -16.26 13.62
N SER E 185 26.60 -16.56 14.33
CA SER E 185 27.88 -15.93 13.96
C SER E 185 28.25 -16.24 12.50
N PHE E 186 27.68 -17.32 11.99
CA PHE E 186 27.81 -17.65 10.58
C PHE E 186 27.10 -16.62 9.67
N TRP E 187 27.80 -16.17 8.63
CA TRP E 187 27.24 -15.22 7.67
C TRP E 187 26.64 -13.95 8.32
N SER E 188 27.24 -13.52 9.43
CA SER E 188 26.83 -12.29 10.11
C SER E 188 25.34 -12.27 10.41
N HIS E 189 24.83 -13.37 10.93
CA HIS E 189 23.40 -13.51 11.18
C HIS E 189 22.96 -13.15 12.59
N THR E 190 23.87 -12.55 13.35
CA THR E 190 23.60 -12.18 14.73
C THR E 190 22.31 -11.38 14.87
N PHE E 191 21.41 -11.86 15.71
CA PHE E 191 20.20 -11.12 16.00
C PHE E 191 20.37 -10.36 17.30
N TYR E 192 19.97 -9.10 17.27
CA TYR E 192 20.01 -8.23 18.43
C TYR E 192 18.60 -7.92 18.96
N ASP E 193 17.59 -8.27 18.17
CA ASP E 193 16.21 -8.12 18.57
C ASP E 193 15.35 -9.16 17.87
N TRP E 194 14.36 -9.66 18.58
CA TRP E 194 13.47 -10.71 18.07
C TRP E 194 12.82 -10.32 16.74
N ASP E 195 12.54 -9.04 16.58
CA ASP E 195 11.85 -8.58 15.37
C ASP E 195 12.73 -8.59 14.13
N GLU E 196 14.04 -8.73 14.31
CA GLU E 196 14.95 -8.90 13.19
C GLU E 196 14.77 -10.28 12.53
N ILE E 197 14.18 -11.21 13.27
CA ILE E 197 13.98 -12.57 12.75
C ILE E 197 12.76 -12.64 11.82
N VAL E 198 12.92 -13.30 10.68
CA VAL E 198 11.83 -13.44 9.71
C VAL E 198 11.59 -14.91 9.35
N ALA E 199 10.43 -15.17 8.76
CA ALA E 199 10.05 -16.52 8.38
C ALA E 199 10.87 -17.00 7.18
N PRO E 200 11.26 -18.28 7.20
CA PRO E 200 12.11 -18.81 6.13
C PRO E 200 11.33 -19.30 4.92
N ASN E 201 11.46 -18.59 3.80
CA ASN E 201 10.87 -18.99 2.53
C ASN E 201 11.64 -18.38 1.36
N ALA E 202 11.00 -18.33 0.19
CA ALA E 202 11.69 -17.88 -1.03
C ALA E 202 12.17 -16.43 -0.95
N LEU E 203 11.62 -15.67 0.00
CA LEU E 203 11.98 -14.27 0.16
C LEU E 203 13.23 -14.09 1.03
N SER E 204 13.60 -15.13 1.77
CA SER E 204 14.64 -14.99 2.78
C SER E 204 15.77 -16.03 2.74
N GLU E 205 15.54 -17.18 3.34
CA GLU E 205 16.60 -18.14 3.63
C GLU E 205 16.51 -19.38 2.73
N GLU E 206 15.36 -19.55 2.09
CA GLU E 206 15.05 -20.81 1.41
C GLU E 206 14.81 -20.67 -0.09
N TRP E 207 14.87 -21.79 -0.80
CA TRP E 207 14.54 -21.82 -2.22
C TRP E 207 14.24 -23.22 -2.71
N SER E 208 13.49 -23.28 -3.80
CA SER E 208 12.99 -24.52 -4.42
C SER E 208 12.55 -25.65 -3.48
N GLY E 209 11.82 -25.29 -2.41
CA GLY E 209 11.12 -26.27 -1.60
C GLY E 209 11.85 -26.88 -0.40
N ASN E 210 13.12 -27.25 -0.59
CA ASN E 210 13.87 -27.92 0.47
C ASN E 210 15.31 -27.43 0.66
N ARG E 211 15.64 -26.32 0.01
CA ARG E 211 16.98 -25.78 0.14
C ARG E 211 16.98 -24.57 1.10
N THR E 212 18.01 -24.46 1.93
CA THR E 212 18.10 -23.37 2.90
C THR E 212 19.53 -22.98 3.27
N ASN E 213 19.74 -21.72 3.63
CA ASN E 213 21.07 -21.28 4.07
C ASN E 213 21.27 -21.59 5.54
N PHE E 214 20.16 -21.63 6.26
CA PHE E 214 20.17 -21.72 7.72
C PHE E 214 19.23 -22.80 8.21
N GLN E 215 19.70 -24.05 8.25
CA GLN E 215 18.79 -25.13 8.66
C GLN E 215 18.17 -24.94 10.05
N GLY E 216 18.91 -24.34 10.99
CA GLY E 216 18.36 -24.05 12.31
C GLY E 216 17.03 -23.31 12.25
N ILE E 217 16.97 -22.26 11.44
CA ILE E 217 15.75 -21.48 11.29
C ILE E 217 14.65 -22.28 10.59
N SER E 218 15.02 -22.95 9.49
CA SER E 218 14.07 -23.70 8.66
C SER E 218 13.45 -24.85 9.43
N LEU E 219 14.23 -25.43 10.35
CA LEU E 219 13.79 -26.53 11.16
C LEU E 219 12.82 -26.03 12.23
N ASP E 220 13.21 -24.97 12.92
CA ASP E 220 12.34 -24.40 13.94
C ASP E 220 11.06 -23.86 13.35
N TYR E 221 11.09 -23.39 12.11
CA TYR E 221 9.87 -22.88 11.49
C TYR E 221 8.90 -24.02 11.19
N ARG E 222 9.45 -25.18 10.83
CA ARG E 222 8.64 -26.37 10.60
C ARG E 222 8.03 -26.87 11.91
N ARG E 223 8.84 -26.96 12.96
CA ARG E 223 8.32 -27.22 14.30
C ARG E 223 7.16 -26.27 14.63
N PHE E 224 7.41 -24.98 14.45
CA PHE E 224 6.46 -23.94 14.82
C PHE E 224 5.13 -24.07 14.05
N GLN E 225 5.21 -24.37 12.76
CA GLN E 225 4.01 -24.54 11.95
C GLN E 225 3.19 -25.74 12.36
N SER E 226 3.88 -26.86 12.58
CA SER E 226 3.28 -28.09 13.02
C SER E 226 2.57 -27.89 14.35
N ASP E 227 3.27 -27.22 15.29
CA ASP E 227 2.66 -26.76 16.54
C ASP E 227 1.44 -25.84 16.36
N SER E 228 1.54 -24.86 15.46
CA SER E 228 0.44 -23.93 15.27
C SER E 228 -0.83 -24.64 14.83
N LEU E 229 -0.69 -25.50 13.82
CA LEU E 229 -1.84 -26.28 13.35
C LEU E 229 -2.38 -27.19 14.45
N LEU E 230 -1.49 -27.78 15.23
CA LEU E 230 -1.87 -28.65 16.33
C LEU E 230 -2.70 -27.88 17.36
N GLU E 231 -2.36 -26.60 17.59
CA GLU E 231 -3.12 -25.74 18.48
C GLU E 231 -4.56 -25.58 17.99
N CYS E 232 -4.74 -25.54 16.67
CA CYS E 232 -6.08 -25.42 16.11
C CYS E 232 -6.87 -26.69 16.40
N PHE E 233 -6.28 -27.84 16.13
CA PHE E 233 -6.93 -29.09 16.47
C PHE E 233 -7.35 -29.15 17.96
N LYS E 234 -6.41 -28.87 18.86
CA LYS E 234 -6.64 -28.91 20.31
C LYS E 234 -7.77 -28.01 20.75
N MET E 235 -7.83 -26.82 20.15
CA MET E 235 -8.82 -25.81 20.44
C MET E 235 -10.23 -26.35 20.18
N GLU E 236 -10.42 -26.96 19.01
CA GLU E 236 -11.71 -27.54 18.69
C GLU E 236 -11.98 -28.74 19.58
N ARG E 237 -10.98 -29.61 19.72
CA ARG E 237 -11.05 -30.77 20.59
C ARG E 237 -11.62 -30.41 21.97
N ASP E 238 -11.03 -29.41 22.62
CA ASP E 238 -11.40 -29.04 23.98
C ASP E 238 -12.82 -28.53 24.01
N GLU E 239 -13.19 -27.81 22.95
CA GLU E 239 -14.53 -27.25 22.85
C GLU E 239 -15.59 -28.32 22.66
N LEU E 240 -15.27 -29.37 21.90
CA LEU E 240 -16.13 -30.55 21.77
C LEU E 240 -16.33 -31.24 23.12
N LYS E 241 -15.24 -31.48 23.82
CA LYS E 241 -15.27 -32.27 25.04
C LYS E 241 -15.96 -31.58 26.21
N ARG E 242 -15.98 -30.24 26.21
CA ARG E 242 -16.89 -29.51 27.09
C ARG E 242 -18.32 -30.05 27.05
N TRP E 243 -18.83 -30.32 25.85
CA TRP E 243 -20.22 -30.72 25.66
C TRP E 243 -20.40 -32.23 25.60
N THR E 244 -19.44 -32.91 24.97
CA THR E 244 -19.54 -34.36 24.86
C THR E 244 -18.24 -35.02 25.32
N PRO E 245 -18.00 -35.01 26.63
CA PRO E 245 -16.76 -35.59 27.20
C PRO E 245 -16.55 -37.06 26.89
N ASP E 246 -17.60 -37.79 26.52
CA ASP E 246 -17.50 -39.22 26.32
C ASP E 246 -17.45 -39.64 24.85
N ILE E 247 -17.51 -38.68 23.94
CA ILE E 247 -17.34 -39.01 22.53
C ILE E 247 -15.88 -38.75 22.16
N PRO E 248 -15.22 -39.77 21.61
CA PRO E 248 -13.82 -39.70 21.17
C PRO E 248 -13.62 -38.68 20.06
N VAL E 249 -12.43 -38.06 20.04
CA VAL E 249 -12.10 -37.06 19.05
C VAL E 249 -10.91 -37.49 18.22
N THR E 250 -11.01 -37.29 16.91
CA THR E 250 -9.88 -37.54 16.02
C THR E 250 -9.75 -36.47 14.93
N THR E 251 -8.66 -36.57 14.17
CA THR E 251 -8.56 -35.84 12.91
C THR E 251 -7.81 -36.74 11.94
N ASN E 252 -8.01 -36.56 10.64
CA ASN E 252 -7.44 -37.52 9.69
C ASN E 252 -6.03 -37.18 9.25
N LEU E 253 -5.09 -38.07 9.53
CA LEU E 253 -3.68 -37.88 9.18
C LEU E 253 -3.34 -38.44 7.79
N MET E 254 -2.16 -38.11 7.28
CA MET E 254 -1.76 -38.52 5.93
C MET E 254 -0.49 -39.39 5.87
N GLY E 255 -0.29 -40.22 6.88
CA GLY E 255 0.81 -41.18 6.89
C GLY E 255 2.21 -40.55 6.97
N PHE E 256 3.04 -40.84 5.97
CA PHE E 256 4.39 -40.28 5.90
C PHE E 256 4.41 -38.87 5.31
N TYR E 257 3.27 -38.20 5.41
CA TYR E 257 3.17 -36.79 5.09
C TYR E 257 4.31 -36.07 5.81
N PRO E 258 5.11 -35.31 5.06
CA PRO E 258 6.34 -34.77 5.65
C PRO E 258 6.16 -33.54 6.57
N GLU E 259 5.10 -32.77 6.40
CA GLU E 259 5.08 -31.41 6.97
C GLU E 259 4.74 -31.32 8.44
N LEU E 260 4.25 -32.41 9.01
CA LEU E 260 3.73 -32.39 10.37
C LEU E 260 4.36 -33.46 11.26
N ASP E 261 4.70 -33.12 12.49
CA ASP E 261 5.26 -34.12 13.40
C ASP E 261 4.12 -34.92 14.03
N TYR E 262 3.72 -35.99 13.36
CA TYR E 262 2.53 -36.75 13.78
C TYR E 262 2.66 -37.43 15.14
N PHE E 263 3.88 -37.72 15.60
CA PHE E 263 4.07 -38.26 16.95
C PHE E 263 3.60 -37.29 18.00
N LYS E 264 3.85 -36.01 17.78
CA LYS E 264 3.45 -34.98 18.71
C LYS E 264 1.95 -34.76 18.64
N TRP E 265 1.41 -34.83 17.43
CA TRP E 265 -0.03 -34.70 17.23
C TRP E 265 -0.79 -35.78 17.98
N ALA E 266 -0.28 -37.02 17.88
CA ALA E 266 -1.02 -38.19 18.29
C ALA E 266 -1.25 -38.24 19.80
N LYS E 267 -0.31 -37.70 20.58
CA LYS E 267 -0.48 -37.57 22.03
C LYS E 267 -1.72 -36.77 22.36
N GLU E 268 -2.17 -35.95 21.40
CA GLU E 268 -3.29 -35.04 21.61
C GLU E 268 -4.63 -35.61 21.13
N MET E 269 -4.59 -36.76 20.45
CA MET E 269 -5.79 -37.36 19.86
C MET E 269 -6.26 -38.62 20.61
N ASP E 270 -7.57 -38.83 20.68
CA ASP E 270 -8.08 -40.02 21.34
C ASP E 270 -7.69 -41.29 20.58
N VAL E 271 -7.63 -41.16 19.26
CA VAL E 271 -7.34 -42.28 18.39
C VAL E 271 -6.80 -41.72 17.07
N VAL E 272 -5.91 -42.46 16.44
CA VAL E 272 -5.38 -42.06 15.16
C VAL E 272 -6.32 -42.50 14.04
N SER E 273 -6.49 -41.66 13.04
CA SER E 273 -7.22 -42.04 11.85
C SER E 273 -6.40 -41.53 10.70
N TRP E 274 -6.49 -42.19 9.55
CA TRP E 274 -5.66 -41.80 8.43
C TRP E 274 -6.24 -42.11 7.06
N ASP E 275 -5.65 -41.47 6.05
CA ASP E 275 -6.13 -41.48 4.69
C ASP E 275 -5.05 -42.06 3.79
N ASN E 276 -5.30 -43.28 3.31
CA ASN E 276 -4.31 -44.04 2.55
C ASN E 276 -4.53 -43.94 1.03
N TYR E 277 -3.72 -43.12 0.38
CA TYR E 277 -3.75 -42.93 -1.07
C TYR E 277 -2.39 -43.23 -1.69
N PRO E 278 -2.16 -44.49 -2.10
CA PRO E 278 -0.88 -44.90 -2.71
C PRO E 278 -0.66 -44.30 -4.09
N SER E 279 0.60 -44.13 -4.48
CA SER E 279 0.94 -43.82 -5.86
C SER E 279 1.01 -45.13 -6.64
N MET E 280 0.98 -45.05 -7.96
CA MET E 280 1.00 -46.28 -8.76
C MET E 280 2.29 -47.05 -8.60
N ASP E 281 3.31 -46.39 -8.05
CA ASP E 281 4.61 -47.03 -7.84
C ASP E 281 4.89 -47.33 -6.35
N THR E 282 3.93 -47.05 -5.49
CA THR E 282 4.11 -47.34 -4.08
C THR E 282 4.17 -48.84 -3.83
N PRO E 283 5.30 -49.31 -3.32
CA PRO E 283 5.50 -50.72 -2.95
C PRO E 283 4.50 -51.15 -1.86
N PHE E 284 3.99 -52.37 -1.98
CA PHE E 284 2.99 -52.87 -1.05
C PHE E 284 3.55 -52.88 0.37
N SER E 285 4.85 -53.13 0.50
CA SER E 285 5.50 -53.09 1.81
C SER E 285 5.58 -51.67 2.34
N PHE E 286 5.53 -50.68 1.45
CA PHE E 286 5.52 -49.30 1.91
C PHE E 286 4.20 -48.91 2.57
N THR E 287 3.07 -49.23 1.94
CA THR E 287 1.82 -48.84 2.56
C THR E 287 1.60 -49.65 3.86
N ALA E 288 2.13 -50.87 3.91
CA ALA E 288 2.17 -51.65 5.13
C ALA E 288 2.94 -50.90 6.23
N MET E 289 4.13 -50.43 5.89
CA MET E 289 4.91 -49.57 6.79
C MET E 289 4.08 -48.37 7.28
N ALA E 290 3.33 -47.75 6.37
CA ALA E 290 2.49 -46.60 6.75
C ALA E 290 1.36 -46.96 7.72
N HIS E 291 0.65 -48.06 7.49
CA HIS E 291 -0.35 -48.48 8.46
C HIS E 291 0.35 -48.69 9.79
N ASN E 292 1.50 -49.33 9.70
CA ASN E 292 2.33 -49.64 10.86
C ASN E 292 2.69 -48.37 11.65
N LEU E 293 3.16 -47.34 10.96
CA LEU E 293 3.48 -46.07 11.61
C LEU E 293 2.25 -45.51 12.28
N MET E 294 1.11 -45.60 11.62
CA MET E 294 -0.12 -45.07 12.19
C MET E 294 -0.44 -45.79 13.51
N ARG E 295 -0.17 -47.10 13.55
CA ARG E 295 -0.35 -47.89 14.77
C ARG E 295 0.63 -47.42 15.84
N GLY E 296 1.86 -47.17 15.42
CA GLY E 296 2.94 -46.81 16.34
C GLY E 296 2.79 -45.41 16.89
N LEU E 297 1.98 -44.59 16.22
CA LEU E 297 1.77 -43.22 16.65
C LEU E 297 1.32 -43.14 18.10
N LYS E 298 0.46 -44.06 18.50
CA LYS E 298 0.08 -44.20 19.91
C LYS E 298 0.47 -45.58 20.47
N SER E 299 1.68 -46.02 20.13
CA SER E 299 2.34 -47.16 20.77
C SER E 299 1.55 -48.46 20.72
N GLY E 300 0.90 -48.71 19.58
CA GLY E 300 0.22 -49.96 19.35
C GLY E 300 -1.30 -49.86 19.36
N GLN E 301 -1.83 -48.71 19.75
CA GLN E 301 -3.27 -48.55 19.82
C GLN E 301 -3.85 -48.67 18.41
N PRO E 302 -4.86 -49.54 18.25
CA PRO E 302 -5.53 -49.69 16.95
C PRO E 302 -5.98 -48.32 16.41
N PHE E 303 -5.95 -48.16 15.09
CA PHE E 303 -6.34 -46.90 14.48
C PHE E 303 -7.56 -47.03 13.55
N MET E 304 -8.11 -45.88 13.14
CA MET E 304 -9.13 -45.81 12.10
C MET E 304 -8.48 -45.63 10.73
N LEU E 305 -8.91 -46.42 9.75
CA LEU E 305 -8.67 -46.09 8.34
C LEU E 305 -9.88 -45.22 7.96
N MET E 306 -9.65 -43.92 7.87
CA MET E 306 -10.74 -42.98 7.67
C MET E 306 -11.04 -42.85 6.17
N GLU E 307 -10.01 -42.95 5.34
CA GLU E 307 -10.19 -42.78 3.89
C GLU E 307 -9.32 -43.73 3.05
N GLN E 308 -9.92 -44.23 1.98
CA GLN E 308 -9.19 -44.84 0.87
C GLN E 308 -10.22 -44.81 -0.26
N THR E 309 -9.79 -44.95 -1.50
CA THR E 309 -10.75 -45.02 -2.58
C THR E 309 -11.27 -46.44 -2.77
N PRO E 310 -12.56 -46.56 -3.07
CA PRO E 310 -13.15 -47.87 -3.36
C PRO E 310 -12.76 -48.33 -4.77
N GLY E 311 -12.33 -47.40 -5.61
CA GLY E 311 -11.90 -47.71 -6.96
C GLY E 311 -10.70 -46.86 -7.37
N VAL E 312 -10.93 -45.90 -8.26
CA VAL E 312 -9.85 -45.07 -8.79
C VAL E 312 -9.61 -43.83 -7.96
N GLN E 313 -8.45 -43.20 -8.18
CA GLN E 313 -8.10 -41.92 -7.58
C GLN E 313 -8.31 -40.82 -8.61
N ASN E 314 -8.08 -39.57 -8.23
CA ASN E 314 -8.20 -38.48 -9.21
C ASN E 314 -6.94 -37.67 -9.39
N TRP E 315 -6.05 -37.70 -8.40
CA TRP E 315 -4.89 -36.81 -8.44
C TRP E 315 -3.56 -37.49 -8.77
N GLN E 316 -3.56 -38.81 -8.93
CA GLN E 316 -2.39 -39.48 -9.51
C GLN E 316 -2.31 -39.12 -10.99
N PRO E 317 -1.08 -39.14 -11.56
CA PRO E 317 -0.92 -38.88 -13.00
C PRO E 317 -1.78 -39.82 -13.84
N TYR E 318 -1.74 -41.12 -13.49
CA TYR E 318 -2.52 -42.16 -14.17
C TYR E 318 -3.34 -42.89 -13.13
N ASN E 319 -4.63 -42.56 -13.09
CA ASN E 319 -5.55 -43.15 -12.12
C ASN E 319 -6.10 -44.45 -12.68
N SER E 320 -5.36 -45.54 -12.45
CA SER E 320 -5.73 -46.85 -12.94
C SER E 320 -6.78 -47.47 -12.04
N ALA E 321 -7.68 -48.24 -12.64
CA ALA E 321 -8.69 -48.94 -11.86
C ALA E 321 -8.05 -49.93 -10.88
N LYS E 322 -8.73 -50.21 -9.78
CA LYS E 322 -8.24 -51.19 -8.84
C LYS E 322 -8.68 -52.55 -9.38
N ARG E 323 -7.74 -53.45 -9.67
CA ARG E 323 -8.12 -54.74 -10.25
C ARG E 323 -9.08 -55.44 -9.30
N PRO E 324 -9.87 -56.38 -9.83
CA PRO E 324 -10.78 -57.17 -9.00
C PRO E 324 -10.10 -57.78 -7.77
N GLY E 325 -10.68 -57.55 -6.59
CA GLY E 325 -10.17 -58.12 -5.35
C GLY E 325 -9.15 -57.24 -4.62
N VAL E 326 -8.55 -56.30 -5.34
CA VAL E 326 -7.51 -55.46 -4.75
C VAL E 326 -8.04 -54.51 -3.68
N MET E 327 -9.26 -54.03 -3.85
CA MET E 327 -9.88 -53.18 -2.87
C MET E 327 -9.97 -53.93 -1.53
N ARG E 328 -10.51 -55.14 -1.58
CA ARG E 328 -10.62 -56.00 -0.42
C ARG E 328 -9.25 -56.30 0.17
N LEU E 329 -8.31 -56.68 -0.71
CA LEU E 329 -6.94 -57.02 -0.32
C LEU E 329 -6.34 -55.89 0.52
N TRP E 330 -6.44 -54.66 0.02
CA TRP E 330 -5.84 -53.50 0.67
C TRP E 330 -6.59 -53.05 1.93
N SER E 331 -7.88 -53.36 2.01
CA SER E 331 -8.64 -53.07 3.22
C SER E 331 -8.18 -53.99 4.34
N TYR E 332 -8.08 -55.29 4.04
CA TYR E 332 -7.57 -56.22 5.04
C TYR E 332 -6.11 -55.98 5.38
N GLN E 333 -5.33 -55.46 4.44
CA GLN E 333 -3.94 -55.12 4.76
C GLN E 333 -3.92 -54.06 5.87
N ALA E 334 -4.79 -53.05 5.76
CA ALA E 334 -4.92 -52.03 6.79
C ALA E 334 -5.30 -52.65 8.15
N VAL E 335 -6.26 -53.55 8.15
CA VAL E 335 -6.74 -54.18 9.36
C VAL E 335 -5.63 -55.07 9.93
N ALA E 336 -4.89 -55.69 9.04
CA ALA E 336 -3.76 -56.53 9.40
C ALA E 336 -2.73 -55.78 10.26
N HIS E 337 -2.59 -54.48 10.02
CA HIS E 337 -1.60 -53.71 10.74
C HIS E 337 -2.19 -52.83 11.84
N GLY E 338 -3.47 -53.03 12.15
CA GLY E 338 -4.07 -52.34 13.28
C GLY E 338 -5.27 -51.45 13.02
N ALA E 339 -5.78 -51.43 11.79
CA ALA E 339 -7.00 -50.70 11.51
C ALA E 339 -8.20 -51.39 12.17
N ASP E 340 -9.06 -50.62 12.83
CA ASP E 340 -10.28 -51.17 13.44
C ASP E 340 -11.52 -50.62 12.73
N THR E 341 -11.29 -49.96 11.61
CA THR E 341 -12.36 -49.53 10.73
C THR E 341 -11.83 -49.63 9.32
N VAL E 342 -12.72 -49.77 8.34
CA VAL E 342 -12.31 -49.49 6.97
C VAL E 342 -13.34 -48.60 6.32
N MET E 343 -12.90 -47.42 5.92
CA MET E 343 -13.83 -46.41 5.45
C MET E 343 -13.29 -45.77 4.21
N PHE E 344 -14.19 -45.29 3.37
CA PHE E 344 -13.84 -44.79 2.07
C PHE E 344 -14.03 -43.29 1.96
N PHE E 345 -13.28 -42.68 1.06
CA PHE E 345 -13.77 -41.51 0.37
C PHE E 345 -14.12 -42.00 -1.05
N GLN E 346 -15.38 -41.98 -1.44
CA GLN E 346 -16.49 -41.56 -0.59
C GLN E 346 -17.69 -42.46 -0.97
N LEU E 347 -18.85 -42.23 -0.38
CA LEU E 347 -19.96 -43.15 -0.58
C LEU E 347 -20.75 -42.89 -1.87
N ARG E 348 -20.85 -41.63 -2.30
CA ARG E 348 -21.38 -41.30 -3.63
C ARG E 348 -20.54 -40.23 -4.34
N ARG E 349 -20.28 -40.42 -5.63
CA ARG E 349 -19.40 -39.53 -6.38
C ARG E 349 -20.00 -38.13 -6.49
N SER E 350 -19.15 -37.13 -6.42
CA SER E 350 -19.59 -35.77 -6.66
C SER E 350 -19.70 -35.55 -8.17
N VAL E 351 -20.11 -34.35 -8.55
CA VAL E 351 -20.73 -34.18 -9.85
C VAL E 351 -20.22 -33.10 -10.83
N GLY E 352 -19.47 -32.09 -10.41
CA GLY E 352 -18.83 -31.94 -9.11
C GLY E 352 -17.68 -31.04 -9.49
N ALA E 353 -16.74 -30.79 -8.59
CA ALA E 353 -15.56 -30.05 -9.04
C ALA E 353 -14.43 -31.03 -9.33
N CYS E 354 -13.31 -30.86 -8.63
CA CYS E 354 -12.10 -31.61 -8.95
C CYS E 354 -12.12 -33.08 -8.49
N GLU E 355 -13.17 -33.48 -7.78
CA GLU E 355 -13.25 -34.87 -7.35
C GLU E 355 -14.33 -35.67 -8.07
N LYS E 356 -14.78 -35.19 -9.24
CA LYS E 356 -15.85 -35.88 -9.95
C LYS E 356 -15.42 -37.25 -10.49
N TYR E 357 -14.11 -37.41 -10.75
CA TYR E 357 -13.59 -38.67 -11.25
C TYR E 357 -12.78 -39.40 -10.18
N HIS E 358 -13.06 -39.05 -8.93
CA HIS E 358 -12.60 -39.86 -7.80
C HIS E 358 -13.63 -40.96 -7.58
N GLY E 359 -13.18 -42.15 -7.22
CA GLY E 359 -14.09 -43.26 -7.06
C GLY E 359 -15.04 -43.13 -5.89
N ALA E 360 -16.10 -43.93 -5.91
CA ALA E 360 -17.06 -43.95 -4.82
C ALA E 360 -17.79 -45.29 -4.86
N VAL E 361 -18.52 -45.61 -3.78
CA VAL E 361 -19.29 -46.84 -3.75
C VAL E 361 -20.45 -46.77 -4.75
N ILE E 362 -21.22 -45.69 -4.67
CA ILE E 362 -22.24 -45.39 -5.66
C ILE E 362 -21.67 -44.35 -6.59
N GLU E 363 -21.64 -44.67 -7.89
CA GLU E 363 -20.99 -43.82 -8.87
C GLU E 363 -22.02 -43.17 -9.80
N HIS E 364 -21.60 -42.64 -10.95
CA HIS E 364 -22.51 -41.78 -11.72
C HIS E 364 -23.72 -42.47 -12.34
N VAL E 365 -23.61 -43.76 -12.71
CA VAL E 365 -24.80 -44.50 -13.14
C VAL E 365 -25.88 -44.37 -12.10
N GLY E 366 -25.46 -44.30 -10.83
CA GLY E 366 -26.39 -44.16 -9.73
C GLY E 366 -27.11 -45.43 -9.29
N HIS E 367 -26.53 -46.60 -9.53
CA HIS E 367 -27.14 -47.83 -9.01
C HIS E 367 -26.10 -48.85 -8.55
N GLU E 368 -26.58 -49.97 -8.03
CA GLU E 368 -25.71 -50.96 -7.38
C GLU E 368 -25.13 -52.05 -8.31
N HIS E 369 -25.54 -52.04 -9.57
CA HIS E 369 -25.11 -53.10 -10.49
C HIS E 369 -23.85 -52.70 -11.21
N THR E 370 -22.77 -52.77 -10.45
CA THR E 370 -21.51 -52.23 -10.83
C THR E 370 -20.45 -53.13 -10.22
N ARG E 371 -19.34 -53.31 -10.94
CA ARG E 371 -18.24 -54.10 -10.42
C ARG E 371 -17.78 -53.55 -9.06
N VAL E 372 -17.60 -52.24 -8.98
CA VAL E 372 -17.16 -51.59 -7.75
C VAL E 372 -18.13 -51.75 -6.60
N PHE E 373 -19.43 -51.63 -6.90
CA PHE E 373 -20.42 -51.79 -5.83
C PHE E 373 -20.42 -53.23 -5.30
N ARG E 374 -20.33 -54.21 -6.21
CA ARG E 374 -20.28 -55.61 -5.82
C ARG E 374 -19.11 -55.90 -4.88
N GLU E 375 -17.94 -55.43 -5.26
CA GLU E 375 -16.76 -55.62 -4.41
C GLU E 375 -16.93 -54.98 -3.02
N CYS E 376 -17.54 -53.79 -2.96
CA CYS E 376 -17.76 -53.16 -1.66
C CYS E 376 -18.76 -53.92 -0.81
N ALA E 377 -19.81 -54.42 -1.47
CA ALA E 377 -20.85 -55.17 -0.79
C ALA E 377 -20.27 -56.48 -0.27
N GLU E 378 -19.45 -57.14 -1.09
CA GLU E 378 -18.78 -58.36 -0.65
C GLU E 378 -17.97 -58.13 0.64
N LEU E 379 -17.19 -57.05 0.68
CA LEU E 379 -16.38 -56.76 1.86
C LEU E 379 -17.29 -56.50 3.05
N GLY E 380 -18.28 -55.64 2.82
CA GLY E 380 -19.28 -55.32 3.82
C GLY E 380 -19.87 -56.51 4.56
N LYS E 381 -20.22 -57.57 3.81
CA LYS E 381 -20.76 -58.77 4.43
C LYS E 381 -19.74 -59.48 5.33
N GLU E 382 -18.52 -59.63 4.83
CA GLU E 382 -17.49 -60.28 5.64
C GLU E 382 -17.32 -59.53 6.97
N LEU E 383 -17.19 -58.21 6.89
CA LEU E 383 -17.00 -57.39 8.08
C LEU E 383 -18.17 -57.56 9.06
N GLN E 384 -19.38 -57.65 8.53
CA GLN E 384 -20.51 -57.96 9.39
C GLN E 384 -20.32 -59.31 10.06
N GLN E 385 -19.88 -60.29 9.28
CA GLN E 385 -19.69 -61.64 9.79
C GLN E 385 -18.57 -61.74 10.83
N LEU E 386 -17.55 -60.90 10.70
CA LEU E 386 -16.46 -60.90 11.68
C LEU E 386 -16.89 -60.39 13.06
N GLY E 387 -17.89 -59.51 13.09
CA GLY E 387 -18.28 -58.89 14.34
C GLY E 387 -17.07 -58.32 15.09
N ASP E 388 -16.97 -58.62 16.37
CA ASP E 388 -15.98 -57.97 17.23
C ASP E 388 -14.67 -58.76 17.37
N THR E 389 -14.51 -59.81 16.57
CA THR E 389 -13.41 -60.75 16.75
C THR E 389 -12.03 -60.14 16.92
N ILE E 390 -11.68 -59.26 15.98
CA ILE E 390 -10.32 -58.75 15.86
C ILE E 390 -10.13 -57.42 16.59
N LEU E 391 -11.24 -56.76 16.93
CA LEU E 391 -11.18 -55.45 17.58
C LEU E 391 -10.23 -55.47 18.77
N ASP E 392 -9.37 -54.46 18.88
CA ASP E 392 -8.44 -54.29 20.00
C ASP E 392 -7.20 -55.17 19.97
N ALA E 393 -7.11 -56.07 19.01
CA ALA E 393 -5.96 -56.95 18.88
C ALA E 393 -4.71 -56.11 18.62
N ARG E 394 -3.58 -56.53 19.18
CA ARG E 394 -2.36 -55.76 19.08
C ARG E 394 -1.18 -56.53 18.50
N SER E 395 -0.19 -55.78 18.02
CA SER E 395 1.08 -56.34 17.59
C SER E 395 1.92 -56.79 18.80
N GLU E 396 2.57 -57.94 18.70
CA GLU E 396 3.51 -58.36 19.71
C GLU E 396 4.90 -58.43 19.09
N ALA E 397 5.14 -57.56 18.11
CA ALA E 397 6.45 -57.47 17.48
C ALA E 397 7.59 -57.52 18.51
N LYS E 398 8.64 -58.26 18.19
CA LYS E 398 9.87 -58.22 18.98
C LYS E 398 11.00 -57.45 18.28
N VAL E 399 10.73 -56.94 17.08
CA VAL E 399 11.65 -56.11 16.31
C VAL E 399 11.04 -54.73 16.05
N ALA E 400 11.81 -53.67 16.23
CA ALA E 400 11.29 -52.31 16.03
C ALA E 400 12.13 -51.54 15.02
N VAL E 401 11.48 -50.61 14.32
CA VAL E 401 12.21 -49.68 13.47
C VAL E 401 11.76 -48.25 13.66
N MET E 402 12.74 -47.37 13.86
CA MET E 402 12.52 -46.01 14.32
C MET E 402 12.37 -45.07 13.14
N TYR E 403 11.50 -44.09 13.33
CA TYR E 403 11.26 -43.04 12.36
C TYR E 403 11.00 -41.75 13.14
N ASP E 404 11.48 -40.64 12.61
CA ASP E 404 11.29 -39.36 13.30
C ASP E 404 11.20 -38.18 12.35
N TRP E 405 10.16 -37.35 12.57
CA TRP E 405 9.91 -36.20 11.70
C TRP E 405 10.98 -35.11 11.78
N GLU E 406 11.46 -34.81 12.99
CA GLU E 406 12.45 -33.75 13.14
C GLU E 406 13.76 -34.18 12.50
N ASN E 407 14.09 -35.45 12.68
CA ASN E 407 15.22 -36.04 12.00
C ASN E 407 15.01 -35.93 10.48
N ARG E 408 13.82 -36.26 10.03
CA ARG E 408 13.51 -36.12 8.61
C ARG E 408 13.68 -34.68 8.13
N TRP E 409 13.18 -33.72 8.89
CA TRP E 409 13.29 -32.31 8.51
C TRP E 409 14.76 -31.91 8.36
N ALA E 410 15.57 -32.24 9.36
CA ALA E 410 16.99 -31.91 9.36
C ALA E 410 17.72 -32.50 8.14
N LEU E 411 17.46 -33.77 7.84
CA LEU E 411 18.10 -34.46 6.70
C LEU E 411 17.72 -33.89 5.34
N GLU E 412 16.44 -33.54 5.17
CA GLU E 412 15.99 -32.98 3.91
C GLU E 412 16.43 -31.52 3.71
N LEU E 413 16.60 -30.78 4.79
CA LEU E 413 17.01 -29.37 4.71
C LEU E 413 18.51 -29.26 4.54
N SER E 414 19.21 -30.34 4.88
CA SER E 414 20.66 -30.35 4.88
C SER E 414 21.26 -30.14 3.48
N SER E 415 22.44 -29.52 3.42
CA SER E 415 23.16 -29.50 2.15
C SER E 415 24.63 -29.91 2.29
N GLY E 416 25.08 -30.95 1.60
CA GLY E 416 24.32 -32.12 1.24
C GLY E 416 24.46 -33.08 2.44
N PRO E 417 25.28 -34.13 2.34
CA PRO E 417 26.28 -34.56 1.33
C PRO E 417 25.77 -35.14 0.00
N SER E 418 24.48 -35.48 -0.09
CA SER E 418 23.99 -36.10 -1.33
C SER E 418 22.49 -36.00 -1.53
N ILE E 419 22.09 -35.46 -2.67
CA ILE E 419 20.67 -35.38 -2.98
C ILE E 419 20.07 -36.77 -3.24
N ALA E 420 20.92 -37.79 -3.35
CA ALA E 420 20.46 -39.17 -3.50
C ALA E 420 20.07 -39.80 -2.17
N LEU E 421 20.41 -39.13 -1.07
CA LEU E 421 19.98 -39.60 0.25
C LEU E 421 18.52 -39.23 0.51
N ASN E 422 17.69 -40.26 0.65
CA ASN E 422 16.28 -40.08 0.92
C ASN E 422 15.91 -40.84 2.18
N TYR E 423 15.73 -40.10 3.27
CA TYR E 423 15.49 -40.69 4.58
C TYR E 423 14.45 -41.82 4.54
N VAL E 424 13.28 -41.51 4.01
CA VAL E 424 12.20 -42.48 3.98
C VAL E 424 12.56 -43.75 3.18
N ASN E 425 13.21 -43.61 2.03
CA ASN E 425 13.66 -44.78 1.27
C ASN E 425 14.57 -45.70 2.09
N GLU E 426 15.45 -45.09 2.88
CA GLU E 426 16.39 -45.85 3.67
C GLU E 426 15.66 -46.59 4.76
N VAL E 427 14.72 -45.93 5.42
CA VAL E 427 13.93 -46.60 6.44
C VAL E 427 13.16 -47.76 5.81
N HIS E 428 12.53 -47.49 4.67
CA HIS E 428 11.82 -48.52 3.93
C HIS E 428 12.70 -49.71 3.56
N LYS E 429 13.95 -49.47 3.20
CA LYS E 429 14.84 -50.57 2.82
C LYS E 429 14.94 -51.63 3.93
N TYR E 430 15.05 -51.17 5.17
CA TYR E 430 15.15 -52.05 6.32
C TYR E 430 13.80 -52.70 6.65
N TYR E 431 12.74 -51.91 6.66
CA TYR E 431 11.41 -52.44 6.91
C TYR E 431 11.03 -53.51 5.89
N ASP E 432 11.36 -53.25 4.63
CA ASP E 432 11.04 -54.14 3.52
C ASP E 432 11.69 -55.52 3.73
N ALA E 433 12.97 -55.52 4.12
CA ALA E 433 13.69 -56.74 4.41
C ALA E 433 13.03 -57.58 5.52
N LEU E 434 12.41 -56.94 6.49
CA LEU E 434 11.65 -57.64 7.52
C LEU E 434 10.31 -58.16 6.96
N TYR E 435 9.67 -57.32 6.16
CA TYR E 435 8.38 -57.63 5.53
C TYR E 435 8.50 -58.86 4.65
N LYS E 436 9.56 -58.94 3.84
CA LYS E 436 9.75 -60.07 2.94
C LYS E 436 9.96 -61.41 3.66
N GLN E 437 10.29 -61.36 4.95
CA GLN E 437 10.53 -62.57 5.73
C GLN E 437 9.45 -62.82 6.78
N ASN E 438 8.36 -62.06 6.69
CA ASN E 438 7.25 -62.13 7.64
C ASN E 438 7.67 -62.01 9.11
N ILE E 439 8.65 -61.16 9.38
CA ILE E 439 9.04 -60.88 10.76
C ILE E 439 8.15 -59.78 11.30
N GLN E 440 7.32 -60.10 12.29
CA GLN E 440 6.45 -59.09 12.90
C GLN E 440 7.29 -57.90 13.40
N THR E 441 6.97 -56.69 12.95
CA THR E 441 7.72 -55.52 13.35
C THR E 441 6.81 -54.33 13.69
N ASP E 442 7.26 -53.46 14.59
CA ASP E 442 6.57 -52.19 14.87
C ASP E 442 7.39 -51.00 14.35
N MET E 443 6.73 -50.06 13.67
CA MET E 443 7.31 -48.72 13.48
C MET E 443 7.14 -47.94 14.79
N ILE E 444 8.21 -47.31 15.27
CA ILE E 444 8.14 -46.65 16.59
C ILE E 444 8.84 -45.30 16.59
N SER E 445 8.55 -44.49 17.61
CA SER E 445 9.22 -43.20 17.75
C SER E 445 10.58 -43.39 18.41
N VAL E 446 11.44 -42.37 18.33
CA VAL E 446 12.73 -42.43 18.98
C VAL E 446 12.54 -42.37 20.47
N GLU E 447 11.32 -42.08 20.90
CA GLU E 447 11.01 -41.86 22.30
C GLU E 447 10.35 -43.10 22.92
N GLU E 448 10.00 -44.09 22.11
CA GLU E 448 9.31 -45.30 22.59
C GLU E 448 10.07 -46.11 23.65
N ASP E 449 9.31 -46.78 24.51
CA ASP E 449 9.90 -47.71 25.46
C ASP E 449 10.50 -48.89 24.71
N LEU E 450 11.75 -49.23 25.04
CA LEU E 450 12.47 -50.22 24.23
C LEU E 450 12.43 -51.62 24.83
N SER E 451 11.81 -51.75 26.00
CA SER E 451 11.82 -52.99 26.77
C SER E 451 11.16 -54.18 26.08
N LYS E 452 10.13 -53.93 25.28
CA LYS E 452 9.44 -55.07 24.69
C LYS E 452 10.13 -55.58 23.42
N TYR E 453 11.23 -54.95 23.03
CA TYR E 453 11.89 -55.32 21.78
C TYR E 453 13.20 -56.06 22.00
N LYS E 454 13.55 -56.88 21.02
CA LYS E 454 14.81 -57.57 21.06
C LYS E 454 15.73 -56.94 20.04
N VAL E 455 15.17 -56.41 18.96
CA VAL E 455 15.97 -55.76 17.92
C VAL E 455 15.42 -54.38 17.56
N VAL E 456 16.29 -53.36 17.67
CA VAL E 456 15.91 -52.00 17.34
C VAL E 456 16.80 -51.44 16.24
N ILE E 457 16.15 -51.02 15.16
CA ILE E 457 16.81 -50.54 13.97
C ILE E 457 16.49 -49.06 13.74
N ALA E 458 17.52 -48.25 13.57
CA ALA E 458 17.36 -46.81 13.38
C ALA E 458 18.20 -46.32 12.20
N PRO E 459 17.64 -46.42 10.98
CA PRO E 459 18.38 -46.02 9.78
C PRO E 459 18.56 -44.50 9.70
N VAL E 460 19.76 -44.08 9.35
CA VAL E 460 20.11 -42.66 9.30
C VAL E 460 19.57 -41.84 10.49
N MET E 461 19.96 -42.22 11.70
CA MET E 461 19.57 -41.48 12.90
C MET E 461 20.51 -40.30 13.03
N TYR E 462 20.39 -39.41 12.05
CA TYR E 462 21.17 -38.22 11.87
C TYR E 462 21.11 -37.36 13.10
N MET E 463 19.90 -37.13 13.59
CA MET E 463 19.67 -36.29 14.76
C MET E 463 19.49 -37.14 16.00
N VAL E 464 20.27 -36.84 17.05
CA VAL E 464 20.15 -37.50 18.35
C VAL E 464 19.63 -36.51 19.40
N LYS E 465 18.45 -36.79 19.93
CA LYS E 465 17.81 -35.86 20.84
C LYS E 465 18.18 -36.18 22.29
N PRO E 466 17.90 -35.25 23.21
CA PRO E 466 18.21 -35.52 24.62
C PRO E 466 17.59 -36.84 25.06
N GLY E 467 18.33 -37.65 25.81
CA GLY E 467 17.81 -38.92 26.32
C GLY E 467 18.00 -40.11 25.42
N PHE E 468 18.11 -39.88 24.12
CA PHE E 468 18.17 -40.96 23.15
C PHE E 468 19.36 -41.91 23.27
N ALA E 469 20.58 -41.36 23.28
CA ALA E 469 21.77 -42.20 23.34
C ALA E 469 21.79 -43.04 24.61
N GLU E 470 21.46 -42.43 25.74
CA GLU E 470 21.45 -43.15 27.00
C GLU E 470 20.42 -44.28 27.00
N ARG E 471 19.26 -43.98 26.45
CA ARG E 471 18.18 -44.95 26.32
C ARG E 471 18.64 -46.16 25.47
N VAL E 472 19.28 -45.91 24.33
CA VAL E 472 19.70 -47.04 23.51
C VAL E 472 20.85 -47.81 24.16
N GLU E 473 21.70 -47.13 24.92
CA GLU E 473 22.80 -47.79 25.63
C GLU E 473 22.28 -48.74 26.68
N ARG E 474 21.29 -48.29 27.43
CA ARG E 474 20.66 -49.10 28.43
C ARG E 474 19.97 -50.32 27.78
N PHE E 475 19.26 -50.06 26.67
CA PHE E 475 18.62 -51.13 25.89
C PHE E 475 19.61 -52.20 25.43
N VAL E 476 20.70 -51.76 24.80
CA VAL E 476 21.73 -52.66 24.30
C VAL E 476 22.41 -53.43 25.43
N ALA E 477 22.70 -52.73 26.52
CA ALA E 477 23.40 -53.32 27.65
C ALA E 477 22.57 -54.42 28.29
N GLN E 478 21.25 -54.24 28.33
CA GLN E 478 20.38 -55.22 28.97
C GLN E 478 20.19 -56.46 28.12
N GLY E 479 20.70 -56.41 26.89
CA GLY E 479 20.73 -57.60 26.04
C GLY E 479 20.16 -57.40 24.65
N GLY E 480 19.69 -56.19 24.35
CA GLY E 480 19.06 -55.92 23.06
C GLY E 480 20.07 -55.75 21.95
N THR E 481 19.63 -55.88 20.71
CA THR E 481 20.49 -55.46 19.61
C THR E 481 19.97 -54.21 18.91
N PHE E 482 20.90 -53.29 18.66
CA PHE E 482 20.61 -51.99 18.06
C PHE E 482 21.35 -51.89 16.75
N VAL E 483 20.69 -51.35 15.73
CA VAL E 483 21.31 -51.18 14.43
C VAL E 483 21.17 -49.73 13.96
N THR E 484 22.26 -49.17 13.45
CA THR E 484 22.21 -47.88 12.82
C THR E 484 23.22 -47.82 11.68
N THR E 485 23.33 -46.66 11.04
CA THR E 485 23.97 -46.57 9.73
C THR E 485 24.88 -45.35 9.56
N PHE E 486 25.51 -45.27 8.40
CA PHE E 486 26.16 -44.06 7.92
C PHE E 486 25.35 -42.81 8.23
N PHE E 487 26.04 -41.72 8.50
CA PHE E 487 25.41 -40.44 8.71
C PHE E 487 24.41 -40.47 9.87
N SER E 488 24.76 -41.21 10.92
CA SER E 488 23.97 -41.23 12.12
C SER E 488 24.70 -40.55 13.27
N GLY E 489 23.94 -40.00 14.21
CA GLY E 489 24.55 -39.34 15.36
C GLY E 489 25.41 -38.14 15.06
N ILE E 490 25.03 -37.37 14.06
CA ILE E 490 25.84 -36.23 13.62
C ILE E 490 25.51 -34.95 14.39
N VAL E 491 24.22 -34.73 14.63
CA VAL E 491 23.77 -33.45 15.20
C VAL E 491 22.81 -33.63 16.36
N ASN E 492 22.53 -32.52 17.04
CA ASN E 492 21.57 -32.49 18.14
C ASN E 492 20.23 -31.89 17.68
N GLU E 493 19.29 -31.72 18.60
CA GLU E 493 17.96 -31.14 18.34
C GLU E 493 17.94 -29.83 17.52
N ASN E 494 19.03 -29.06 17.57
CA ASN E 494 19.12 -27.82 16.79
C ASN E 494 19.90 -27.97 15.48
N ASP E 495 20.11 -29.21 15.04
CA ASP E 495 20.92 -29.46 13.85
C ASP E 495 22.33 -28.88 14.04
N LEU E 496 22.79 -28.82 15.29
CA LEU E 496 24.19 -28.50 15.56
C LEU E 496 25.05 -29.78 15.65
N VAL E 497 26.16 -29.80 14.92
CA VAL E 497 27.08 -30.94 14.94
C VAL E 497 27.65 -31.22 16.33
N THR E 498 27.52 -32.46 16.76
CA THR E 498 28.18 -32.94 17.98
C THR E 498 29.65 -33.23 17.66
N LEU E 499 30.54 -32.41 18.23
CA LEU E 499 31.95 -32.44 17.87
C LEU E 499 32.70 -33.60 18.50
N GLY E 500 33.87 -33.89 17.97
CA GLY E 500 34.77 -34.84 18.60
C GLY E 500 34.80 -36.22 17.97
N GLY E 501 34.01 -36.40 16.89
CA GLY E 501 34.00 -37.65 16.14
C GLY E 501 32.63 -38.27 15.94
N TYR E 502 32.23 -38.45 14.69
CA TYR E 502 31.03 -39.23 14.39
C TYR E 502 31.23 -40.68 14.88
N PRO E 503 30.16 -41.32 15.35
CA PRO E 503 28.80 -40.78 15.50
C PRO E 503 28.51 -40.20 16.89
N GLY E 504 29.44 -39.39 17.41
CA GLY E 504 29.18 -38.58 18.58
C GLY E 504 28.66 -39.35 19.78
N GLU E 505 27.41 -39.07 20.15
CA GLU E 505 26.81 -39.67 21.33
C GLU E 505 26.58 -41.18 21.16
N LEU E 506 26.65 -41.66 19.92
CA LEU E 506 26.50 -43.09 19.64
C LEU E 506 27.84 -43.79 19.51
N ARG E 507 28.92 -43.00 19.58
CA ARG E 507 30.29 -43.48 19.44
C ARG E 507 30.63 -44.68 20.34
N ASN E 508 30.36 -44.58 21.63
CA ASN E 508 30.71 -45.65 22.55
C ASN E 508 29.88 -46.90 22.34
N VAL E 509 28.58 -46.74 22.11
CA VAL E 509 27.76 -47.91 21.89
C VAL E 509 28.01 -48.60 20.54
N MET E 510 28.42 -47.87 19.51
CA MET E 510 28.67 -48.47 18.19
C MET E 510 30.10 -49.00 18.04
N GLY E 511 31.01 -48.52 18.89
CA GLY E 511 32.36 -49.05 18.90
C GLY E 511 33.20 -48.71 17.67
N ILE E 512 32.78 -47.70 16.92
CA ILE E 512 33.50 -47.23 15.74
C ILE E 512 33.59 -45.70 15.69
N TRP E 513 34.59 -45.19 14.98
CA TRP E 513 34.70 -43.78 14.67
C TRP E 513 34.57 -43.60 13.16
N ALA E 514 33.58 -42.81 12.74
CA ALA E 514 33.40 -42.48 11.33
C ALA E 514 34.17 -41.20 11.01
N GLU E 515 35.23 -41.37 10.23
CA GLU E 515 36.14 -40.27 9.94
C GLU E 515 35.60 -39.34 8.85
N GLU E 516 35.21 -39.90 7.71
CA GLU E 516 34.66 -39.09 6.63
C GLU E 516 33.61 -39.89 5.85
N ILE E 517 32.71 -39.18 5.18
CA ILE E 517 31.71 -39.84 4.38
C ILE E 517 31.89 -39.50 2.89
N ASP E 518 31.61 -40.47 2.02
CA ASP E 518 31.82 -40.32 0.58
C ASP E 518 30.52 -40.49 -0.21
N ALA E 519 30.10 -39.45 -0.92
CA ALA E 519 28.89 -39.52 -1.75
C ALA E 519 29.20 -40.16 -3.10
N LEU E 520 28.38 -41.11 -3.52
CA LEU E 520 28.59 -41.74 -4.83
C LEU E 520 27.77 -41.04 -5.92
N LEU E 521 28.34 -40.99 -7.12
CA LEU E 521 27.59 -40.62 -8.30
C LEU E 521 26.53 -41.68 -8.58
N PRO E 522 25.37 -41.25 -9.09
CA PRO E 522 24.27 -42.15 -9.46
C PRO E 522 24.79 -43.28 -10.34
N GLY E 523 24.40 -44.52 -10.05
CA GLY E 523 24.86 -45.65 -10.83
C GLY E 523 26.22 -46.18 -10.42
N HIS E 524 26.90 -45.49 -9.50
CA HIS E 524 28.14 -46.01 -8.93
C HIS E 524 27.85 -46.82 -7.68
N GLN E 525 28.54 -47.93 -7.52
CA GLN E 525 28.37 -48.75 -6.34
C GLN E 525 29.73 -49.16 -5.83
N ASN E 526 29.84 -49.35 -4.53
CA ASN E 526 30.98 -50.04 -3.99
C ASN E 526 30.53 -51.47 -3.73
N GLU E 527 31.39 -52.28 -3.13
CA GLU E 527 30.97 -53.63 -2.79
C GLU E 527 31.23 -53.95 -1.32
N ILE E 528 30.27 -54.68 -0.72
CA ILE E 528 30.40 -55.19 0.63
C ILE E 528 31.00 -56.58 0.58
N VAL E 529 32.11 -56.76 1.29
CA VAL E 529 32.85 -58.02 1.25
C VAL E 529 32.95 -58.66 2.62
N LEU E 530 32.23 -59.76 2.80
CA LEU E 530 32.29 -60.47 4.08
C LEU E 530 33.66 -61.08 4.40
N ARG E 531 34.11 -60.91 5.64
CA ARG E 531 35.40 -61.45 6.07
C ARG E 531 35.36 -62.97 6.07
N GLN E 532 34.29 -63.52 6.64
CA GLN E 532 34.00 -64.94 6.57
C GLN E 532 32.49 -65.12 6.47
N ASP E 533 32.07 -66.29 6.00
CA ASP E 533 30.66 -66.62 5.99
C ASP E 533 30.07 -66.37 7.38
N TRP E 534 28.90 -65.73 7.42
CA TRP E 534 28.24 -65.44 8.69
C TRP E 534 26.73 -65.57 8.48
N GLY E 535 26.16 -66.62 9.03
CA GLY E 535 24.75 -66.92 8.82
C GLY E 535 24.34 -66.84 7.36
N GLY E 536 23.32 -66.01 7.06
CA GLY E 536 22.83 -65.85 5.71
C GLY E 536 23.72 -64.98 4.82
N LEU E 537 24.80 -64.47 5.40
CA LEU E 537 25.68 -63.53 4.71
C LEU E 537 26.97 -64.19 4.25
N ARG E 538 27.25 -64.03 2.96
CA ARG E 538 28.26 -64.82 2.30
C ARG E 538 28.75 -64.04 1.10
N GLY E 539 30.06 -63.97 0.91
CA GLY E 539 30.62 -63.39 -0.29
C GLY E 539 30.45 -61.88 -0.38
N SER E 540 30.09 -61.43 -1.58
CA SER E 540 30.00 -60.02 -1.85
C SER E 540 28.59 -59.58 -2.14
N TYR E 541 28.31 -58.31 -1.82
CA TYR E 541 27.06 -57.65 -2.13
C TYR E 541 27.37 -56.23 -2.59
N SER E 542 26.42 -55.58 -3.25
CA SER E 542 26.67 -54.22 -3.66
C SER E 542 26.13 -53.22 -2.62
N CYS E 543 26.70 -52.03 -2.60
CA CYS E 543 26.15 -50.94 -1.81
C CYS E 543 26.45 -49.63 -2.53
N GLY E 544 25.77 -48.56 -2.13
CA GLY E 544 25.92 -47.30 -2.83
C GLY E 544 25.38 -46.10 -2.08
N ILE E 545 25.08 -45.03 -2.83
CA ILE E 545 24.59 -43.77 -2.27
C ILE E 545 25.63 -43.05 -1.40
N LEU E 546 25.85 -43.51 -0.19
CA LEU E 546 26.93 -42.95 0.61
C LEU E 546 27.80 -44.07 1.16
N CYS E 547 29.10 -43.81 1.28
CA CYS E 547 30.01 -44.76 1.91
C CYS E 547 30.73 -44.07 3.03
N ASP E 548 30.44 -44.50 4.25
CA ASP E 548 31.13 -43.97 5.43
C ASP E 548 32.47 -44.68 5.58
N VAL E 549 33.55 -43.91 5.66
CA VAL E 549 34.89 -44.45 5.91
C VAL E 549 35.12 -44.40 7.41
N ILE E 550 35.29 -45.57 8.03
CA ILE E 550 35.29 -45.64 9.49
C ILE E 550 36.43 -46.50 10.07
N HIS E 551 36.63 -46.37 11.38
CA HIS E 551 37.63 -47.16 12.09
C HIS E 551 36.94 -47.92 13.21
N ALA E 552 37.32 -49.18 13.40
CA ALA E 552 36.80 -49.97 14.50
C ALA E 552 37.60 -49.65 15.74
N GLU E 553 36.91 -49.40 16.85
CA GLU E 553 37.58 -49.08 18.09
C GLU E 553 37.38 -50.20 19.08
N THR E 554 36.12 -50.59 19.27
CA THR E 554 35.81 -51.71 20.14
C THR E 554 35.10 -52.80 19.36
N ALA E 555 34.55 -52.44 18.20
CA ALA E 555 33.68 -53.34 17.47
C ALA E 555 34.50 -54.28 16.60
N GLU E 556 33.98 -55.47 16.34
CA GLU E 556 34.67 -56.33 15.38
C GLU E 556 34.18 -56.04 13.97
N VAL E 557 35.09 -56.19 13.01
CA VAL E 557 34.77 -56.01 11.60
C VAL E 557 34.21 -57.30 11.01
N LEU E 558 32.99 -57.25 10.50
CA LEU E 558 32.37 -58.42 9.85
C LEU E 558 32.49 -58.39 8.33
N ALA E 559 32.57 -57.19 7.77
CA ALA E 559 32.64 -57.04 6.32
C ALA E 559 33.39 -55.75 6.00
N GLU E 560 34.01 -55.71 4.82
CA GLU E 560 34.79 -54.54 4.46
C GLU E 560 34.55 -54.14 3.01
N TYR E 561 34.96 -52.93 2.67
CA TYR E 561 34.73 -52.42 1.33
C TYR E 561 35.54 -53.20 0.31
N GLY E 562 34.94 -53.44 -0.84
CA GLY E 562 35.62 -54.14 -1.92
C GLY E 562 36.44 -53.26 -2.87
N ALA E 563 36.13 -51.97 -2.95
CA ALA E 563 36.78 -51.09 -3.93
C ALA E 563 37.07 -49.66 -3.46
N ASP E 564 37.58 -48.84 -4.38
CA ASP E 564 37.94 -47.44 -4.10
C ASP E 564 39.04 -47.26 -3.06
N TYR E 565 39.37 -46.01 -2.72
CA TYR E 565 40.54 -45.73 -1.89
C TYR E 565 40.39 -46.21 -0.45
N TYR E 566 39.17 -46.62 -0.10
CA TYR E 566 38.93 -47.15 1.22
C TYR E 566 38.64 -48.66 1.20
N LYS E 567 39.01 -49.31 0.10
CA LYS E 567 38.95 -50.77 0.03
C LYS E 567 39.65 -51.34 1.24
N GLY E 568 39.06 -52.37 1.83
CA GLY E 568 39.66 -53.01 2.98
C GLY E 568 39.35 -52.38 4.33
N THR E 569 38.63 -51.27 4.33
CA THR E 569 38.20 -50.67 5.60
C THR E 569 36.79 -51.17 5.92
N PRO E 570 36.35 -51.00 7.17
CA PRO E 570 35.10 -51.67 7.59
C PRO E 570 33.84 -51.08 6.99
N VAL E 571 32.89 -51.94 6.63
CA VAL E 571 31.60 -51.49 6.15
C VAL E 571 30.47 -52.08 7.00
N LEU E 572 30.74 -53.23 7.61
CA LEU E 572 29.84 -53.78 8.61
C LEU E 572 30.61 -54.17 9.86
N THR E 573 30.17 -53.66 11.00
CA THR E 573 30.82 -53.93 12.28
C THR E 573 29.84 -54.36 13.37
N ARG E 574 30.33 -55.15 14.32
CA ARG E 574 29.53 -55.57 15.45
C ARG E 574 30.24 -55.22 16.75
N ASN E 575 29.57 -54.47 17.61
CA ASN E 575 30.11 -54.19 18.93
C ASN E 575 29.33 -54.86 20.04
N LYS E 576 30.00 -55.70 20.83
CA LYS E 576 29.42 -56.24 22.05
C LYS E 576 29.44 -55.18 23.12
N PHE E 577 28.30 -54.98 23.78
CA PHE E 577 28.11 -53.88 24.72
C PHE E 577 27.18 -54.39 25.81
N GLY E 578 27.73 -54.56 27.02
CA GLY E 578 27.00 -55.28 28.05
C GLY E 578 26.55 -56.63 27.48
N ASN E 579 25.31 -57.03 27.76
CA ASN E 579 24.83 -58.30 27.20
C ASN E 579 24.33 -58.22 25.77
N GLY E 580 24.28 -57.01 25.20
CA GLY E 580 23.76 -56.83 23.86
C GLY E 580 24.81 -56.63 22.79
N GLN E 581 24.36 -56.18 21.61
CA GLN E 581 25.20 -56.02 20.44
C GLN E 581 24.69 -54.83 19.68
N SER E 582 25.58 -54.14 18.98
CA SER E 582 25.15 -53.11 18.07
C SER E 582 25.89 -53.26 16.74
N TYR E 583 25.18 -53.01 15.65
CA TYR E 583 25.71 -53.18 14.30
C TYR E 583 25.68 -51.84 13.58
N TYR E 584 26.79 -51.48 12.97
CA TYR E 584 26.89 -50.26 12.18
C TYR E 584 27.04 -50.63 10.72
N VAL E 585 26.18 -50.08 9.88
CA VAL E 585 26.17 -50.38 8.46
C VAL E 585 26.64 -49.10 7.76
N ALA E 586 27.84 -49.14 7.18
CA ALA E 586 28.51 -47.90 6.74
C ALA E 586 28.10 -47.42 5.34
N SER E 587 27.23 -48.17 4.68
CA SER E 587 26.76 -47.79 3.35
C SER E 587 25.31 -48.22 3.16
N SER E 588 24.74 -47.97 1.99
CA SER E 588 23.36 -48.36 1.75
C SER E 588 23.36 -49.63 0.93
N PRO E 589 22.99 -50.75 1.56
CA PRO E 589 23.26 -52.03 0.90
C PRO E 589 22.09 -52.50 0.04
N ASP E 590 22.34 -53.38 -0.91
CA ASP E 590 21.28 -53.97 -1.71
C ASP E 590 20.36 -54.87 -0.86
N ALA E 591 19.23 -55.26 -1.44
CA ALA E 591 18.24 -56.08 -0.75
C ALA E 591 18.77 -57.47 -0.34
N ASP E 592 19.61 -58.08 -1.16
CA ASP E 592 20.19 -59.38 -0.80
C ASP E 592 20.95 -59.27 0.52
N PHE E 593 21.68 -58.17 0.72
CA PHE E 593 22.45 -58.01 1.94
C PHE E 593 21.54 -57.73 3.13
N LEU E 594 20.61 -56.80 2.96
CA LEU E 594 19.66 -56.51 4.03
C LEU E 594 18.88 -57.77 4.43
N GLN E 595 18.52 -58.58 3.44
CA GLN E 595 17.82 -59.83 3.71
C GLN E 595 18.61 -60.71 4.68
N GLY E 596 19.91 -60.89 4.40
CA GLY E 596 20.77 -61.71 5.23
C GLY E 596 21.10 -61.12 6.60
N LEU E 597 21.29 -59.80 6.66
CA LEU E 597 21.54 -59.13 7.93
C LEU E 597 20.36 -59.33 8.88
N ILE E 598 19.17 -59.08 8.34
CA ILE E 598 17.93 -59.18 9.10
C ILE E 598 17.71 -60.59 9.63
N ALA E 599 18.00 -61.58 8.79
CA ALA E 599 17.83 -62.98 9.20
C ALA E 599 18.83 -63.36 10.30
N ASN E 600 20.09 -62.97 10.12
CA ASN E 600 21.11 -63.14 11.14
C ASN E 600 20.71 -62.51 12.47
N LEU E 601 20.37 -61.22 12.46
CA LEU E 601 20.01 -60.49 13.67
C LEU E 601 18.81 -61.08 14.41
N CYS E 602 17.78 -61.47 13.67
CA CYS E 602 16.61 -62.10 14.29
C CYS E 602 16.97 -63.46 14.91
N GLU E 603 17.75 -64.26 14.18
CA GLU E 603 18.17 -65.55 14.67
C GLU E 603 18.97 -65.40 15.96
N GLU E 604 19.84 -64.38 15.97
CA GLU E 604 20.70 -64.12 17.11
C GLU E 604 19.87 -63.91 18.36
N GLN E 605 18.75 -63.21 18.20
CA GLN E 605 17.85 -62.92 19.32
C GLN E 605 16.74 -63.97 19.42
N GLY E 606 16.78 -64.96 18.55
CA GLY E 606 15.80 -66.01 18.56
C GLY E 606 14.41 -65.55 18.17
N VAL E 607 14.31 -64.53 17.33
CA VAL E 607 13.00 -64.17 16.83
C VAL E 607 12.81 -64.78 15.45
N LYS E 608 11.63 -65.36 15.23
CA LYS E 608 11.37 -66.13 14.02
C LYS E 608 10.25 -65.55 13.15
N PRO E 609 10.29 -65.85 11.83
CA PRO E 609 9.17 -65.54 10.94
C PRO E 609 7.86 -66.03 11.53
N LEU E 610 6.78 -65.28 11.26
CA LEU E 610 5.43 -65.72 11.57
C LEU E 610 5.14 -67.00 10.79
N LEU E 611 5.56 -67.01 9.52
CA LEU E 611 5.33 -68.09 8.56
C LEU E 611 6.31 -67.89 7.43
N ASN E 612 6.66 -68.96 6.72
CA ASN E 612 7.43 -68.80 5.49
C ASN E 612 6.49 -68.90 4.29
N THR E 613 6.61 -67.96 3.36
CA THR E 613 5.69 -67.88 2.23
C THR E 613 6.44 -67.45 1.00
N PRO E 614 5.84 -67.70 -0.17
CA PRO E 614 6.47 -67.21 -1.41
C PRO E 614 6.46 -65.68 -1.41
N ASP E 615 7.27 -65.07 -2.26
CA ASP E 615 7.23 -63.63 -2.45
C ASP E 615 5.81 -63.16 -2.74
N GLY E 616 5.48 -61.98 -2.24
CA GLY E 616 4.20 -61.36 -2.55
C GLY E 616 3.12 -61.84 -1.62
N VAL E 617 3.42 -62.89 -0.85
CA VAL E 617 2.48 -63.34 0.17
C VAL E 617 2.89 -62.77 1.51
N GLU E 618 2.22 -61.69 1.92
CA GLU E 618 2.55 -60.99 3.14
C GLU E 618 1.85 -61.61 4.34
N VAL E 619 2.54 -61.66 5.48
CA VAL E 619 1.95 -62.15 6.71
C VAL E 619 2.18 -61.17 7.86
N ALA E 620 1.12 -60.86 8.61
CA ALA E 620 1.22 -60.01 9.80
C ALA E 620 0.33 -60.58 10.90
N GLU E 621 0.65 -60.29 12.16
CA GLU E 621 -0.10 -60.88 13.28
C GLU E 621 -0.73 -59.81 14.17
N ARG E 622 -1.94 -60.06 14.65
CA ARG E 622 -2.50 -59.27 15.73
C ARG E 622 -2.96 -60.24 16.84
N VAL E 623 -2.63 -59.91 18.09
CA VAL E 623 -2.91 -60.81 19.21
C VAL E 623 -3.93 -60.21 20.18
N LYS E 624 -4.91 -61.02 20.57
CA LYS E 624 -6.02 -60.60 21.44
C LYS E 624 -6.12 -61.57 22.59
N ASN E 625 -5.78 -61.12 23.79
CA ASN E 625 -5.60 -62.03 24.92
C ASN E 625 -4.58 -63.13 24.62
N GLY E 626 -5.06 -64.37 24.55
CA GLY E 626 -4.19 -65.49 24.21
C GLY E 626 -4.50 -66.05 22.84
N THR E 627 -5.05 -65.20 21.97
CA THR E 627 -5.41 -65.64 20.62
C THR E 627 -4.61 -64.89 19.55
N SER E 628 -4.19 -65.61 18.53
CA SER E 628 -3.32 -65.05 17.51
C SER E 628 -4.00 -65.03 16.14
N TYR E 629 -3.97 -63.88 15.48
CA TYR E 629 -4.58 -63.76 14.17
C TYR E 629 -3.55 -63.49 13.08
N LEU E 630 -3.29 -64.51 12.26
CA LEU E 630 -2.35 -64.37 11.14
C LEU E 630 -3.09 -63.92 9.89
N PHE E 631 -2.93 -62.65 9.55
CA PHE E 631 -3.41 -62.16 8.27
C PHE E 631 -2.44 -62.59 7.18
N VAL E 632 -2.94 -63.36 6.23
CA VAL E 632 -2.14 -63.81 5.09
C VAL E 632 -2.72 -63.19 3.84
N MET E 633 -1.89 -62.49 3.08
CA MET E 633 -2.40 -61.64 2.01
C MET E 633 -1.59 -61.80 0.77
N ASN E 634 -2.23 -62.29 -0.28
CA ASN E 634 -1.52 -62.63 -1.49
C ASN E 634 -1.61 -61.54 -2.55
N HIS E 635 -0.57 -60.72 -2.61
CA HIS E 635 -0.48 -59.62 -3.56
C HIS E 635 -0.21 -60.08 -4.98
N ASN E 636 0.14 -61.35 -5.14
CA ASN E 636 0.36 -61.91 -6.46
C ASN E 636 -0.94 -62.08 -7.22
N ALA E 637 -0.85 -62.01 -8.53
CA ALA E 637 -2.00 -62.21 -9.41
C ALA E 637 -2.29 -63.68 -9.71
N GLU E 638 -1.72 -64.59 -8.92
CA GLU E 638 -1.99 -66.02 -9.09
C GLU E 638 -2.12 -66.73 -7.77
N GLU E 639 -2.69 -67.93 -7.83
CA GLU E 639 -2.80 -68.83 -6.70
C GLU E 639 -1.41 -69.07 -6.13
N MET E 640 -1.34 -69.21 -4.81
CA MET E 640 -0.06 -69.47 -4.17
C MET E 640 -0.26 -70.47 -3.04
N THR E 641 0.75 -71.30 -2.77
CA THR E 641 0.63 -72.20 -1.60
C THR E 641 1.80 -72.10 -0.63
N PHE E 642 1.55 -72.44 0.63
CA PHE E 642 2.53 -72.30 1.70
C PHE E 642 2.17 -73.23 2.87
N ASP E 643 3.15 -73.53 3.71
CA ASP E 643 2.90 -74.29 4.94
C ASP E 643 2.27 -73.39 6.01
N ALA E 644 0.99 -73.61 6.30
CA ALA E 644 0.28 -72.77 7.25
C ALA E 644 0.63 -73.16 8.69
N GLY E 645 1.46 -74.19 8.83
CA GLY E 645 1.82 -74.67 10.15
C GLY E 645 0.89 -75.77 10.61
N ALA E 646 1.34 -76.53 11.61
CA ALA E 646 0.65 -77.73 12.03
C ALA E 646 -0.46 -77.51 13.05
N SER E 647 -0.38 -76.44 13.82
CA SER E 647 -1.36 -76.24 14.88
C SER E 647 -2.78 -76.25 14.31
N ARG E 648 -3.75 -76.45 15.19
CA ARG E 648 -5.15 -76.48 14.79
C ARG E 648 -5.71 -75.06 14.78
N GLN E 649 -6.11 -74.61 13.60
CA GLN E 649 -6.50 -73.23 13.40
C GLN E 649 -7.54 -73.17 12.31
N ARG E 650 -8.38 -72.13 12.34
CA ARG E 650 -9.34 -71.91 11.26
C ARG E 650 -9.11 -70.59 10.53
N ASP E 651 -9.63 -70.52 9.30
CA ASP E 651 -9.63 -69.29 8.53
C ASP E 651 -10.96 -68.56 8.77
N LEU E 652 -10.89 -67.42 9.46
CA LEU E 652 -12.08 -66.64 9.79
C LEU E 652 -12.92 -66.28 8.58
N LEU E 653 -12.30 -66.11 7.42
CA LEU E 653 -13.02 -65.65 6.24
C LEU E 653 -13.82 -66.74 5.51
N THR E 654 -13.34 -67.98 5.60
CA THR E 654 -14.01 -69.13 4.97
C THR E 654 -14.68 -70.07 5.97
N GLY E 655 -14.23 -70.04 7.22
CA GLY E 655 -14.67 -70.99 8.23
C GLY E 655 -13.95 -72.34 8.18
N LYS E 656 -13.13 -72.56 7.15
CA LYS E 656 -12.43 -73.85 6.99
C LYS E 656 -11.31 -74.05 7.99
N THR E 657 -11.14 -75.30 8.43
CA THR E 657 -9.97 -75.66 9.20
C THR E 657 -8.76 -75.69 8.29
N ILE E 658 -7.65 -75.15 8.77
CA ILE E 658 -6.47 -75.01 7.96
C ILE E 658 -5.29 -75.62 8.70
N SER E 659 -4.48 -76.41 7.97
CA SER E 659 -3.31 -77.06 8.54
C SER E 659 -2.48 -77.71 7.43
N GLY E 660 -1.17 -77.50 7.50
CA GLY E 660 -0.26 -78.03 6.50
C GLY E 660 -0.22 -77.16 5.28
N GLN E 661 0.12 -77.75 4.13
CA GLN E 661 0.06 -77.02 2.88
C GLN E 661 -1.33 -76.40 2.77
N ALA E 662 -1.36 -75.11 2.48
CA ALA E 662 -2.60 -74.44 2.18
C ALA E 662 -2.37 -73.57 0.97
N THR E 663 -3.43 -73.26 0.26
CA THR E 663 -3.33 -72.41 -0.90
C THR E 663 -4.27 -71.22 -0.73
N ILE E 664 -3.91 -70.12 -1.36
CA ILE E 664 -4.61 -68.87 -1.21
C ILE E 664 -4.77 -68.27 -2.60
N PRO E 665 -6.00 -67.88 -2.93
CA PRO E 665 -6.31 -67.40 -4.29
C PRO E 665 -5.55 -66.13 -4.63
N ALA E 666 -5.31 -65.90 -5.91
CA ALA E 666 -4.81 -64.60 -6.36
C ALA E 666 -5.56 -63.48 -5.64
N ARG E 667 -4.83 -62.47 -5.17
CA ARG E 667 -5.46 -61.33 -4.50
C ARG E 667 -6.18 -61.77 -3.22
N GLY E 668 -5.91 -62.98 -2.74
CA GLY E 668 -6.65 -63.53 -1.62
C GLY E 668 -6.20 -63.09 -0.23
N VAL E 669 -7.08 -63.30 0.75
CA VAL E 669 -6.80 -62.99 2.15
C VAL E 669 -7.27 -64.12 3.08
N MET E 670 -6.39 -64.56 3.96
CA MET E 670 -6.77 -65.50 4.99
C MET E 670 -6.49 -64.89 6.36
N ILE E 671 -7.36 -65.17 7.32
CA ILE E 671 -7.12 -64.71 8.68
C ILE E 671 -7.14 -65.90 9.62
N LEU E 672 -5.96 -66.49 9.80
CA LEU E 672 -5.81 -67.69 10.59
C LEU E 672 -5.96 -67.47 12.11
N GLU E 673 -6.91 -68.16 12.72
CA GLU E 673 -7.10 -68.08 14.16
C GLU E 673 -6.35 -69.23 14.84
N ARG E 674 -5.48 -68.89 15.78
CA ARG E 674 -4.64 -69.87 16.46
C ARG E 674 -4.38 -69.43 17.89
N ALA E 675 -3.51 -70.15 18.57
CA ALA E 675 -3.08 -69.79 19.93
C ALA E 675 -1.69 -69.18 19.90
N MET F 1 55.97 -9.48 -6.58
CA MET F 1 55.21 -10.41 -5.75
C MET F 1 53.88 -9.81 -5.34
N ILE F 2 52.96 -10.67 -4.91
CA ILE F 2 51.69 -10.21 -4.37
C ILE F 2 51.94 -9.32 -3.16
N ASN F 3 52.88 -9.72 -2.32
CA ASN F 3 53.36 -8.82 -1.28
C ASN F 3 54.79 -9.12 -0.85
N GLU F 4 55.66 -8.15 -1.09
CA GLU F 4 57.08 -8.24 -0.83
C GLU F 4 57.43 -8.83 0.54
N LYS F 5 56.61 -8.54 1.55
CA LYS F 5 56.96 -8.93 2.91
C LYS F 5 56.69 -10.41 3.21
N PHE F 6 56.18 -11.12 2.20
CA PHE F 6 55.69 -12.48 2.35
C PHE F 6 56.13 -13.26 1.11
N PRO F 7 57.43 -13.58 1.03
CA PRO F 7 58.04 -14.17 -0.18
C PRO F 7 57.94 -15.69 -0.33
N LYS F 8 56.71 -16.22 -0.35
CA LYS F 8 56.47 -17.60 -0.74
C LYS F 8 55.05 -17.75 -1.28
N ILE F 9 54.66 -18.97 -1.65
CA ILE F 9 53.28 -19.22 -2.00
C ILE F 9 52.48 -19.29 -0.71
N TRP F 10 51.56 -18.35 -0.51
CA TRP F 10 50.84 -18.26 0.76
C TRP F 10 50.02 -19.53 1.00
N TYR F 11 50.03 -20.02 2.22
CA TYR F 11 49.26 -21.20 2.52
C TYR F 11 48.38 -20.93 3.71
N GLY F 12 47.07 -21.11 3.53
CA GLY F 12 46.13 -20.92 4.62
C GLY F 12 44.73 -20.80 4.08
N GLY F 13 43.97 -19.83 4.57
CA GLY F 13 42.62 -19.62 4.07
C GLY F 13 41.66 -18.98 5.06
N ASP F 14 40.36 -19.12 4.77
CA ASP F 14 39.31 -18.49 5.56
C ASP F 14 39.37 -19.03 6.98
N TYR F 15 39.37 -18.11 7.94
CA TYR F 15 39.51 -18.48 9.33
C TYR F 15 38.50 -17.68 10.15
N ASN F 16 37.64 -18.37 10.89
CA ASN F 16 36.53 -17.72 11.58
C ASN F 16 36.46 -18.04 13.06
N PRO F 17 37.50 -17.69 13.81
CA PRO F 17 37.54 -18.09 15.22
C PRO F 17 36.42 -17.43 16.01
N GLU F 18 35.78 -16.40 15.47
CA GLU F 18 34.64 -15.79 16.15
C GLU F 18 33.42 -16.72 16.24
N GLN F 19 33.45 -17.82 15.50
CA GLN F 19 32.43 -18.85 15.69
C GLN F 19 32.77 -19.75 16.87
N TRP F 20 33.92 -19.51 17.48
CA TRP F 20 34.46 -20.42 18.48
C TRP F 20 34.77 -19.74 19.81
N ASP F 21 35.98 -19.92 20.32
CA ASP F 21 36.42 -19.29 21.58
C ASP F 21 37.94 -19.29 21.71
N LYS F 22 38.44 -18.58 22.71
CA LYS F 22 39.89 -18.45 22.89
C LYS F 22 40.62 -19.79 23.01
N ALA F 23 40.03 -20.70 23.77
CA ALA F 23 40.57 -22.03 23.97
C ALA F 23 40.75 -22.81 22.68
N THR F 24 39.73 -22.83 21.83
CA THR F 24 39.82 -23.55 20.56
C THR F 24 40.89 -22.93 19.65
N MET F 25 41.11 -21.63 19.79
CA MET F 25 42.11 -20.91 19.02
C MET F 25 43.53 -21.42 19.29
N GLU F 26 43.81 -21.79 20.54
CA GLU F 26 45.08 -22.38 20.90
C GLU F 26 45.36 -23.66 20.09
N GLU F 27 44.35 -24.51 19.97
CA GLU F 27 44.44 -25.69 19.11
C GLU F 27 44.62 -25.32 17.63
N ASP F 28 43.89 -24.32 17.16
CA ASP F 28 44.09 -23.83 15.80
C ASP F 28 45.55 -23.51 15.54
N MET F 29 46.17 -22.75 16.45
CA MET F 29 47.56 -22.34 16.28
C MET F 29 48.49 -23.55 16.25
N ARG F 30 48.31 -24.48 17.18
CA ARG F 30 49.13 -25.69 17.17
C ARG F 30 49.07 -26.41 15.83
N MET F 31 47.85 -26.73 15.40
CA MET F 31 47.63 -27.47 14.16
C MET F 31 48.01 -26.68 12.89
N PHE F 32 47.92 -25.35 12.94
CA PHE F 32 48.37 -24.53 11.81
C PHE F 32 49.89 -24.66 11.61
N ASN F 33 50.63 -24.70 12.71
CA ASN F 33 52.07 -24.94 12.66
C ASN F 33 52.39 -26.30 12.01
N LEU F 34 51.66 -27.34 12.41
CA LEU F 34 51.82 -28.67 11.83
C LEU F 34 51.55 -28.69 10.32
N ALA F 35 50.62 -27.87 9.86
CA ALA F 35 50.22 -27.88 8.47
C ALA F 35 51.06 -26.93 7.59
N GLY F 36 51.85 -26.07 8.22
CA GLY F 36 52.62 -25.06 7.51
C GLY F 36 51.75 -23.90 7.02
N ILE F 37 50.61 -23.71 7.68
CA ILE F 37 49.70 -22.61 7.38
C ILE F 37 50.28 -21.28 7.87
N ASP F 38 50.38 -20.29 6.99
CA ASP F 38 50.96 -18.99 7.40
C ASP F 38 50.16 -17.79 6.92
N VAL F 39 48.92 -18.05 6.49
CA VAL F 39 48.02 -16.96 6.17
C VAL F 39 46.57 -17.25 6.57
N ALA F 40 45.92 -16.25 7.17
CA ALA F 40 44.54 -16.38 7.56
C ALA F 40 43.71 -15.24 6.99
N THR F 41 42.61 -15.59 6.31
CA THR F 41 41.67 -14.60 5.83
C THR F 41 40.58 -14.45 6.88
N VAL F 42 40.58 -13.32 7.60
CA VAL F 42 39.68 -13.13 8.74
C VAL F 42 38.66 -11.99 8.55
N ASN F 43 37.59 -12.02 9.34
CA ASN F 43 36.60 -10.94 9.35
C ASN F 43 35.74 -10.89 8.08
N VAL F 44 35.54 -12.02 7.44
CA VAL F 44 34.72 -12.03 6.24
C VAL F 44 33.23 -11.78 6.53
N PHE F 45 32.70 -12.40 7.58
CA PHE F 45 31.28 -12.31 7.86
C PHE F 45 30.98 -11.97 9.31
N SER F 46 31.47 -10.82 9.76
CA SER F 46 31.20 -10.41 11.12
C SER F 46 30.76 -8.96 11.18
N TRP F 47 30.01 -8.51 10.19
CA TRP F 47 29.53 -7.15 10.20
C TRP F 47 28.65 -6.91 11.44
N ALA F 48 27.74 -7.84 11.73
CA ALA F 48 26.82 -7.69 12.84
C ALA F 48 27.53 -7.78 14.18
N LYS F 49 28.56 -8.62 14.26
CA LYS F 49 29.36 -8.69 15.46
C LYS F 49 30.04 -7.36 15.76
N ILE F 50 30.54 -6.68 14.73
CA ILE F 50 31.21 -5.38 14.90
C ILE F 50 30.22 -4.26 15.19
N GLN F 51 29.15 -4.23 14.39
CA GLN F 51 28.23 -3.10 14.42
C GLN F 51 26.82 -3.56 14.77
N ARG F 52 26.40 -3.28 16.00
CA ARG F 52 25.07 -3.69 16.49
C ARG F 52 23.98 -2.64 16.27
N ASP F 53 24.38 -1.44 15.89
CA ASP F 53 23.42 -0.40 15.50
C ASP F 53 24.14 0.70 14.72
N GLU F 54 23.42 1.73 14.31
CA GLU F 54 24.00 2.69 13.37
C GLU F 54 25.15 3.49 13.94
N VAL F 55 25.37 3.40 15.24
CA VAL F 55 26.38 4.22 15.87
C VAL F 55 27.47 3.44 16.66
N SER F 56 27.28 2.14 16.86
CA SER F 56 28.20 1.37 17.70
C SER F 56 29.16 0.47 16.91
N TYR F 57 30.41 0.42 17.34
CA TYR F 57 31.42 -0.44 16.73
C TYR F 57 32.26 -1.12 17.82
N ASP F 58 32.45 -2.42 17.67
CA ASP F 58 33.27 -3.17 18.59
C ASP F 58 34.30 -4.00 17.83
N PHE F 59 35.58 -3.66 17.99
CA PHE F 59 36.65 -4.31 17.27
C PHE F 59 37.56 -5.11 18.21
N THR F 60 37.25 -5.11 19.50
CA THR F 60 38.18 -5.72 20.46
C THR F 60 38.40 -7.21 20.21
N TRP F 61 37.35 -7.89 19.77
CA TRP F 61 37.38 -9.32 19.49
C TRP F 61 38.30 -9.56 18.31
N LEU F 62 38.31 -8.61 17.38
CA LEU F 62 39.16 -8.72 16.20
C LEU F 62 40.62 -8.40 16.55
N ASP F 63 40.82 -7.36 17.35
CA ASP F 63 42.13 -7.07 17.94
C ASP F 63 42.75 -8.36 18.47
N ASP F 64 41.96 -9.07 19.28
CA ASP F 64 42.41 -10.30 19.94
C ASP F 64 42.81 -11.38 18.95
N ILE F 65 42.07 -11.48 17.84
CA ILE F 65 42.43 -12.47 16.82
C ILE F 65 43.72 -12.09 16.11
N ILE F 66 43.83 -10.82 15.76
CA ILE F 66 45.02 -10.32 15.09
C ILE F 66 46.27 -10.48 15.95
N GLU F 67 46.17 -10.09 17.21
CA GLU F 67 47.31 -10.23 18.11
C GLU F 67 47.69 -11.71 18.32
N ARG F 68 46.70 -12.61 18.34
CA ARG F 68 47.03 -14.01 18.52
C ARG F 68 47.77 -14.57 17.30
N LEU F 69 47.34 -14.17 16.12
CA LEU F 69 47.96 -14.67 14.91
C LEU F 69 49.35 -14.06 14.72
N THR F 70 49.52 -12.83 15.18
CA THR F 70 50.80 -12.14 15.11
C THR F 70 51.90 -12.88 15.89
N LYS F 71 51.57 -13.40 17.07
CA LYS F 71 52.52 -14.13 17.92
C LYS F 71 53.01 -15.39 17.25
N GLU F 72 52.25 -15.87 16.27
CA GLU F 72 52.56 -17.11 15.58
C GLU F 72 53.17 -16.77 14.24
N ASN F 73 53.40 -15.48 14.01
CA ASN F 73 53.78 -14.97 12.68
C ASN F 73 52.93 -15.50 11.53
N ILE F 74 51.61 -15.51 11.71
CA ILE F 74 50.74 -15.83 10.59
C ILE F 74 50.37 -14.49 10.00
N TYR F 75 50.34 -14.39 8.69
CA TYR F 75 49.99 -13.12 8.06
C TYR F 75 48.49 -13.03 7.85
N LEU F 76 48.02 -11.80 7.67
CA LEU F 76 46.57 -11.57 7.67
C LEU F 76 46.08 -11.05 6.35
N CYS F 77 45.16 -11.79 5.75
CA CYS F 77 44.35 -11.27 4.67
C CYS F 77 43.08 -10.76 5.34
N LEU F 78 42.96 -9.44 5.47
CA LEU F 78 41.90 -8.82 6.27
C LEU F 78 40.68 -8.37 5.45
N ALA F 79 39.52 -8.92 5.79
CA ALA F 79 38.30 -8.65 5.01
C ALA F 79 37.53 -7.48 5.62
N THR F 80 36.70 -6.84 4.82
CA THR F 80 35.96 -5.69 5.33
C THR F 80 34.63 -6.08 6.00
N SER F 81 34.24 -7.33 5.85
CA SER F 81 33.03 -7.84 6.49
C SER F 81 31.71 -7.37 5.84
N THR F 82 31.81 -6.71 4.70
CA THR F 82 30.63 -6.14 4.07
C THR F 82 29.94 -7.12 3.12
N GLY F 83 30.39 -8.38 3.16
CA GLY F 83 29.79 -9.40 2.31
C GLY F 83 28.38 -9.80 2.74
N ALA F 84 28.02 -9.51 3.99
CA ALA F 84 26.69 -9.80 4.48
C ALA F 84 26.30 -8.72 5.46
N HIS F 85 25.15 -8.08 5.23
CA HIS F 85 24.71 -6.98 6.09
C HIS F 85 23.97 -7.51 7.32
N PRO F 86 24.01 -6.73 8.42
CA PRO F 86 23.37 -7.13 9.68
C PRO F 86 21.83 -7.21 9.57
N ALA F 87 21.26 -8.14 10.33
CA ALA F 87 19.82 -8.25 10.39
C ALA F 87 19.15 -6.95 10.85
N TRP F 88 19.72 -6.22 11.81
CA TRP F 88 19.10 -4.96 12.24
C TRP F 88 19.02 -3.96 11.09
N MET F 89 20.01 -4.02 10.20
CA MET F 89 20.08 -3.09 9.08
C MET F 89 19.01 -3.41 8.04
N ALA F 90 18.82 -4.69 7.72
CA ALA F 90 17.74 -5.08 6.82
C ALA F 90 16.38 -4.67 7.40
N LYS F 91 16.23 -4.80 8.71
CA LYS F 91 14.96 -4.49 9.36
C LYS F 91 14.68 -2.99 9.33
N LYS F 92 15.67 -2.20 9.75
CA LYS F 92 15.49 -0.76 9.89
C LYS F 92 15.63 -0.01 8.57
N TYR F 93 16.41 -0.57 7.64
CA TYR F 93 16.67 0.08 6.36
C TYR F 93 16.48 -0.86 5.18
N PRO F 94 15.22 -1.17 4.85
CA PRO F 94 14.82 -2.09 3.77
C PRO F 94 15.44 -1.74 2.41
N ASP F 95 15.86 -0.49 2.22
CA ASP F 95 16.54 -0.11 0.97
C ASP F 95 17.81 -0.93 0.80
N VAL F 96 18.20 -1.64 1.84
CA VAL F 96 19.41 -2.47 1.77
C VAL F 96 19.14 -3.81 1.08
N LEU F 97 17.90 -4.28 1.14
CA LEU F 97 17.47 -5.53 0.55
C LEU F 97 17.14 -5.41 -0.95
N ARG F 98 17.39 -6.48 -1.71
CA ARG F 98 17.11 -6.48 -3.13
C ARG F 98 15.69 -6.84 -3.48
N VAL F 99 15.25 -6.38 -4.65
CA VAL F 99 14.06 -6.91 -5.29
C VAL F 99 14.55 -7.92 -6.33
N ASP F 100 13.98 -9.13 -6.31
CA ASP F 100 14.49 -10.20 -7.15
C ASP F 100 13.95 -10.17 -8.57
N TYR F 101 14.43 -11.14 -9.36
CA TYR F 101 14.03 -11.31 -10.75
C TYR F 101 12.52 -11.50 -10.93
N GLU F 102 11.86 -12.02 -9.90
CA GLU F 102 10.42 -12.25 -9.96
C GLU F 102 9.64 -11.04 -9.46
N GLY F 103 10.36 -9.98 -9.13
CA GLY F 103 9.75 -8.72 -8.76
C GLY F 103 9.47 -8.63 -7.27
N ARG F 104 9.92 -9.63 -6.53
CA ARG F 104 9.62 -9.66 -5.11
C ARG F 104 10.66 -8.94 -4.26
N LYS F 105 10.18 -8.18 -3.29
CA LYS F 105 11.04 -7.56 -2.30
C LYS F 105 11.53 -8.61 -1.30
N ARG F 106 12.84 -8.79 -1.22
CA ARG F 106 13.42 -9.77 -0.30
C ARG F 106 13.33 -9.33 1.16
N LYS F 107 13.39 -10.30 2.07
CA LYS F 107 13.53 -10.05 3.50
C LYS F 107 14.96 -10.46 3.91
N PHE F 108 15.33 -10.24 5.17
CA PHE F 108 16.65 -10.61 5.64
C PHE F 108 16.91 -12.08 5.43
N GLY F 109 18.10 -12.41 4.92
CA GLY F 109 18.47 -13.79 4.68
C GLY F 109 19.63 -13.90 3.71
N GLY F 110 20.37 -15.01 3.80
CA GLY F 110 21.45 -15.29 2.88
C GLY F 110 22.65 -14.36 3.04
N ARG F 111 23.24 -13.99 1.91
CA ARG F 111 24.43 -13.16 1.89
C ARG F 111 24.65 -12.67 0.48
N HIS F 112 25.67 -11.84 0.30
CA HIS F 112 26.08 -11.33 -1.01
C HIS F 112 24.90 -10.65 -1.69
N ASN F 113 23.99 -10.05 -0.93
CA ASN F 113 22.75 -9.60 -1.52
C ASN F 113 22.25 -8.21 -1.07
N SER F 114 23.18 -7.31 -0.77
CA SER F 114 22.82 -5.92 -0.58
C SER F 114 22.55 -5.29 -1.93
N CYS F 115 21.58 -4.40 -1.97
CA CYS F 115 21.34 -3.61 -3.16
C CYS F 115 22.54 -2.69 -3.39
N PRO F 116 23.15 -2.79 -4.58
CA PRO F 116 24.38 -2.02 -4.82
C PRO F 116 24.08 -0.54 -5.02
N ASN F 117 22.83 -0.17 -5.20
CA ASN F 117 22.48 1.26 -5.22
C ASN F 117 21.76 1.71 -3.94
N SER F 118 21.96 0.97 -2.85
CA SER F 118 21.38 1.37 -1.56
C SER F 118 22.19 2.48 -0.87
N PRO F 119 21.53 3.59 -0.53
CA PRO F 119 22.22 4.68 0.18
C PRO F 119 22.68 4.22 1.55
N THR F 120 21.91 3.34 2.17
CA THR F 120 22.24 2.87 3.50
C THR F 120 23.45 1.99 3.41
N TYR F 121 23.38 1.01 2.54
CA TYR F 121 24.48 0.07 2.39
C TYR F 121 25.77 0.83 2.07
N ARG F 122 25.69 1.78 1.13
CA ARG F 122 26.89 2.52 0.73
C ARG F 122 27.50 3.33 1.86
N LYS F 123 26.64 4.04 2.59
CA LYS F 123 27.08 4.80 3.75
C LYS F 123 27.80 3.90 4.79
N TYR F 124 27.14 2.85 5.26
CA TYR F 124 27.75 2.03 6.32
C TYR F 124 28.88 1.12 5.84
N ALA F 125 28.84 0.72 4.58
CA ALA F 125 29.93 -0.06 4.04
C ALA F 125 31.21 0.79 4.01
N LYS F 126 31.09 2.02 3.53
CA LYS F 126 32.24 2.90 3.43
C LYS F 126 32.82 3.18 4.80
N ILE F 127 31.93 3.47 5.76
CA ILE F 127 32.36 3.75 7.12
C ILE F 127 33.08 2.55 7.77
N LEU F 128 32.53 1.36 7.59
CA LEU F 128 33.16 0.16 8.17
C LEU F 128 34.55 -0.11 7.57
N ALA F 129 34.67 -0.03 6.25
CA ALA F 129 35.98 -0.17 5.60
C ALA F 129 36.99 0.85 6.14
N GLY F 130 36.58 2.12 6.18
CA GLY F 130 37.41 3.19 6.68
C GLY F 130 37.85 3.00 8.13
N LYS F 131 36.93 2.52 8.98
CA LYS F 131 37.25 2.33 10.38
C LYS F 131 38.22 1.17 10.55
N LEU F 132 38.05 0.13 9.74
CA LEU F 132 38.97 -0.99 9.79
C LEU F 132 40.37 -0.53 9.36
N ALA F 133 40.43 0.20 8.26
CA ALA F 133 41.72 0.60 7.72
C ALA F 133 42.43 1.56 8.69
N GLU F 134 41.67 2.50 9.23
CA GLU F 134 42.23 3.47 10.15
C GLU F 134 42.77 2.80 11.42
N ARG F 135 42.05 1.80 11.91
CA ARG F 135 42.44 1.13 13.13
C ARG F 135 43.69 0.27 12.98
N TYR F 136 43.83 -0.41 11.84
CA TYR F 136 44.91 -1.36 11.68
C TYR F 136 46.01 -0.90 10.72
N LYS F 137 45.94 0.36 10.31
CA LYS F 137 46.84 0.90 9.29
C LYS F 137 48.33 0.67 9.60
N ASP F 138 48.72 0.66 10.87
CA ASP F 138 50.13 0.50 11.17
C ASP F 138 50.53 -0.93 11.51
N HIS F 139 49.64 -1.88 11.25
CA HIS F 139 49.90 -3.25 11.65
C HIS F 139 50.79 -4.00 10.66
N PRO F 140 51.85 -4.63 11.16
CA PRO F 140 52.85 -5.32 10.35
C PRO F 140 52.38 -6.62 9.72
N GLN F 141 51.29 -7.20 10.19
CA GLN F 141 50.91 -8.53 9.70
C GLN F 141 49.92 -8.52 8.54
N ILE F 142 49.36 -7.36 8.22
CA ILE F 142 48.37 -7.29 7.15
C ILE F 142 49.04 -7.25 5.78
N VAL F 143 48.72 -8.23 4.97
CA VAL F 143 49.41 -8.40 3.72
C VAL F 143 48.44 -8.19 2.53
N MET F 144 47.15 -8.07 2.82
CA MET F 144 46.13 -7.98 1.79
C MET F 144 44.77 -7.57 2.37
N TRP F 145 44.07 -6.64 1.71
CA TRP F 145 42.67 -6.35 2.00
C TRP F 145 41.74 -7.18 1.09
N HIS F 146 40.68 -7.72 1.69
CA HIS F 146 39.73 -8.63 1.05
C HIS F 146 38.35 -7.95 1.06
N VAL F 147 38.10 -7.09 0.08
CA VAL F 147 36.86 -6.31 0.06
C VAL F 147 35.64 -7.19 -0.13
N SER F 148 34.71 -7.09 0.81
CA SER F 148 33.44 -7.81 0.71
C SER F 148 33.68 -9.31 0.55
N ASN F 149 32.84 -9.95 -0.25
CA ASN F 149 32.97 -11.38 -0.53
C ASN F 149 32.06 -11.76 -1.68
N GLU F 150 32.65 -12.39 -2.71
CA GLU F 150 31.90 -12.83 -3.89
C GLU F 150 30.72 -11.94 -4.29
N TYR F 151 31.01 -10.72 -4.69
CA TYR F 151 30.00 -9.86 -5.28
C TYR F 151 29.26 -10.59 -6.39
N GLY F 152 27.94 -10.46 -6.44
CA GLY F 152 27.19 -11.06 -7.54
C GLY F 152 25.70 -10.86 -7.41
N GLY F 153 24.94 -11.42 -8.35
CA GLY F 153 23.50 -11.34 -8.33
C GLY F 153 22.94 -10.00 -8.76
N TYR F 154 21.73 -10.01 -9.31
CA TYR F 154 21.13 -8.81 -9.86
C TYR F 154 20.02 -8.25 -8.98
N CYS F 155 19.88 -6.93 -8.97
CA CYS F 155 18.81 -6.29 -8.23
C CYS F 155 17.90 -5.50 -9.16
N TYR F 156 16.60 -5.49 -8.85
CA TYR F 156 15.58 -4.87 -9.72
C TYR F 156 14.72 -3.91 -8.92
N CYS F 157 15.28 -3.40 -7.83
CA CYS F 157 14.50 -2.56 -6.93
C CYS F 157 14.31 -1.18 -7.53
N ASP F 158 13.45 -0.40 -6.91
CA ASP F 158 13.15 0.93 -7.39
C ASP F 158 14.39 1.84 -7.51
N ASN F 159 15.34 1.70 -6.57
CA ASN F 159 16.57 2.48 -6.62
C ASN F 159 17.50 2.09 -7.77
N CYS F 160 17.60 0.81 -8.04
CA CYS F 160 18.36 0.37 -9.20
C CYS F 160 17.68 0.87 -10.48
N GLU F 161 16.36 0.91 -10.47
CA GLU F 161 15.65 1.39 -11.64
C GLU F 161 15.95 2.87 -11.93
N LYS F 162 15.87 3.72 -10.90
CA LYS F 162 16.15 5.14 -11.08
C LYS F 162 17.59 5.40 -11.51
N GLN F 163 18.52 4.62 -10.98
CA GLN F 163 19.92 4.80 -11.29
C GLN F 163 20.24 4.24 -12.69
N PHE F 164 19.55 3.16 -13.07
CA PHE F 164 19.62 2.66 -14.45
C PHE F 164 19.30 3.78 -15.45
N ARG F 165 18.26 4.57 -15.17
CA ARG F 165 17.92 5.69 -16.04
C ARG F 165 19.06 6.69 -16.12
N VAL F 166 19.67 6.99 -14.98
CA VAL F 166 20.82 7.91 -14.89
C VAL F 166 22.00 7.39 -15.71
N TRP F 167 22.37 6.13 -15.46
CA TRP F 167 23.40 5.43 -16.22
C TRP F 167 23.17 5.50 -17.74
N LEU F 168 21.93 5.25 -18.16
CA LEU F 168 21.52 5.42 -19.55
C LEU F 168 21.73 6.85 -20.07
N LYS F 169 21.25 7.85 -19.31
CA LYS F 169 21.53 9.27 -19.63
C LYS F 169 23.01 9.56 -19.85
N GLU F 170 23.86 9.07 -18.96
CA GLU F 170 25.30 9.33 -19.10
C GLU F 170 25.88 8.59 -20.30
N ARG F 171 25.35 7.40 -20.56
CA ARG F 171 25.86 6.58 -21.65
C ARG F 171 25.36 7.02 -23.04
N TYR F 172 24.10 7.41 -23.16
CA TYR F 172 23.53 7.70 -24.49
C TYR F 172 23.32 9.19 -24.73
N GLY F 173 23.22 9.95 -23.65
CA GLY F 173 23.09 11.39 -23.77
C GLY F 173 21.70 11.87 -24.11
N THR F 174 21.08 11.23 -25.08
CA THR F 174 19.78 11.68 -25.58
C THR F 174 18.85 10.51 -25.76
N LEU F 175 17.55 10.76 -25.69
CA LEU F 175 16.57 9.71 -25.92
C LEU F 175 16.63 9.26 -27.37
N GLU F 176 17.02 10.16 -28.26
CA GLU F 176 17.23 9.82 -29.66
C GLU F 176 18.25 8.67 -29.81
N ALA F 177 19.41 8.82 -29.16
CA ALA F 177 20.46 7.81 -29.24
C ALA F 177 20.08 6.50 -28.55
N LEU F 178 19.38 6.60 -27.43
CA LEU F 178 18.94 5.42 -26.70
C LEU F 178 17.92 4.64 -27.52
N ASN F 179 16.94 5.35 -28.07
CA ASN F 179 15.93 4.73 -28.92
C ASN F 179 16.54 4.00 -30.10
N LYS F 180 17.57 4.58 -30.69
CA LYS F 180 18.24 3.92 -31.80
C LYS F 180 19.01 2.70 -31.34
N ALA F 181 19.84 2.86 -30.31
CA ALA F 181 20.68 1.77 -29.84
C ALA F 181 19.85 0.56 -29.42
N TRP F 182 18.63 0.80 -28.97
CA TRP F 182 17.77 -0.28 -28.53
C TRP F 182 16.83 -0.78 -29.61
N ASN F 183 16.75 -0.04 -30.73
CA ASN F 183 15.84 -0.38 -31.82
C ASN F 183 14.38 -0.36 -31.35
N THR F 184 14.01 0.69 -30.61
CA THR F 184 12.69 0.77 -29.99
C THR F 184 11.49 0.99 -30.93
N SER F 185 11.75 1.22 -32.21
CA SER F 185 10.65 1.28 -33.17
C SER F 185 9.98 -0.10 -33.26
N PHE F 186 10.73 -1.15 -32.92
CA PHE F 186 10.24 -2.51 -32.86
C PHE F 186 9.23 -2.66 -31.71
N TRP F 187 8.07 -3.27 -32.00
CA TRP F 187 7.01 -3.47 -31.00
C TRP F 187 6.65 -2.18 -30.26
N SER F 188 6.58 -1.08 -31.01
CA SER F 188 6.05 0.16 -30.46
C SER F 188 6.74 0.53 -29.13
N HIS F 189 8.05 0.32 -29.06
CA HIS F 189 8.82 0.56 -27.81
C HIS F 189 9.43 1.96 -27.66
N THR F 190 9.07 2.89 -28.55
CA THR F 190 9.61 4.24 -28.50
C THR F 190 9.50 4.85 -27.09
N PHE F 191 10.61 5.32 -26.56
CA PHE F 191 10.54 6.05 -25.29
C PHE F 191 10.59 7.53 -25.50
N TYR F 192 9.66 8.24 -24.88
CA TYR F 192 9.61 9.70 -24.95
C TYR F 192 10.13 10.36 -23.68
N ASP F 193 10.41 9.55 -22.67
CA ASP F 193 10.94 10.07 -21.40
C ASP F 193 11.72 8.96 -20.69
N TRP F 194 12.81 9.33 -20.05
CA TRP F 194 13.64 8.35 -19.33
C TRP F 194 12.86 7.54 -18.30
N ASP F 195 11.79 8.12 -17.74
CA ASP F 195 11.03 7.41 -16.70
C ASP F 195 10.10 6.31 -17.22
N GLU F 196 9.91 6.25 -18.53
CA GLU F 196 9.09 5.18 -19.12
C GLU F 196 9.89 3.88 -19.21
N ILE F 197 11.21 4.00 -19.02
CA ILE F 197 12.14 2.88 -19.05
C ILE F 197 12.13 2.13 -17.72
N VAL F 198 11.97 0.82 -17.77
CA VAL F 198 11.94 0.01 -16.55
C VAL F 198 12.97 -1.11 -16.62
N ALA F 199 13.37 -1.65 -15.47
CA ALA F 199 14.32 -2.76 -15.43
C ALA F 199 13.69 -4.02 -16.04
N PRO F 200 14.49 -4.78 -16.80
CA PRO F 200 14.00 -5.98 -17.46
C PRO F 200 14.07 -7.24 -16.59
N ASN F 201 12.91 -7.69 -16.12
CA ASN F 201 12.81 -8.94 -15.39
C ASN F 201 11.47 -9.63 -15.69
N ALA F 202 11.10 -10.64 -14.89
CA ALA F 202 9.87 -11.41 -15.14
C ALA F 202 8.61 -10.56 -15.30
N LEU F 203 8.67 -9.34 -14.78
CA LEU F 203 7.53 -8.42 -14.83
C LEU F 203 7.45 -7.65 -16.15
N SER F 204 8.51 -7.71 -16.95
CA SER F 204 8.61 -6.83 -18.11
C SER F 204 9.10 -7.53 -19.39
N GLU F 205 10.42 -7.50 -19.62
CA GLU F 205 10.96 -7.99 -20.89
C GLU F 205 11.48 -9.44 -20.86
N GLU F 206 11.66 -10.00 -19.67
CA GLU F 206 12.35 -11.28 -19.55
C GLU F 206 11.51 -12.43 -18.97
N TRP F 207 11.99 -13.66 -19.15
CA TRP F 207 11.43 -14.83 -18.50
C TRP F 207 12.40 -16.00 -18.42
N SER F 208 12.08 -16.96 -17.55
CA SER F 208 12.91 -18.12 -17.21
C SER F 208 14.43 -17.93 -17.19
N GLY F 209 14.89 -16.78 -16.71
CA GLY F 209 16.31 -16.57 -16.50
C GLY F 209 17.16 -16.00 -17.64
N ASN F 210 16.90 -16.42 -18.87
CA ASN F 210 17.77 -15.99 -19.95
C ASN F 210 17.07 -15.59 -21.24
N ARG F 211 15.75 -15.52 -21.17
CA ARG F 211 14.97 -15.12 -22.33
C ARG F 211 14.53 -13.66 -22.21
N THR F 212 14.43 -12.97 -23.34
CA THR F 212 14.02 -11.57 -23.35
C THR F 212 13.42 -11.17 -24.69
N ASN F 213 12.51 -10.19 -24.64
CA ASN F 213 11.97 -9.59 -25.87
C ASN F 213 12.92 -8.56 -26.42
N PHE F 214 13.77 -8.02 -25.56
CA PHE F 214 14.55 -6.84 -25.90
C PHE F 214 15.98 -6.93 -25.43
N GLN F 215 16.84 -7.57 -26.22
CA GLN F 215 18.19 -7.86 -25.73
C GLN F 215 19.01 -6.57 -25.49
N GLY F 216 18.65 -5.49 -26.17
CA GLY F 216 19.30 -4.22 -25.94
C GLY F 216 19.17 -3.78 -24.49
N ILE F 217 17.95 -3.88 -23.97
CA ILE F 217 17.66 -3.48 -22.61
C ILE F 217 18.27 -4.50 -21.64
N SER F 218 18.08 -5.78 -21.93
CA SER F 218 18.65 -6.85 -21.10
C SER F 218 20.18 -6.78 -20.99
N LEU F 219 20.84 -6.55 -22.12
CA LEU F 219 22.29 -6.39 -22.16
C LEU F 219 22.76 -5.17 -21.37
N ASP F 220 22.10 -4.04 -21.55
CA ASP F 220 22.50 -2.85 -20.82
C ASP F 220 22.30 -2.96 -19.31
N TYR F 221 21.18 -3.51 -18.90
CA TYR F 221 20.93 -3.64 -17.49
C TYR F 221 22.02 -4.47 -16.84
N ARG F 222 22.49 -5.50 -17.53
CA ARG F 222 23.57 -6.32 -16.99
C ARG F 222 24.86 -5.52 -16.85
N ARG F 223 25.21 -4.73 -17.86
CA ARG F 223 26.36 -3.86 -17.77
C ARG F 223 26.20 -2.98 -16.54
N PHE F 224 25.02 -2.39 -16.43
CA PHE F 224 24.71 -1.45 -15.36
C PHE F 224 24.86 -2.09 -13.98
N GLN F 225 24.29 -3.29 -13.84
CA GLN F 225 24.35 -4.03 -12.57
C GLN F 225 25.79 -4.36 -12.20
N SER F 226 26.54 -4.86 -13.17
CA SER F 226 27.96 -5.12 -13.00
C SER F 226 28.71 -3.85 -12.57
N ASP F 227 28.47 -2.74 -13.29
CA ASP F 227 29.05 -1.44 -12.91
C ASP F 227 28.67 -0.98 -11.49
N SER F 228 27.41 -1.17 -11.11
CA SER F 228 26.94 -0.75 -9.80
C SER F 228 27.70 -1.50 -8.70
N LEU F 229 27.77 -2.81 -8.86
CA LEU F 229 28.53 -3.61 -7.90
C LEU F 229 29.98 -3.13 -7.88
N LEU F 230 30.56 -2.94 -9.07
CA LEU F 230 31.94 -2.49 -9.15
C LEU F 230 32.16 -1.16 -8.41
N GLU F 231 31.20 -0.24 -8.49
CA GLU F 231 31.28 1.02 -7.72
C GLU F 231 31.40 0.75 -6.22
N CYS F 232 30.69 -0.26 -5.73
CA CYS F 232 30.73 -0.61 -4.33
C CYS F 232 32.14 -1.06 -3.94
N PHE F 233 32.72 -1.94 -4.74
CA PHE F 233 34.11 -2.32 -4.54
C PHE F 233 35.03 -1.09 -4.55
N LYS F 234 34.95 -0.31 -5.62
CA LYS F 234 35.78 0.88 -5.78
C LYS F 234 35.69 1.81 -4.57
N MET F 235 34.48 1.98 -4.06
CA MET F 235 34.22 2.82 -2.90
C MET F 235 34.98 2.36 -1.63
N GLU F 236 34.88 1.08 -1.30
CA GLU F 236 35.62 0.51 -0.17
C GLU F 236 37.13 0.57 -0.41
N ARG F 237 37.54 0.17 -1.60
CA ARG F 237 38.93 0.28 -2.02
C ARG F 237 39.52 1.66 -1.76
N ASP F 238 38.83 2.70 -2.22
CA ASP F 238 39.30 4.06 -2.03
C ASP F 238 39.40 4.41 -0.54
N GLU F 239 38.40 4.01 0.22
CA GLU F 239 38.41 4.28 1.65
C GLU F 239 39.59 3.56 2.30
N LEU F 240 39.89 2.34 1.87
CA LEU F 240 41.02 1.58 2.42
C LEU F 240 42.35 2.26 2.07
N LYS F 241 42.53 2.56 0.80
CA LYS F 241 43.76 3.18 0.32
C LYS F 241 44.05 4.57 0.91
N ARG F 242 43.02 5.30 1.33
CA ARG F 242 43.22 6.56 2.06
C ARG F 242 44.07 6.37 3.30
N TRP F 243 43.88 5.24 3.99
CA TRP F 243 44.58 4.96 5.23
C TRP F 243 45.78 4.06 5.03
N THR F 244 45.61 3.06 4.17
CA THR F 244 46.68 2.12 3.89
C THR F 244 46.99 2.10 2.39
N PRO F 245 47.69 3.15 1.92
CA PRO F 245 47.96 3.31 0.47
C PRO F 245 48.88 2.23 -0.11
N ASP F 246 49.63 1.54 0.73
CA ASP F 246 50.57 0.56 0.21
C ASP F 246 50.23 -0.88 0.62
N ILE F 247 49.02 -1.10 1.08
CA ILE F 247 48.54 -2.46 1.21
C ILE F 247 47.61 -2.77 0.02
N PRO F 248 47.91 -3.84 -0.72
CA PRO F 248 47.12 -4.23 -1.90
C PRO F 248 45.67 -4.56 -1.56
N VAL F 249 44.77 -4.27 -2.49
CA VAL F 249 43.36 -4.55 -2.27
C VAL F 249 42.86 -5.50 -3.33
N THR F 250 42.16 -6.55 -2.90
CA THR F 250 41.53 -7.48 -3.81
C THR F 250 40.08 -7.76 -3.41
N THR F 251 39.40 -8.52 -4.26
CA THR F 251 38.14 -9.13 -3.88
C THR F 251 38.07 -10.47 -4.62
N ASN F 252 37.33 -11.42 -4.05
CA ASN F 252 37.34 -12.79 -4.58
C ASN F 252 36.31 -13.07 -5.68
N LEU F 253 36.82 -13.33 -6.88
CA LEU F 253 35.95 -13.54 -8.03
C LEU F 253 35.66 -15.02 -8.19
N MET F 254 34.82 -15.34 -9.17
CA MET F 254 34.34 -16.71 -9.35
C MET F 254 34.56 -17.25 -10.76
N GLY F 255 35.76 -16.98 -11.30
CA GLY F 255 36.15 -17.60 -12.57
C GLY F 255 35.21 -17.22 -13.70
N PHE F 256 34.62 -18.22 -14.35
CA PHE F 256 33.70 -17.99 -15.50
C PHE F 256 32.27 -17.67 -15.07
N TYR F 257 32.11 -17.24 -13.83
CA TYR F 257 30.87 -16.68 -13.33
C TYR F 257 30.29 -15.73 -14.39
N PRO F 258 29.04 -15.96 -14.79
CA PRO F 258 28.54 -15.21 -15.96
C PRO F 258 27.96 -13.81 -15.69
N GLU F 259 27.83 -13.40 -14.44
CA GLU F 259 27.04 -12.19 -14.21
C GLU F 259 27.82 -10.87 -14.15
N LEU F 260 29.12 -10.97 -13.89
CA LEU F 260 30.00 -9.79 -13.78
C LEU F 260 31.04 -9.74 -14.91
N ASP F 261 31.34 -8.52 -15.39
CA ASP F 261 32.36 -8.37 -16.42
C ASP F 261 33.70 -8.21 -15.73
N TYR F 262 34.35 -9.33 -15.46
CA TYR F 262 35.54 -9.31 -14.62
C TYR F 262 36.72 -8.62 -15.30
N PHE F 263 36.70 -8.53 -16.61
CA PHE F 263 37.75 -7.81 -17.31
C PHE F 263 37.71 -6.35 -16.89
N LYS F 264 36.50 -5.85 -16.66
CA LYS F 264 36.32 -4.46 -16.26
C LYS F 264 36.63 -4.28 -14.77
N TRP F 265 36.23 -5.26 -13.97
CA TRP F 265 36.60 -5.30 -12.55
C TRP F 265 38.11 -5.32 -12.29
N ALA F 266 38.85 -6.08 -13.10
CA ALA F 266 40.23 -6.33 -12.78
C ALA F 266 41.06 -5.05 -12.86
N LYS F 267 40.71 -4.16 -13.79
CA LYS F 267 41.42 -2.88 -13.90
C LYS F 267 41.33 -2.11 -12.59
N GLU F 268 40.41 -2.49 -11.73
CA GLU F 268 40.21 -1.74 -10.50
C GLU F 268 40.84 -2.40 -9.27
N MET F 269 41.43 -3.59 -9.45
CA MET F 269 42.00 -4.36 -8.35
C MET F 269 43.53 -4.46 -8.46
N ASP F 270 44.23 -4.43 -7.33
CA ASP F 270 45.70 -4.52 -7.34
C ASP F 270 46.13 -5.92 -7.80
N VAL F 271 45.31 -6.91 -7.47
CA VAL F 271 45.60 -8.29 -7.78
C VAL F 271 44.28 -9.05 -7.84
N VAL F 272 44.17 -9.96 -8.80
CA VAL F 272 43.01 -10.79 -8.92
C VAL F 272 43.10 -11.91 -7.89
N SER F 273 41.96 -12.35 -7.37
CA SER F 273 41.92 -13.54 -6.53
C SER F 273 40.62 -14.26 -6.87
N TRP F 274 40.56 -15.55 -6.63
CA TRP F 274 39.39 -16.30 -7.05
C TRP F 274 39.15 -17.59 -6.29
N ASP F 275 37.91 -18.08 -6.43
CA ASP F 275 37.41 -19.17 -5.62
C ASP F 275 37.07 -20.28 -6.56
N ASN F 276 37.81 -21.37 -6.46
CA ASN F 276 37.71 -22.44 -7.45
C ASN F 276 36.94 -23.64 -6.94
N TYR F 277 35.66 -23.74 -7.33
CA TYR F 277 34.83 -24.90 -7.02
C TYR F 277 34.32 -25.58 -8.28
N PRO F 278 35.01 -26.65 -8.70
CA PRO F 278 34.60 -27.40 -9.89
C PRO F 278 33.32 -28.18 -9.63
N SER F 279 32.67 -28.63 -10.69
CA SER F 279 31.57 -29.57 -10.57
C SER F 279 32.11 -30.97 -10.71
N MET F 280 31.32 -31.97 -10.34
CA MET F 280 31.79 -33.34 -10.45
C MET F 280 32.05 -33.72 -11.90
N ASP F 281 31.41 -33.00 -12.83
CA ASP F 281 31.63 -33.21 -14.25
C ASP F 281 32.39 -32.05 -14.91
N THR F 282 33.13 -31.28 -14.12
CA THR F 282 34.00 -30.26 -14.67
C THR F 282 35.29 -30.87 -15.21
N PRO F 283 35.57 -30.67 -16.51
CA PRO F 283 36.83 -31.18 -17.06
C PRO F 283 38.05 -30.53 -16.44
N PHE F 284 39.11 -31.30 -16.27
CA PHE F 284 40.35 -30.75 -15.70
C PHE F 284 40.88 -29.58 -16.53
N SER F 285 40.73 -29.67 -17.84
CA SER F 285 41.14 -28.59 -18.73
C SER F 285 40.21 -27.39 -18.61
N PHE F 286 39.01 -27.60 -18.09
CA PHE F 286 38.15 -26.44 -17.89
C PHE F 286 38.66 -25.60 -16.73
N THR F 287 39.03 -26.23 -15.62
CA THR F 287 39.47 -25.43 -14.48
C THR F 287 40.83 -24.80 -14.80
N ALA F 288 41.63 -25.50 -15.62
CA ALA F 288 42.87 -24.96 -16.14
C ALA F 288 42.58 -23.67 -16.90
N MET F 289 41.58 -23.72 -17.79
CA MET F 289 41.15 -22.56 -18.55
C MET F 289 40.68 -21.44 -17.60
N ALA F 290 40.04 -21.83 -16.50
CA ALA F 290 39.53 -20.88 -15.51
C ALA F 290 40.68 -20.19 -14.78
N HIS F 291 41.65 -20.95 -14.30
CA HIS F 291 42.86 -20.36 -13.71
C HIS F 291 43.53 -19.46 -14.75
N ASN F 292 43.59 -19.95 -15.98
CA ASN F 292 44.18 -19.19 -17.07
C ASN F 292 43.49 -17.83 -17.27
N LEU F 293 42.17 -17.81 -17.30
CA LEU F 293 41.43 -16.55 -17.44
C LEU F 293 41.72 -15.55 -16.30
N MET F 294 41.76 -16.05 -15.07
CA MET F 294 42.06 -15.19 -13.92
C MET F 294 43.44 -14.55 -14.06
N ARG F 295 44.38 -15.29 -14.63
CA ARG F 295 45.68 -14.77 -14.99
C ARG F 295 45.56 -13.67 -16.06
N GLY F 296 44.72 -13.92 -17.07
CA GLY F 296 44.56 -13.01 -18.19
C GLY F 296 43.84 -11.72 -17.82
N LEU F 297 43.02 -11.79 -16.76
CA LEU F 297 42.28 -10.63 -16.33
C LEU F 297 43.20 -9.43 -16.25
N LYS F 298 44.41 -9.63 -15.73
CA LYS F 298 45.39 -8.54 -15.68
C LYS F 298 46.59 -8.82 -16.57
N SER F 299 46.35 -9.36 -17.76
CA SER F 299 47.39 -9.52 -18.77
C SER F 299 48.61 -10.31 -18.30
N GLY F 300 48.38 -11.40 -17.57
CA GLY F 300 49.46 -12.29 -17.16
C GLY F 300 49.98 -12.11 -15.75
N GLN F 301 49.50 -11.10 -15.03
CA GLN F 301 49.94 -10.92 -13.64
C GLN F 301 49.48 -12.12 -12.80
N PRO F 302 50.38 -12.63 -11.96
CA PRO F 302 49.95 -13.76 -11.11
C PRO F 302 48.76 -13.41 -10.20
N PHE F 303 47.94 -14.40 -9.88
CA PHE F 303 46.75 -14.19 -9.04
C PHE F 303 46.78 -14.96 -7.71
N MET F 304 45.84 -14.65 -6.82
CA MET F 304 45.62 -15.43 -5.61
C MET F 304 44.54 -16.48 -5.80
N LEU F 305 44.83 -17.70 -5.38
CA LEU F 305 43.79 -18.70 -5.17
C LEU F 305 43.30 -18.45 -3.75
N MET F 306 42.13 -17.81 -3.64
CA MET F 306 41.57 -17.44 -2.34
C MET F 306 40.81 -18.60 -1.70
N GLU F 307 40.12 -19.38 -2.51
CA GLU F 307 39.32 -20.48 -1.98
C GLU F 307 39.30 -21.70 -2.87
N GLN F 308 39.37 -22.85 -2.21
CA GLN F 308 39.08 -24.15 -2.79
C GLN F 308 38.81 -25.01 -1.56
N THR F 309 38.05 -26.09 -1.68
CA THR F 309 37.88 -26.97 -0.54
C THR F 309 39.10 -27.90 -0.42
N PRO F 310 39.52 -28.20 0.80
CA PRO F 310 40.57 -29.20 0.99
C PRO F 310 40.00 -30.62 0.92
N GLY F 311 38.68 -30.71 0.86
CA GLY F 311 38.00 -32.00 0.79
C GLY F 311 36.67 -31.93 0.07
N VAL F 312 35.59 -32.20 0.78
CA VAL F 312 34.26 -32.15 0.17
C VAL F 312 33.76 -30.72 -0.03
N GLN F 313 32.83 -30.57 -0.97
CA GLN F 313 32.04 -29.37 -1.11
C GLN F 313 30.71 -29.61 -0.41
N ASN F 314 29.80 -28.64 -0.43
CA ASN F 314 28.48 -28.85 0.17
C ASN F 314 27.32 -28.64 -0.78
N TRP F 315 27.54 -27.93 -1.87
CA TRP F 315 26.43 -27.56 -2.75
C TRP F 315 26.36 -28.33 -4.07
N GLN F 316 27.26 -29.29 -4.28
CA GLN F 316 27.12 -30.21 -5.40
C GLN F 316 25.97 -31.17 -5.13
N PRO F 317 25.31 -31.64 -6.18
CA PRO F 317 24.32 -32.71 -6.01
C PRO F 317 24.90 -33.82 -5.14
N TYR F 318 26.06 -34.33 -5.56
CA TYR F 318 26.73 -35.44 -4.87
C TYR F 318 28.13 -35.00 -4.51
N ASN F 319 28.37 -34.73 -3.23
CA ASN F 319 29.66 -34.21 -2.82
C ASN F 319 30.71 -35.29 -2.53
N SER F 320 31.32 -35.77 -3.60
CA SER F 320 32.33 -36.82 -3.49
C SER F 320 33.59 -36.36 -2.76
N ALA F 321 34.14 -37.22 -1.92
CA ALA F 321 35.43 -36.95 -1.29
C ALA F 321 36.48 -36.73 -2.37
N LYS F 322 37.43 -35.86 -2.08
CA LYS F 322 38.55 -35.59 -2.97
C LYS F 322 39.49 -36.78 -2.78
N ARG F 323 39.79 -37.56 -3.83
CA ARG F 323 40.63 -38.75 -3.60
C ARG F 323 42.05 -38.36 -3.17
N PRO F 324 42.79 -39.31 -2.55
CA PRO F 324 44.16 -39.10 -2.07
C PRO F 324 45.08 -38.48 -3.13
N GLY F 325 45.80 -37.43 -2.74
CA GLY F 325 46.68 -36.74 -3.66
C GLY F 325 45.99 -35.71 -4.57
N VAL F 326 44.67 -35.76 -4.63
CA VAL F 326 43.95 -34.91 -5.58
C VAL F 326 43.98 -33.43 -5.19
N MET F 327 43.88 -33.16 -3.90
CA MET F 327 43.91 -31.80 -3.38
C MET F 327 45.24 -31.12 -3.71
N ARG F 328 46.33 -31.87 -3.55
CA ARG F 328 47.67 -31.43 -3.92
C ARG F 328 47.82 -31.22 -5.41
N LEU F 329 47.33 -32.19 -6.18
CA LEU F 329 47.30 -32.10 -7.64
C LEU F 329 46.62 -30.80 -8.06
N TRP F 330 45.38 -30.60 -7.61
CA TRP F 330 44.62 -29.44 -8.05
C TRP F 330 45.19 -28.11 -7.55
N SER F 331 45.89 -28.15 -6.41
CA SER F 331 46.52 -26.93 -5.89
C SER F 331 47.69 -26.51 -6.79
N TYR F 332 48.48 -27.48 -7.25
CA TYR F 332 49.59 -27.20 -8.16
C TYR F 332 49.13 -26.78 -9.55
N GLN F 333 47.95 -27.26 -9.95
CA GLN F 333 47.40 -26.87 -11.23
C GLN F 333 47.15 -25.37 -11.21
N ALA F 334 46.63 -24.89 -10.07
CA ALA F 334 46.41 -23.46 -9.87
C ALA F 334 47.72 -22.69 -10.01
N VAL F 335 48.74 -23.14 -9.29
CA VAL F 335 50.05 -22.48 -9.31
C VAL F 335 50.67 -22.52 -10.72
N ALA F 336 50.52 -23.67 -11.36
CA ALA F 336 50.96 -23.84 -12.74
C ALA F 336 50.43 -22.73 -13.65
N HIS F 337 49.17 -22.31 -13.45
CA HIS F 337 48.58 -21.33 -14.35
C HIS F 337 48.61 -19.91 -13.81
N GLY F 338 49.43 -19.66 -12.80
CA GLY F 338 49.63 -18.32 -12.31
C GLY F 338 49.33 -18.05 -10.85
N ALA F 339 48.82 -19.03 -10.11
CA ALA F 339 48.48 -18.82 -8.70
C ALA F 339 49.74 -18.67 -7.83
N ASP F 340 49.84 -17.56 -7.11
CA ASP F 340 50.97 -17.34 -6.20
C ASP F 340 50.57 -17.55 -4.75
N THR F 341 49.39 -18.12 -4.54
CA THR F 341 48.93 -18.48 -3.20
C THR F 341 48.07 -19.72 -3.39
N VAL F 342 48.03 -20.58 -2.38
CA VAL F 342 47.00 -21.61 -2.34
C VAL F 342 46.30 -21.55 -0.99
N MET F 343 45.05 -21.09 -1.01
CA MET F 343 44.31 -20.90 0.21
C MET F 343 42.97 -21.61 0.15
N PHE F 344 42.51 -22.08 1.29
CA PHE F 344 41.30 -22.88 1.35
C PHE F 344 40.13 -22.11 1.91
N PHE F 345 38.93 -22.57 1.57
CA PHE F 345 37.83 -22.41 2.48
C PHE F 345 37.50 -23.80 3.06
N GLN F 346 37.65 -23.98 4.37
CA GLN F 346 38.13 -22.97 5.32
C GLN F 346 39.05 -23.71 6.29
N LEU F 347 39.58 -23.04 7.31
CA LEU F 347 40.53 -23.69 8.21
C LEU F 347 39.92 -24.65 9.23
N ARG F 348 38.72 -24.35 9.72
CA ARG F 348 38.00 -25.27 10.61
C ARG F 348 36.49 -25.29 10.33
N ARG F 349 35.93 -26.48 10.19
CA ARG F 349 34.51 -26.60 9.81
C ARG F 349 33.58 -25.83 10.75
N SER F 350 32.56 -25.20 10.17
CA SER F 350 31.51 -24.58 10.98
C SER F 350 30.60 -25.69 11.48
N VAL F 351 29.58 -25.34 12.27
CA VAL F 351 28.99 -26.32 13.16
C VAL F 351 27.46 -26.56 13.18
N GLY F 352 26.63 -25.70 12.60
CA GLY F 352 26.98 -24.59 11.73
C GLY F 352 25.68 -24.42 10.98
N ALA F 353 25.59 -23.55 10.00
CA ALA F 353 24.39 -23.59 9.18
C ALA F 353 24.67 -24.43 7.91
N CYS F 354 24.50 -23.84 6.73
CA CYS F 354 24.54 -24.62 5.49
C CYS F 354 25.94 -25.07 5.09
N GLU F 355 26.96 -24.61 5.81
CA GLU F 355 28.32 -25.02 5.46
C GLU F 355 28.97 -26.02 6.43
N LYS F 356 28.17 -26.56 7.35
CA LYS F 356 28.69 -27.56 8.30
C LYS F 356 29.29 -28.79 7.61
N TYR F 357 28.75 -29.18 6.46
CA TYR F 357 29.27 -30.35 5.75
C TYR F 357 30.10 -29.94 4.53
N HIS F 358 30.72 -28.77 4.63
CA HIS F 358 31.75 -28.36 3.70
C HIS F 358 33.09 -28.68 4.35
N GLY F 359 34.05 -29.14 3.55
CA GLY F 359 35.33 -29.56 4.08
C GLY F 359 36.15 -28.44 4.70
N ALA F 360 37.16 -28.84 5.48
CA ALA F 360 38.06 -27.90 6.12
C ALA F 360 39.33 -28.64 6.48
N VAL F 361 40.41 -27.91 6.76
CA VAL F 361 41.64 -28.54 7.21
C VAL F 361 41.42 -29.22 8.56
N ILE F 362 40.84 -28.49 9.51
CA ILE F 362 40.48 -29.06 10.81
C ILE F 362 38.98 -29.27 10.81
N GLU F 363 38.57 -30.49 11.13
CA GLU F 363 37.19 -30.88 10.94
C GLU F 363 36.51 -31.29 12.25
N HIS F 364 35.37 -31.96 12.17
CA HIS F 364 34.58 -32.12 13.37
C HIS F 364 35.25 -32.92 14.49
N VAL F 365 36.12 -33.88 14.18
CA VAL F 365 36.86 -34.55 15.26
C VAL F 365 37.62 -33.54 16.08
N GLY F 366 38.15 -32.52 15.40
CA GLY F 366 38.91 -31.48 16.07
C GLY F 366 40.36 -31.86 16.33
N HIS F 367 40.90 -32.78 15.55
CA HIS F 367 42.33 -33.13 15.65
C HIS F 367 42.95 -33.37 14.27
N GLU F 368 44.27 -33.55 14.26
CA GLU F 368 45.04 -33.59 13.03
C GLU F 368 45.24 -34.99 12.47
N HIS F 369 44.72 -36.01 13.15
CA HIS F 369 45.00 -37.38 12.71
C HIS F 369 43.94 -37.85 11.77
N THR F 370 44.05 -37.33 10.57
CA THR F 370 42.96 -37.34 9.62
C THR F 370 43.57 -37.36 8.24
N ARG F 371 42.92 -38.04 7.31
CA ARG F 371 43.47 -38.14 5.97
C ARG F 371 43.58 -36.74 5.35
N VAL F 372 42.53 -35.95 5.52
CA VAL F 372 42.50 -34.60 4.95
C VAL F 372 43.58 -33.72 5.55
N PHE F 373 43.71 -33.72 6.87
CA PHE F 373 44.79 -32.96 7.49
C PHE F 373 46.18 -33.36 7.00
N ARG F 374 46.44 -34.66 6.94
CA ARG F 374 47.76 -35.12 6.54
C ARG F 374 48.09 -34.65 5.14
N GLU F 375 47.10 -34.68 4.26
CA GLU F 375 47.34 -34.29 2.88
C GLU F 375 47.60 -32.79 2.85
N CYS F 376 46.94 -32.05 3.75
CA CYS F 376 47.18 -30.62 3.84
C CYS F 376 48.59 -30.31 4.35
N ALA F 377 48.98 -30.97 5.44
CA ALA F 377 50.30 -30.74 6.02
C ALA F 377 51.40 -31.03 5.01
N GLU F 378 51.26 -32.12 4.28
CA GLU F 378 52.20 -32.53 3.23
C GLU F 378 52.41 -31.38 2.23
N LEU F 379 51.30 -30.86 1.70
CA LEU F 379 51.35 -29.73 0.77
C LEU F 379 52.04 -28.53 1.42
N GLY F 380 51.66 -28.25 2.67
CA GLY F 380 52.23 -27.15 3.43
C GLY F 380 53.74 -27.15 3.50
N LYS F 381 54.34 -28.28 3.91
CA LYS F 381 55.80 -28.35 3.99
C LYS F 381 56.44 -28.16 2.62
N GLU F 382 55.84 -28.73 1.57
CA GLU F 382 56.36 -28.50 0.23
C GLU F 382 56.45 -27.01 -0.09
N LEU F 383 55.37 -26.29 0.18
CA LEU F 383 55.30 -24.87 -0.11
C LEU F 383 56.35 -24.08 0.66
N GLN F 384 56.61 -24.48 1.90
CA GLN F 384 57.69 -23.87 2.67
C GLN F 384 59.05 -24.13 2.02
N GLN F 385 59.22 -25.33 1.47
CA GLN F 385 60.49 -25.71 0.85
C GLN F 385 60.72 -25.05 -0.51
N LEU F 386 59.65 -24.55 -1.15
CA LEU F 386 59.78 -23.87 -2.42
C LEU F 386 60.19 -22.41 -2.28
N GLY F 387 59.88 -21.81 -1.13
CA GLY F 387 60.24 -20.43 -0.89
C GLY F 387 59.73 -19.52 -2.00
N ASP F 388 60.60 -18.64 -2.49
CA ASP F 388 60.21 -17.58 -3.42
C ASP F 388 60.37 -17.98 -4.88
N THR F 389 60.75 -19.24 -5.10
CA THR F 389 61.22 -19.72 -6.40
C THR F 389 60.34 -19.37 -7.61
N ILE F 390 59.05 -19.68 -7.51
CA ILE F 390 58.15 -19.57 -8.67
C ILE F 390 57.42 -18.24 -8.69
N LEU F 391 57.47 -17.52 -7.57
CA LEU F 391 56.83 -16.20 -7.47
C LEU F 391 57.15 -15.25 -8.64
N ASP F 392 56.11 -14.62 -9.16
CA ASP F 392 56.26 -13.64 -10.23
C ASP F 392 56.52 -14.25 -11.60
N ALA F 393 56.74 -15.57 -11.65
CA ALA F 393 56.92 -16.25 -12.95
C ALA F 393 55.71 -16.06 -13.86
N ARG F 394 55.95 -15.93 -15.16
CA ARG F 394 54.87 -15.62 -16.10
C ARG F 394 54.76 -16.57 -17.29
N SER F 395 53.59 -16.54 -17.94
CA SER F 395 53.36 -17.32 -19.13
C SER F 395 53.99 -16.66 -20.32
N GLU F 396 54.66 -17.45 -21.16
CA GLU F 396 55.21 -16.95 -22.42
C GLU F 396 54.54 -17.63 -23.60
N ALA F 397 53.23 -17.82 -23.50
CA ALA F 397 52.43 -18.37 -24.59
C ALA F 397 52.62 -17.62 -25.91
N LYS F 398 52.59 -18.37 -27.00
CA LYS F 398 52.55 -17.74 -28.31
C LYS F 398 51.18 -17.93 -28.93
N VAL F 399 50.30 -18.63 -28.19
CA VAL F 399 48.92 -18.85 -28.61
C VAL F 399 47.93 -18.25 -27.61
N ALA F 400 46.96 -17.50 -28.12
CA ALA F 400 45.98 -16.87 -27.25
C ALA F 400 44.55 -17.19 -27.70
N VAL F 401 43.65 -17.37 -26.74
CA VAL F 401 42.23 -17.55 -27.06
C VAL F 401 41.37 -16.55 -26.31
N MET F 402 40.52 -15.86 -27.06
CA MET F 402 39.79 -14.70 -26.57
C MET F 402 38.47 -15.08 -25.93
N TYR F 403 38.16 -14.40 -24.83
CA TYR F 403 36.86 -14.56 -24.15
C TYR F 403 36.34 -13.20 -23.75
N ASP F 404 35.02 -13.01 -23.82
CA ASP F 404 34.46 -11.70 -23.47
C ASP F 404 33.06 -11.77 -22.87
N TRP F 405 32.88 -11.12 -21.72
CA TRP F 405 31.61 -11.13 -21.02
C TRP F 405 30.44 -10.44 -21.74
N GLU F 406 30.68 -9.32 -22.42
CA GLU F 406 29.56 -8.68 -23.11
C GLU F 406 29.09 -9.55 -24.29
N ASN F 407 30.06 -10.13 -24.98
CA ASN F 407 29.75 -11.10 -26.02
C ASN F 407 28.91 -12.25 -25.44
N ARG F 408 29.35 -12.83 -24.33
CA ARG F 408 28.58 -13.86 -23.64
C ARG F 408 27.14 -13.43 -23.29
N TRP F 409 26.99 -12.25 -22.70
CA TRP F 409 25.67 -11.75 -22.36
C TRP F 409 24.78 -11.72 -23.60
N ALA F 410 25.32 -11.19 -24.68
CA ALA F 410 24.54 -11.03 -25.91
C ALA F 410 24.20 -12.38 -26.53
N LEU F 411 25.14 -13.32 -26.50
CA LEU F 411 24.91 -14.66 -27.00
C LEU F 411 23.82 -15.36 -26.23
N GLU F 412 23.95 -15.36 -24.90
CA GLU F 412 23.04 -16.06 -24.00
C GLU F 412 21.64 -15.43 -23.91
N LEU F 413 21.48 -14.22 -24.42
CA LEU F 413 20.18 -13.56 -24.38
C LEU F 413 19.48 -13.69 -25.72
N SER F 414 20.22 -14.09 -26.73
CA SER F 414 19.71 -14.14 -28.09
C SER F 414 18.54 -15.12 -28.21
N SER F 415 17.65 -14.89 -29.17
CA SER F 415 16.74 -15.97 -29.59
C SER F 415 16.65 -16.08 -31.10
N GLY F 416 17.15 -17.15 -31.70
CA GLY F 416 18.07 -18.09 -31.12
C GLY F 416 19.46 -17.75 -31.65
N PRO F 417 19.98 -18.52 -32.63
CA PRO F 417 19.37 -19.55 -33.47
C PRO F 417 19.25 -20.95 -32.85
N SER F 418 19.96 -21.23 -31.78
CA SER F 418 19.91 -22.55 -31.16
C SER F 418 20.27 -22.52 -29.67
N ILE F 419 19.49 -23.22 -28.85
CA ILE F 419 19.79 -23.32 -27.43
C ILE F 419 20.88 -24.34 -27.16
N ALA F 420 21.36 -25.01 -28.21
CA ALA F 420 22.48 -25.94 -28.02
C ALA F 420 23.82 -25.20 -28.15
N LEU F 421 23.75 -23.94 -28.59
CA LEU F 421 24.93 -23.11 -28.63
C LEU F 421 25.24 -22.61 -27.23
N ASN F 422 26.42 -22.96 -26.74
CA ASN F 422 26.88 -22.59 -25.41
C ASN F 422 28.24 -21.96 -25.59
N TYR F 423 28.31 -20.64 -25.41
CA TYR F 423 29.52 -19.86 -25.66
C TYR F 423 30.74 -20.48 -24.99
N VAL F 424 30.65 -20.66 -23.68
CA VAL F 424 31.77 -21.17 -22.93
C VAL F 424 32.24 -22.54 -23.43
N ASN F 425 31.31 -23.45 -23.69
CA ASN F 425 31.69 -24.77 -24.20
C ASN F 425 32.43 -24.66 -25.52
N GLU F 426 31.97 -23.77 -26.40
CA GLU F 426 32.68 -23.55 -27.65
C GLU F 426 34.10 -23.04 -27.40
N VAL F 427 34.23 -22.09 -26.47
CA VAL F 427 35.55 -21.58 -26.15
C VAL F 427 36.42 -22.71 -25.58
N HIS F 428 35.81 -23.54 -24.74
CA HIS F 428 36.54 -24.65 -24.12
C HIS F 428 37.01 -25.71 -25.12
N LYS F 429 36.24 -25.93 -26.19
CA LYS F 429 36.64 -26.93 -27.19
C LYS F 429 37.99 -26.60 -27.81
N TYR F 430 38.22 -25.31 -28.08
CA TYR F 430 39.48 -24.84 -28.61
C TYR F 430 40.57 -24.85 -27.54
N TYR F 431 40.23 -24.45 -26.31
CA TYR F 431 41.21 -24.47 -25.24
C TYR F 431 41.66 -25.89 -24.97
N ASP F 432 40.69 -26.80 -24.99
CA ASP F 432 40.95 -28.21 -24.72
C ASP F 432 41.89 -28.80 -25.78
N ALA F 433 41.68 -28.44 -27.04
CA ALA F 433 42.54 -28.94 -28.11
C ALA F 433 43.99 -28.54 -27.86
N LEU F 434 44.20 -27.32 -27.36
CA LEU F 434 45.54 -26.83 -27.08
C LEU F 434 46.10 -27.51 -25.84
N TYR F 435 45.24 -27.69 -24.85
CA TYR F 435 45.60 -28.26 -23.56
C TYR F 435 46.06 -29.69 -23.74
N LYS F 436 45.35 -30.43 -24.58
CA LYS F 436 45.69 -31.83 -24.84
C LYS F 436 47.06 -31.96 -25.48
N GLN F 437 47.52 -30.92 -26.16
CA GLN F 437 48.79 -30.98 -26.86
C GLN F 437 49.91 -30.27 -26.10
N ASN F 438 49.58 -29.77 -24.90
CA ASN F 438 50.55 -29.05 -24.09
C ASN F 438 51.12 -27.82 -24.81
N ILE F 439 50.30 -27.16 -25.62
CA ILE F 439 50.68 -25.89 -26.24
C ILE F 439 50.40 -24.78 -25.24
N GLN F 440 51.45 -24.15 -24.71
CA GLN F 440 51.28 -23.04 -23.78
C GLN F 440 50.34 -22.00 -24.39
N THR F 441 49.31 -21.63 -23.64
CA THR F 441 48.30 -20.70 -24.16
C THR F 441 47.77 -19.67 -23.13
N ASP F 442 47.36 -18.50 -23.63
CA ASP F 442 46.74 -17.46 -22.80
C ASP F 442 45.27 -17.24 -23.12
N MET F 443 44.43 -17.32 -22.09
CA MET F 443 43.09 -16.74 -22.18
C MET F 443 43.25 -15.21 -22.07
N ILE F 444 42.67 -14.47 -23.02
CA ILE F 444 42.84 -13.02 -23.06
C ILE F 444 41.54 -12.29 -23.38
N SER F 445 41.52 -10.98 -23.09
CA SER F 445 40.40 -10.15 -23.48
C SER F 445 40.50 -9.78 -24.98
N VAL F 446 39.38 -9.36 -25.56
CA VAL F 446 39.38 -8.94 -26.95
C VAL F 446 40.09 -7.61 -27.09
N GLU F 447 40.63 -7.10 -25.99
CA GLU F 447 41.18 -5.76 -25.97
C GLU F 447 42.69 -5.86 -25.72
N GLU F 448 43.17 -7.07 -25.47
CA GLU F 448 44.59 -7.32 -25.18
C GLU F 448 45.52 -6.97 -26.35
N ASP F 449 46.77 -6.64 -26.04
CA ASP F 449 47.79 -6.42 -27.06
C ASP F 449 48.15 -7.74 -27.75
N LEU F 450 48.00 -7.78 -29.07
CA LEU F 450 48.16 -9.02 -29.81
C LEU F 450 49.61 -9.30 -30.26
N SER F 451 50.48 -8.31 -30.06
CA SER F 451 51.85 -8.35 -30.57
C SER F 451 52.64 -9.58 -30.18
N LYS F 452 52.41 -10.07 -28.97
CA LYS F 452 53.21 -11.17 -28.41
C LYS F 452 52.79 -12.57 -28.90
N TYR F 453 51.69 -12.65 -29.63
CA TYR F 453 51.16 -13.94 -30.06
C TYR F 453 51.39 -14.19 -31.54
N LYS F 454 51.36 -15.47 -31.91
CA LYS F 454 51.46 -15.87 -33.32
C LYS F 454 50.12 -16.44 -33.75
N VAL F 455 49.36 -16.92 -32.77
CA VAL F 455 48.06 -17.49 -33.03
C VAL F 455 47.05 -16.94 -32.05
N VAL F 456 46.00 -16.33 -32.58
CA VAL F 456 44.90 -15.81 -31.79
C VAL F 456 43.59 -16.44 -32.24
N ILE F 457 42.89 -17.07 -31.30
CA ILE F 457 41.63 -17.76 -31.59
C ILE F 457 40.47 -17.06 -30.91
N ALA F 458 39.43 -16.76 -31.68
CA ALA F 458 38.29 -16.01 -31.19
C ALA F 458 37.02 -16.79 -31.43
N PRO F 459 36.76 -17.82 -30.60
CA PRO F 459 35.61 -18.70 -30.87
C PRO F 459 34.28 -17.95 -30.72
N VAL F 460 33.41 -18.08 -31.71
CA VAL F 460 32.12 -17.38 -31.69
C VAL F 460 32.18 -15.91 -31.26
N MET F 461 32.99 -15.10 -31.94
CA MET F 461 33.07 -13.67 -31.64
C MET F 461 31.83 -12.93 -32.18
N TYR F 462 30.67 -13.30 -31.63
CA TYR F 462 29.39 -12.74 -32.03
C TYR F 462 29.37 -11.21 -32.00
N MET F 463 29.78 -10.64 -30.87
CA MET F 463 29.84 -9.19 -30.74
C MET F 463 31.23 -8.68 -31.10
N VAL F 464 31.29 -7.82 -32.11
CA VAL F 464 32.54 -7.15 -32.45
C VAL F 464 32.51 -5.70 -31.98
N LYS F 465 33.44 -5.35 -31.08
CA LYS F 465 33.45 -4.03 -30.47
C LYS F 465 34.33 -3.05 -31.26
N PRO F 466 34.16 -1.75 -31.01
CA PRO F 466 34.98 -0.76 -31.71
C PRO F 466 36.49 -1.02 -31.54
N GLY F 467 37.24 -0.88 -32.63
CA GLY F 467 38.68 -1.09 -32.63
C GLY F 467 39.08 -2.54 -32.79
N PHE F 468 38.12 -3.46 -32.66
CA PHE F 468 38.47 -4.88 -32.70
C PHE F 468 38.96 -5.30 -34.08
N ALA F 469 38.13 -5.09 -35.10
CA ALA F 469 38.47 -5.46 -36.46
C ALA F 469 39.81 -4.88 -36.89
N GLU F 470 40.03 -3.60 -36.61
CA GLU F 470 41.27 -2.95 -36.99
C GLU F 470 42.48 -3.61 -36.32
N ARG F 471 42.31 -4.01 -35.07
CA ARG F 471 43.38 -4.62 -34.31
C ARG F 471 43.73 -6.01 -34.85
N VAL F 472 42.71 -6.82 -35.15
CA VAL F 472 43.04 -8.15 -35.67
C VAL F 472 43.57 -8.05 -37.10
N GLU F 473 43.07 -7.08 -37.87
CA GLU F 473 43.57 -6.87 -39.24
C GLU F 473 45.05 -6.53 -39.19
N ARG F 474 45.45 -5.69 -38.25
CA ARG F 474 46.86 -5.37 -38.12
C ARG F 474 47.64 -6.61 -37.69
N PHE F 475 47.12 -7.32 -36.69
CA PHE F 475 47.77 -8.53 -36.21
C PHE F 475 48.04 -9.52 -37.33
N VAL F 476 47.03 -9.78 -38.16
CA VAL F 476 47.19 -10.73 -39.24
C VAL F 476 48.16 -10.23 -40.34
N ALA F 477 47.98 -8.98 -40.76
CA ALA F 477 48.79 -8.43 -41.86
C ALA F 477 50.28 -8.51 -41.52
N GLN F 478 50.61 -8.38 -40.25
CA GLN F 478 52.00 -8.41 -39.83
C GLN F 478 52.53 -9.83 -39.74
N GLY F 479 51.66 -10.83 -39.88
CA GLY F 479 52.11 -12.21 -39.96
C GLY F 479 51.43 -13.19 -39.02
N GLY F 480 50.54 -12.68 -38.16
CA GLY F 480 49.87 -13.53 -37.20
C GLY F 480 48.78 -14.36 -37.85
N THR F 481 48.34 -15.42 -37.18
CA THR F 481 47.15 -16.12 -37.67
C THR F 481 45.95 -15.96 -36.74
N PHE F 482 44.81 -15.65 -37.36
CA PHE F 482 43.56 -15.41 -36.65
C PHE F 482 42.52 -16.49 -36.99
N VAL F 483 41.89 -17.02 -35.95
CA VAL F 483 40.85 -18.01 -36.14
C VAL F 483 39.56 -17.51 -35.51
N THR F 484 38.47 -17.54 -36.27
CA THR F 484 37.15 -17.34 -35.69
C THR F 484 36.19 -18.34 -36.33
N THR F 485 34.89 -18.21 -36.05
CA THR F 485 33.96 -19.30 -36.34
C THR F 485 32.57 -18.83 -36.80
N PHE F 486 31.70 -19.79 -37.03
CA PHE F 486 30.29 -19.53 -37.28
C PHE F 486 29.74 -18.55 -36.24
N PHE F 487 28.78 -17.74 -36.69
CA PHE F 487 28.09 -16.79 -35.84
C PHE F 487 29.05 -15.80 -35.18
N SER F 488 30.06 -15.37 -35.94
CA SER F 488 30.95 -14.31 -35.48
C SER F 488 30.77 -13.06 -36.33
N GLY F 489 31.09 -11.90 -35.76
CA GLY F 489 30.94 -10.62 -36.45
C GLY F 489 29.51 -10.21 -36.79
N ILE F 490 28.55 -10.76 -36.06
CA ILE F 490 27.13 -10.50 -36.30
C ILE F 490 26.71 -9.10 -35.83
N VAL F 491 27.12 -8.73 -34.63
CA VAL F 491 26.60 -7.52 -34.00
C VAL F 491 27.66 -6.56 -33.45
N ASN F 492 27.23 -5.34 -33.14
CA ASN F 492 28.07 -4.38 -32.44
C ASN F 492 27.78 -4.37 -30.94
N GLU F 493 28.34 -3.38 -30.25
CA GLU F 493 28.25 -3.29 -28.80
C GLU F 493 26.82 -3.14 -28.30
N ASN F 494 25.92 -2.69 -29.16
CA ASN F 494 24.53 -2.56 -28.76
C ASN F 494 23.68 -3.74 -29.20
N ASP F 495 24.34 -4.81 -29.61
CA ASP F 495 23.64 -5.98 -30.10
C ASP F 495 22.75 -5.63 -31.29
N LEU F 496 23.15 -4.61 -32.04
CA LEU F 496 22.52 -4.29 -33.32
C LEU F 496 23.29 -5.01 -34.42
N VAL F 497 22.58 -5.61 -35.37
CA VAL F 497 23.24 -6.39 -36.41
C VAL F 497 24.02 -5.47 -37.34
N THR F 498 25.25 -5.86 -37.64
CA THR F 498 26.03 -5.18 -38.66
C THR F 498 25.58 -5.64 -40.06
N LEU F 499 24.98 -4.74 -40.81
CA LEU F 499 24.33 -5.08 -42.07
C LEU F 499 25.32 -5.23 -43.23
N GLY F 500 24.87 -5.85 -44.32
CA GLY F 500 25.69 -5.98 -45.51
C GLY F 500 26.37 -7.32 -45.70
N GLY F 501 26.07 -8.27 -44.80
CA GLY F 501 26.61 -9.62 -44.86
C GLY F 501 27.58 -10.00 -43.74
N TYR F 502 27.24 -11.03 -42.98
CA TYR F 502 28.16 -11.60 -41.99
C TYR F 502 29.41 -12.07 -42.73
N PRO F 503 30.58 -12.05 -42.06
CA PRO F 503 30.74 -11.59 -40.67
C PRO F 503 31.14 -10.12 -40.55
N GLY F 504 30.44 -9.27 -41.29
CA GLY F 504 30.50 -7.83 -41.08
C GLY F 504 31.88 -7.21 -41.10
N GLU F 505 32.32 -6.72 -39.94
CA GLU F 505 33.57 -5.98 -39.85
C GLU F 505 34.75 -6.94 -40.02
N LEU F 506 34.48 -8.23 -39.89
CA LEU F 506 35.50 -9.26 -40.04
C LEU F 506 35.50 -9.87 -41.45
N ARG F 507 34.50 -9.52 -42.25
CA ARG F 507 34.36 -10.07 -43.61
C ARG F 507 35.63 -9.87 -44.45
N ASN F 508 36.20 -8.67 -44.43
CA ASN F 508 37.41 -8.41 -45.18
C ASN F 508 38.55 -9.36 -44.80
N VAL F 509 38.83 -9.48 -43.49
CA VAL F 509 39.99 -10.25 -43.06
C VAL F 509 39.77 -11.76 -43.12
N MET F 510 38.52 -12.21 -43.07
CA MET F 510 38.25 -13.64 -43.16
C MET F 510 38.11 -14.08 -44.62
N GLY F 511 37.75 -13.13 -45.48
CA GLY F 511 37.57 -13.39 -46.89
C GLY F 511 36.42 -14.31 -47.26
N ILE F 512 35.43 -14.42 -46.39
CA ILE F 512 34.24 -15.22 -46.70
C ILE F 512 33.00 -14.40 -46.43
N TRP F 513 31.89 -14.81 -47.04
CA TRP F 513 30.58 -14.25 -46.75
C TRP F 513 29.69 -15.39 -46.24
N ALA F 514 29.18 -15.26 -45.02
CA ALA F 514 28.27 -16.27 -44.48
C ALA F 514 26.84 -15.88 -44.82
N GLU F 515 26.19 -16.68 -45.67
CA GLU F 515 24.88 -16.32 -46.16
C GLU F 515 23.78 -16.61 -45.14
N GLU F 516 23.80 -17.84 -44.59
CA GLU F 516 22.79 -18.25 -43.61
C GLU F 516 23.36 -19.28 -42.63
N ILE F 517 22.71 -19.43 -41.49
CA ILE F 517 23.13 -20.39 -40.50
C ILE F 517 22.01 -21.42 -40.28
N ASP F 518 22.40 -22.68 -40.14
CA ASP F 518 21.44 -23.76 -39.92
C ASP F 518 21.62 -24.32 -38.52
N ALA F 519 20.54 -24.39 -37.75
CA ALA F 519 20.60 -25.04 -36.45
C ALA F 519 20.30 -26.54 -36.59
N LEU F 520 21.11 -27.38 -35.97
CA LEU F 520 20.89 -28.82 -36.04
C LEU F 520 20.15 -29.32 -34.81
N LEU F 521 19.18 -30.20 -35.01
CA LEU F 521 18.59 -30.92 -33.89
C LEU F 521 19.69 -31.69 -33.20
N PRO F 522 19.57 -31.89 -31.87
CA PRO F 522 20.56 -32.62 -31.06
C PRO F 522 20.74 -34.05 -31.58
N GLY F 523 21.99 -34.52 -31.60
CA GLY F 523 22.27 -35.85 -32.10
C GLY F 523 22.31 -35.88 -33.62
N HIS F 524 22.12 -34.73 -34.25
CA HIS F 524 22.35 -34.62 -35.67
C HIS F 524 23.74 -34.02 -35.90
N GLN F 525 24.43 -34.52 -36.90
CA GLN F 525 25.75 -34.05 -37.22
C GLN F 525 25.85 -33.83 -38.72
N ASN F 526 26.77 -32.97 -39.12
CA ASN F 526 27.19 -32.95 -40.50
C ASN F 526 28.60 -33.49 -40.50
N GLU F 527 29.31 -33.34 -41.61
CA GLU F 527 30.70 -33.80 -41.61
C GLU F 527 31.59 -32.81 -42.30
N ILE F 528 32.80 -32.69 -41.81
CA ILE F 528 33.81 -31.81 -42.37
C ILE F 528 34.66 -32.66 -43.31
N VAL F 529 34.59 -32.39 -44.61
CA VAL F 529 35.29 -33.23 -45.58
C VAL F 529 36.47 -32.48 -46.17
N LEU F 530 37.69 -32.93 -45.91
CA LEU F 530 38.88 -32.24 -46.41
C LEU F 530 39.06 -32.34 -47.92
N ARG F 531 39.31 -31.20 -48.56
CA ARG F 531 39.49 -31.16 -50.02
C ARG F 531 40.67 -32.04 -50.43
N GLN F 532 41.76 -31.93 -49.68
CA GLN F 532 42.90 -32.82 -49.79
C GLN F 532 43.66 -32.81 -48.48
N ASP F 533 44.49 -33.83 -48.26
CA ASP F 533 45.28 -33.90 -47.03
C ASP F 533 45.95 -32.55 -46.74
N TRP F 534 45.84 -32.11 -45.49
CA TRP F 534 46.49 -30.88 -45.03
C TRP F 534 47.06 -31.11 -43.63
N GLY F 535 48.39 -31.15 -43.53
CA GLY F 535 49.05 -31.52 -42.30
C GLY F 535 48.46 -32.81 -41.76
N GLY F 536 48.08 -32.81 -40.49
CA GLY F 536 47.50 -33.98 -39.85
C GLY F 536 45.98 -34.09 -39.96
N LEU F 537 45.39 -33.36 -40.88
CA LEU F 537 43.98 -33.47 -41.17
C LEU F 537 43.80 -34.29 -42.44
N ARG F 538 42.88 -35.24 -42.39
CA ARG F 538 42.64 -36.14 -43.50
C ARG F 538 41.19 -36.60 -43.49
N GLY F 539 40.61 -36.86 -44.66
CA GLY F 539 39.30 -37.48 -44.72
C GLY F 539 38.17 -36.61 -44.19
N SER F 540 37.43 -37.14 -43.21
CA SER F 540 36.24 -36.48 -42.72
C SER F 540 36.17 -36.51 -41.21
N TYR F 541 35.56 -35.47 -40.65
CA TYR F 541 35.36 -35.33 -39.21
C TYR F 541 33.93 -34.87 -38.97
N SER F 542 33.40 -35.15 -37.79
CA SER F 542 32.04 -34.72 -37.47
C SER F 542 32.02 -33.24 -37.10
N CYS F 543 30.87 -32.61 -37.35
CA CYS F 543 30.59 -31.27 -36.82
C CYS F 543 29.11 -31.20 -36.45
N GLY F 544 28.74 -30.23 -35.63
CA GLY F 544 27.36 -30.13 -35.21
C GLY F 544 26.94 -28.80 -34.63
N ILE F 545 25.74 -28.80 -34.03
CA ILE F 545 25.16 -27.62 -33.37
C ILE F 545 24.71 -26.55 -34.35
N LEU F 546 25.68 -25.88 -34.97
CA LEU F 546 25.37 -24.89 -36.03
C LEU F 546 26.20 -25.13 -37.29
N CYS F 547 25.57 -24.98 -38.44
CA CYS F 547 26.32 -25.03 -39.69
C CYS F 547 26.12 -23.74 -40.47
N ASP F 548 27.17 -22.94 -40.54
CA ASP F 548 27.19 -21.72 -41.33
C ASP F 548 27.35 -22.06 -42.81
N VAL F 549 26.47 -21.52 -43.65
CA VAL F 549 26.54 -21.74 -45.09
C VAL F 549 27.20 -20.53 -45.73
N ILE F 550 28.43 -20.70 -46.20
CA ILE F 550 29.24 -19.55 -46.57
C ILE F 550 29.72 -19.58 -48.02
N HIS F 551 30.21 -18.43 -48.47
CA HIS F 551 30.78 -18.29 -49.80
C HIS F 551 32.21 -17.84 -49.69
N ALA F 552 33.15 -18.60 -50.26
CA ALA F 552 34.53 -18.16 -50.32
C ALA F 552 34.61 -16.93 -51.21
N GLU F 553 35.26 -15.88 -50.73
CA GLU F 553 35.44 -14.66 -51.52
C GLU F 553 36.89 -14.45 -51.89
N THR F 554 37.75 -14.32 -50.89
CA THR F 554 39.18 -14.17 -51.12
C THR F 554 39.92 -15.38 -50.57
N ALA F 555 39.24 -16.09 -49.68
CA ALA F 555 39.81 -17.22 -48.98
C ALA F 555 39.80 -18.47 -49.86
N GLU F 556 40.74 -19.36 -49.61
CA GLU F 556 40.71 -20.64 -50.30
C GLU F 556 40.02 -21.68 -49.41
N VAL F 557 39.31 -22.61 -50.05
CA VAL F 557 38.52 -23.61 -49.34
C VAL F 557 39.37 -24.85 -48.99
N LEU F 558 39.44 -25.19 -47.71
CA LEU F 558 40.26 -26.31 -47.29
C LEU F 558 39.44 -27.56 -47.03
N ALA F 559 38.18 -27.36 -46.67
CA ALA F 559 37.29 -28.47 -46.34
C ALA F 559 35.85 -28.07 -46.61
N GLU F 560 35.02 -29.04 -46.97
CA GLU F 560 33.62 -28.72 -47.27
C GLU F 560 32.66 -29.63 -46.53
N TYR F 561 31.37 -29.28 -46.54
CA TYR F 561 30.36 -30.08 -45.87
C TYR F 561 30.06 -31.38 -46.62
N GLY F 562 29.95 -32.47 -45.87
CA GLY F 562 29.66 -33.75 -46.46
C GLY F 562 28.18 -34.11 -46.62
N ALA F 563 27.28 -33.31 -46.07
CA ALA F 563 25.88 -33.73 -46.13
C ALA F 563 24.91 -32.58 -46.16
N ASP F 564 23.62 -32.91 -46.32
CA ASP F 564 22.54 -31.96 -46.37
C ASP F 564 22.62 -31.07 -47.61
N TYR F 565 21.69 -30.12 -47.70
CA TYR F 565 21.56 -29.29 -48.89
C TYR F 565 22.75 -28.36 -49.11
N TYR F 566 23.61 -28.21 -48.11
CA TYR F 566 24.81 -27.42 -48.31
C TYR F 566 26.04 -28.30 -48.49
N LYS F 567 25.82 -29.59 -48.74
CA LYS F 567 26.89 -30.49 -49.13
C LYS F 567 27.76 -29.86 -50.21
N GLY F 568 29.06 -29.90 -50.02
CA GLY F 568 29.98 -29.35 -51.01
C GLY F 568 30.33 -27.88 -50.84
N THR F 569 29.66 -27.17 -49.95
CA THR F 569 30.05 -25.78 -49.70
C THR F 569 31.07 -25.72 -48.58
N PRO F 570 31.79 -24.59 -48.48
CA PRO F 570 32.94 -24.60 -47.56
C PRO F 570 32.55 -24.64 -46.09
N VAL F 571 33.36 -25.36 -45.31
CA VAL F 571 33.23 -25.38 -43.86
C VAL F 571 34.55 -24.96 -43.20
N LEU F 572 35.66 -25.05 -43.94
CA LEU F 572 36.93 -24.55 -43.45
C LEU F 572 37.66 -23.76 -44.53
N THR F 573 37.89 -22.47 -44.26
CA THR F 573 38.58 -21.60 -45.21
C THR F 573 39.86 -21.02 -44.60
N ARG F 574 40.84 -20.76 -45.46
CA ARG F 574 42.05 -20.06 -45.08
C ARG F 574 42.19 -18.83 -45.97
N ASN F 575 42.27 -17.66 -45.35
CA ASN F 575 42.42 -16.44 -46.11
C ASN F 575 43.82 -15.85 -45.92
N LYS F 576 44.53 -15.62 -47.02
CA LYS F 576 45.82 -14.95 -46.93
C LYS F 576 45.62 -13.44 -46.83
N PHE F 577 46.22 -12.84 -45.81
CA PHE F 577 46.00 -11.44 -45.52
C PHE F 577 47.28 -10.81 -45.04
N GLY F 578 47.89 -9.96 -45.87
CA GLY F 578 49.22 -9.45 -45.60
C GLY F 578 50.19 -10.62 -45.50
N ASN F 579 50.99 -10.66 -44.43
CA ASN F 579 51.91 -11.77 -44.19
C ASN F 579 51.26 -12.90 -43.40
N GLY F 580 50.06 -12.66 -42.86
CA GLY F 580 49.40 -13.66 -42.04
C GLY F 580 48.28 -14.39 -42.74
N GLN F 581 47.57 -15.21 -41.97
CA GLN F 581 46.46 -16.05 -42.45
C GLN F 581 45.30 -15.98 -41.47
N SER F 582 44.08 -16.09 -41.98
CA SER F 582 42.91 -16.23 -41.11
C SER F 582 42.13 -17.48 -41.47
N TYR F 583 41.65 -18.17 -40.46
CA TYR F 583 40.88 -19.37 -40.68
C TYR F 583 39.48 -19.18 -40.16
N TYR F 584 38.50 -19.62 -40.96
CA TYR F 584 37.11 -19.55 -40.54
C TYR F 584 36.56 -20.96 -40.45
N VAL F 585 36.09 -21.33 -39.25
CA VAL F 585 35.50 -22.64 -39.03
C VAL F 585 33.99 -22.51 -38.98
N ALA F 586 33.29 -22.96 -40.02
CA ALA F 586 31.88 -22.64 -40.19
C ALA F 586 30.92 -23.51 -39.35
N SER F 587 31.47 -24.43 -38.58
CA SER F 587 30.65 -25.29 -37.73
C SER F 587 31.40 -25.64 -36.45
N SER F 588 30.74 -26.38 -35.55
CA SER F 588 31.40 -26.83 -34.34
C SER F 588 31.94 -28.26 -34.50
N PRO F 589 33.26 -28.41 -34.62
CA PRO F 589 33.84 -29.69 -35.02
C PRO F 589 34.06 -30.62 -33.83
N ASP F 590 34.29 -31.90 -34.12
CA ASP F 590 34.64 -32.86 -33.08
C ASP F 590 36.06 -32.62 -32.57
N ALA F 591 36.44 -33.36 -31.54
CA ALA F 591 37.74 -33.14 -30.92
C ALA F 591 38.90 -33.53 -31.83
N ASP F 592 38.72 -34.56 -32.67
CA ASP F 592 39.82 -35.00 -33.56
C ASP F 592 40.13 -33.92 -34.58
N PHE F 593 39.10 -33.33 -35.17
CA PHE F 593 39.33 -32.25 -36.12
C PHE F 593 40.13 -31.12 -35.49
N LEU F 594 39.70 -30.68 -34.31
CA LEU F 594 40.37 -29.56 -33.64
C LEU F 594 41.80 -29.91 -33.26
N GLN F 595 42.03 -31.18 -32.92
CA GLN F 595 43.39 -31.67 -32.66
C GLN F 595 44.27 -31.40 -33.88
N GLY F 596 43.81 -31.85 -35.05
CA GLY F 596 44.52 -31.60 -36.29
C GLY F 596 44.63 -30.12 -36.66
N LEU F 597 43.53 -29.38 -36.53
CA LEU F 597 43.55 -27.95 -36.83
C LEU F 597 44.59 -27.21 -35.96
N ILE F 598 44.55 -27.43 -34.65
CA ILE F 598 45.48 -26.76 -33.73
C ILE F 598 46.93 -27.11 -34.05
N ALA F 599 47.20 -28.41 -34.15
CA ALA F 599 48.53 -28.90 -34.54
C ALA F 599 49.04 -28.16 -35.78
N ASN F 600 48.23 -28.13 -36.84
CA ASN F 600 48.56 -27.44 -38.09
C ASN F 600 48.88 -25.96 -37.90
N LEU F 601 48.00 -25.24 -37.20
CA LEU F 601 48.21 -23.80 -37.05
C LEU F 601 49.48 -23.50 -36.25
N CYS F 602 49.74 -24.30 -35.23
CA CYS F 602 50.97 -24.10 -34.47
C CYS F 602 52.22 -24.37 -35.32
N GLU F 603 52.25 -25.50 -36.02
CA GLU F 603 53.42 -25.79 -36.83
C GLU F 603 53.63 -24.69 -37.88
N GLU F 604 52.53 -24.21 -38.45
CA GLU F 604 52.59 -23.13 -39.43
C GLU F 604 53.34 -21.90 -38.88
N GLN F 605 53.14 -21.59 -37.60
CA GLN F 605 53.81 -20.46 -36.95
C GLN F 605 55.05 -20.88 -36.17
N GLY F 606 55.36 -22.16 -36.20
CA GLY F 606 56.56 -22.64 -35.53
C GLY F 606 56.43 -22.74 -34.02
N VAL F 607 55.21 -22.89 -33.52
CA VAL F 607 55.07 -23.09 -32.08
C VAL F 607 54.92 -24.57 -31.79
N LYS F 608 55.62 -25.03 -30.76
CA LYS F 608 55.77 -26.43 -30.47
C LYS F 608 55.28 -26.76 -29.07
N PRO F 609 54.74 -27.99 -28.88
CA PRO F 609 54.36 -28.44 -27.54
C PRO F 609 55.48 -28.19 -26.54
N LEU F 610 55.13 -28.03 -25.27
CA LEU F 610 56.12 -27.86 -24.22
C LEU F 610 56.85 -29.19 -24.04
N LEU F 611 56.11 -30.27 -24.23
CA LEU F 611 56.53 -31.62 -23.94
C LEU F 611 55.50 -32.54 -24.57
N ASN F 612 55.89 -33.77 -24.91
CA ASN F 612 54.91 -34.76 -25.35
C ASN F 612 54.61 -35.72 -24.20
N THR F 613 53.33 -35.89 -23.89
CA THR F 613 52.94 -36.70 -22.76
C THR F 613 51.69 -37.49 -23.07
N PRO F 614 51.51 -38.62 -22.38
CA PRO F 614 50.29 -39.43 -22.52
C PRO F 614 49.07 -38.59 -22.13
N ASP F 615 47.88 -39.00 -22.58
CA ASP F 615 46.63 -38.35 -22.20
C ASP F 615 46.51 -38.17 -20.70
N GLY F 616 45.89 -37.09 -20.27
CA GLY F 616 45.66 -36.81 -18.86
C GLY F 616 46.89 -36.35 -18.09
N VAL F 617 48.03 -36.27 -18.76
CA VAL F 617 49.20 -35.69 -18.13
C VAL F 617 49.37 -34.26 -18.63
N GLU F 618 49.04 -33.32 -17.76
CA GLU F 618 49.02 -31.90 -18.13
C GLU F 618 50.38 -31.25 -17.92
N VAL F 619 50.81 -30.50 -18.92
CA VAL F 619 52.03 -29.71 -18.83
C VAL F 619 51.75 -28.23 -19.12
N ALA F 620 52.19 -27.36 -18.23
CA ALA F 620 52.13 -25.90 -18.44
C ALA F 620 53.41 -25.26 -17.90
N GLU F 621 53.68 -24.04 -18.32
CA GLU F 621 54.98 -23.43 -18.04
C GLU F 621 54.92 -21.98 -17.52
N ARG F 622 55.74 -21.68 -16.52
CA ARG F 622 55.92 -20.31 -16.04
C ARG F 622 57.41 -19.99 -16.08
N VAL F 623 57.74 -18.76 -16.50
CA VAL F 623 59.12 -18.35 -16.72
C VAL F 623 59.49 -17.14 -15.86
N LYS F 624 60.74 -17.12 -15.41
CA LYS F 624 61.20 -16.10 -14.48
C LYS F 624 62.63 -15.70 -14.84
N ASN F 625 62.80 -14.48 -15.33
CA ASN F 625 64.08 -14.04 -15.89
C ASN F 625 64.58 -14.93 -17.05
N GLY F 626 65.54 -15.82 -16.78
CA GLY F 626 65.98 -16.77 -17.79
C GLY F 626 65.67 -18.22 -17.46
N THR F 627 64.75 -18.45 -16.53
CA THR F 627 64.51 -19.77 -16.01
C THR F 627 63.10 -20.24 -16.32
N SER F 628 62.99 -21.49 -16.76
CA SER F 628 61.72 -22.07 -17.14
C SER F 628 61.27 -23.12 -16.13
N TYR F 629 60.01 -23.05 -15.71
CA TYR F 629 59.47 -24.04 -14.79
C TYR F 629 58.33 -24.81 -15.48
N LEU F 630 58.58 -26.09 -15.77
CA LEU F 630 57.56 -26.92 -16.37
C LEU F 630 56.79 -27.61 -15.28
N PHE F 631 55.48 -27.37 -15.26
CA PHE F 631 54.59 -28.07 -14.35
C PHE F 631 54.01 -29.28 -15.07
N VAL F 632 54.28 -30.46 -14.52
CA VAL F 632 53.78 -31.70 -15.10
C VAL F 632 52.80 -32.33 -14.13
N MET F 633 51.55 -32.45 -14.55
CA MET F 633 50.54 -32.93 -13.62
C MET F 633 49.75 -34.13 -14.11
N ASN F 634 49.86 -35.23 -13.38
CA ASN F 634 49.26 -36.48 -13.81
C ASN F 634 47.86 -36.70 -13.26
N HIS F 635 46.86 -36.38 -14.07
CA HIS F 635 45.46 -36.52 -13.67
C HIS F 635 45.00 -37.97 -13.63
N ASN F 636 45.79 -38.87 -14.20
CA ASN F 636 45.47 -40.29 -14.25
C ASN F 636 45.64 -40.97 -12.89
N ALA F 637 44.86 -42.01 -12.63
CA ALA F 637 44.97 -42.73 -11.38
C ALA F 637 46.03 -43.83 -11.46
N GLU F 638 46.90 -43.75 -12.46
CA GLU F 638 48.03 -44.68 -12.58
C GLU F 638 49.29 -43.96 -13.01
N GLU F 639 50.43 -44.53 -12.65
CA GLU F 639 51.73 -44.01 -13.02
C GLU F 639 51.87 -43.88 -14.53
N MET F 640 52.58 -42.84 -14.96
CA MET F 640 52.73 -42.56 -16.37
C MET F 640 54.20 -42.25 -16.62
N THR F 641 54.68 -42.56 -17.81
CA THR F 641 56.06 -42.22 -18.16
C THR F 641 56.11 -41.41 -19.45
N PHE F 642 57.06 -40.48 -19.53
CA PHE F 642 57.14 -39.58 -20.66
C PHE F 642 58.58 -39.11 -20.83
N ASP F 643 58.84 -38.43 -21.93
CA ASP F 643 60.18 -37.95 -22.23
C ASP F 643 60.33 -36.49 -21.81
N ALA F 644 61.07 -36.27 -20.72
CA ALA F 644 61.24 -34.93 -20.15
C ALA F 644 62.23 -34.04 -20.90
N GLY F 645 62.84 -34.57 -21.95
CA GLY F 645 63.82 -33.81 -22.72
C GLY F 645 65.24 -34.10 -22.30
N ALA F 646 66.19 -33.61 -23.09
CA ALA F 646 67.60 -33.97 -22.91
C ALA F 646 68.33 -33.07 -21.94
N SER F 647 68.03 -31.78 -21.95
CA SER F 647 68.73 -30.83 -21.10
C SER F 647 68.67 -31.25 -19.63
N ARG F 648 69.62 -30.78 -18.84
CA ARG F 648 69.59 -31.12 -17.42
C ARG F 648 68.61 -30.21 -16.70
N GLN F 649 67.78 -30.85 -15.87
CA GLN F 649 66.74 -30.15 -15.13
C GLN F 649 66.43 -30.96 -13.88
N ARG F 650 66.13 -30.28 -12.77
CA ARG F 650 65.72 -31.01 -11.58
C ARG F 650 64.26 -30.77 -11.28
N ASP F 651 63.61 -31.80 -10.74
CA ASP F 651 62.29 -31.68 -10.19
C ASP F 651 62.43 -30.97 -8.85
N LEU F 652 61.84 -29.78 -8.73
CA LEU F 652 61.87 -29.00 -7.51
C LEU F 652 61.19 -29.69 -6.32
N LEU F 653 60.32 -30.66 -6.61
CA LEU F 653 59.57 -31.34 -5.56
C LEU F 653 60.30 -32.56 -4.99
N THR F 654 61.26 -33.10 -5.73
CA THR F 654 62.08 -34.21 -5.23
C THR F 654 63.56 -33.84 -5.10
N GLY F 655 64.01 -32.89 -5.90
CA GLY F 655 65.42 -32.52 -5.90
C GLY F 655 66.22 -33.42 -6.83
N LYS F 656 65.60 -34.46 -7.36
CA LYS F 656 66.31 -35.36 -8.24
C LYS F 656 66.59 -34.70 -9.60
N THR F 657 67.51 -35.28 -10.35
CA THR F 657 67.77 -34.82 -11.70
C THR F 657 66.93 -35.62 -12.68
N ILE F 658 66.37 -34.94 -13.66
CA ILE F 658 65.50 -35.59 -14.61
C ILE F 658 66.01 -35.39 -16.04
N SER F 659 66.08 -36.48 -16.80
CA SER F 659 66.46 -36.41 -18.21
C SER F 659 65.92 -37.60 -18.98
N GLY F 660 65.55 -37.37 -20.24
CA GLY F 660 65.05 -38.43 -21.08
C GLY F 660 63.79 -39.02 -20.47
N GLN F 661 63.73 -40.34 -20.40
CA GLN F 661 62.56 -41.00 -19.83
C GLN F 661 62.40 -40.69 -18.35
N ALA F 662 61.16 -40.48 -17.94
CA ALA F 662 60.81 -40.12 -16.56
C ALA F 662 59.45 -40.70 -16.23
N THR F 663 59.26 -41.12 -14.99
CA THR F 663 57.96 -41.57 -14.56
C THR F 663 57.36 -40.65 -13.50
N ILE F 664 56.07 -40.38 -13.67
CA ILE F 664 55.35 -39.54 -12.75
C ILE F 664 54.27 -40.38 -12.07
N PRO F 665 54.27 -40.38 -10.72
CA PRO F 665 53.32 -41.18 -9.93
C PRO F 665 51.88 -40.85 -10.33
N ALA F 666 50.95 -41.76 -10.04
CA ALA F 666 49.53 -41.49 -10.28
C ALA F 666 49.13 -40.27 -9.47
N ARG F 667 48.36 -39.37 -10.09
CA ARG F 667 47.96 -38.12 -9.43
C ARG F 667 49.15 -37.24 -9.01
N GLY F 668 50.32 -37.51 -9.56
CA GLY F 668 51.53 -36.84 -9.12
C GLY F 668 51.83 -35.54 -9.82
N VAL F 669 52.84 -34.85 -9.30
CA VAL F 669 53.20 -33.53 -9.81
C VAL F 669 54.69 -33.37 -9.77
N MET F 670 55.25 -32.90 -10.89
CA MET F 670 56.65 -32.54 -10.96
C MET F 670 56.73 -31.10 -11.40
N ILE F 671 57.77 -30.42 -10.95
CA ILE F 671 58.06 -29.08 -11.42
C ILE F 671 59.50 -29.07 -11.93
N LEU F 672 59.65 -29.06 -13.25
CA LEU F 672 60.96 -29.12 -13.88
C LEU F 672 61.60 -27.73 -14.00
N GLU F 673 62.70 -27.53 -13.29
CA GLU F 673 63.48 -26.30 -13.39
C GLU F 673 64.54 -26.42 -14.50
N ARG F 674 64.30 -25.76 -15.64
CA ARG F 674 65.28 -25.72 -16.72
C ARG F 674 65.57 -24.29 -17.16
N ALA F 675 66.46 -24.12 -18.13
CA ALA F 675 66.78 -22.80 -18.66
C ALA F 675 66.08 -22.52 -20.00
ZN ZN G . -11.20 13.15 -9.30
ZN ZN H . 11.88 13.93 7.08
ZN ZN I . -11.28 0.25 15.79
ZN ZN J . -7.37 -7.26 -16.60
ZN ZN K . -0.21 -17.31 8.72
ZN ZN L . 18.58 -2.34 -6.11
#